data_1OF6
#
_entry.id   1OF6
#
_cell.length_a   82.129
_cell.length_b   94.696
_cell.length_c   104.843
_cell.angle_alpha   64.71
_cell.angle_beta   85.51
_cell.angle_gamma   75.61
#
_symmetry.space_group_name_H-M   'P 1'
#
loop_
_entity.id
_entity.type
_entity.pdbx_description
1 polymer 'PHOSPHO-2-DEHYDRO-3-DEOXYHEPTONATE ALDOLASE, TYROSINE-INHIBITED'
2 non-polymer 'MANGANESE (II) ION'
3 non-polymer D-TYROSINE
4 water water
#
_entity_poly.entity_id   1
_entity_poly.type   'polypeptide(L)'
_entity_poly.pdbx_seq_one_letter_code
;MSESPMFAANGMPKVNQGAEEDVRILGYDPLASPALLQVQIPATPTSLETAKRGRREAIDIITGKDDRVLVIVGPCSIHD
LEAAQEYALRLKKLSDELKGDLSIIMRAYLEKPRTTVGWKGLINDPDVNNTFNINKGLQSARQLFVNLTNIGLPIGSEML
DTISPQYLADLVSFGAIGARTTESQLHRELASGLSFPVGFKNGTDGTLNVAVDACQAAAHSHHFMGVTKHGVAAITTTKG
NEHCFVILRGGKKGTNYDAKSVAEAKAQLPAGSNGLMIDYSHGNSNKDFRNQPKVNDVVCEQIANGENAITGVMIESNIN
EGNQGIPAEGKAGLKYGVSITDACIGWETTEDVLRKLAAAVRQRREVNKK
;
_entity_poly.pdbx_strand_id   A,B,C,D,E,F,G,H
#
loop_
_chem_comp.id
_chem_comp.type
_chem_comp.name
_chem_comp.formula
MN non-polymer 'MANGANESE (II) ION' 'Mn 2'
#
# COMPACT_ATOMS: atom_id res chain seq x y z
N GLY A 18 18.73 5.74 18.52
CA GLY A 18 17.69 5.05 19.34
C GLY A 18 16.25 5.64 19.19
N ALA A 19 15.26 4.85 19.65
CA ALA A 19 13.90 5.31 20.00
C ALA A 19 13.84 6.39 21.14
N GLU A 20 12.97 7.40 21.02
CA GLU A 20 12.77 8.36 22.12
C GLU A 20 11.35 8.07 22.71
N GLU A 21 11.39 7.30 23.80
CA GLU A 21 10.23 7.02 24.65
C GLU A 21 10.54 7.25 26.10
N ASP A 22 9.50 7.44 26.91
CA ASP A 22 9.56 7.54 28.39
C ASP A 22 10.43 8.71 28.88
N VAL A 23 10.59 9.75 28.05
CA VAL A 23 11.26 11.01 28.43
C VAL A 23 10.60 11.60 29.68
N ARG A 24 9.30 11.39 29.85
CA ARG A 24 8.53 12.05 30.93
C ARG A 24 7.90 11.01 31.87
N ILE A 25 8.48 9.83 31.84
CA ILE A 25 8.16 8.79 32.81
C ILE A 25 9.32 8.62 33.81
N LEU A 26 9.08 8.99 35.06
CA LEU A 26 10.10 8.86 36.10
C LEU A 26 10.30 7.42 36.48
N GLY A 27 9.27 6.60 36.34
CA GLY A 27 9.40 5.15 36.57
C GLY A 27 8.10 4.40 36.58
N TYR A 28 8.21 3.08 36.67
CA TYR A 28 7.10 2.17 36.78
C TYR A 28 7.28 1.40 38.11
N ASP A 29 6.26 1.45 38.97
CA ASP A 29 6.27 0.74 40.24
C ASP A 29 5.29 -0.38 40.24
N PRO A 30 5.60 -1.44 40.97
CA PRO A 30 4.75 -2.63 40.93
C PRO A 30 3.55 -2.48 41.80
N LEU A 31 2.51 -3.13 41.32
CA LEU A 31 1.17 -3.11 41.86
C LEU A 31 0.84 -4.52 42.27
N ALA A 32 0.22 -4.72 43.42
CA ALA A 32 -0.40 -5.96 43.72
C ALA A 32 -1.56 -6.12 42.74
N SER A 33 -1.84 -7.34 42.34
CA SER A 33 -2.92 -7.65 41.39
C SER A 33 -4.27 -7.54 42.06
N PRO A 34 -5.36 -7.37 41.30
CA PRO A 34 -6.68 -7.47 41.92
C PRO A 34 -6.86 -8.72 42.74
N ALA A 35 -6.47 -9.86 42.20
CA ALA A 35 -6.79 -11.09 42.90
C ALA A 35 -5.96 -11.19 44.19
N LEU A 36 -4.72 -10.75 44.16
CA LEU A 36 -3.90 -10.75 45.40
C LEU A 36 -4.58 -9.90 46.45
N LEU A 37 -5.01 -8.72 46.05
CA LEU A 37 -5.69 -7.90 47.04
C LEU A 37 -6.99 -8.52 47.50
N GLN A 38 -7.71 -9.24 46.63
CA GLN A 38 -9.00 -9.77 47.07
C GLN A 38 -8.90 -10.97 48.03
N VAL A 39 -7.74 -11.63 48.00
CA VAL A 39 -7.36 -12.65 48.98
C VAL A 39 -6.79 -12.01 50.24
N GLN A 40 -5.96 -10.99 50.09
CA GLN A 40 -5.33 -10.36 51.26
C GLN A 40 -6.31 -9.56 52.10
N ILE A 41 -7.39 -9.06 51.48
CA ILE A 41 -8.41 -8.33 52.21
C ILE A 41 -9.75 -8.92 51.81
N PRO A 42 -10.07 -10.03 52.41
CA PRO A 42 -11.16 -10.84 51.92
C PRO A 42 -12.39 -10.13 52.29
N ALA A 43 -13.37 -10.18 51.42
CA ALA A 43 -14.70 -9.69 51.72
C ALA A 43 -15.43 -10.74 52.60
N THR A 44 -16.16 -10.29 53.59
CA THR A 44 -16.94 -11.19 54.44
C THR A 44 -18.27 -11.59 53.75
N PRO A 45 -18.83 -12.72 54.08
CA PRO A 45 -20.16 -13.07 53.54
C PRO A 45 -21.21 -11.96 53.70
N THR A 46 -21.07 -11.14 54.73
CA THR A 46 -22.01 -10.03 54.94
C THR A 46 -21.71 -8.86 53.96
N SER A 47 -20.43 -8.61 53.72
CA SER A 47 -19.98 -7.64 52.71
C SER A 47 -20.53 -8.02 51.31
N LEU A 48 -20.33 -9.26 50.90
CA LEU A 48 -20.80 -9.70 49.60
C LEU A 48 -22.33 -9.71 49.46
N GLU A 49 -23.08 -10.06 50.51
CA GLU A 49 -24.55 -10.06 50.46
C GLU A 49 -25.09 -8.64 50.38
N THR A 50 -24.45 -7.76 51.10
CA THR A 50 -24.91 -6.41 51.17
C THR A 50 -24.72 -5.75 49.79
N ALA A 51 -23.60 -6.05 49.14
CA ALA A 51 -23.29 -5.43 47.85
C ALA A 51 -24.37 -5.86 46.84
N LYS A 52 -24.74 -7.15 46.85
CA LYS A 52 -25.77 -7.73 45.92
C LYS A 52 -27.11 -7.12 46.22
N ARG A 53 -27.41 -6.97 47.51
CA ARG A 53 -28.68 -6.35 47.96
C ARG A 53 -28.79 -4.84 47.57
N GLY A 54 -27.76 -4.04 47.83
CA GLY A 54 -27.86 -2.67 47.35
C GLY A 54 -28.10 -2.59 45.84
N ARG A 55 -27.50 -3.49 45.12
CA ARG A 55 -27.67 -3.51 43.66
C ARG A 55 -29.14 -3.78 43.25
N ARG A 56 -29.72 -4.81 43.86
CA ARG A 56 -31.05 -5.26 43.56
C ARG A 56 -32.00 -4.14 43.88
N GLU A 57 -31.83 -3.57 45.05
CA GLU A 57 -32.69 -2.46 45.44
C GLU A 57 -32.59 -1.18 44.59
N ALA A 58 -31.36 -0.73 44.30
CA ALA A 58 -31.16 0.39 43.35
C ALA A 58 -31.81 0.02 42.02
N ILE A 59 -31.54 -1.16 41.49
CA ILE A 59 -32.17 -1.64 40.25
C ILE A 59 -33.71 -1.45 40.28
N ASP A 60 -34.35 -1.95 41.31
CA ASP A 60 -35.82 -1.89 41.44
C ASP A 60 -36.34 -0.48 41.45
N ILE A 61 -35.58 0.42 42.06
CA ILE A 61 -36.04 1.81 42.15
C ILE A 61 -35.90 2.55 40.84
N ILE A 62 -34.73 2.43 40.20
CA ILE A 62 -34.49 3.18 38.97
C ILE A 62 -35.34 2.65 37.84
N THR A 63 -35.83 1.41 37.92
CA THR A 63 -36.58 0.86 36.76
C THR A 63 -38.07 0.87 37.07
N GLY A 64 -38.42 1.43 38.22
CA GLY A 64 -39.80 1.62 38.61
C GLY A 64 -40.52 0.39 39.12
N LYS A 65 -39.83 -0.66 39.52
CA LYS A 65 -40.51 -1.77 40.21
C LYS A 65 -40.87 -1.40 41.69
N ASP A 66 -40.21 -0.35 42.18
CA ASP A 66 -40.27 0.12 43.58
C ASP A 66 -40.41 1.62 43.64
N ASP A 67 -41.26 2.05 44.57
CA ASP A 67 -41.61 3.46 44.80
C ASP A 67 -40.84 4.17 45.96
N ARG A 68 -39.86 3.49 46.52
CA ARG A 68 -38.92 4.15 47.38
C ARG A 68 -37.96 4.93 46.51
N VAL A 69 -37.26 5.82 47.19
CA VAL A 69 -36.25 6.67 46.61
C VAL A 69 -34.86 6.18 47.00
N LEU A 70 -34.02 6.07 45.96
CA LEU A 70 -32.63 5.75 46.15
C LEU A 70 -31.80 6.98 46.59
N VAL A 71 -31.10 6.84 47.70
CA VAL A 71 -30.30 7.91 48.28
C VAL A 71 -28.85 7.50 48.30
N ILE A 72 -28.00 8.19 47.55
CA ILE A 72 -26.53 8.05 47.68
C ILE A 72 -26.04 9.17 48.60
N VAL A 73 -25.64 8.84 49.83
CA VAL A 73 -25.40 9.90 50.81
C VAL A 73 -24.15 9.63 51.65
N GLY A 74 -23.28 10.63 51.76
CA GLY A 74 -22.15 10.51 52.69
C GLY A 74 -21.09 11.51 52.28
N PRO A 75 -19.87 11.39 52.83
CA PRO A 75 -18.87 12.41 52.58
C PRO A 75 -18.61 12.63 51.05
N CYS A 76 -18.16 13.82 50.76
CA CYS A 76 -17.49 14.09 49.50
C CYS A 76 -16.42 13.03 49.14
N SER A 77 -15.56 12.68 50.10
CA SER A 77 -14.46 11.73 49.88
C SER A 77 -14.08 11.21 51.27
N ILE A 78 -13.57 9.99 51.36
CA ILE A 78 -13.20 9.38 52.64
C ILE A 78 -11.67 9.49 52.77
N HIS A 79 -11.21 10.37 53.66
CA HIS A 79 -9.76 10.47 54.03
C HIS A 79 -9.34 9.81 55.35
N ASP A 80 -10.34 9.34 56.08
CA ASP A 80 -10.19 8.88 57.45
C ASP A 80 -11.12 7.69 57.62
N LEU A 81 -10.56 6.50 57.71
CA LEU A 81 -11.35 5.26 57.75
C LEU A 81 -12.19 5.15 59.04
N GLU A 82 -11.68 5.72 60.12
CA GLU A 82 -12.29 5.54 61.44
C GLU A 82 -13.53 6.42 61.53
N ALA A 83 -13.38 7.65 61.06
CA ALA A 83 -14.50 8.60 60.97
C ALA A 83 -15.58 8.16 60.01
N ALA A 84 -15.20 7.44 58.96
CA ALA A 84 -16.19 6.94 58.01
C ALA A 84 -16.94 5.81 58.67
N GLN A 85 -16.25 5.03 59.48
CA GLN A 85 -16.84 3.86 60.10
C GLN A 85 -17.92 4.32 61.10
N GLU A 86 -17.60 5.39 61.79
CA GLU A 86 -18.55 5.97 62.74
C GLU A 86 -19.76 6.55 62.03
N TYR A 87 -19.49 7.34 61.00
CA TYR A 87 -20.52 7.85 60.07
C TYR A 87 -21.43 6.75 59.62
N ALA A 88 -20.83 5.67 59.26
CA ALA A 88 -21.53 4.56 58.69
C ALA A 88 -22.45 3.88 59.69
N LEU A 89 -22.01 3.79 60.94
CA LEU A 89 -22.84 3.13 62.00
C LEU A 89 -24.15 3.93 62.18
N ARG A 90 -24.07 5.24 62.17
CA ARG A 90 -25.25 6.07 62.28
C ARG A 90 -26.15 5.96 61.06
N LEU A 91 -25.53 6.03 59.87
CA LEU A 91 -26.30 5.98 58.63
C LEU A 91 -27.01 4.66 58.52
N LYS A 92 -26.36 3.60 58.96
CA LYS A 92 -27.00 2.29 58.92
C LYS A 92 -28.18 2.21 59.91
N LYS A 93 -28.07 2.82 61.08
CA LYS A 93 -29.22 2.83 62.04
C LYS A 93 -30.38 3.72 61.50
N LEU A 94 -30.08 4.89 60.95
CA LEU A 94 -31.15 5.70 60.33
C LEU A 94 -31.82 4.96 59.17
N SER A 95 -31.03 4.17 58.46
CA SER A 95 -31.49 3.51 57.23
C SER A 95 -32.45 2.31 57.57
N ASP A 96 -32.06 1.52 58.59
CA ASP A 96 -32.91 0.45 59.25
C ASP A 96 -34.34 1.00 59.54
N GLU A 97 -34.40 2.26 59.94
CA GLU A 97 -35.61 2.92 60.35
C GLU A 97 -36.41 3.55 59.24
N LEU A 98 -35.70 4.03 58.21
CA LEU A 98 -36.37 4.58 57.05
C LEU A 98 -36.52 3.63 55.88
N LYS A 99 -36.22 2.35 56.02
CA LYS A 99 -36.14 1.39 54.90
C LYS A 99 -37.48 1.13 54.14
N GLY A 100 -38.62 1.50 54.74
CA GLY A 100 -39.92 1.42 54.06
C GLY A 100 -40.04 2.47 52.98
N ASP A 101 -39.26 3.56 53.11
CA ASP A 101 -39.35 4.72 52.22
C ASP A 101 -38.07 5.09 51.38
N LEU A 102 -36.88 4.73 51.89
CA LEU A 102 -35.60 5.11 51.28
C LEU A 102 -34.71 3.90 51.18
N SER A 103 -34.05 3.72 50.04
CA SER A 103 -32.97 2.70 49.95
C SER A 103 -31.65 3.48 50.03
N ILE A 104 -30.79 3.19 50.99
CA ILE A 104 -29.71 4.10 51.28
C ILE A 104 -28.40 3.41 50.92
N ILE A 105 -27.55 4.16 50.25
CA ILE A 105 -26.24 3.70 49.83
C ILE A 105 -25.32 4.81 50.26
N MET A 106 -24.27 4.47 51.02
CA MET A 106 -23.25 5.47 51.43
C MET A 106 -22.27 5.82 50.29
N ARG A 107 -22.06 7.12 50.09
CA ARG A 107 -20.87 7.62 49.38
C ARG A 107 -19.58 7.23 50.05
N ALA A 108 -18.82 6.45 49.30
CA ALA A 108 -17.55 5.93 49.72
C ALA A 108 -16.61 6.35 48.55
N TYR A 109 -16.47 7.65 48.35
CA TYR A 109 -15.67 8.16 47.25
C TYR A 109 -14.24 8.44 47.69
N LEU A 110 -13.34 8.32 46.75
CA LEU A 110 -11.95 8.09 47.07
C LEU A 110 -11.14 9.33 46.73
N GLU A 111 -11.62 10.11 45.78
CA GLU A 111 -11.01 11.35 45.33
C GLU A 111 -12.03 12.49 45.09
N LYS A 112 -11.50 13.68 44.94
CA LYS A 112 -12.18 14.76 44.24
C LYS A 112 -11.39 15.39 43.02
N PRO A 113 -12.14 15.65 41.92
CA PRO A 113 -11.61 16.42 40.77
C PRO A 113 -10.62 17.56 41.12
N ARG A 114 -9.31 17.44 40.97
CA ARG A 114 -8.51 18.67 41.24
C ARG A 114 -7.86 19.21 39.95
N THR A 116 -7.06 21.63 41.53
CA THR A 116 -5.73 21.42 40.87
C THR A 116 -4.55 21.44 41.87
N VAL A 117 -4.81 22.12 42.98
CA VAL A 117 -4.14 21.84 44.25
C VAL A 117 -5.10 20.94 45.10
N GLY A 118 -4.65 20.52 46.30
CA GLY A 118 -5.42 19.72 47.24
C GLY A 118 -4.99 18.25 47.35
N TRP A 119 -5.46 17.61 48.43
CA TRP A 119 -5.30 16.17 48.62
C TRP A 119 -5.62 15.37 47.35
N LYS A 120 -4.76 14.40 47.07
CA LYS A 120 -4.87 13.60 45.86
C LYS A 120 -5.71 12.34 46.00
N GLY A 121 -6.32 12.14 47.16
CA GLY A 121 -7.26 11.04 47.39
C GLY A 121 -6.62 9.88 48.09
N LEU A 122 -7.48 8.94 48.46
CA LEU A 122 -7.15 7.84 49.30
C LEU A 122 -6.28 6.85 48.63
N ILE A 123 -6.40 6.77 47.31
CA ILE A 123 -5.57 5.81 46.55
C ILE A 123 -4.17 6.38 46.38
N ASN A 124 -4.10 7.62 45.93
CA ASN A 124 -2.79 8.26 45.71
C ASN A 124 -1.96 8.51 47.02
N ASP A 125 -2.69 9.07 47.96
CA ASP A 125 -2.12 9.64 49.20
C ASP A 125 -2.89 9.17 50.43
N PRO A 126 -2.89 7.87 50.76
CA PRO A 126 -3.67 7.36 51.89
C PRO A 126 -3.26 7.92 53.29
N ASP A 127 -1.99 8.36 53.39
CA ASP A 127 -1.49 8.95 54.64
C ASP A 127 -1.78 10.45 54.71
N VAL A 128 -2.54 10.99 53.78
CA VAL A 128 -2.90 12.38 53.82
C VAL A 128 -1.73 13.36 54.23
N ASN A 129 -0.57 13.21 53.57
CA ASN A 129 0.64 13.99 53.87
C ASN A 129 1.48 14.40 52.62
N ASN A 130 0.76 14.50 51.51
CA ASN A 130 1.31 14.85 50.19
C ASN A 130 2.43 13.94 49.70
N THR A 131 2.34 12.66 50.05
CA THR A 131 3.23 11.66 49.51
C THR A 131 2.40 10.70 48.63
N PHE A 132 3.08 9.80 47.96
CA PHE A 132 2.39 8.83 47.13
C PHE A 132 2.72 7.37 47.54
N ASN A 133 1.69 6.57 47.84
CA ASN A 133 1.79 5.13 48.02
C ASN A 133 0.53 4.45 47.46
N ILE A 134 0.45 4.23 46.15
CA ILE A 134 -0.75 3.67 45.49
C ILE A 134 -1.13 2.27 46.07
N ASN A 135 -0.19 1.36 46.24
CA ASN A 135 -0.46 0.06 46.86
C ASN A 135 -1.14 0.13 48.19
N LYS A 136 -0.62 0.97 49.08
CA LYS A 136 -1.23 1.15 50.41
C LYS A 136 -2.59 1.77 50.22
N GLY A 137 -2.68 2.75 49.31
CA GLY A 137 -3.97 3.31 48.93
C GLY A 137 -5.05 2.36 48.46
N LEU A 138 -4.78 1.45 47.50
CA LEU A 138 -5.80 0.48 47.13
C LEU A 138 -6.14 -0.41 48.30
N GLN A 139 -5.17 -0.65 49.19
CA GLN A 139 -5.46 -1.42 50.40
C GLN A 139 -6.42 -0.68 51.30
N SER A 140 -6.15 0.61 51.51
CA SER A 140 -7.03 1.38 52.36
C SER A 140 -8.45 1.44 51.73
N ALA A 141 -8.53 1.65 50.42
CA ALA A 141 -9.83 1.71 49.75
C ALA A 141 -10.61 0.44 49.95
N ARG A 142 -10.00 -0.67 49.61
CA ARG A 142 -10.65 -1.97 49.70
C ARG A 142 -10.93 -2.31 51.15
N GLN A 143 -10.05 -1.93 52.07
CA GLN A 143 -10.32 -2.30 53.52
C GLN A 143 -11.52 -1.46 53.96
N LEU A 144 -11.53 -0.19 53.51
CA LEU A 144 -12.66 0.68 53.77
C LEU A 144 -14.02 0.08 53.21
N PHE A 145 -14.04 -0.37 51.97
CA PHE A 145 -15.27 -0.88 51.42
C PHE A 145 -15.73 -2.13 52.15
N VAL A 146 -14.79 -2.97 52.61
CA VAL A 146 -15.13 -4.18 53.35
C VAL A 146 -15.69 -3.74 54.68
N ASN A 147 -14.99 -2.83 55.36
CA ASN A 147 -15.43 -2.36 56.70
C ASN A 147 -16.84 -1.80 56.57
N LEU A 148 -17.14 -1.02 55.51
CA LEU A 148 -18.48 -0.41 55.42
C LEU A 148 -19.54 -1.44 55.13
N THR A 149 -19.27 -2.30 54.17
CA THR A 149 -20.32 -3.20 53.69
C THR A 149 -20.53 -4.33 54.69
N ASN A 150 -19.48 -4.63 55.46
CA ASN A 150 -19.55 -5.65 56.52
C ASN A 150 -20.60 -5.36 57.61
N ILE A 151 -21.01 -4.12 57.80
CA ILE A 151 -22.10 -3.82 58.74
C ILE A 151 -23.52 -3.82 58.11
N GLY A 152 -23.61 -4.33 56.87
CA GLY A 152 -24.85 -4.29 56.08
C GLY A 152 -25.25 -2.98 55.39
N LEU A 153 -24.33 -2.01 55.37
CA LEU A 153 -24.48 -0.78 54.57
C LEU A 153 -23.84 -0.85 53.17
N PRO A 154 -24.66 -0.70 52.12
CA PRO A 154 -24.15 -0.73 50.76
C PRO A 154 -23.44 0.57 50.41
N ILE A 155 -22.49 0.51 49.48
CA ILE A 155 -21.68 1.67 49.10
C ILE A 155 -21.65 1.99 47.61
N GLY A 156 -21.36 3.25 47.30
CA GLY A 156 -21.16 3.69 45.95
C GLY A 156 -19.90 4.43 45.83
N SER A 157 -19.32 4.47 44.65
CA SER A 157 -18.08 5.22 44.46
C SER A 157 -17.99 5.67 43.04
N GLU A 158 -17.08 6.58 42.75
CA GLU A 158 -16.82 7.00 41.38
C GLU A 158 -15.94 6.00 40.66
N MET A 159 -16.21 5.71 39.38
CA MET A 159 -15.40 4.76 38.62
C MET A 159 -14.38 5.58 37.84
N LEU A 160 -13.14 5.52 38.26
CA LEU A 160 -12.14 6.50 37.85
C LEU A 160 -11.43 6.17 36.62
N ASP A 161 -11.24 4.88 36.38
CA ASP A 161 -10.43 4.39 35.29
C ASP A 161 -10.75 2.89 35.15
N THR A 162 -10.09 2.23 34.24
CA THR A 162 -10.45 0.83 34.00
C THR A 162 -9.71 -0.16 34.82
N ILE A 163 -8.81 0.33 35.68
CA ILE A 163 -8.02 -0.58 36.46
C ILE A 163 -8.49 -0.66 37.95
N SER A 164 -8.62 0.46 38.62
CA SER A 164 -9.06 0.45 40.02
C SER A 164 -10.35 -0.29 40.37
N PRO A 165 -11.39 -0.18 39.56
CA PRO A 165 -12.62 -0.95 39.81
C PRO A 165 -12.41 -2.44 39.92
N GLN A 166 -11.46 -2.96 39.16
CA GLN A 166 -11.16 -4.37 39.26
C GLN A 166 -10.72 -4.78 40.68
N TYR A 167 -10.21 -3.84 41.47
CA TYR A 167 -9.85 -4.15 42.84
C TYR A 167 -10.95 -4.15 43.85
N LEU A 168 -12.10 -3.60 43.50
CA LEU A 168 -13.13 -3.19 44.46
C LEU A 168 -14.53 -3.55 44.07
N ALA A 169 -14.74 -4.05 42.85
CA ALA A 169 -16.08 -4.18 42.26
C ALA A 169 -16.99 -5.17 42.94
N ASP A 170 -16.40 -6.10 43.67
CA ASP A 170 -17.19 -7.09 44.35
C ASP A 170 -17.98 -6.49 45.45
N LEU A 171 -17.50 -5.37 45.96
CA LEU A 171 -18.11 -4.65 47.09
C LEU A 171 -19.05 -3.51 46.80
N VAL A 172 -19.15 -3.09 45.53
CA VAL A 172 -19.87 -1.88 45.13
C VAL A 172 -21.30 -2.14 44.64
N SER A 173 -22.21 -1.30 45.07
CA SER A 173 -23.61 -1.36 44.66
C SER A 173 -24.01 -0.28 43.65
N PHE A 174 -23.25 0.81 43.63
CA PHE A 174 -23.50 1.94 42.78
C PHE A 174 -22.20 2.55 42.33
N GLY A 175 -22.06 2.74 41.02
CA GLY A 175 -20.94 3.53 40.52
C GLY A 175 -21.32 4.77 39.75
N ALA A 176 -20.50 5.81 39.89
CA ALA A 176 -20.80 7.07 39.39
C ALA A 176 -19.68 7.47 38.41
N ILE A 177 -20.11 8.18 37.37
CA ILE A 177 -19.23 8.83 36.42
C ILE A 177 -19.47 10.32 36.56
N GLY A 178 -18.45 11.03 37.05
CA GLY A 178 -18.51 12.44 37.28
C GLY A 178 -18.71 13.28 36.06
N ALA A 179 -19.16 14.53 36.26
CA ALA A 179 -19.39 15.47 35.17
C ALA A 179 -18.24 15.61 34.19
N ARG A 180 -17.03 15.52 34.73
CA ARG A 180 -15.86 15.67 33.89
C ARG A 180 -15.50 14.45 33.07
N THR A 181 -16.11 13.30 33.34
CA THR A 181 -15.87 12.13 32.48
C THR A 181 -17.08 11.54 31.77
N THR A 182 -18.25 12.14 31.91
CA THR A 182 -19.48 11.65 31.24
C THR A 182 -19.35 11.55 29.72
N GLU A 183 -18.59 12.45 29.15
CA GLU A 183 -18.28 12.47 27.76
C GLU A 183 -17.22 11.54 27.29
N SER A 184 -16.48 11.00 28.21
CA SER A 184 -15.33 10.14 27.91
C SER A 184 -15.77 8.74 27.47
N GLN A 185 -15.33 8.38 26.26
CA GLN A 185 -15.68 7.14 25.58
C GLN A 185 -15.22 6.00 26.48
N LEU A 186 -14.03 6.09 27.00
CA LEU A 186 -13.46 5.05 27.80
C LEU A 186 -14.31 4.76 29.07
N HIS A 187 -14.81 5.81 29.70
CA HIS A 187 -15.67 5.68 30.88
C HIS A 187 -17.10 5.17 30.50
N ARG A 188 -17.60 5.51 29.30
CA ARG A 188 -18.85 4.87 28.84
C ARG A 188 -18.71 3.39 28.60
N GLU A 189 -17.55 3.00 28.07
CA GLU A 189 -17.23 1.61 27.75
C GLU A 189 -17.09 0.80 29.02
N LEU A 190 -16.35 1.34 29.98
CA LEU A 190 -16.22 0.74 31.27
C LEU A 190 -17.56 0.47 31.88
N ALA A 191 -18.38 1.51 31.99
CA ALA A 191 -19.71 1.42 32.51
C ALA A 191 -20.50 0.25 31.90
N SER A 192 -20.34 0.03 30.62
CA SER A 192 -21.05 -1.04 29.92
C SER A 192 -20.68 -2.41 30.40
N GLY A 193 -19.65 -2.55 31.21
CA GLY A 193 -19.31 -3.83 31.77
C GLY A 193 -19.23 -3.98 33.24
N LEU A 194 -19.86 -3.07 33.95
CA LEU A 194 -19.77 -3.05 35.41
C LEU A 194 -20.97 -3.84 35.97
N SER A 195 -20.79 -4.46 37.11
CA SER A 195 -21.78 -5.35 37.63
C SER A 195 -22.83 -4.64 38.40
N PHE A 196 -23.04 -3.37 38.18
CA PHE A 196 -23.98 -2.59 39.01
C PHE A 196 -24.49 -1.38 38.31
N PRO A 197 -25.55 -0.73 38.83
CA PRO A 197 -26.06 0.46 38.18
C PRO A 197 -25.04 1.59 38.18
N VAL A 198 -25.06 2.39 37.11
CA VAL A 198 -24.10 3.50 36.91
C VAL A 198 -24.86 4.78 36.64
N GLY A 199 -24.58 5.83 37.42
CA GLY A 199 -25.11 7.15 37.15
C GLY A 199 -24.12 8.08 36.48
N PHE A 200 -24.52 8.69 35.39
CA PHE A 200 -23.73 9.63 34.66
C PHE A 200 -24.22 11.01 34.99
N LYS A 201 -23.29 11.89 35.35
CA LYS A 201 -23.66 13.19 35.75
C LYS A 201 -23.80 14.04 34.57
N ASN A 202 -24.64 15.10 34.62
CA ASN A 202 -24.75 15.99 33.45
C ASN A 202 -23.47 16.81 33.35
N GLY A 203 -23.27 17.42 32.20
CA GLY A 203 -22.10 18.20 31.90
C GLY A 203 -21.85 19.38 32.79
N THR A 204 -20.58 19.76 32.92
CA THR A 204 -20.21 20.94 33.67
C THR A 204 -20.92 22.19 33.16
N ASP A 205 -21.28 22.27 31.90
CA ASP A 205 -22.20 23.34 31.41
C ASP A 205 -23.71 23.31 31.80
N GLY A 206 -24.12 22.31 32.58
CA GLY A 206 -25.46 22.24 33.11
C GLY A 206 -26.54 21.59 32.25
N THR A 207 -26.14 21.11 31.08
CA THR A 207 -27.00 20.34 30.17
C THR A 207 -26.79 18.81 30.18
N LEU A 208 -27.87 18.09 29.89
CA LEU A 208 -27.80 16.67 30.04
C LEU A 208 -27.69 15.86 28.84
N ASN A 209 -27.56 16.47 27.67
CA ASN A 209 -27.49 15.66 26.47
C ASN A 209 -26.31 14.67 26.56
N VAL A 210 -25.17 15.16 27.03
CA VAL A 210 -23.99 14.32 27.24
C VAL A 210 -24.31 13.13 28.16
N ALA A 211 -25.12 13.29 29.21
CA ALA A 211 -25.42 12.16 30.09
C ALA A 211 -26.38 11.14 29.46
N VAL A 212 -27.36 11.61 28.71
CA VAL A 212 -28.27 10.74 27.97
C VAL A 212 -27.45 9.98 26.95
N ASP A 213 -26.58 10.66 26.21
CA ASP A 213 -25.69 9.96 25.24
C ASP A 213 -24.87 8.87 25.91
N ALA A 214 -24.39 9.14 27.12
CA ALA A 214 -23.58 8.17 27.83
C ALA A 214 -24.43 6.99 28.28
N CYS A 215 -25.61 7.23 28.80
CA CYS A 215 -26.46 6.13 29.18
C CYS A 215 -26.75 5.24 27.94
N GLN A 216 -27.03 5.87 26.78
CA GLN A 216 -27.26 5.13 25.49
C GLN A 216 -26.12 4.29 25.10
N ALA A 217 -24.93 4.87 25.10
CA ALA A 217 -23.70 4.17 24.71
C ALA A 217 -23.32 2.99 25.60
N ALA A 218 -23.54 3.17 26.89
CA ALA A 218 -23.22 2.19 27.91
C ALA A 218 -24.14 0.99 27.91
N ALA A 219 -25.32 1.16 27.31
CA ALA A 219 -26.28 0.06 27.05
C ALA A 219 -25.77 -0.94 26.11
N HIS A 220 -24.80 -0.57 25.31
CA HIS A 220 -24.29 -1.43 24.30
C HIS A 220 -23.06 -2.20 24.70
N SER A 221 -22.73 -3.22 23.87
CA SER A 221 -21.54 -4.00 24.01
C SER A 221 -20.30 -3.24 23.54
N HIS A 222 -19.23 -3.21 24.32
CA HIS A 222 -17.96 -2.58 23.87
C HIS A 222 -16.77 -3.48 24.15
N HIS A 223 -15.61 -3.15 23.55
CA HIS A 223 -14.37 -3.89 23.82
C HIS A 223 -13.45 -2.82 24.42
N PHE A 224 -13.05 -2.91 25.67
CA PHE A 224 -12.12 -1.93 26.18
C PHE A 224 -10.86 -2.61 26.73
N MET A 225 -9.78 -1.85 26.85
CA MET A 225 -8.56 -2.27 27.46
C MET A 225 -8.55 -2.07 28.98
N GLY A 226 -8.80 -3.21 29.60
CA GLY A 226 -8.86 -3.39 31.04
C GLY A 226 -7.73 -4.33 31.54
N VAL A 227 -7.88 -4.85 32.74
CA VAL A 227 -6.85 -5.66 33.35
C VAL A 227 -7.58 -6.92 33.82
N THR A 228 -6.93 -8.05 33.68
CA THR A 228 -7.37 -9.27 34.36
C THR A 228 -7.16 -9.21 35.86
N LYS A 229 -7.66 -10.26 36.53
CA LYS A 229 -7.55 -10.34 37.97
C LYS A 229 -6.12 -10.58 38.34
N HIS A 230 -5.30 -11.12 37.42
CA HIS A 230 -3.88 -11.26 37.65
C HIS A 230 -3.01 -10.05 37.22
N GLY A 231 -3.61 -8.94 36.80
CA GLY A 231 -2.84 -7.68 36.62
C GLY A 231 -2.28 -7.36 35.24
N VAL A 232 -2.68 -8.16 34.27
CA VAL A 232 -2.25 -7.97 32.92
C VAL A 232 -3.35 -7.33 32.06
N ALA A 233 -2.94 -6.43 31.14
CA ALA A 233 -3.85 -5.77 30.25
C ALA A 233 -4.47 -6.82 29.33
N ALA A 234 -5.80 -6.76 29.22
CA ALA A 234 -6.59 -7.61 28.33
C ALA A 234 -7.69 -6.82 27.62
N ILE A 235 -8.15 -7.33 26.51
CA ILE A 235 -9.33 -6.80 25.80
C ILE A 235 -10.57 -7.35 26.53
N THR A 236 -11.34 -6.43 27.05
CA THR A 236 -12.41 -6.76 27.95
C THR A 236 -13.62 -6.46 27.16
N THR A 237 -14.30 -7.53 26.80
CA THR A 237 -15.57 -7.51 26.09
C THR A 237 -16.75 -7.47 27.05
N THR A 238 -17.66 -6.52 26.83
CA THR A 238 -18.82 -6.25 27.71
C THR A 238 -20.20 -6.63 27.12
N LYS A 239 -21.21 -6.74 27.96
CA LYS A 239 -22.62 -7.05 27.58
C LYS A 239 -23.50 -5.81 27.32
N GLY A 240 -23.13 -4.67 27.89
CA GLY A 240 -24.04 -3.53 27.90
C GLY A 240 -24.65 -3.43 29.26
N ASN A 241 -24.89 -2.19 29.73
CA ASN A 241 -25.42 -1.93 31.04
C ASN A 241 -26.76 -1.24 30.94
N GLU A 242 -27.83 -1.99 31.18
CA GLU A 242 -29.16 -1.45 31.05
C GLU A 242 -29.63 -0.68 32.30
N HIS A 243 -28.77 -0.60 33.31
CA HIS A 243 -29.09 0.11 34.53
C HIS A 243 -28.28 1.41 34.68
N CYS A 244 -28.21 2.17 33.60
CA CYS A 244 -27.59 3.47 33.71
C CYS A 244 -28.65 4.52 33.76
N PHE A 245 -28.39 5.54 34.57
CA PHE A 245 -29.23 6.67 34.66
C PHE A 245 -28.46 7.99 34.72
N VAL A 246 -29.22 9.07 34.58
CA VAL A 246 -28.77 10.44 34.58
C VAL A 246 -28.86 11.06 35.96
N ILE A 247 -27.80 11.80 36.34
CA ILE A 247 -27.77 12.55 37.59
C ILE A 247 -27.70 14.01 37.28
N LEU A 248 -28.65 14.75 37.82
CA LEU A 248 -28.74 16.17 37.62
C LEU A 248 -27.99 16.89 38.73
N ARG A 249 -26.99 17.70 38.37
CA ARG A 249 -26.07 18.30 39.37
C ARG A 249 -25.70 19.75 39.09
N GLY A 250 -26.50 20.43 38.30
CA GLY A 250 -26.27 21.81 37.98
C GLY A 250 -25.16 22.03 37.00
N GLY A 251 -24.67 23.26 36.96
CA GLY A 251 -23.60 23.68 36.07
C GLY A 251 -23.78 25.08 35.56
N LYS A 252 -23.05 25.42 34.50
CA LYS A 252 -22.94 26.80 34.04
C LYS A 252 -24.32 27.33 33.58
N LYS A 253 -25.23 26.51 33.08
CA LYS A 253 -26.60 26.98 32.68
C LYS A 253 -27.45 27.34 33.96
N GLY A 254 -27.15 26.72 35.08
CA GLY A 254 -27.77 27.06 36.36
C GLY A 254 -28.09 25.78 37.10
N THR A 255 -28.71 25.94 38.25
CA THR A 255 -29.21 24.82 38.99
C THR A 255 -30.29 24.07 38.14
N ASN A 256 -30.45 22.73 38.37
CA ASN A 256 -31.48 21.91 37.65
C ASN A 256 -32.26 20.93 38.48
N TYR A 257 -32.63 21.35 39.66
CA TYR A 257 -33.37 20.48 40.56
C TYR A 257 -34.87 20.86 40.71
N ASP A 258 -35.26 21.97 40.07
CA ASP A 258 -36.62 22.51 40.06
C ASP A 258 -37.59 21.83 39.08
N ALA A 259 -38.89 22.07 39.28
CA ALA A 259 -39.96 21.41 38.51
C ALA A 259 -39.78 21.68 37.06
N LYS A 260 -39.36 22.89 36.73
CA LYS A 260 -39.12 23.23 35.34
C LYS A 260 -37.95 22.44 34.69
N SER A 261 -36.86 22.30 35.46
CA SER A 261 -35.63 21.69 34.94
C SER A 261 -35.86 20.20 34.70
N VAL A 262 -36.57 19.58 35.63
CA VAL A 262 -36.92 18.15 35.60
C VAL A 262 -37.84 17.80 34.46
N ALA A 263 -38.74 18.74 34.12
CA ALA A 263 -39.66 18.61 33.02
C ALA A 263 -38.88 18.69 31.70
N GLU A 264 -37.95 19.64 31.59
CA GLU A 264 -37.07 19.75 30.43
C GLU A 264 -36.18 18.48 30.43
N ALA A 265 -35.72 18.00 31.58
CA ALA A 265 -34.99 16.71 31.63
C ALA A 265 -35.79 15.57 31.01
N LYS A 266 -36.98 15.34 31.57
CA LYS A 266 -37.96 14.33 31.12
C LYS A 266 -38.25 14.42 29.62
N ALA A 267 -38.24 15.62 29.09
CA ALA A 267 -38.54 15.85 27.68
C ALA A 267 -37.45 15.26 26.78
N GLN A 268 -36.21 15.20 27.27
CA GLN A 268 -35.09 14.63 26.54
C GLN A 268 -34.77 13.17 26.79
N LEU A 269 -35.40 12.47 27.71
CA LEU A 269 -35.12 11.04 27.93
C LEU A 269 -35.69 10.13 26.87
N PRO A 270 -34.90 9.17 26.36
CA PRO A 270 -35.39 8.33 25.28
C PRO A 270 -36.34 7.29 25.84
N ALA A 271 -37.00 6.57 24.95
CA ALA A 271 -37.82 5.43 25.37
C ALA A 271 -36.85 4.52 26.10
N GLY A 272 -37.32 3.86 27.15
CA GLY A 272 -36.47 2.91 27.86
C GLY A 272 -35.60 3.48 29.00
N SER A 273 -35.60 4.79 29.15
CA SER A 273 -34.76 5.41 30.15
C SER A 273 -35.21 5.13 31.58
N ASN A 274 -34.24 4.94 32.45
CA ASN A 274 -34.46 4.72 33.83
C ASN A 274 -34.73 6.03 34.48
N GLY A 275 -34.99 6.02 35.77
CA GLY A 275 -35.37 7.23 36.48
C GLY A 275 -34.21 8.19 36.83
N LEU A 276 -34.53 9.45 37.14
CA LEU A 276 -33.59 10.51 37.40
C LEU A 276 -33.17 10.59 38.84
N MET A 277 -31.90 10.95 39.03
CA MET A 277 -31.35 11.30 40.34
C MET A 277 -30.99 12.77 40.36
N ILE A 278 -31.16 13.39 41.53
CA ILE A 278 -30.87 14.76 41.70
C ILE A 278 -29.82 14.89 42.75
N ASP A 279 -28.71 15.47 42.34
CA ASP A 279 -27.62 15.74 43.26
C ASP A 279 -27.97 17.06 43.90
N TYR A 280 -28.17 17.02 45.19
CA TYR A 280 -28.35 18.27 46.00
C TYR A 280 -27.12 19.14 46.08
N SER A 281 -25.96 18.53 45.91
CA SER A 281 -24.70 19.25 46.07
C SER A 281 -24.07 19.70 44.78
N HIS A 282 -22.74 19.94 44.81
CA HIS A 282 -22.02 20.40 43.62
C HIS A 282 -22.74 21.57 42.95
N GLY A 283 -22.97 21.53 41.63
CA GLY A 283 -23.56 22.72 40.99
C GLY A 283 -24.93 23.18 41.50
N ASN A 284 -25.61 22.27 42.13
CA ASN A 284 -26.96 22.50 42.59
C ASN A 284 -27.03 23.22 43.95
N SER A 285 -25.93 23.18 44.69
CA SER A 285 -25.76 23.92 45.94
C SER A 285 -25.10 25.29 45.74
N ASN A 286 -24.47 25.47 44.58
CA ASN A 286 -24.05 26.77 44.10
C ASN A 286 -23.12 27.40 45.06
N LYS A 287 -22.00 26.71 45.32
CA LYS A 287 -20.96 27.23 46.19
C LYS A 287 -21.39 27.45 47.69
N ASP A 288 -22.38 26.69 48.15
CA ASP A 288 -22.77 26.79 49.54
C ASP A 288 -23.47 25.51 50.05
N PHE A 289 -22.77 24.75 50.88
CA PHE A 289 -23.33 23.49 51.34
C PHE A 289 -24.65 23.60 52.12
N ARG A 290 -24.92 24.78 52.69
CA ARG A 290 -26.13 25.08 53.46
C ARG A 290 -27.40 25.16 52.56
N ASN A 291 -27.20 25.31 51.25
CA ASN A 291 -28.25 25.11 50.24
C ASN A 291 -28.77 23.72 50.04
N GLN A 292 -28.12 22.67 50.54
CA GLN A 292 -28.64 21.29 50.32
C GLN A 292 -30.01 20.99 50.98
N PRO A 293 -30.25 21.41 52.22
CA PRO A 293 -31.62 21.32 52.81
C PRO A 293 -32.70 22.02 51.96
N LYS A 294 -32.31 23.09 51.29
CA LYS A 294 -33.22 23.90 50.46
C LYS A 294 -33.55 23.20 49.17
N VAL A 295 -32.51 22.65 48.55
CA VAL A 295 -32.70 21.73 47.44
C VAL A 295 -33.67 20.59 47.83
N ASN A 296 -33.42 19.92 48.96
CA ASN A 296 -34.31 18.85 49.47
C ASN A 296 -35.82 19.23 49.51
N ASP A 297 -36.11 20.45 49.90
CA ASP A 297 -37.49 20.92 50.12
C ASP A 297 -38.10 21.05 48.76
N VAL A 298 -37.37 21.62 47.82
CA VAL A 298 -37.87 21.81 46.47
C VAL A 298 -38.10 20.51 45.77
N VAL A 299 -37.29 19.52 46.12
CA VAL A 299 -37.36 18.23 45.47
C VAL A 299 -38.45 17.38 46.13
N CYS A 300 -38.46 17.42 47.47
CA CYS A 300 -39.44 16.77 48.35
C CYS A 300 -40.85 17.25 47.97
N GLU A 301 -40.94 18.50 47.54
CA GLU A 301 -42.24 19.03 47.15
C GLU A 301 -42.74 18.41 45.88
N GLN A 302 -41.89 18.34 44.85
CA GLN A 302 -42.24 17.66 43.59
C GLN A 302 -42.67 16.22 43.83
N ILE A 303 -41.88 15.53 44.64
CA ILE A 303 -42.09 14.13 44.91
C ILE A 303 -43.47 13.87 45.55
N ALA A 304 -43.76 14.64 46.59
CA ALA A 304 -44.95 14.51 47.41
C ALA A 304 -46.25 14.83 46.65
N ASN A 305 -46.15 15.71 45.65
CA ASN A 305 -47.24 16.07 44.72
C ASN A 305 -47.42 15.11 43.54
N GLY A 306 -46.56 14.10 43.39
CA GLY A 306 -46.74 13.07 42.35
C GLY A 306 -45.65 12.84 41.30
N GLU A 307 -44.49 13.51 41.45
CA GLU A 307 -43.35 13.27 40.54
C GLU A 307 -42.71 11.89 40.75
N ASN A 308 -43.04 10.95 39.87
CA ASN A 308 -42.44 9.63 39.84
C ASN A 308 -41.14 9.53 39.00
N ALA A 309 -40.84 10.56 38.23
CA ALA A 309 -39.57 10.54 37.45
C ALA A 309 -38.29 10.77 38.31
N ILE A 310 -38.46 11.26 39.53
CA ILE A 310 -37.38 11.42 40.47
C ILE A 310 -37.33 10.19 41.30
N THR A 311 -36.37 9.33 40.99
CA THR A 311 -36.19 8.13 41.70
C THR A 311 -34.97 8.11 42.59
N GLY A 312 -34.08 9.08 42.43
CA GLY A 312 -32.91 9.12 43.30
C GLY A 312 -32.54 10.49 43.76
N VAL A 313 -31.77 10.53 44.85
CA VAL A 313 -31.05 11.72 45.26
C VAL A 313 -29.65 11.42 45.77
N MET A 314 -28.80 12.45 45.67
CA MET A 314 -27.41 12.37 46.13
C MET A 314 -27.17 13.52 47.07
N ILE A 315 -26.48 13.25 48.19
CA ILE A 315 -26.25 14.25 49.24
C ILE A 315 -24.82 14.18 49.80
N GLU A 316 -24.13 15.32 49.89
CA GLU A 316 -22.83 15.37 50.53
C GLU A 316 -22.94 15.72 52.02
N SER A 317 -22.54 14.75 52.82
CA SER A 317 -22.85 14.68 54.23
C SER A 317 -21.66 14.08 54.97
N ASN A 318 -21.37 14.63 56.15
CA ASN A 318 -20.39 14.05 57.06
C ASN A 318 -20.88 14.13 58.52
N ILE A 319 -20.03 13.71 59.44
CA ILE A 319 -20.34 13.76 60.89
C ILE A 319 -20.58 15.20 61.25
N ASN A 320 -19.59 16.02 61.00
CA ASN A 320 -19.68 17.46 61.18
C ASN A 320 -19.66 18.16 59.80
N GLU A 321 -20.21 19.37 59.78
CA GLU A 321 -20.41 20.14 58.59
C GLU A 321 -19.20 20.90 58.17
N GLY A 322 -19.29 21.43 56.94
CA GLY A 322 -18.34 22.35 56.38
C GLY A 322 -17.20 21.55 55.76
N ASN A 323 -16.08 22.21 55.52
CA ASN A 323 -14.86 21.54 55.12
C ASN A 323 -13.62 22.25 55.72
N GLN A 324 -12.43 21.71 55.43
CA GLN A 324 -11.17 22.31 55.91
C GLN A 324 -10.03 22.08 54.91
N GLY A 325 -9.06 22.97 54.92
CA GLY A 325 -7.78 22.68 54.30
C GLY A 325 -6.93 21.70 55.12
N ILE A 326 -5.89 21.17 54.52
CA ILE A 326 -4.89 20.41 55.29
C ILE A 326 -3.83 21.38 55.89
N PRO A 327 -3.61 21.40 57.21
CA PRO A 327 -2.64 22.38 57.78
C PRO A 327 -1.17 21.88 57.67
N ALA A 328 -0.20 22.78 57.95
CA ALA A 328 1.26 22.43 58.00
C ALA A 328 1.54 21.24 58.97
N GLU A 329 0.98 21.36 60.20
CA GLU A 329 0.89 20.29 61.22
C GLU A 329 0.61 18.91 60.62
N GLY A 330 -0.02 18.90 59.44
CA GLY A 330 -0.38 17.69 58.71
C GLY A 330 -1.69 17.10 59.22
N LYS A 331 -1.97 15.87 58.78
CA LYS A 331 -3.08 15.01 59.21
C LYS A 331 -3.48 15.10 60.71
N ALA A 332 -2.49 15.16 61.60
CA ALA A 332 -2.74 15.25 63.04
C ALA A 332 -3.53 16.53 63.40
N GLY A 333 -3.32 17.61 62.65
CA GLY A 333 -4.04 18.86 62.83
C GLY A 333 -5.50 18.91 62.37
N LEU A 334 -5.98 17.86 61.71
CA LEU A 334 -7.34 17.89 61.18
C LEU A 334 -8.48 17.81 62.22
N LYS A 335 -9.49 18.66 62.02
CA LYS A 335 -10.76 18.50 62.70
C LYS A 335 -11.36 17.12 62.34
N TYR A 336 -11.90 16.43 63.35
CA TYR A 336 -12.45 15.11 63.16
C TYR A 336 -13.78 15.28 62.39
N GLY A 337 -14.06 14.31 61.51
CA GLY A 337 -15.35 14.19 60.86
C GLY A 337 -15.73 15.41 60.02
N VAL A 338 -14.69 16.07 59.48
CA VAL A 338 -14.85 17.23 58.61
C VAL A 338 -14.09 17.00 57.25
N SER A 339 -14.84 17.09 56.16
CA SER A 339 -14.28 16.96 54.81
C SER A 339 -13.01 17.79 54.54
N ILE A 340 -12.04 17.18 53.85
CA ILE A 340 -10.96 17.94 53.22
C ILE A 340 -11.17 18.19 51.76
N THR A 341 -12.38 17.93 51.27
CA THR A 341 -12.63 18.23 49.85
C THR A 341 -13.84 19.15 49.81
N ASP A 342 -14.96 18.80 49.19
CA ASP A 342 -16.18 19.68 49.24
C ASP A 342 -16.85 19.72 50.61
N ALA A 343 -17.43 20.83 50.91
CA ALA A 343 -18.21 21.05 52.11
C ALA A 343 -19.48 20.19 52.08
N CYS A 344 -19.81 19.61 53.24
CA CYS A 344 -20.90 18.71 53.46
C CYS A 344 -21.74 19.27 54.57
N ILE A 345 -23.04 18.93 54.55
CA ILE A 345 -23.90 19.11 55.73
C ILE A 345 -23.57 18.11 56.82
N GLY A 346 -23.85 18.50 58.06
CA GLY A 346 -23.51 17.71 59.24
C GLY A 346 -24.55 16.64 59.45
N TRP A 347 -24.26 15.74 60.37
CA TRP A 347 -25.14 14.62 60.64
C TRP A 347 -26.56 15.01 61.04
N GLU A 348 -26.66 16.02 61.92
CA GLU A 348 -27.95 16.46 62.46
C GLU A 348 -28.83 16.84 61.26
N THR A 349 -28.28 17.71 60.40
CA THR A 349 -29.03 18.24 59.24
C THR A 349 -29.36 17.16 58.14
N THR A 350 -28.49 16.16 58.02
CA THR A 350 -28.74 15.03 57.15
C THR A 350 -29.93 14.22 57.59
N GLU A 351 -29.93 13.91 58.88
CA GLU A 351 -31.02 13.17 59.46
C GLU A 351 -32.37 13.89 59.26
N ASP A 352 -32.37 15.21 59.30
CA ASP A 352 -33.58 15.98 59.06
C ASP A 352 -33.97 15.90 57.61
N VAL A 353 -33.02 16.23 56.74
CA VAL A 353 -33.21 16.12 55.31
C VAL A 353 -33.79 14.76 54.93
N LEU A 354 -33.27 13.69 55.50
CA LEU A 354 -33.67 12.34 55.13
C LEU A 354 -35.03 11.96 55.68
N ARG A 355 -35.38 12.43 56.87
CA ARG A 355 -36.74 12.23 57.40
C ARG A 355 -37.82 13.03 56.60
N LYS A 356 -37.57 14.27 56.21
CA LYS A 356 -38.51 14.92 55.30
C LYS A 356 -38.57 14.17 53.99
N LEU A 357 -37.45 13.61 53.54
CA LEU A 357 -37.41 12.94 52.25
C LEU A 357 -38.27 11.73 52.36
N ALA A 358 -38.08 10.97 53.43
CA ALA A 358 -38.86 9.77 53.62
C ALA A 358 -40.35 10.07 53.64
N ALA A 359 -40.73 11.24 54.21
CA ALA A 359 -42.11 11.70 54.28
C ALA A 359 -42.70 12.04 52.89
N ALA A 360 -41.89 12.68 52.04
CA ALA A 360 -42.28 13.00 50.70
C ALA A 360 -42.62 11.72 49.95
N VAL A 361 -41.81 10.67 50.13
CA VAL A 361 -42.06 9.39 49.49
C VAL A 361 -43.39 8.79 49.96
N ARG A 362 -43.67 8.95 51.25
CA ARG A 362 -44.93 8.45 51.84
C ARG A 362 -46.10 9.19 51.20
N GLN A 363 -46.00 10.49 51.09
CA GLN A 363 -47.05 11.27 50.43
C GLN A 363 -47.26 10.78 48.98
N ARG A 364 -46.15 10.47 48.30
CA ARG A 364 -46.23 10.19 46.86
C ARG A 364 -47.04 8.91 46.65
N ARG A 365 -46.84 7.95 47.56
CA ARG A 365 -47.60 6.71 47.57
C ARG A 365 -49.10 7.00 47.58
N GLU A 366 -49.52 7.91 48.47
CA GLU A 366 -50.93 8.28 48.60
C GLU A 366 -51.46 8.80 47.27
N VAL A 367 -50.86 9.86 46.73
CA VAL A 367 -51.25 10.42 45.41
C VAL A 367 -51.41 9.37 44.28
N ASN A 368 -50.59 8.32 44.30
CA ASN A 368 -50.69 7.24 43.30
C ASN A 368 -51.59 6.08 43.80
N ALA B 19 -20.21 -14.13 45.98
CA ALA B 19 -19.41 -12.99 45.33
C ALA B 19 -19.82 -12.70 43.86
N GLU B 20 -20.30 -11.49 43.57
CA GLU B 20 -20.86 -11.20 42.22
C GLU B 20 -20.01 -10.20 41.40
N GLU B 21 -19.21 -10.74 40.51
CA GLU B 21 -18.39 -9.93 39.64
C GLU B 21 -18.53 -10.45 38.23
N ASP B 22 -18.18 -9.59 37.30
CA ASP B 22 -18.14 -9.91 35.91
C ASP B 22 -19.42 -10.38 35.29
N VAL B 23 -20.57 -9.93 35.81
CA VAL B 23 -21.82 -10.30 35.20
C VAL B 23 -22.03 -9.65 33.85
N ARG B 24 -21.28 -8.58 33.57
CA ARG B 24 -21.36 -7.91 32.27
C ARG B 24 -20.09 -7.96 31.45
N ILE B 25 -19.17 -8.81 31.82
CA ILE B 25 -17.98 -9.11 31.09
C ILE B 25 -18.19 -10.45 30.39
N LEU B 26 -18.10 -10.46 29.05
CA LEU B 26 -18.25 -11.69 28.25
C LEU B 26 -16.94 -12.47 28.24
N GLY B 27 -15.81 -11.80 28.37
CA GLY B 27 -14.53 -12.47 28.37
C GLY B 27 -13.39 -11.48 28.36
N TYR B 28 -12.24 -11.98 28.77
CA TYR B 28 -11.02 -11.30 28.66
C TYR B 28 -10.17 -11.91 27.54
N ASP B 29 -10.02 -11.21 26.43
CA ASP B 29 -9.30 -11.64 25.25
C ASP B 29 -7.83 -11.21 25.25
N PRO B 30 -6.95 -12.10 24.81
CA PRO B 30 -5.51 -11.89 24.96
C PRO B 30 -5.02 -10.76 24.07
N LEU B 31 -4.11 -10.00 24.66
CA LEU B 31 -3.54 -8.82 24.05
C LEU B 31 -2.02 -9.00 23.91
N ALA B 32 -1.51 -8.81 22.71
CA ALA B 32 -0.09 -8.78 22.56
C ALA B 32 0.44 -7.62 23.35
N SER B 33 1.53 -7.78 24.09
CA SER B 33 2.11 -6.67 24.83
C SER B 33 2.71 -5.59 23.90
N PRO B 34 2.93 -4.34 24.37
CA PRO B 34 3.61 -3.31 23.57
C PRO B 34 4.99 -3.74 23.08
N ALA B 35 5.80 -4.34 23.96
CA ALA B 35 7.11 -4.81 23.55
C ALA B 35 7.03 -5.85 22.46
N LEU B 36 6.08 -6.74 22.55
CA LEU B 36 5.91 -7.76 21.55
C LEU B 36 5.61 -7.13 20.17
N LEU B 37 4.75 -6.14 20.16
CA LEU B 37 4.43 -5.48 18.87
C LEU B 37 5.56 -4.62 18.33
N GLN B 38 6.27 -3.95 19.22
CA GLN B 38 7.48 -3.17 18.91
C GLN B 38 8.69 -3.94 18.30
N VAL B 39 8.84 -5.21 18.66
CA VAL B 39 9.70 -6.23 17.96
C VAL B 39 9.06 -6.76 16.67
N GLN B 40 7.77 -7.07 16.70
CA GLN B 40 7.18 -7.65 15.51
C GLN B 40 7.07 -6.60 14.37
N ILE B 41 6.84 -5.32 14.70
CA ILE B 41 6.73 -4.30 13.65
C ILE B 41 7.72 -3.25 14.08
N PRO B 42 8.98 -3.46 13.70
CA PRO B 42 10.01 -2.59 14.25
C PRO B 42 10.00 -1.22 13.55
N ALA B 43 10.43 -0.20 14.30
CA ALA B 43 10.60 1.12 13.73
C ALA B 43 11.92 1.17 12.94
N THR B 44 11.95 1.79 11.76
CA THR B 44 13.22 1.99 11.00
C THR B 44 13.93 3.22 11.63
N PRO B 45 15.25 3.30 11.50
CA PRO B 45 16.00 4.53 11.79
C PRO B 45 15.35 5.80 11.29
N THR B 46 14.83 5.77 10.08
CA THR B 46 14.14 6.90 9.47
C THR B 46 12.80 7.25 10.16
N SER B 47 12.04 6.24 10.54
CA SER B 47 10.84 6.44 11.37
C SER B 47 11.19 7.17 12.67
N LEU B 48 12.21 6.68 13.35
CA LEU B 48 12.53 7.15 14.67
C LEU B 48 13.11 8.55 14.66
N GLU B 49 13.81 8.90 13.59
CA GLU B 49 14.44 10.18 13.45
C GLU B 49 13.37 11.19 13.05
N THR B 50 12.45 10.74 12.20
CA THR B 50 11.34 11.52 11.72
C THR B 50 10.44 11.93 12.86
N ALA B 51 10.14 10.97 13.73
CA ALA B 51 9.37 11.26 14.95
C ALA B 51 10.05 12.31 15.80
N LYS B 52 11.32 12.11 16.14
CA LYS B 52 12.02 13.06 17.04
C LYS B 52 12.14 14.49 16.47
N ARG B 53 12.29 14.59 15.17
CA ARG B 53 12.35 15.86 14.45
C ARG B 53 10.98 16.61 14.43
N GLY B 54 9.91 15.86 14.28
CA GLY B 54 8.59 16.45 14.32
C GLY B 54 8.39 17.11 15.66
N ARG B 55 8.84 16.45 16.71
CA ARG B 55 8.72 16.94 18.10
C ARG B 55 9.49 18.22 18.28
N ARG B 56 10.78 18.22 17.93
CA ARG B 56 11.70 19.41 18.04
C ARG B 56 11.09 20.64 17.35
N GLU B 57 10.51 20.42 16.19
CA GLU B 57 10.01 21.47 15.33
C GLU B 57 8.74 22.07 15.91
N ALA B 58 7.83 21.16 16.25
CA ALA B 58 6.64 21.49 17.05
C ALA B 58 6.98 22.25 18.28
N ILE B 59 7.96 21.77 19.06
CA ILE B 59 8.36 22.46 20.30
C ILE B 59 8.77 23.88 19.96
N ASP B 60 9.64 24.07 18.98
CA ASP B 60 10.14 25.43 18.66
C ASP B 60 9.02 26.35 18.19
N ILE B 61 7.99 25.82 17.53
CA ILE B 61 6.91 26.64 17.04
C ILE B 61 5.93 27.10 18.16
N ILE B 62 5.57 26.20 19.07
CA ILE B 62 4.54 26.51 20.06
C ILE B 62 5.10 27.34 21.15
N THR B 63 6.42 27.23 21.36
CA THR B 63 7.07 28.10 22.36
C THR B 63 7.61 29.45 21.80
N GLY B 64 7.40 29.70 20.50
CA GLY B 64 7.78 30.94 19.84
C GLY B 64 9.22 31.10 19.28
N LYS B 65 10.00 30.05 19.25
CA LYS B 65 11.36 30.15 18.84
C LYS B 65 11.43 30.08 17.33
N ASP B 66 10.41 29.52 16.67
CA ASP B 66 10.36 29.44 15.18
C ASP B 66 9.07 30.14 14.81
N ASP B 67 9.07 30.85 13.68
CA ASP B 67 7.97 31.67 13.23
C ASP B 67 7.17 31.03 12.10
N ARG B 68 7.55 29.80 11.76
CA ARG B 68 6.67 28.96 10.94
C ARG B 68 5.47 28.52 11.73
N VAL B 69 4.47 28.10 11.00
CA VAL B 69 3.25 27.58 11.60
C VAL B 69 3.28 26.03 11.55
N LEU B 70 2.87 25.41 12.67
CA LEU B 70 2.68 23.97 12.79
C LEU B 70 1.34 23.60 12.20
N VAL B 71 1.36 22.60 11.31
CA VAL B 71 0.19 22.18 10.59
C VAL B 71 -0.06 20.68 10.78
N ILE B 72 -1.23 20.33 11.29
CA ILE B 72 -1.60 18.90 11.47
C ILE B 72 -2.67 18.71 10.48
N VAL B 73 -2.36 17.93 9.46
CA VAL B 73 -3.25 17.83 8.33
C VAL B 73 -3.26 16.40 7.79
N GLY B 74 -4.43 15.94 7.41
CA GLY B 74 -4.61 14.64 6.86
C GLY B 74 -5.97 14.20 7.19
N PRO B 75 -6.24 12.92 6.93
CA PRO B 75 -7.60 12.40 7.07
C PRO B 75 -8.22 12.51 8.47
N CYS B 76 -9.55 12.48 8.51
CA CYS B 76 -10.26 12.43 9.78
C CYS B 76 -9.82 11.20 10.50
N SER B 77 -9.81 10.08 9.76
CA SER B 77 -9.30 8.81 10.29
C SER B 77 -8.82 7.97 9.14
N ILE B 78 -8.06 6.94 9.47
CA ILE B 78 -7.41 6.12 8.45
C ILE B 78 -8.05 4.72 8.52
N HIS B 79 -8.92 4.43 7.54
CA HIS B 79 -9.45 3.11 7.32
C HIS B 79 -8.65 2.28 6.26
N ASP B 80 -7.78 2.90 5.49
CA ASP B 80 -7.18 2.30 4.30
C ASP B 80 -5.71 2.69 4.29
N LEU B 81 -4.83 1.76 4.63
CA LEU B 81 -3.39 2.06 4.74
C LEU B 81 -2.77 2.46 3.43
N GLU B 82 -3.30 1.92 2.35
CA GLU B 82 -2.74 2.13 1.02
C GLU B 82 -3.07 3.54 0.51
N ALA B 83 -4.34 3.94 0.64
CA ALA B 83 -4.79 5.31 0.35
C ALA B 83 -4.04 6.27 1.21
N ALA B 84 -3.79 5.90 2.46
CA ALA B 84 -3.07 6.78 3.36
C ALA B 84 -1.62 6.97 2.94
N GLN B 85 -0.98 5.92 2.42
CA GLN B 85 0.40 6.03 1.86
C GLN B 85 0.47 6.91 0.64
N GLU B 86 -0.53 6.80 -0.25
CA GLU B 86 -0.56 7.62 -1.46
C GLU B 86 -0.78 9.10 -1.06
N TYR B 87 -1.73 9.35 -0.15
CA TYR B 87 -1.88 10.70 0.46
C TYR B 87 -0.61 11.20 1.07
N ALA B 88 0.06 10.34 1.83
CA ALA B 88 1.23 10.80 2.54
C ALA B 88 2.27 11.26 1.56
N LEU B 89 2.44 10.56 0.46
CA LEU B 89 3.51 10.96 -0.46
C LEU B 89 3.27 12.35 -1.04
N ARG B 90 2.03 12.66 -1.35
CA ARG B 90 1.70 13.98 -1.87
C ARG B 90 2.03 15.02 -0.76
N LEU B 91 1.60 14.71 0.47
CA LEU B 91 1.79 15.59 1.63
C LEU B 91 3.23 15.81 1.85
N LYS B 92 4.02 14.77 1.74
CA LYS B 92 5.45 14.95 1.95
C LYS B 92 6.12 15.85 0.86
N LYS B 93 5.74 15.69 -0.40
CA LYS B 93 6.34 16.51 -1.48
C LYS B 93 5.93 17.96 -1.24
N LEU B 94 4.63 18.20 -1.03
CA LEU B 94 4.11 19.55 -0.65
C LEU B 94 4.85 20.11 0.54
N SER B 95 5.19 19.26 1.50
CA SER B 95 5.88 19.67 2.71
C SER B 95 7.31 20.11 2.45
N ASP B 96 7.94 19.46 1.48
CA ASP B 96 9.34 19.80 1.16
C ASP B 96 9.46 21.24 0.58
N GLU B 97 8.54 21.55 -0.35
CA GLU B 97 8.34 22.89 -0.97
C GLU B 97 8.00 24.04 0.02
N LEU B 98 7.13 23.72 0.99
CA LEU B 98 6.58 24.72 1.92
C LEU B 98 7.28 24.74 3.22
N LYS B 99 8.41 24.05 3.36
CA LYS B 99 9.06 23.94 4.67
C LYS B 99 9.71 25.20 5.22
N GLY B 100 10.02 26.18 4.36
CA GLY B 100 10.45 27.51 4.82
C GLY B 100 9.42 28.21 5.75
N ASP B 101 8.14 27.95 5.52
CA ASP B 101 7.02 28.62 6.18
C ASP B 101 6.12 27.73 7.15
N LEU B 102 5.94 26.46 6.81
CA LEU B 102 5.03 25.53 7.46
C LEU B 102 5.79 24.26 7.93
N SER B 103 5.57 23.82 9.20
CA SER B 103 6.02 22.48 9.67
C SER B 103 4.87 21.51 9.71
N ILE B 104 4.93 20.45 8.93
CA ILE B 104 3.76 19.69 8.60
C ILE B 104 3.84 18.30 9.23
N ILE B 105 2.73 17.97 9.90
CA ILE B 105 2.58 16.71 10.60
C ILE B 105 1.30 16.14 10.05
N MET B 106 1.33 14.91 9.63
CA MET B 106 0.11 14.26 9.11
C MET B 106 -0.79 13.73 10.18
N ARG B 107 -2.10 13.89 10.01
CA ARG B 107 -3.07 13.35 10.91
C ARG B 107 -3.07 11.85 10.70
N ALA B 108 -2.73 11.10 11.74
CA ALA B 108 -2.81 9.63 11.66
C ALA B 108 -3.72 9.14 12.78
N TYR B 109 -4.99 9.47 12.63
CA TYR B 109 -5.97 9.21 13.67
C TYR B 109 -6.72 7.92 13.30
N LEU B 110 -7.18 7.26 14.32
CA LEU B 110 -7.51 5.87 14.23
C LEU B 110 -9.03 5.70 14.33
N GLU B 111 -9.65 6.64 15.05
CA GLU B 111 -11.08 6.70 15.20
C GLU B 111 -11.57 8.17 15.23
N LYS B 112 -12.87 8.27 15.07
CA LYS B 112 -13.64 9.49 15.18
C LYS B 112 -14.44 9.32 16.45
N PRO B 113 -14.53 10.38 17.28
CA PRO B 113 -15.45 10.35 18.45
C PRO B 113 -16.84 9.65 18.18
N ARG B 114 -17.14 8.53 18.87
CA ARG B 114 -18.34 7.69 18.60
C ARG B 114 -19.73 8.38 18.80
N VAL B 117 -23.26 4.23 16.88
CA VAL B 117 -23.46 5.22 15.82
C VAL B 117 -22.95 4.73 14.40
N GLY B 118 -21.63 4.80 14.04
CA GLY B 118 -21.06 4.29 12.74
C GLY B 118 -19.67 3.51 12.81
N TRP B 119 -18.73 3.61 11.84
CA TRP B 119 -17.43 2.80 11.90
C TRP B 119 -16.63 3.00 13.17
N LYS B 120 -16.18 1.91 13.79
CA LYS B 120 -15.63 1.93 15.17
C LYS B 120 -14.10 2.17 15.26
N GLY B 121 -13.44 2.38 14.13
CA GLY B 121 -12.03 2.75 14.10
C GLY B 121 -11.13 1.58 13.78
N LEU B 122 -9.88 1.91 13.53
CA LEU B 122 -8.90 0.98 13.05
C LEU B 122 -8.41 0.05 14.11
N ILE B 123 -8.41 0.47 15.38
CA ILE B 123 -8.03 -0.43 16.47
C ILE B 123 -9.11 -1.49 16.65
N ASN B 124 -10.35 -1.04 16.80
CA ASN B 124 -11.45 -1.94 17.04
C ASN B 124 -11.75 -2.85 15.80
N ASP B 125 -11.89 -2.22 14.64
CA ASP B 125 -12.50 -2.88 13.44
C ASP B 125 -11.64 -2.57 12.26
N PRO B 126 -10.43 -3.09 12.25
CA PRO B 126 -9.50 -2.88 11.15
C PRO B 126 -9.91 -3.48 9.82
N ASP B 127 -10.80 -4.46 9.81
CA ASP B 127 -11.27 -5.00 8.50
C ASP B 127 -12.51 -4.27 7.96
N VAL B 128 -12.84 -3.17 8.61
CA VAL B 128 -13.99 -2.35 8.21
C VAL B 128 -15.23 -3.20 7.82
N ASN B 129 -15.60 -4.17 8.69
CA ASN B 129 -16.70 -5.13 8.45
C ASN B 129 -17.54 -5.35 9.70
N ASN B 130 -17.53 -4.32 10.51
CA ASN B 130 -18.19 -4.30 11.81
C ASN B 130 -17.97 -5.55 12.68
N THR B 131 -16.75 -6.07 12.70
CA THR B 131 -16.33 -7.05 13.71
C THR B 131 -15.23 -6.37 14.60
N PHE B 132 -14.76 -7.09 15.63
CA PHE B 132 -13.73 -6.61 16.51
C PHE B 132 -12.47 -7.51 16.43
N ASN B 133 -11.30 -6.88 16.49
CA ASN B 133 -10.02 -7.52 16.41
C ASN B 133 -9.00 -6.48 16.81
N ILE B 134 -8.88 -6.25 18.13
CA ILE B 134 -8.16 -5.14 18.69
C ILE B 134 -6.65 -5.41 18.46
N ASN B 135 -6.29 -6.68 18.52
CA ASN B 135 -4.92 -7.08 18.26
C ASN B 135 -4.47 -6.81 16.86
N LYS B 136 -5.28 -7.22 15.91
CA LYS B 136 -4.95 -6.92 14.52
C LYS B 136 -5.02 -5.38 14.29
N GLY B 137 -5.89 -4.71 15.03
CA GLY B 137 -6.07 -3.28 15.01
C GLY B 137 -4.82 -2.56 15.45
N LEU B 138 -4.24 -3.04 16.57
CA LEU B 138 -3.07 -2.38 17.06
C LEU B 138 -1.92 -2.63 16.08
N GLN B 139 -1.85 -3.79 15.48
CA GLN B 139 -0.87 -4.09 14.44
C GLN B 139 -1.04 -3.21 13.25
N SER B 140 -2.26 -3.09 12.73
CA SER B 140 -2.51 -2.18 11.61
C SER B 140 -2.10 -0.77 11.92
N ALA B 141 -2.43 -0.31 13.14
CA ALA B 141 -2.10 1.07 13.57
C ALA B 141 -0.62 1.30 13.62
N ARG B 142 0.08 0.35 14.25
CA ARG B 142 1.53 0.42 14.30
C ARG B 142 2.18 0.32 12.93
N GLN B 143 1.65 -0.53 12.07
CA GLN B 143 2.20 -0.67 10.73
C GLN B 143 1.99 0.60 9.94
N LEU B 144 0.76 1.12 9.97
CA LEU B 144 0.48 2.46 9.49
C LEU B 144 1.47 3.51 9.95
N PHE B 145 1.72 3.59 11.24
CA PHE B 145 2.47 4.69 11.73
C PHE B 145 3.92 4.57 11.22
N VAL B 146 4.46 3.35 11.25
CA VAL B 146 5.77 3.06 10.69
C VAL B 146 5.80 3.35 9.23
N ASN B 147 4.83 2.90 8.44
CA ASN B 147 4.78 3.15 7.00
C ASN B 147 4.94 4.63 6.68
N LEU B 148 4.18 5.46 7.43
CA LEU B 148 4.13 6.93 7.21
C LEU B 148 5.44 7.56 7.67
N THR B 149 5.86 7.29 8.88
CA THR B 149 7.06 7.94 9.36
C THR B 149 8.32 7.55 8.54
N ASN B 150 8.29 6.36 7.97
CA ASN B 150 9.45 5.84 7.27
C ASN B 150 9.81 6.66 5.98
N ILE B 151 8.81 7.30 5.33
CA ILE B 151 9.06 8.21 4.19
C ILE B 151 9.47 9.62 4.64
N GLY B 152 9.65 9.77 5.94
CA GLY B 152 10.15 11.01 6.50
C GLY B 152 9.07 12.01 6.83
N LEU B 153 7.81 11.56 7.00
CA LEU B 153 6.70 12.43 7.38
C LEU B 153 6.24 12.25 8.87
N PRO B 154 6.36 13.28 9.71
CA PRO B 154 5.93 13.13 11.13
C PRO B 154 4.45 12.95 11.24
N ILE B 155 4.00 12.26 12.30
CA ILE B 155 2.59 11.95 12.45
C ILE B 155 2.00 12.38 13.78
N GLY B 156 0.69 12.56 13.78
CA GLY B 156 0.01 12.96 14.97
C GLY B 156 -1.20 12.11 15.16
N SER B 157 -1.62 11.90 16.41
CA SER B 157 -2.78 11.08 16.63
C SER B 157 -3.44 11.46 17.96
N GLU B 158 -4.69 11.04 18.15
CA GLU B 158 -5.32 11.16 19.41
C GLU B 158 -4.83 10.16 20.47
N MET B 159 -4.67 10.64 21.69
CA MET B 159 -4.31 9.85 22.83
C MET B 159 -5.60 9.41 23.52
N LEU B 160 -5.96 8.17 23.24
CA LEU B 160 -7.27 7.60 23.53
C LEU B 160 -7.42 7.07 24.95
N ASP B 161 -6.36 6.55 25.54
CA ASP B 161 -6.44 5.88 26.84
C ASP B 161 -5.04 5.64 27.26
N THR B 162 -4.85 5.05 28.41
CA THR B 162 -3.46 4.87 28.93
C THR B 162 -2.69 3.70 28.37
N ILE B 163 -3.35 2.87 27.57
CA ILE B 163 -2.77 1.62 27.13
C ILE B 163 -2.28 1.70 25.69
N SER B 164 -3.16 2.09 24.77
CA SER B 164 -2.77 2.11 23.34
C SER B 164 -1.52 2.97 23.00
N PRO B 165 -1.26 4.09 23.69
CA PRO B 165 -0.09 4.88 23.35
C PRO B 165 1.25 4.16 23.55
N GLN B 166 1.27 3.28 24.55
CA GLN B 166 2.42 2.41 24.75
C GLN B 166 2.80 1.56 23.58
N TYR B 167 1.88 1.33 22.64
CA TYR B 167 2.14 0.59 21.45
C TYR B 167 2.73 1.45 20.34
N LEU B 168 2.68 2.77 20.48
CA LEU B 168 2.81 3.64 19.35
C LEU B 168 3.70 4.80 19.63
N ALA B 169 4.05 5.02 20.88
CA ALA B 169 4.56 6.36 21.29
C ALA B 169 5.91 6.74 20.62
N ASP B 170 6.69 5.74 20.26
CA ASP B 170 8.02 5.89 19.65
C ASP B 170 7.96 6.56 18.31
N LEU B 171 6.77 6.50 17.70
CA LEU B 171 6.52 6.99 16.35
C LEU B 171 5.81 8.35 16.22
N VAL B 172 5.38 8.91 17.34
CA VAL B 172 4.41 10.01 17.31
C VAL B 172 5.08 11.32 17.60
N SER B 173 4.75 12.37 16.86
CA SER B 173 5.38 13.67 17.08
C SER B 173 4.43 14.62 17.83
N PHE B 174 3.12 14.33 17.72
CA PHE B 174 2.07 15.14 18.27
C PHE B 174 0.94 14.26 18.78
N GLY B 175 0.46 14.59 19.97
CA GLY B 175 -0.67 13.90 20.59
C GLY B 175 -1.81 14.92 20.86
N ALA B 176 -3.05 14.53 20.60
CA ALA B 176 -4.24 15.33 20.77
C ALA B 176 -5.11 14.68 21.83
N ILE B 177 -5.72 15.50 22.69
CA ILE B 177 -6.79 15.07 23.57
C ILE B 177 -8.11 15.78 23.05
N GLY B 178 -9.09 15.00 22.65
CA GLY B 178 -10.29 15.51 21.99
C GLY B 178 -11.11 16.27 22.99
N ALA B 179 -12.01 17.05 22.47
CA ALA B 179 -12.97 17.86 23.21
C ALA B 179 -13.63 17.08 24.27
N ARG B 180 -13.87 15.81 24.02
CA ARG B 180 -14.68 14.99 24.91
C ARG B 180 -13.89 14.46 26.10
N THR B 181 -12.54 14.57 26.05
CA THR B 181 -11.72 14.13 27.18
C THR B 181 -10.82 15.20 27.82
N THR B 182 -10.84 16.44 27.34
CA THR B 182 -10.04 17.54 27.94
C THR B 182 -10.27 17.70 29.41
N GLU B 183 -11.51 17.43 29.84
CA GLU B 183 -11.86 17.50 31.25
C GLU B 183 -11.43 16.30 32.05
N SER B 184 -11.06 15.19 31.41
CA SER B 184 -10.84 13.94 32.08
C SER B 184 -9.48 13.87 32.81
N GLN B 185 -9.52 13.65 34.09
CA GLN B 185 -8.35 13.60 34.96
C GLN B 185 -7.28 12.67 34.42
N LEU B 186 -7.71 11.50 34.02
CA LEU B 186 -6.86 10.44 33.54
C LEU B 186 -6.13 10.80 32.25
N HIS B 187 -6.81 11.53 31.36
CA HIS B 187 -6.16 11.95 30.12
C HIS B 187 -5.22 13.10 30.41
N ARG B 188 -5.56 13.94 31.40
CA ARG B 188 -4.60 15.02 31.81
C ARG B 188 -3.29 14.38 32.46
N GLU B 189 -3.43 13.38 33.31
CA GLU B 189 -2.31 12.63 33.93
C GLU B 189 -1.49 11.95 32.86
N LEU B 190 -2.20 11.39 31.89
CA LEU B 190 -1.49 10.70 30.85
C LEU B 190 -0.60 11.66 30.03
N ALA B 191 -1.20 12.81 29.67
CA ALA B 191 -0.55 13.81 28.84
C ALA B 191 0.79 14.29 29.49
N SER B 192 0.78 14.38 30.82
CA SER B 192 1.89 14.70 31.68
C SER B 192 3.07 13.71 31.62
N GLY B 193 2.89 12.47 31.12
CA GLY B 193 4.00 11.53 30.93
C GLY B 193 4.30 11.19 29.49
N LEU B 194 3.73 11.90 28.52
CA LEU B 194 3.98 11.58 27.10
C LEU B 194 5.23 12.25 26.57
N SER B 195 5.88 11.63 25.61
CA SER B 195 7.18 12.12 25.08
C SER B 195 7.12 13.15 24.02
N PHE B 196 6.01 13.87 23.93
CA PHE B 196 5.78 14.82 22.88
C PHE B 196 4.76 15.88 23.31
N PRO B 197 4.64 16.90 22.51
CA PRO B 197 3.60 17.92 22.69
C PRO B 197 2.19 17.36 22.51
N VAL B 198 1.29 17.87 23.34
CA VAL B 198 -0.08 17.46 23.40
C VAL B 198 -0.93 18.73 23.23
N GLY B 199 -1.85 18.68 22.30
CA GLY B 199 -2.87 19.71 22.19
C GLY B 199 -4.17 19.29 22.89
N PHE B 200 -4.70 20.11 23.77
CA PHE B 200 -6.00 19.92 24.35
C PHE B 200 -7.05 20.72 23.66
N LYS B 201 -8.12 20.04 23.17
CA LYS B 201 -9.23 20.78 22.63
C LYS B 201 -10.15 21.42 23.66
N ASN B 202 -10.70 22.55 23.24
CA ASN B 202 -11.69 23.25 24.01
C ASN B 202 -12.94 22.37 24.11
N GLY B 203 -13.68 22.56 25.17
CA GLY B 203 -14.84 21.78 25.46
C GLY B 203 -15.88 21.79 24.34
N THR B 204 -16.72 20.75 24.35
CA THR B 204 -17.77 20.68 23.35
C THR B 204 -18.78 21.86 23.43
N ASP B 205 -18.94 22.45 24.60
CA ASP B 205 -19.74 23.67 24.79
C ASP B 205 -19.09 24.90 24.17
N GLY B 206 -17.80 24.86 23.83
CA GLY B 206 -17.15 25.89 23.03
C GLY B 206 -16.35 26.90 23.82
N THR B 207 -16.24 26.60 25.12
CA THR B 207 -15.36 27.27 26.03
C THR B 207 -14.01 26.55 26.30
N LEU B 208 -13.05 27.41 26.66
CA LEU B 208 -11.68 26.96 26.70
C LEU B 208 -11.01 26.85 28.01
N ASN B 209 -11.69 27.32 29.05
CA ASN B 209 -11.27 27.26 30.43
C ASN B 209 -10.82 25.80 30.74
N VAL B 210 -11.60 24.80 30.27
CA VAL B 210 -11.22 23.37 30.37
C VAL B 210 -9.91 22.97 29.72
N ALA B 211 -9.57 23.56 28.57
CA ALA B 211 -8.29 23.31 27.97
C ALA B 211 -7.14 24.04 28.63
N VAL B 212 -7.38 25.24 29.16
CA VAL B 212 -6.36 25.97 29.94
C VAL B 212 -6.05 25.17 31.20
N ASP B 213 -7.09 24.77 31.95
CA ASP B 213 -6.88 23.90 33.13
C ASP B 213 -6.18 22.58 32.81
N ALA B 214 -6.42 22.01 31.62
CA ALA B 214 -5.77 20.74 31.27
C ALA B 214 -4.28 20.94 31.10
N CYS B 215 -3.94 22.03 30.42
CA CYS B 215 -2.54 22.38 30.23
C CYS B 215 -1.83 22.56 31.51
N GLN B 216 -2.40 23.31 32.43
CA GLN B 216 -1.79 23.50 33.74
C GLN B 216 -1.59 22.21 34.48
N ALA B 217 -2.63 21.40 34.57
CA ALA B 217 -2.59 20.11 35.22
C ALA B 217 -1.50 19.28 34.64
N ALA B 218 -1.50 19.18 33.30
CA ALA B 218 -0.61 18.28 32.61
C ALA B 218 0.88 18.67 32.82
N ALA B 219 1.13 19.90 33.19
CA ALA B 219 2.49 20.42 33.40
C ALA B 219 3.19 19.87 34.65
N HIS B 220 2.42 19.24 35.52
CA HIS B 220 2.87 18.68 36.79
C HIS B 220 3.02 17.15 36.74
N SER B 221 3.73 16.61 37.72
CA SER B 221 3.99 15.19 37.84
C SER B 221 2.74 14.58 38.41
N HIS B 222 2.32 13.41 37.92
CA HIS B 222 1.22 12.68 38.44
C HIS B 222 1.63 11.22 38.57
N HIS B 223 0.72 10.45 39.10
CA HIS B 223 0.83 8.98 39.20
C HIS B 223 -0.47 8.48 38.57
N PHE B 224 -0.42 7.60 37.57
CA PHE B 224 -1.62 6.98 36.99
C PHE B 224 -1.32 5.49 36.76
N MET B 225 -2.38 4.73 36.61
CA MET B 225 -2.32 3.33 36.22
C MET B 225 -2.12 3.11 34.73
N GLY B 226 -0.90 2.77 34.41
CA GLY B 226 -0.51 2.55 33.06
C GLY B 226 -0.22 1.10 32.91
N VAL B 227 0.39 0.79 31.80
CA VAL B 227 0.93 -0.53 31.52
C VAL B 227 2.41 -0.47 31.18
N THR B 228 3.16 -1.47 31.56
CA THR B 228 4.56 -1.57 31.21
C THR B 228 4.62 -2.13 29.83
N LYS B 229 5.81 -2.15 29.27
CA LYS B 229 6.04 -2.64 27.92
C LYS B 229 5.70 -4.13 27.81
N HIS B 230 5.76 -4.83 28.93
CA HIS B 230 5.40 -6.26 28.93
C HIS B 230 3.94 -6.49 29.22
N GLY B 231 3.13 -5.40 29.33
CA GLY B 231 1.68 -5.55 29.31
C GLY B 231 1.05 -5.74 30.67
N VAL B 232 1.80 -5.35 31.72
CA VAL B 232 1.35 -5.44 33.11
C VAL B 232 0.98 -4.02 33.64
N ALA B 233 -0.12 -3.94 34.38
CA ALA B 233 -0.50 -2.70 35.04
C ALA B 233 0.50 -2.42 36.15
N ALA B 234 0.89 -1.16 36.19
CA ALA B 234 1.92 -0.63 37.10
C ALA B 234 1.59 0.84 37.40
N ILE B 235 2.05 1.28 38.55
CA ILE B 235 2.02 2.69 38.91
C ILE B 235 3.09 3.47 38.14
N THR B 236 2.62 4.45 37.40
CA THR B 236 3.41 5.20 36.45
C THR B 236 3.53 6.63 36.96
N THR B 237 4.74 7.06 37.26
CA THR B 237 5.06 8.39 37.77
C THR B 237 5.56 9.20 36.63
N THR B 238 5.00 10.40 36.47
CA THR B 238 5.33 11.24 35.35
C THR B 238 6.13 12.45 35.82
N LYS B 239 6.79 13.06 34.85
CA LYS B 239 7.60 14.25 35.02
C LYS B 239 6.85 15.58 34.90
N GLY B 240 5.74 15.58 34.16
CA GLY B 240 5.05 16.81 33.79
C GLY B 240 5.43 17.25 32.38
N ASN B 241 4.49 17.84 31.60
CA ASN B 241 4.72 18.14 30.21
C ASN B 241 4.57 19.66 29.96
N GLU B 242 5.64 20.31 29.52
CA GLU B 242 5.65 21.76 29.34
C GLU B 242 5.21 22.14 27.95
N HIS B 243 4.89 21.15 27.14
CA HIS B 243 4.64 21.42 25.75
C HIS B 243 3.15 21.15 25.40
N CYS B 244 2.25 21.50 26.31
CA CYS B 244 0.82 21.30 26.04
C CYS B 244 0.29 22.61 25.56
N PHE B 245 -0.72 22.56 24.71
CA PHE B 245 -1.31 23.77 24.27
C PHE B 245 -2.79 23.53 24.01
N VAL B 246 -3.50 24.61 23.75
CA VAL B 246 -4.94 24.65 23.51
C VAL B 246 -5.22 24.68 22.02
N ILE B 247 -6.26 23.98 21.65
CA ILE B 247 -6.73 23.89 20.29
C ILE B 247 -8.17 24.38 20.23
N LEU B 248 -8.39 25.39 19.37
CA LEU B 248 -9.69 25.95 19.16
C LEU B 248 -10.46 25.27 18.05
N ARG B 249 -11.64 24.77 18.40
CA ARG B 249 -12.36 23.85 17.55
C ARG B 249 -13.88 24.13 17.52
N GLY B 250 -14.29 25.31 17.95
CA GLY B 250 -15.73 25.61 17.98
C GLY B 250 -16.50 24.93 19.08
N GLY B 251 -17.80 25.00 18.90
CA GLY B 251 -18.80 24.24 19.66
C GLY B 251 -20.10 25.05 19.82
N LYS B 252 -20.81 24.76 20.92
CA LYS B 252 -21.93 25.56 21.34
C LYS B 252 -21.37 26.90 21.81
N GLY B 254 -20.46 29.28 19.78
CA GLY B 254 -20.35 29.10 18.32
C GLY B 254 -18.95 28.84 17.79
N THR B 255 -18.67 29.17 16.54
CA THR B 255 -17.28 29.07 15.99
C THR B 255 -16.36 30.01 16.69
N ASN B 256 -15.06 29.72 16.70
CA ASN B 256 -14.14 30.47 17.51
C ASN B 256 -12.74 30.73 16.90
N TYR B 257 -12.70 30.97 15.59
CA TYR B 257 -11.49 31.20 14.84
C TYR B 257 -11.29 32.71 14.43
N ASP B 258 -12.31 33.49 14.65
CA ASP B 258 -12.30 34.92 14.38
C ASP B 258 -11.55 35.78 15.42
N ALA B 259 -11.22 37.01 15.05
CA ALA B 259 -10.23 37.79 15.80
C ALA B 259 -10.71 38.10 17.20
N LYS B 260 -12.01 38.30 17.36
CA LYS B 260 -12.60 38.57 18.68
C LYS B 260 -12.46 37.34 19.55
N SER B 261 -12.86 36.17 19.00
CA SER B 261 -12.72 34.87 19.72
C SER B 261 -11.26 34.57 20.10
N VAL B 262 -10.36 34.76 19.17
CA VAL B 262 -8.92 34.65 19.42
C VAL B 262 -8.39 35.61 20.49
N ALA B 263 -8.90 36.84 20.47
CA ALA B 263 -8.55 37.79 21.51
C ALA B 263 -9.01 37.32 22.87
N GLU B 264 -10.21 36.79 22.94
CA GLU B 264 -10.70 36.29 24.26
C GLU B 264 -9.97 35.07 24.72
N ALA B 265 -9.52 34.27 23.79
CA ALA B 265 -8.76 33.07 24.09
C ALA B 265 -7.43 33.46 24.66
N LYS B 266 -6.66 34.28 23.93
CA LYS B 266 -5.43 34.86 24.49
C LYS B 266 -5.63 35.50 25.87
N ALA B 267 -6.75 36.17 26.10
CA ALA B 267 -7.01 36.77 27.43
C ALA B 267 -7.11 35.74 28.54
N GLN B 268 -7.43 34.48 28.21
CA GLN B 268 -7.48 33.42 29.21
C GLN B 268 -6.19 32.69 29.46
N LEU B 269 -5.15 32.86 28.65
CA LEU B 269 -3.90 32.09 28.82
C LEU B 269 -2.99 32.78 29.82
N PRO B 270 -2.52 32.08 30.82
CA PRO B 270 -1.56 32.70 31.76
C PRO B 270 -0.27 33.00 31.07
N ALA B 271 0.54 33.90 31.64
CA ALA B 271 1.90 34.15 31.14
C ALA B 271 2.66 32.88 31.03
N GLY B 272 3.51 32.78 29.99
CA GLY B 272 4.32 31.59 29.78
C GLY B 272 3.54 30.46 29.08
N SER B 273 2.43 30.83 28.43
CA SER B 273 1.63 29.85 27.71
C SER B 273 2.26 29.56 26.35
N ASN B 274 2.00 28.36 25.90
CA ASN B 274 2.30 27.99 24.55
C ASN B 274 1.27 28.62 23.61
N GLY B 275 1.64 28.75 22.35
CA GLY B 275 0.76 29.30 21.35
C GLY B 275 -0.50 28.44 21.13
N LEU B 276 -1.51 29.06 20.55
CA LEU B 276 -2.77 28.47 20.24
C LEU B 276 -2.71 27.76 18.91
N MET B 277 -3.54 26.71 18.76
CA MET B 277 -3.73 26.02 17.49
C MET B 277 -5.19 26.18 17.18
N ILE B 278 -5.47 26.36 15.90
CA ILE B 278 -6.83 26.39 15.44
C ILE B 278 -7.18 25.25 14.52
N ASP B 279 -8.25 24.52 14.85
CA ASP B 279 -8.84 23.52 14.02
C ASP B 279 -9.84 24.15 13.05
N TYR B 280 -9.62 23.94 11.76
CA TYR B 280 -10.52 24.42 10.69
C TYR B 280 -11.77 23.62 10.55
N SER B 281 -11.71 22.39 11.03
CA SER B 281 -12.80 21.47 10.98
C SER B 281 -13.65 21.41 12.20
N HIS B 282 -14.44 20.37 12.24
CA HIS B 282 -15.29 20.08 13.38
C HIS B 282 -16.27 21.23 13.72
N GLY B 283 -16.29 21.67 14.97
CA GLY B 283 -17.17 22.78 15.38
C GLY B 283 -16.87 24.07 14.60
N ASN B 284 -15.60 24.28 14.22
CA ASN B 284 -15.24 25.45 13.40
C ASN B 284 -15.78 25.48 11.97
N SER B 285 -16.16 24.34 11.40
CA SER B 285 -16.66 24.41 10.03
C SER B 285 -18.15 24.17 9.96
N ASN B 286 -18.79 24.07 11.13
CA ASN B 286 -20.20 23.66 11.35
C ASN B 286 -20.92 22.87 10.22
N LYS B 287 -20.80 21.56 10.33
CA LYS B 287 -21.48 20.59 9.49
C LYS B 287 -21.25 20.79 7.96
N ASP B 288 -20.16 21.45 7.58
CA ASP B 288 -19.84 21.58 6.17
C ASP B 288 -18.34 21.69 5.96
N PHE B 289 -17.75 20.62 5.46
CA PHE B 289 -16.30 20.59 5.20
C PHE B 289 -15.78 21.70 4.26
N ARG B 290 -16.68 22.23 3.43
CA ARG B 290 -16.40 23.32 2.48
C ARG B 290 -16.04 24.59 3.19
N ASN B 291 -16.51 24.70 4.41
CA ASN B 291 -16.12 25.80 5.28
C ASN B 291 -14.71 25.79 5.75
N GLN B 292 -13.90 24.74 5.54
CA GLN B 292 -12.48 24.77 5.99
C GLN B 292 -11.60 25.86 5.34
N PRO B 293 -11.69 25.98 4.02
CA PRO B 293 -10.97 27.05 3.32
C PRO B 293 -11.42 28.49 3.73
N LYS B 294 -12.63 28.66 4.22
CA LYS B 294 -13.07 29.97 4.69
C LYS B 294 -12.50 30.28 6.08
N VAL B 295 -12.38 29.23 6.92
CA VAL B 295 -11.69 29.31 8.16
C VAL B 295 -10.21 29.69 7.86
N ASN B 296 -9.54 29.01 6.94
CA ASN B 296 -8.20 29.39 6.54
C ASN B 296 -8.10 30.88 6.15
N ASP B 297 -9.00 31.39 5.29
CA ASP B 297 -8.96 32.83 4.86
C ASP B 297 -8.88 33.77 6.10
N VAL B 298 -9.81 33.58 7.04
CA VAL B 298 -9.88 34.31 8.30
C VAL B 298 -8.64 34.13 9.16
N VAL B 299 -8.10 32.91 9.22
CA VAL B 299 -6.94 32.70 10.04
C VAL B 299 -5.69 33.32 9.39
N CYS B 300 -5.49 33.09 8.10
CA CYS B 300 -4.46 33.83 7.33
C CYS B 300 -4.51 35.36 7.48
N GLU B 301 -5.70 36.00 7.45
CA GLU B 301 -5.79 37.50 7.54
C GLU B 301 -5.11 37.90 8.91
N GLN B 302 -5.32 37.13 9.99
CA GLN B 302 -4.83 37.47 11.30
C GLN B 302 -3.37 37.25 11.35
N ILE B 303 -2.93 36.13 10.81
CA ILE B 303 -1.53 35.81 10.84
C ILE B 303 -0.69 36.84 10.01
N ALA B 304 -1.10 37.10 8.76
CA ALA B 304 -0.57 38.16 7.89
C ALA B 304 -0.40 39.52 8.63
N ASN B 305 -1.48 39.97 9.29
CA ASN B 305 -1.54 41.21 10.12
C ASN B 305 -0.70 41.25 11.40
N GLY B 306 -0.03 40.15 11.71
CA GLY B 306 0.94 40.13 12.80
C GLY B 306 0.53 39.31 14.03
N GLU B 307 -0.49 38.45 13.90
CA GLU B 307 -0.93 37.61 15.03
C GLU B 307 0.06 36.49 15.24
N ASN B 308 0.90 36.64 16.25
CA ASN B 308 1.99 35.72 16.58
C ASN B 308 1.58 34.56 17.55
N ALA B 309 0.40 34.73 18.14
CA ALA B 309 -0.18 33.74 19.07
C ALA B 309 -0.84 32.55 18.38
N ILE B 310 -1.17 32.72 17.11
CA ILE B 310 -1.60 31.61 16.29
C ILE B 310 -0.35 30.90 15.78
N THR B 311 0.01 29.78 16.39
CA THR B 311 1.20 29.02 16.02
C THR B 311 0.89 27.71 15.35
N GLY B 312 -0.36 27.26 15.34
CA GLY B 312 -0.71 25.98 14.72
C GLY B 312 -2.05 25.96 14.07
N VAL B 313 -2.25 25.02 13.13
CA VAL B 313 -3.57 24.77 12.63
C VAL B 313 -3.80 23.26 12.41
N MET B 314 -5.08 22.90 12.38
CA MET B 314 -5.47 21.54 12.08
C MET B 314 -6.50 21.51 10.97
N ILE B 315 -6.28 20.56 10.06
CA ILE B 315 -7.07 20.42 8.86
C ILE B 315 -7.40 18.96 8.53
N GLU B 316 -8.68 18.71 8.26
CA GLU B 316 -9.12 17.41 7.83
C GLU B 316 -9.19 17.44 6.27
N SER B 317 -8.17 16.76 5.70
CA SER B 317 -7.87 16.65 4.27
C SER B 317 -7.69 15.16 3.89
N ASN B 318 -8.27 14.80 2.75
CA ASN B 318 -8.09 13.50 2.07
C ASN B 318 -7.74 13.72 0.56
N ILE B 319 -7.54 12.59 -0.18
CA ILE B 319 -7.27 12.58 -1.61
C ILE B 319 -8.46 13.17 -2.35
N ASN B 320 -9.64 12.70 -1.96
CA ASN B 320 -10.91 13.14 -2.49
C ASN B 320 -11.81 13.58 -1.37
N GLU B 321 -12.69 14.48 -1.72
CA GLU B 321 -13.41 15.27 -0.77
C GLU B 321 -14.65 14.57 -0.24
N GLY B 322 -15.19 15.10 0.84
CA GLY B 322 -16.45 14.59 1.34
C GLY B 322 -16.23 13.40 2.27
N ASN B 323 -17.33 12.68 2.51
CA ASN B 323 -17.33 11.36 3.14
C ASN B 323 -18.40 10.38 2.54
N GLN B 324 -18.43 9.16 3.05
CA GLN B 324 -19.36 8.12 2.57
C GLN B 324 -19.67 7.20 3.72
N GLY B 325 -20.86 6.60 3.66
CA GLY B 325 -21.25 5.52 4.55
C GLY B 325 -20.63 4.22 4.06
N ILE B 326 -20.62 3.19 4.90
CA ILE B 326 -20.16 1.87 4.46
C ILE B 326 -21.39 1.10 3.92
N PRO B 327 -21.36 0.68 2.65
CA PRO B 327 -22.56 0.17 1.95
C PRO B 327 -22.73 -1.33 2.21
N ALA B 328 -23.81 -2.00 1.74
CA ALA B 328 -24.08 -3.42 2.08
C ALA B 328 -22.82 -4.26 1.80
N GLU B 329 -22.35 -4.20 0.55
CA GLU B 329 -20.97 -4.64 0.21
C GLU B 329 -19.98 -4.13 1.30
N GLY B 330 -19.02 -4.95 1.74
CA GLY B 330 -18.13 -4.54 2.84
C GLY B 330 -17.14 -3.38 2.54
N LYS B 331 -15.91 -3.56 3.06
CA LYS B 331 -14.73 -2.71 2.76
C LYS B 331 -14.56 -2.42 1.21
N ALA B 332 -15.42 -3.00 0.38
CA ALA B 332 -15.34 -2.87 -1.08
C ALA B 332 -16.64 -2.34 -1.63
N LEU B 334 -16.98 0.81 -1.66
CA LEU B 334 -16.20 1.92 -1.04
C LEU B 334 -15.31 2.71 -1.98
N LYS B 335 -15.59 4.02 -2.09
CA LYS B 335 -14.80 4.90 -2.97
C LYS B 335 -13.41 5.06 -2.41
N TYR B 336 -12.41 4.96 -3.26
CA TYR B 336 -11.04 5.16 -2.86
C TYR B 336 -10.77 6.64 -2.46
N GLY B 337 -10.00 6.83 -1.38
CA GLY B 337 -9.51 8.14 -0.93
C GLY B 337 -10.57 9.07 -0.43
N VAL B 338 -11.68 8.49 -0.03
CA VAL B 338 -12.80 9.20 0.57
C VAL B 338 -13.08 8.67 1.99
N SER B 339 -13.28 9.62 2.89
CA SER B 339 -13.35 9.40 4.32
C SER B 339 -14.61 8.60 4.67
N ILE B 340 -14.54 7.66 5.60
CA ILE B 340 -15.79 7.09 6.15
C ILE B 340 -16.19 7.64 7.51
N THR B 341 -15.47 8.65 7.97
CA THR B 341 -15.92 9.34 9.20
C THR B 341 -16.25 10.78 8.80
N ASP B 342 -15.55 11.80 9.28
CA ASP B 342 -15.83 13.21 8.96
C ASP B 342 -15.44 13.54 7.49
N ALA B 343 -16.24 14.43 6.89
CA ALA B 343 -15.88 15.04 5.61
C ALA B 343 -14.61 15.86 5.59
N CYS B 344 -13.77 15.56 4.60
CA CYS B 344 -12.51 16.20 4.37
C CYS B 344 -12.55 17.14 3.16
N ILE B 345 -11.74 18.18 3.16
CA ILE B 345 -11.44 18.84 1.89
C ILE B 345 -10.53 17.89 1.12
N GLY B 346 -10.60 17.95 -0.21
CA GLY B 346 -9.86 17.11 -1.12
C GLY B 346 -8.47 17.62 -1.32
N TRP B 347 -7.68 16.88 -2.08
CA TRP B 347 -6.26 17.16 -2.17
C TRP B 347 -5.94 18.53 -2.76
N GLU B 348 -6.70 18.94 -3.79
CA GLU B 348 -6.28 20.13 -4.55
C GLU B 348 -6.67 21.38 -3.68
N THR B 349 -7.82 21.32 -3.04
CA THR B 349 -8.19 22.35 -2.10
C THR B 349 -7.17 22.54 -1.00
N THR B 350 -6.66 21.41 -0.46
CA THR B 350 -5.57 21.36 0.55
C THR B 350 -4.31 22.06 0.10
N GLU B 351 -3.98 21.85 -1.18
CA GLU B 351 -2.81 22.54 -1.76
C GLU B 351 -2.96 24.07 -1.72
N ASP B 352 -4.10 24.54 -2.18
CA ASP B 352 -4.42 25.95 -2.25
C ASP B 352 -4.35 26.48 -0.85
N VAL B 353 -5.06 25.77 0.04
CA VAL B 353 -5.21 26.15 1.46
C VAL B 353 -3.84 26.29 2.11
N LEU B 354 -2.92 25.39 1.81
CA LEU B 354 -1.62 25.40 2.50
C LEU B 354 -0.62 26.39 1.92
N ARG B 355 -0.68 26.56 0.59
CA ARG B 355 0.09 27.61 -0.09
C ARG B 355 -0.31 29.00 0.47
N LYS B 356 -1.60 29.26 0.55
CA LYS B 356 -2.09 30.52 1.07
C LYS B 356 -1.67 30.74 2.52
N LEU B 357 -1.50 29.67 3.31
CA LEU B 357 -1.08 29.82 4.70
C LEU B 357 0.38 30.11 4.77
N ALA B 358 1.12 29.51 3.88
CA ALA B 358 2.55 29.76 3.91
C ALA B 358 2.84 31.24 3.55
N ALA B 359 2.06 31.81 2.63
CA ALA B 359 2.13 33.25 2.23
C ALA B 359 1.86 34.21 3.40
N ALA B 360 0.83 33.87 4.17
CA ALA B 360 0.52 34.51 5.46
C ALA B 360 1.66 34.47 6.42
N VAL B 361 2.26 33.31 6.53
CA VAL B 361 3.42 33.15 7.35
C VAL B 361 4.55 34.12 6.99
N ARG B 362 4.90 34.17 5.71
CA ARG B 362 5.96 35.06 5.17
C ARG B 362 5.59 36.53 5.40
N GLN B 363 4.38 36.90 5.06
CA GLN B 363 3.85 38.25 5.35
C GLN B 363 3.93 38.61 6.85
N ARG B 364 3.66 37.66 7.77
CA ARG B 364 3.72 37.96 9.22
C ARG B 364 5.14 38.28 9.58
N ARG B 365 6.07 37.52 9.03
CA ARG B 365 7.50 37.80 9.12
C ARG B 365 7.90 39.31 8.88
N GLU B 366 7.35 39.88 7.82
CA GLU B 366 7.62 41.26 7.41
C GLU B 366 6.90 42.27 8.34
N VAL B 367 5.74 41.92 8.90
CA VAL B 367 5.10 42.78 9.89
C VAL B 367 5.97 42.74 11.17
N ASN B 368 6.59 41.61 11.41
CA ASN B 368 7.35 41.42 12.63
C ASN B 368 8.70 42.15 12.56
N GLY C 18 -15.31 -28.78 22.74
CA GLY C 18 -14.25 -27.78 23.03
C GLY C 18 -12.95 -28.45 23.55
N ALA C 19 -11.97 -27.62 23.86
CA ALA C 19 -10.65 -28.09 24.31
C ALA C 19 -10.83 -28.81 25.64
N GLU C 20 -10.08 -29.89 25.91
CA GLU C 20 -9.91 -30.39 27.28
C GLU C 20 -8.54 -30.03 27.91
N GLU C 21 -8.56 -29.02 28.78
CA GLU C 21 -7.41 -28.56 29.56
C GLU C 21 -7.73 -28.33 31.01
N ASP C 22 -6.69 -28.38 31.81
CA ASP C 22 -6.78 -28.04 33.23
C ASP C 22 -7.74 -28.97 34.01
N VAL C 23 -7.94 -30.16 33.50
CA VAL C 23 -8.73 -31.17 34.22
C VAL C 23 -8.03 -31.62 35.50
N ARG C 24 -6.70 -31.40 35.63
CA ARG C 24 -5.99 -31.65 36.90
C ARG C 24 -5.41 -30.41 37.58
N ILE C 25 -5.99 -29.25 37.26
CA ILE C 25 -5.57 -28.01 37.84
C ILE C 25 -6.75 -27.50 38.64
N LEU C 26 -6.61 -27.53 39.97
CA LEU C 26 -7.67 -27.00 40.85
C LEU C 26 -7.87 -25.47 40.80
N GLY C 27 -6.80 -24.69 40.56
CA GLY C 27 -6.87 -23.25 40.51
C GLY C 27 -5.51 -22.61 40.32
N TYR C 28 -5.50 -21.34 39.99
CA TYR C 28 -4.31 -20.52 39.87
C TYR C 28 -4.42 -19.42 40.94
N ASP C 29 -3.65 -19.52 42.02
CA ASP C 29 -3.61 -18.50 43.07
C ASP C 29 -2.63 -17.38 42.72
N PRO C 30 -2.95 -16.17 43.14
CA PRO C 30 -2.13 -15.01 42.79
C PRO C 30 -0.87 -14.96 43.57
N LEU C 31 0.14 -14.41 42.92
CA LEU C 31 1.48 -14.46 43.41
C LEU C 31 1.98 -13.06 43.36
N ALA C 32 2.38 -12.54 44.50
CA ALA C 32 3.05 -11.28 44.52
C ALA C 32 4.29 -11.33 43.63
N SER C 33 4.54 -10.25 42.91
CA SER C 33 5.60 -10.23 41.93
C SER C 33 6.93 -10.08 42.62
N PRO C 34 8.01 -10.47 41.95
CA PRO C 34 9.31 -10.28 42.58
C PRO C 34 9.54 -8.84 43.06
N ALA C 35 9.25 -7.93 42.16
CA ALA C 35 9.40 -6.53 42.47
C ALA C 35 8.62 -6.14 43.70
N LEU C 36 7.39 -6.57 43.81
CA LEU C 36 6.54 -6.13 44.87
C LEU C 36 7.12 -6.62 46.21
N LEU C 37 7.66 -7.82 46.18
CA LEU C 37 8.16 -8.42 47.40
C LEU C 37 9.46 -7.79 47.79
N GLN C 38 10.21 -7.33 46.82
CA GLN C 38 11.46 -6.70 47.15
C GLN C 38 11.29 -5.29 47.77
N VAL C 39 10.14 -4.70 47.63
CA VAL C 39 9.79 -3.39 48.18
C VAL C 39 9.16 -3.57 49.55
N GLN C 40 8.26 -4.58 49.69
CA GLN C 40 7.73 -4.96 51.01
C GLN C 40 8.81 -5.37 52.01
N ILE C 41 9.82 -6.12 51.53
CA ILE C 41 10.88 -6.68 52.38
C ILE C 41 12.22 -6.20 51.79
N PRO C 42 12.53 -4.96 52.08
CA PRO C 42 13.70 -4.33 51.49
C PRO C 42 14.96 -4.96 52.06
N ALA C 43 16.00 -5.15 51.29
CA ALA C 43 17.27 -5.53 51.86
C ALA C 43 17.97 -4.29 52.39
N THR C 44 18.54 -4.36 53.59
CA THR C 44 19.27 -3.21 54.12
C THR C 44 20.58 -3.04 53.35
N PRO C 45 21.26 -1.90 53.57
CA PRO C 45 22.60 -1.73 52.97
C PRO C 45 23.56 -2.83 53.41
N THR C 46 23.48 -3.29 54.65
CA THR C 46 24.38 -4.34 55.13
C THR C 46 24.09 -5.69 54.46
N SER C 47 22.80 -5.99 54.28
CA SER C 47 22.38 -7.22 53.64
C SER C 47 23.02 -7.25 52.27
N LEU C 48 22.88 -6.18 51.50
CA LEU C 48 23.36 -6.20 50.12
C LEU C 48 24.86 -6.25 49.94
N GLU C 49 25.59 -5.51 50.76
CA GLU C 49 27.03 -5.56 50.81
C GLU C 49 27.54 -6.95 51.28
N THR C 50 26.86 -7.56 52.24
CA THR C 50 27.18 -8.92 52.63
C THR C 50 26.97 -9.95 51.46
N ALA C 51 25.84 -9.85 50.75
CA ALA C 51 25.66 -10.73 49.58
C ALA C 51 26.81 -10.59 48.58
N LYS C 52 27.18 -9.36 48.22
CA LYS C 52 28.31 -9.08 47.27
C LYS C 52 29.68 -9.63 47.74
N ARG C 53 29.99 -9.41 49.04
CA ARG C 53 31.24 -9.83 49.68
C ARG C 53 31.34 -11.36 49.67
N GLY C 54 30.26 -12.00 50.09
CA GLY C 54 30.25 -13.45 50.08
C GLY C 54 30.45 -13.99 48.69
N ARG C 55 29.96 -13.31 47.66
CA ARG C 55 30.25 -13.74 46.27
C ARG C 55 31.70 -13.57 45.86
N ARG C 56 32.29 -12.40 46.14
CA ARG C 56 33.68 -12.16 45.74
C ARG C 56 34.56 -13.20 46.43
N GLU C 57 34.32 -13.47 47.72
CA GLU C 57 35.17 -14.42 48.50
C GLU C 57 35.05 -15.85 48.03
N ALA C 58 33.80 -16.22 47.69
CA ALA C 58 33.49 -17.54 47.07
C ALA C 58 34.18 -17.63 45.76
N ILE C 59 34.01 -16.59 44.96
CA ILE C 59 34.71 -16.58 43.69
C ILE C 59 36.24 -16.69 43.90
N ASP C 60 36.80 -15.87 44.78
CA ASP C 60 38.25 -15.91 44.93
C ASP C 60 38.79 -17.27 45.35
N ILE C 61 38.02 -17.99 46.18
CA ILE C 61 38.46 -19.31 46.62
C ILE C 61 38.31 -20.38 45.53
N ILE C 62 37.17 -20.42 44.82
CA ILE C 62 36.98 -21.52 43.89
C ILE C 62 37.83 -21.36 42.68
N THR C 63 38.24 -20.12 42.38
CA THR C 63 39.04 -19.87 41.18
C THR C 63 40.55 -19.72 41.53
N GLY C 64 40.91 -19.99 42.76
CA GLY C 64 42.33 -20.10 43.12
C GLY C 64 43.06 -18.78 43.42
N LYS C 65 42.34 -17.66 43.47
CA LYS C 65 42.99 -16.41 43.91
C LYS C 65 43.29 -16.39 45.43
N ASP C 66 42.63 -17.26 46.18
CA ASP C 66 42.71 -17.24 47.64
C ASP C 66 42.85 -18.68 48.10
N ASP C 67 43.64 -18.88 49.15
CA ASP C 67 43.89 -20.24 49.69
C ASP C 67 43.10 -20.64 50.98
N ARG C 68 42.12 -19.85 51.34
CA ARG C 68 41.19 -20.27 52.37
C ARG C 68 40.26 -21.28 51.79
N VAL C 69 39.48 -21.92 52.67
CA VAL C 69 38.48 -22.89 52.25
C VAL C 69 37.05 -22.24 52.32
N LEU C 70 36.25 -22.49 51.28
CA LEU C 70 34.86 -21.99 51.22
C LEU C 70 33.98 -23.00 51.98
N VAL C 71 33.33 -22.61 53.06
CA VAL C 71 32.55 -23.52 53.88
C VAL C 71 31.11 -23.10 53.75
N ILE C 72 30.26 -24.01 53.30
CA ILE C 72 28.79 -23.80 53.32
C ILE C 72 28.22 -24.61 54.43
N VAL C 73 27.78 -23.96 55.50
CA VAL C 73 27.45 -24.72 56.69
C VAL C 73 26.20 -24.18 57.35
N GLY C 74 25.40 -25.10 57.86
CA GLY C 74 24.16 -24.72 58.51
C GLY C 74 23.13 -25.80 58.38
N PRO C 75 21.91 -25.50 58.80
CA PRO C 75 20.86 -26.51 58.89
C PRO C 75 20.57 -27.16 57.55
N CYS C 76 19.98 -28.33 57.64
CA CYS C 76 19.51 -28.98 56.44
C CYS C 76 18.49 -28.07 55.71
N SER C 77 17.60 -27.53 56.54
CA SER C 77 16.55 -26.66 56.10
C SER C 77 16.10 -25.77 57.25
N ILE C 78 15.53 -24.63 56.92
CA ILE C 78 15.13 -23.71 57.95
C ILE C 78 13.58 -23.63 58.04
N HIS C 79 13.04 -24.12 59.14
CA HIS C 79 11.60 -24.18 59.44
C HIS C 79 11.22 -23.22 60.59
N ASP C 80 12.24 -22.68 61.26
CA ASP C 80 12.09 -21.77 62.37
C ASP C 80 13.06 -20.57 62.13
N LEU C 81 12.49 -19.40 61.89
CA LEU C 81 13.26 -18.18 61.72
C LEU C 81 14.01 -17.72 62.97
N GLU C 82 13.44 -17.98 64.17
CA GLU C 82 14.05 -17.56 65.49
C GLU C 82 15.32 -18.31 65.77
N ALA C 83 15.24 -19.63 65.70
CA ALA C 83 16.41 -20.52 65.80
C ALA C 83 17.50 -20.15 64.79
N ALA C 84 17.13 -20.03 63.52
CA ALA C 84 18.11 -19.74 62.47
C ALA C 84 18.92 -18.49 62.84
N GLN C 85 18.23 -17.53 63.45
CA GLN C 85 18.87 -16.26 63.81
C GLN C 85 19.84 -16.48 64.92
N GLU C 86 19.48 -17.34 65.85
CA GLU C 86 20.42 -17.63 66.96
C GLU C 86 21.57 -18.41 66.42
N TYR C 87 21.30 -19.29 65.49
CA TYR C 87 22.37 -20.06 64.89
C TYR C 87 23.31 -19.12 64.14
N ALA C 88 22.72 -18.15 63.44
CA ALA C 88 23.51 -17.29 62.61
C ALA C 88 24.41 -16.47 63.50
N LEU C 89 23.92 -15.96 64.61
CA LEU C 89 24.77 -15.11 65.44
C LEU C 89 25.98 -15.89 65.88
N ARG C 90 25.77 -17.15 66.28
CA ARG C 90 26.91 -17.98 66.69
C ARG C 90 27.86 -18.17 65.53
N LEU C 91 27.34 -18.37 64.32
CA LEU C 91 28.24 -18.71 63.19
C LEU C 91 28.98 -17.46 62.73
N LYS C 92 28.34 -16.30 62.89
CA LYS C 92 28.98 -15.01 62.63
C LYS C 92 30.22 -14.80 63.54
N LYS C 93 30.04 -14.86 64.85
CA LYS C 93 31.15 -14.76 65.81
C LYS C 93 32.24 -15.79 65.50
N LEU C 94 31.84 -17.00 65.10
CA LEU C 94 32.84 -18.02 64.83
C LEU C 94 33.62 -17.71 63.55
N SER C 95 32.90 -17.13 62.59
CA SER C 95 33.45 -16.81 61.27
C SER C 95 34.48 -15.65 61.36
N ASP C 96 34.20 -14.71 62.26
CA ASP C 96 35.17 -13.70 62.69
C ASP C 96 36.50 -14.22 63.23
N GLU C 97 36.49 -15.22 64.10
CA GLU C 97 37.74 -15.80 64.64
C GLU C 97 38.51 -16.65 63.60
N LEU C 98 37.79 -17.24 62.65
CA LEU C 98 38.41 -18.12 61.63
C LEU C 98 38.55 -17.52 60.25
N LYS C 99 38.17 -16.24 60.12
CA LYS C 99 38.22 -15.50 58.85
C LYS C 99 39.53 -15.55 58.13
N GLY C 100 40.63 -15.62 58.87
CA GLY C 100 41.92 -15.85 58.21
C GLY C 100 42.05 -17.13 57.38
N ASP C 101 41.27 -18.16 57.74
CA ASP C 101 41.38 -19.48 57.12
C ASP C 101 40.11 -20.00 56.37
N LEU C 102 38.95 -19.56 56.80
CA LEU C 102 37.67 -20.05 56.32
C LEU C 102 36.83 -18.87 55.97
N SER C 103 36.25 -18.94 54.77
CA SER C 103 35.11 -18.10 54.34
C SER C 103 33.74 -18.82 54.46
N ILE C 104 32.94 -18.38 55.40
CA ILE C 104 31.80 -19.11 55.82
C ILE C 104 30.58 -18.48 55.19
N ILE C 105 29.69 -19.34 54.68
CA ILE C 105 28.38 -18.96 54.14
C ILE C 105 27.41 -19.87 54.84
N MET C 106 26.37 -19.33 55.50
CA MET C 106 25.35 -20.15 56.10
C MET C 106 24.47 -20.83 55.06
N ARG C 107 24.33 -22.14 55.14
CA ARG C 107 23.18 -22.82 54.52
C ARG C 107 21.89 -22.19 54.97
N ALA C 108 21.21 -21.58 54.01
CA ALA C 108 19.85 -21.15 54.24
C ALA C 108 18.87 -21.81 53.30
N TYR C 109 18.76 -23.12 53.39
CA TYR C 109 17.90 -23.86 52.52
C TYR C 109 16.43 -23.96 53.04
N LEU C 110 15.55 -24.16 52.10
CA LEU C 110 14.14 -23.95 52.27
C LEU C 110 13.33 -25.26 52.17
N GLU C 111 13.94 -26.27 51.57
CA GLU C 111 13.26 -27.54 51.28
C GLU C 111 14.26 -28.64 51.41
N LYS C 112 13.79 -29.83 51.76
CA LYS C 112 14.57 -31.07 51.61
C LYS C 112 13.89 -31.85 50.46
N PRO C 113 14.68 -32.28 49.46
CA PRO C 113 14.16 -33.22 48.46
C PRO C 113 13.21 -34.29 49.12
N ARG C 114 11.94 -34.38 48.68
CA ARG C 114 10.94 -35.39 49.17
C ARG C 114 11.06 -36.75 48.51
N VAL C 117 8.25 -38.73 52.20
CA VAL C 117 7.40 -37.53 52.32
C VAL C 117 7.31 -36.97 53.78
N GLY C 118 7.46 -35.65 53.90
CA GLY C 118 7.34 -34.94 55.18
C GLY C 118 6.96 -33.48 54.94
N TRP C 119 7.48 -32.56 55.75
CA TRP C 119 7.40 -31.08 55.49
C TRP C 119 7.82 -30.68 54.08
N LYS C 120 6.93 -29.93 53.43
CA LYS C 120 7.09 -29.51 52.04
C LYS C 120 7.91 -28.19 51.93
N GLY C 121 8.46 -27.72 53.04
CA GLY C 121 9.50 -26.70 53.04
C GLY C 121 8.93 -25.36 53.39
N LEU C 122 9.81 -24.38 53.48
CA LEU C 122 9.37 -23.04 53.95
C LEU C 122 8.56 -22.22 52.92
N ILE C 123 8.70 -22.55 51.62
CA ILE C 123 7.93 -21.81 50.58
C ILE C 123 6.50 -22.32 50.62
N ASN C 124 6.36 -23.63 50.45
CA ASN C 124 5.07 -24.32 50.47
C ASN C 124 4.33 -24.20 51.82
N ASP C 125 5.05 -24.39 52.91
CA ASP C 125 4.39 -24.61 54.22
C ASP C 125 5.15 -23.88 55.35
N PRO C 126 5.13 -22.56 55.34
CA PRO C 126 5.88 -21.78 56.29
C PRO C 126 5.39 -21.90 57.76
N ASP C 127 4.15 -22.34 57.97
CA ASP C 127 3.54 -22.43 59.32
C ASP C 127 3.77 -23.79 59.92
N VAL C 128 4.35 -24.64 59.07
CA VAL C 128 4.70 -26.01 59.34
C VAL C 128 3.53 -26.70 60.03
N ASN C 129 2.40 -26.65 59.32
CA ASN C 129 1.15 -27.34 59.66
C ASN C 129 0.51 -28.02 58.47
N ASN C 130 1.32 -28.53 57.55
CA ASN C 130 0.74 -29.20 56.39
C ASN C 130 -0.38 -28.37 55.68
N THR C 131 -0.26 -27.01 55.67
CA THR C 131 -1.08 -26.16 54.78
C THR C 131 -0.18 -25.53 53.71
N PHE C 132 -0.82 -24.90 52.72
CA PHE C 132 -0.08 -24.27 51.63
C PHE C 132 -0.38 -22.80 51.62
N ASN C 133 0.70 -22.01 51.66
CA ASN C 133 0.60 -20.56 51.53
C ASN C 133 1.87 -20.04 50.90
N ILE C 134 2.07 -20.40 49.63
CA ILE C 134 3.30 -20.03 48.93
C ILE C 134 3.70 -18.55 49.03
N ASN C 135 2.73 -17.64 49.08
CA ASN C 135 3.06 -16.22 49.22
C ASN C 135 3.65 -15.89 50.57
N LYS C 136 3.10 -16.44 51.63
CA LYS C 136 3.66 -16.17 52.97
C LYS C 136 5.01 -16.82 53.11
N GLY C 137 5.13 -17.96 52.44
CA GLY C 137 6.36 -18.68 52.23
C GLY C 137 7.48 -17.91 51.60
N LEU C 138 7.20 -17.23 50.50
CA LEU C 138 8.18 -16.36 49.86
C LEU C 138 8.51 -15.16 50.78
N GLN C 139 7.46 -14.55 51.35
CA GLN C 139 7.67 -13.55 52.42
C GLN C 139 8.68 -14.06 53.45
N SER C 140 8.44 -15.23 54.04
CA SER C 140 9.27 -15.75 55.15
C SER C 140 10.68 -16.05 54.64
N ALA C 141 10.78 -16.55 53.42
CA ALA C 141 12.08 -16.89 52.87
C ALA C 141 12.83 -15.64 52.70
N ARG C 142 12.18 -14.66 52.08
CA ARG C 142 12.83 -13.38 51.85
C ARG C 142 13.23 -12.70 53.21
N GLN C 143 12.35 -12.71 54.20
CA GLN C 143 12.60 -12.01 55.48
C GLN C 143 13.78 -12.71 56.18
N LEU C 144 13.76 -14.05 56.11
CA LEU C 144 14.84 -14.89 56.60
C LEU C 144 16.16 -14.51 55.97
N PHE C 145 16.20 -14.43 54.65
CA PHE C 145 17.42 -14.08 53.97
C PHE C 145 17.90 -12.71 54.39
N VAL C 146 17.01 -11.73 54.48
CA VAL C 146 17.32 -10.38 55.00
C VAL C 146 17.88 -10.47 56.42
N ASN C 147 17.18 -11.18 57.30
CA ASN C 147 17.60 -11.28 58.71
C ASN C 147 19.02 -11.83 58.87
N LEU C 148 19.39 -12.82 58.06
CA LEU C 148 20.73 -13.42 58.14
C LEU C 148 21.85 -12.54 57.55
N THR C 149 21.65 -12.09 56.33
CA THR C 149 22.62 -11.20 55.70
C THR C 149 22.76 -9.84 56.38
N ASN C 150 21.72 -9.40 57.05
CA ASN C 150 21.78 -8.13 57.76
C ASN C 150 22.63 -8.06 59.06
N ILE C 151 23.12 -9.19 59.59
CA ILE C 151 24.24 -9.15 60.60
C ILE C 151 25.63 -9.47 59.95
N GLY C 152 25.64 -9.52 58.64
CA GLY C 152 26.89 -9.71 57.95
C GLY C 152 27.28 -11.17 57.76
N LEU C 153 26.33 -12.09 57.80
CA LEU C 153 26.60 -13.51 57.45
C LEU C 153 26.10 -13.81 56.04
N PRO C 154 26.96 -14.06 55.06
CA PRO C 154 26.44 -14.46 53.74
C PRO C 154 25.71 -15.82 53.81
N ILE C 155 24.80 -15.99 52.83
CA ILE C 155 23.98 -17.19 52.68
C ILE C 155 24.00 -17.88 51.32
N GLY C 156 23.58 -19.14 51.40
CA GLY C 156 23.58 -20.07 50.28
C GLY C 156 22.24 -20.81 50.22
N SER C 157 21.70 -21.21 49.06
CA SER C 157 20.42 -21.94 49.06
C SER C 157 20.29 -22.72 47.83
N GLU C 158 19.33 -23.61 47.78
CA GLU C 158 19.16 -24.34 46.57
C GLU C 158 18.36 -23.51 45.58
N MET C 159 18.72 -23.64 44.32
CA MET C 159 18.01 -23.02 43.19
C MET C 159 16.99 -24.02 42.59
N LEU C 160 15.77 -23.86 43.06
CA LEU C 160 14.75 -24.89 42.97
C LEU C 160 14.04 -24.86 41.64
N ASP C 161 13.86 -23.68 41.08
CA ASP C 161 13.20 -23.49 39.79
C ASP C 161 13.53 -22.07 39.21
N THR C 162 12.95 -21.70 38.05
CA THR C 162 13.18 -20.42 37.39
C THR C 162 12.47 -19.20 37.89
N ILE C 163 11.60 -19.38 38.87
CA ILE C 163 10.74 -18.34 39.41
C ILE C 163 11.22 -17.86 40.77
N SER C 164 11.30 -18.77 41.73
CA SER C 164 11.59 -18.40 43.11
C SER C 164 12.89 -17.61 43.29
N PRO C 165 13.93 -17.90 42.50
CA PRO C 165 15.16 -17.09 42.58
C PRO C 165 15.01 -15.60 42.26
N GLN C 166 14.08 -15.22 41.37
CA GLN C 166 13.79 -13.81 41.22
C GLN C 166 13.39 -13.11 42.48
N TYR C 167 12.85 -13.80 43.47
CA TYR C 167 12.47 -13.16 44.71
C TYR C 167 13.57 -12.92 45.72
N LEU C 168 14.69 -13.57 45.53
CA LEU C 168 15.66 -13.79 46.56
C LEU C 168 17.08 -13.52 46.14
N ALA C 169 17.32 -13.24 44.85
CA ALA C 169 18.65 -13.31 44.30
C ALA C 169 19.53 -12.16 44.72
N ASP C 170 18.94 -11.01 45.06
CA ASP C 170 19.74 -9.88 45.62
C ASP C 170 20.54 -10.22 46.89
N LEU C 171 20.15 -11.30 47.53
CA LEU C 171 20.60 -11.61 48.89
C LEU C 171 21.50 -12.87 49.01
N VAL C 172 21.66 -13.59 47.94
CA VAL C 172 22.27 -14.90 47.96
C VAL C 172 23.68 -14.78 47.39
N SER C 173 24.61 -15.48 48.03
CA SER C 173 26.04 -15.49 47.68
C SER C 173 26.45 -16.78 47.03
N PHE C 174 25.61 -17.81 47.21
CA PHE C 174 25.93 -19.14 46.72
C PHE C 174 24.65 -19.88 46.34
N GLY C 175 24.62 -20.46 45.16
CA GLY C 175 23.47 -21.31 44.79
C GLY C 175 23.81 -22.78 44.58
N ALA C 176 22.94 -23.69 45.00
CA ALA C 176 23.18 -25.11 44.84
C ALA C 176 22.17 -25.67 43.93
N ILE C 177 22.65 -26.57 43.04
CA ILE C 177 21.82 -27.45 42.27
C ILE C 177 21.98 -28.82 42.81
N GLY C 178 20.88 -29.40 43.34
CA GLY C 178 20.95 -30.66 44.08
C GLY C 178 21.19 -31.84 43.16
N ALA C 179 21.58 -32.97 43.72
CA ALA C 179 21.83 -34.17 42.94
C ALA C 179 20.65 -34.61 41.99
N ARG C 180 19.43 -34.34 42.41
CA ARG C 180 18.27 -34.80 41.67
C ARG C 180 17.98 -33.80 40.49
N THR C 181 18.60 -32.61 40.50
CA THR C 181 18.43 -31.71 39.33
C THR C 181 19.66 -31.34 38.51
N THR C 182 20.82 -31.88 38.85
CA THR C 182 22.05 -31.63 38.07
C THR C 182 21.90 -31.98 36.63
N GLU C 183 21.11 -33.03 36.32
CA GLU C 183 20.91 -33.43 34.97
C GLU C 183 19.85 -32.59 34.29
N SER C 184 19.10 -31.78 35.02
CA SER C 184 18.01 -31.03 34.39
C SER C 184 18.49 -29.81 33.59
N GLN C 185 18.22 -29.86 32.29
CA GLN C 185 18.51 -28.77 31.32
C GLN C 185 17.96 -27.43 31.85
N LEU C 186 16.73 -27.37 32.27
CA LEU C 186 16.15 -26.15 32.79
C LEU C 186 17.00 -25.57 33.93
N HIS C 187 17.52 -26.44 34.79
CA HIS C 187 18.34 -25.96 35.92
C HIS C 187 19.77 -25.61 35.48
N ARG C 188 20.24 -26.21 34.41
CA ARG C 188 21.55 -25.83 33.90
C ARG C 188 21.50 -24.42 33.27
N GLU C 189 20.45 -24.19 32.49
CA GLU C 189 20.21 -22.89 31.92
C GLU C 189 19.97 -21.83 32.98
N LEU C 190 19.21 -22.18 34.00
CA LEU C 190 19.02 -21.24 35.06
C LEU C 190 20.38 -20.78 35.61
N ALA C 191 21.19 -21.76 35.93
CA ALA C 191 22.45 -21.51 36.59
C ALA C 191 23.33 -20.56 35.73
N SER C 192 23.15 -20.66 34.40
CA SER C 192 23.94 -19.85 33.45
C SER C 192 23.62 -18.33 33.58
N GLY C 193 22.50 -18.00 34.22
CA GLY C 193 22.04 -16.67 34.41
C GLY C 193 21.99 -16.10 35.80
N LEU C 194 22.56 -16.79 36.78
CA LEU C 194 22.47 -16.36 38.15
C LEU C 194 23.68 -15.51 38.52
N SER C 195 23.48 -14.65 39.48
CA SER C 195 24.45 -13.60 39.83
C SER C 195 25.53 -14.04 40.80
N PHE C 196 25.69 -15.34 40.94
CA PHE C 196 26.58 -15.88 41.95
C PHE C 196 27.10 -17.26 41.60
N PRO C 197 28.12 -17.74 42.33
CA PRO C 197 28.62 -19.09 42.04
C PRO C 197 27.54 -20.19 42.31
N VAL C 198 27.57 -21.22 41.48
CA VAL C 198 26.64 -22.33 41.57
C VAL C 198 27.35 -23.68 41.72
N GLY C 199 27.00 -24.42 42.74
CA GLY C 199 27.54 -25.76 42.91
C GLY C 199 26.54 -26.80 42.43
N PHE C 200 27.00 -27.71 41.62
CA PHE C 200 26.25 -28.83 41.09
C PHE C 200 26.69 -30.10 41.77
N LYS C 201 25.77 -30.83 42.37
CA LYS C 201 26.06 -32.01 43.16
C LYS C 201 26.15 -33.15 42.18
N ASN C 202 27.05 -34.13 42.42
CA ASN C 202 27.09 -35.33 41.57
C ASN C 202 25.77 -36.06 41.64
N GLY C 203 25.57 -36.98 40.75
CA GLY C 203 24.31 -37.69 40.74
C GLY C 203 24.08 -38.65 41.89
N THR C 204 22.81 -39.00 42.08
CA THR C 204 22.43 -39.92 43.13
C THR C 204 23.14 -41.28 42.99
N ASP C 205 23.57 -41.67 41.81
CA ASP C 205 24.45 -42.87 41.64
C ASP C 205 25.93 -42.71 42.02
N GLY C 206 26.34 -41.54 42.49
CA GLY C 206 27.63 -41.35 43.10
C GLY C 206 28.71 -40.99 42.10
N THR C 207 28.37 -40.89 40.82
CA THR C 207 29.29 -40.38 39.82
C THR C 207 29.09 -38.90 39.39
N LEU C 208 30.13 -38.43 38.73
CA LEU C 208 30.51 -37.05 38.70
C LEU C 208 30.35 -36.50 37.30
N ASN C 209 30.16 -37.39 36.36
CA ASN C 209 30.01 -37.02 34.99
C ASN C 209 28.90 -35.96 34.79
N VAL C 210 27.74 -36.18 35.41
CA VAL C 210 26.59 -35.34 35.24
C VAL C 210 26.91 -33.92 35.73
N ALA C 211 27.65 -33.80 36.82
CA ALA C 211 28.04 -32.51 37.40
C ALA C 211 29.06 -31.75 36.59
N VAL C 212 30.03 -32.47 36.02
CA VAL C 212 30.96 -31.84 35.09
C VAL C 212 30.20 -31.33 33.88
N ASP C 213 29.33 -32.12 33.25
CA ASP C 213 28.55 -31.66 32.12
C ASP C 213 27.68 -30.44 32.48
N ALA C 214 27.22 -30.35 33.72
CA ALA C 214 26.29 -29.32 34.12
C ALA C 214 27.07 -28.02 34.20
N CYS C 215 28.21 -28.07 34.89
CA CYS C 215 29.19 -26.97 34.92
C CYS C 215 29.49 -26.46 33.54
N GLN C 216 29.80 -27.34 32.63
CA GLN C 216 30.17 -26.96 31.29
C GLN C 216 28.99 -26.32 30.55
N ALA C 217 27.79 -26.87 30.76
CA ALA C 217 26.60 -26.37 30.07
C ALA C 217 26.22 -24.98 30.57
N ALA C 218 26.36 -24.78 31.88
CA ALA C 218 26.00 -23.51 32.53
C ALA C 218 26.95 -22.36 32.17
N ALA C 219 28.16 -22.71 31.74
CA ALA C 219 29.16 -21.74 31.33
C ALA C 219 28.73 -21.03 30.01
N HIS C 220 27.76 -21.59 29.28
CA HIS C 220 27.32 -21.01 28.01
C HIS C 220 26.06 -20.14 28.18
N SER C 221 25.86 -19.25 27.22
CA SER C 221 24.63 -18.48 27.10
C SER C 221 23.43 -19.37 26.68
N HIS C 222 22.28 -19.21 27.34
CA HIS C 222 21.07 -19.94 27.04
C HIS C 222 19.90 -18.98 27.03
N HIS C 223 18.78 -19.47 26.53
CA HIS C 223 17.48 -18.77 26.51
C HIS C 223 16.48 -19.62 27.24
N PHE C 224 16.03 -19.20 28.42
CA PHE C 224 15.07 -19.95 29.20
C PHE C 224 13.81 -19.08 29.46
N MET C 225 12.72 -19.75 29.73
CA MET C 225 11.48 -19.10 30.15
C MET C 225 11.47 -18.87 31.66
N GLY C 226 11.85 -17.64 32.01
CA GLY C 226 11.82 -17.14 33.36
C GLY C 226 10.68 -16.17 33.59
N VAL C 227 10.77 -15.42 34.69
CA VAL C 227 9.89 -14.30 34.98
C VAL C 227 10.65 -12.99 35.16
N THR C 228 9.98 -11.91 34.80
CA THR C 228 10.48 -10.59 35.04
C THR C 228 10.22 -10.22 36.50
N LYS C 229 10.68 -9.05 36.84
CA LYS C 229 10.46 -8.50 38.17
C LYS C 229 9.00 -8.16 38.36
N HIS C 230 8.24 -7.92 37.29
CA HIS C 230 6.80 -7.65 37.46
C HIS C 230 5.96 -8.89 37.23
N GLY C 231 6.57 -10.05 37.14
CA GLY C 231 5.88 -11.31 37.41
C GLY C 231 5.25 -11.92 36.16
N VAL C 232 5.79 -11.58 35.01
CA VAL C 232 5.32 -12.05 33.73
C VAL C 232 6.41 -12.90 33.09
N ALA C 233 6.01 -13.98 32.48
CA ALA C 233 6.90 -14.81 31.67
C ALA C 233 7.57 -14.12 30.50
N ALA C 234 8.84 -14.40 30.37
CA ALA C 234 9.63 -13.77 29.35
C ALA C 234 10.74 -14.70 28.95
N ILE C 235 11.21 -14.52 27.72
CA ILE C 235 12.40 -15.18 27.20
C ILE C 235 13.60 -14.51 27.78
N THR C 236 14.32 -15.26 28.58
CA THR C 236 15.41 -14.78 29.39
C THR C 236 16.72 -15.26 28.81
N THR C 237 17.56 -14.30 28.42
CA THR C 237 18.81 -14.58 27.76
C THR C 237 19.94 -14.45 28.78
N THR C 238 20.81 -15.44 28.85
CA THR C 238 21.85 -15.42 29.89
C THR C 238 23.22 -15.21 29.31
N LYS C 239 24.16 -14.84 30.16
CA LYS C 239 25.53 -14.66 29.70
C LYS C 239 26.41 -15.92 29.82
N GLY C 240 26.00 -16.87 30.65
CA GLY C 240 26.86 -17.99 31.00
C GLY C 240 27.59 -17.72 32.29
N ASN C 241 27.83 -18.75 33.12
CA ASN C 241 28.35 -18.61 34.45
C ASN C 241 29.67 -19.33 34.56
N GLU C 242 30.74 -18.60 34.84
CA GLU C 242 32.10 -19.22 34.82
C GLU C 242 32.50 -19.64 36.24
N HIS C 243 31.59 -19.43 37.16
CA HIS C 243 31.79 -19.74 38.58
C HIS C 243 30.96 -20.96 39.09
N CYS C 244 30.83 -21.95 38.23
CA CYS C 244 30.13 -23.17 38.60
C CYS C 244 31.16 -24.23 39.00
N PHE C 245 30.83 -25.03 40.00
CA PHE C 245 31.75 -26.05 40.42
C PHE C 245 31.02 -27.30 40.79
N VAL C 246 31.80 -28.33 41.04
CA VAL C 246 31.28 -29.63 41.40
C VAL C 246 31.29 -29.85 42.90
N ILE C 247 30.18 -30.40 43.42
CA ILE C 247 30.08 -30.84 44.80
C ILE C 247 30.04 -32.40 44.87
N LEU C 248 30.90 -32.97 45.72
CA LEU C 248 31.02 -34.41 45.90
C LEU C 248 30.21 -34.76 47.12
N ARG C 249 29.22 -35.63 46.96
CA ARG C 249 28.22 -35.86 48.00
C ARG C 249 27.81 -37.34 48.12
N GLY C 250 28.67 -38.25 47.72
CA GLY C 250 28.35 -39.65 47.77
C GLY C 250 27.33 -40.07 46.74
N GLY C 251 26.84 -41.30 46.95
CA GLY C 251 25.69 -41.90 46.32
C GLY C 251 25.90 -43.40 46.29
N LYS C 252 25.29 -44.04 45.28
CA LYS C 252 25.24 -45.53 45.13
C LYS C 252 26.61 -46.23 44.91
N LYS C 253 27.48 -45.65 44.12
CA LYS C 253 28.85 -46.11 44.02
C LYS C 253 29.72 -45.96 45.32
N GLY C 254 29.27 -45.19 46.31
CA GLY C 254 29.88 -45.15 47.62
C GLY C 254 30.24 -43.72 47.94
N THR C 255 30.75 -43.51 49.15
CA THR C 255 31.25 -42.21 49.57
C THR C 255 32.32 -41.79 48.57
N ASN C 256 32.57 -40.48 48.44
CA ASN C 256 33.60 -39.97 47.52
C ASN C 256 34.39 -38.75 48.05
N TYR C 257 34.67 -38.74 49.35
CA TYR C 257 35.47 -37.71 50.03
C TYR C 257 36.98 -38.03 50.26
N ASP C 258 37.38 -39.27 49.96
CA ASP C 258 38.72 -39.83 50.25
C ASP C 258 39.67 -39.49 49.11
N ALA C 259 40.97 -39.74 49.29
CA ALA C 259 41.97 -39.29 48.31
C ALA C 259 41.84 -40.03 47.00
N LYS C 260 41.41 -41.28 47.00
CA LYS C 260 41.27 -41.97 45.71
C LYS C 260 40.15 -41.32 44.92
N SER C 261 39.07 -40.96 45.62
CA SER C 261 37.83 -40.46 45.01
C SER C 261 38.07 -39.07 44.53
N VAL C 262 38.84 -38.31 45.32
CA VAL C 262 39.27 -36.96 44.91
C VAL C 262 40.19 -36.97 43.67
N ALA C 263 41.21 -37.84 43.61
CA ALA C 263 42.04 -37.92 42.40
C ALA C 263 41.25 -38.35 41.13
N GLU C 264 40.34 -39.31 41.22
CA GLU C 264 39.46 -39.62 40.07
C GLU C 264 38.47 -38.44 39.72
N ALA C 265 37.99 -37.70 40.72
CA ALA C 265 37.24 -36.47 40.43
C ALA C 265 38.12 -35.51 39.58
N LYS C 266 39.37 -35.22 40.02
CA LYS C 266 40.29 -34.28 39.34
C LYS C 266 40.66 -34.67 37.93
N ALA C 267 40.80 -35.96 37.64
CA ALA C 267 41.20 -36.43 36.30
C ALA C 267 40.06 -36.25 35.29
N GLN C 268 38.81 -36.14 35.77
CA GLN C 268 37.69 -35.83 34.91
C GLN C 268 37.52 -34.35 34.63
N LEU C 269 38.13 -33.47 35.42
CA LEU C 269 37.89 -32.05 35.25
C LEU C 269 38.55 -31.43 34.02
N PRO C 270 37.86 -30.53 33.34
CA PRO C 270 38.42 -29.90 32.15
C PRO C 270 39.17 -28.63 32.43
N ALA C 271 39.86 -28.16 31.40
CA ALA C 271 40.37 -26.77 31.34
C ALA C 271 39.20 -25.80 31.63
N GLY C 272 39.51 -24.82 32.49
CA GLY C 272 38.56 -23.80 32.87
C GLY C 272 37.95 -24.12 34.23
N SER C 273 38.28 -25.29 34.77
CA SER C 273 37.59 -25.83 35.94
C SER C 273 37.92 -25.17 37.27
N ASN C 274 36.90 -24.96 38.06
CA ASN C 274 37.03 -24.42 39.36
C ASN C 274 37.33 -25.56 40.32
N GLY C 275 37.64 -25.22 41.55
CA GLY C 275 37.83 -26.28 42.50
C GLY C 275 36.57 -26.98 43.08
N LEU C 276 36.85 -28.11 43.69
CA LEU C 276 35.84 -29.03 44.18
C LEU C 276 35.43 -28.69 45.59
N MET C 277 34.18 -28.98 45.86
CA MET C 277 33.62 -28.88 47.20
C MET C 277 33.27 -30.29 47.62
N ILE C 278 33.40 -30.56 48.92
CA ILE C 278 32.98 -31.83 49.50
C ILE C 278 31.90 -31.66 50.52
N ASP C 279 30.75 -32.22 50.20
CA ASP C 279 29.65 -32.37 51.16
C ASP C 279 29.93 -33.53 52.09
N TYR C 280 30.15 -33.21 53.36
CA TYR C 280 30.30 -34.15 54.46
C TYR C 280 29.04 -34.94 54.77
N SER C 281 27.90 -34.40 54.38
CA SER C 281 26.59 -34.96 54.76
C SER C 281 26.01 -35.75 53.62
N HIS C 282 24.71 -36.01 53.69
CA HIS C 282 24.05 -36.77 52.64
C HIS C 282 24.76 -38.09 52.30
N GLY C 283 25.20 -38.32 51.07
CA GLY C 283 25.79 -39.62 50.75
C GLY C 283 27.12 -39.84 51.42
N ASN C 284 27.80 -38.78 51.85
CA ASN C 284 29.13 -38.98 52.43
C ASN C 284 29.02 -39.29 53.89
N SER C 285 27.79 -39.25 54.36
CA SER C 285 27.51 -39.55 55.73
C SER C 285 27.01 -40.94 55.90
N ASN C 286 26.45 -41.56 54.86
CA ASN C 286 26.07 -42.97 54.95
C ASN C 286 24.99 -43.10 56.05
N LYS C 287 23.94 -42.30 56.00
CA LYS C 287 22.79 -42.41 56.93
C LYS C 287 23.05 -42.02 58.45
N ASP C 288 24.17 -41.37 58.75
CA ASP C 288 24.54 -41.07 60.12
C ASP C 288 25.23 -39.73 60.23
N PHE C 289 24.55 -38.78 60.85
CA PHE C 289 25.10 -37.44 61.00
C PHE C 289 26.43 -37.44 61.74
N ARG C 290 26.64 -38.43 62.63
CA ARG C 290 27.88 -38.55 63.38
C ARG C 290 29.08 -38.81 62.49
N ASN C 291 28.88 -39.26 61.26
CA ASN C 291 29.98 -39.46 60.36
C ASN C 291 30.62 -38.14 59.86
N GLN C 292 29.97 -37.00 60.08
CA GLN C 292 30.40 -35.77 59.44
C GLN C 292 31.78 -35.46 59.99
N PRO C 293 31.98 -35.48 61.32
CA PRO C 293 33.34 -35.24 61.86
C PRO C 293 34.43 -36.18 61.30
N LYS C 294 34.10 -37.40 60.91
CA LYS C 294 35.12 -38.34 60.45
C LYS C 294 35.48 -38.12 59.03
N VAL C 295 34.48 -37.63 58.25
CA VAL C 295 34.69 -37.12 56.91
C VAL C 295 35.59 -35.87 57.01
N ASN C 296 35.35 -34.97 57.97
CA ASN C 296 36.23 -33.82 58.23
C ASN C 296 37.69 -34.27 58.42
N ASP C 297 37.91 -35.22 59.33
CA ASP C 297 39.25 -35.76 59.54
C ASP C 297 39.88 -36.22 58.23
N VAL C 298 39.21 -37.05 57.43
CA VAL C 298 39.76 -37.50 56.16
C VAL C 298 40.08 -36.34 55.17
N VAL C 299 39.16 -35.39 55.05
CA VAL C 299 39.34 -34.20 54.17
C VAL C 299 40.48 -33.30 54.69
N CYS C 300 40.45 -32.97 55.97
CA CYS C 300 41.52 -32.19 56.61
C CYS C 300 42.88 -32.85 56.39
N GLU C 301 42.97 -34.16 56.56
CA GLU C 301 44.22 -34.79 56.18
C GLU C 301 44.67 -34.48 54.73
N GLN C 302 43.80 -34.47 53.70
CA GLN C 302 44.33 -34.23 52.35
C GLN C 302 44.73 -32.76 52.11
N ILE C 303 43.95 -31.88 52.69
CA ILE C 303 44.21 -30.45 52.65
C ILE C 303 45.58 -30.11 53.30
N ALA C 304 45.81 -30.64 54.51
CA ALA C 304 47.04 -30.33 55.25
C ALA C 304 48.26 -30.91 54.55
N ASN C 305 48.05 -31.96 53.75
CA ASN C 305 49.16 -32.58 53.04
C ASN C 305 49.35 -32.08 51.62
N GLY C 306 48.76 -30.93 51.31
CA GLY C 306 48.95 -30.24 50.05
C GLY C 306 47.81 -30.30 49.01
N GLU C 307 46.61 -30.82 49.35
CA GLU C 307 45.58 -30.88 48.31
C GLU C 307 44.99 -29.48 47.96
N ASN C 308 45.40 -28.85 46.88
CA ASN C 308 44.80 -27.55 46.46
C ASN C 308 43.49 -27.63 45.63
N ALA C 309 43.06 -28.85 45.28
CA ALA C 309 41.82 -29.01 44.54
C ALA C 309 40.57 -28.98 45.45
N ILE C 310 40.73 -29.14 46.76
CA ILE C 310 39.60 -29.06 47.66
C ILE C 310 39.55 -27.63 48.13
N THR C 311 38.63 -26.88 47.52
CA THR C 311 38.36 -25.49 47.89
C THR C 311 37.16 -25.27 48.73
N GLY C 312 36.34 -26.29 48.90
CA GLY C 312 35.13 -26.10 49.67
C GLY C 312 34.66 -27.33 50.38
N VAL C 313 33.89 -27.10 51.42
CA VAL C 313 33.16 -28.14 52.08
C VAL C 313 31.76 -27.71 52.37
N MET C 314 30.88 -28.69 52.46
CA MET C 314 29.55 -28.41 52.99
C MET C 314 29.25 -29.22 54.18
N ILE C 315 28.55 -28.64 55.14
CA ILE C 315 28.27 -29.30 56.41
C ILE C 315 26.83 -29.03 56.82
N GLU C 316 26.08 -30.07 57.19
CA GLU C 316 24.77 -29.92 57.85
C GLU C 316 24.88 -29.83 59.36
N SER C 317 24.50 -28.68 59.93
CA SER C 317 24.80 -28.29 61.30
C SER C 317 23.68 -27.43 61.78
N ASN C 318 23.39 -27.51 63.07
CA ASN C 318 22.32 -26.81 63.74
C ASN C 318 22.73 -26.48 65.18
N ILE C 319 21.89 -25.77 65.92
CA ILE C 319 22.10 -25.51 67.35
C ILE C 319 22.27 -26.82 68.15
N ASN C 320 21.32 -27.74 68.00
CA ASN C 320 21.34 -29.08 68.55
C ASN C 320 21.42 -30.16 67.51
N GLU C 321 21.91 -31.33 67.90
CA GLU C 321 22.22 -32.38 66.98
C GLU C 321 21.03 -33.25 66.66
N GLY C 322 21.17 -34.08 65.66
CA GLY C 322 20.12 -35.01 65.29
C GLY C 322 19.03 -34.41 64.43
N ASN C 323 17.91 -35.14 64.37
CA ASN C 323 16.68 -34.59 63.83
C ASN C 323 15.42 -35.11 64.56
N GLN C 324 14.27 -34.84 63.97
CA GLN C 324 13.01 -35.10 64.62
C GLN C 324 11.85 -35.13 63.61
N GLY C 325 10.89 -36.03 63.86
CA GLY C 325 9.56 -35.97 63.24
C GLY C 325 8.70 -34.81 63.77
N ILE C 326 7.70 -34.43 62.97
CA ILE C 326 6.69 -33.47 63.37
C ILE C 326 5.54 -34.19 64.15
N PRO C 327 5.29 -33.87 65.43
CA PRO C 327 4.28 -34.62 66.22
C PRO C 327 2.86 -34.11 65.88
N ALA C 328 1.85 -34.65 66.57
CA ALA C 328 0.44 -34.31 66.30
C ALA C 328 0.12 -32.90 66.80
N GLU C 329 0.63 -32.62 68.00
CA GLU C 329 0.80 -31.25 68.58
C GLU C 329 1.17 -30.16 67.51
N GLY C 330 1.79 -30.56 66.38
CA GLY C 330 2.23 -29.62 65.34
C GLY C 330 3.52 -28.84 65.66
N LYS C 331 3.74 -27.73 64.92
CA LYS C 331 4.87 -26.79 65.13
C LYS C 331 5.17 -26.60 66.63
N ALA C 332 4.10 -26.34 67.36
CA ALA C 332 4.17 -26.00 68.77
C ALA C 332 4.84 -27.06 69.69
N GLY C 333 4.91 -28.32 69.28
CA GLY C 333 5.53 -29.37 70.09
C GLY C 333 6.95 -29.78 69.70
N LEU C 334 7.57 -28.95 68.86
CA LEU C 334 8.89 -29.25 68.27
C LEU C 334 10.01 -28.81 69.20
N LYS C 335 11.04 -29.63 69.37
CA LYS C 335 12.28 -29.23 70.10
C LYS C 335 12.97 -28.05 69.41
N TYR C 336 13.63 -27.17 70.15
CA TYR C 336 14.28 -25.96 69.56
C TYR C 336 15.61 -26.36 68.92
N GLY C 337 15.90 -25.79 67.76
CA GLY C 337 17.16 -26.01 67.07
C GLY C 337 17.48 -27.43 66.67
N VAL C 338 16.43 -28.19 66.37
CA VAL C 338 16.58 -29.52 65.88
C VAL C 338 15.90 -29.59 64.52
N SER C 339 16.67 -29.99 63.51
CA SER C 339 16.21 -30.15 62.12
C SER C 339 14.94 -31.01 62.06
N ILE C 340 13.94 -30.63 61.25
CA ILE C 340 12.90 -31.58 60.87
C ILE C 340 13.05 -32.25 59.53
N THR C 341 14.24 -32.19 58.95
CA THR C 341 14.52 -32.82 57.65
C THR C 341 15.73 -33.67 57.94
N ASP C 342 16.87 -33.53 57.25
CA ASP C 342 18.01 -34.44 57.56
C ASP C 342 18.63 -34.06 58.91
N ALA C 343 19.34 -35.04 59.44
CA ALA C 343 19.98 -34.96 60.74
C ALA C 343 21.30 -34.19 60.68
N CYS C 344 21.47 -33.22 61.59
CA CYS C 344 22.62 -32.33 61.59
C CYS C 344 23.54 -32.64 62.79
N ILE C 345 24.83 -32.33 62.65
CA ILE C 345 25.67 -32.22 63.83
C ILE C 345 25.27 -30.98 64.62
N GLY C 346 25.42 -31.04 65.95
CA GLY C 346 25.16 -29.89 66.77
C GLY C 346 26.26 -28.87 66.77
N TRP C 347 25.96 -27.80 67.46
CA TRP C 347 26.84 -26.62 67.43
C TRP C 347 28.26 -26.84 67.96
N GLU C 348 28.34 -27.36 69.19
CA GLU C 348 29.63 -27.66 69.83
C GLU C 348 30.48 -28.56 68.90
N THR C 349 29.88 -29.59 68.31
CA THR C 349 30.63 -30.38 67.29
C THR C 349 31.11 -29.61 66.09
N THR C 350 30.38 -28.54 65.78
CA THR C 350 30.64 -27.77 64.56
C THR C 350 31.83 -26.84 64.81
N GLU C 351 31.95 -26.28 66.02
CA GLU C 351 33.11 -25.47 66.38
C GLU C 351 34.33 -26.35 66.18
N ASP C 352 34.24 -27.57 66.71
CA ASP C 352 35.35 -28.53 66.72
C ASP C 352 35.75 -28.81 65.28
N VAL C 353 34.76 -29.14 64.46
CA VAL C 353 34.98 -29.45 63.04
C VAL C 353 35.53 -28.24 62.34
N LEU C 354 34.98 -27.04 62.59
CA LEU C 354 35.46 -25.86 61.87
C LEU C 354 36.93 -25.46 62.30
N ARG C 355 37.19 -25.42 63.59
CA ARG C 355 38.52 -25.18 64.15
C ARG C 355 39.56 -26.09 63.57
N LYS C 356 39.24 -27.35 63.41
CA LYS C 356 40.17 -28.29 62.82
C LYS C 356 40.37 -28.10 61.33
N LEU C 357 39.32 -27.77 60.58
CA LEU C 357 39.53 -27.44 59.14
C LEU C 357 40.38 -26.21 59.01
N ALA C 358 40.18 -25.24 59.88
CA ALA C 358 40.99 -24.03 59.82
C ALA C 358 42.47 -24.36 59.99
N ALA C 359 42.77 -25.30 60.90
CA ALA C 359 44.10 -25.72 61.18
C ALA C 359 44.71 -26.35 59.93
N ALA C 360 43.94 -27.22 59.24
CA ALA C 360 44.39 -27.88 58.03
C ALA C 360 44.75 -26.89 56.95
N VAL C 361 43.92 -25.87 56.81
CA VAL C 361 44.17 -24.75 55.90
C VAL C 361 45.53 -23.99 56.18
N ARG C 362 45.77 -23.62 57.43
CA ARG C 362 47.12 -23.13 57.88
C ARG C 362 48.24 -24.06 57.47
N GLN C 363 48.03 -25.36 57.64
CA GLN C 363 49.13 -26.27 57.36
C GLN C 363 49.39 -26.38 55.85
N ARG C 364 48.32 -26.36 55.05
CA ARG C 364 48.47 -26.35 53.59
C ARG C 364 49.18 -25.09 53.10
N ARG C 365 48.97 -23.97 53.78
CA ARG C 365 49.77 -22.77 53.48
C ARG C 365 51.26 -23.09 53.60
N GLU C 366 51.66 -23.72 54.71
CA GLU C 366 53.06 -24.09 54.94
C GLU C 366 53.58 -25.10 53.89
N VAL C 367 52.82 -26.16 53.58
CA VAL C 367 53.22 -27.07 52.46
C VAL C 367 53.43 -26.32 51.15
N ASN C 368 52.66 -25.27 50.91
CA ASN C 368 52.64 -24.61 49.61
C ASN C 368 53.83 -23.66 49.35
N LYS C 369 54.44 -23.09 50.40
CA LYS C 369 55.72 -22.30 50.25
C LYS C 369 56.97 -23.15 49.95
N GLY D 18 22.49 -0.31 46.00
CA GLY D 18 23.70 -0.98 45.46
C GLY D 18 23.49 -2.49 45.25
N ALA D 19 22.23 -2.92 45.09
CA ALA D 19 21.85 -4.34 44.85
C ALA D 19 22.41 -4.91 43.54
N GLU D 20 23.05 -6.09 43.63
CA GLU D 20 23.65 -6.72 42.48
C GLU D 20 22.81 -7.93 42.04
N GLU D 21 21.95 -7.65 41.06
CA GLU D 21 21.21 -8.68 40.35
C GLU D 21 21.40 -8.56 38.86
N ASP D 22 21.02 -9.63 38.15
CA ASP D 22 20.96 -9.69 36.69
C ASP D 22 22.30 -9.36 36.03
N VAL D 23 23.40 -9.51 36.74
CA VAL D 23 24.71 -9.43 36.09
C VAL D 23 24.98 -10.49 34.95
N ARG D 24 24.27 -11.60 34.96
CA ARG D 24 24.32 -12.60 33.84
C ARG D 24 23.02 -12.77 33.06
N ILE D 25 22.17 -11.77 33.10
CA ILE D 25 21.00 -11.74 32.25
C ILE D 25 21.27 -10.69 31.19
N LEU D 26 21.24 -11.06 29.92
CA LEU D 26 21.38 -10.05 28.86
C LEU D 26 20.11 -9.35 28.57
N GLY D 27 18.98 -9.94 28.90
CA GLY D 27 17.72 -9.27 28.55
C GLY D 27 16.53 -10.18 28.73
N TYR D 28 15.35 -9.55 28.78
CA TYR D 28 14.07 -10.21 28.84
C TYR D 28 13.30 -9.85 27.55
N ASP D 29 12.96 -10.85 26.77
CA ASP D 29 12.46 -10.63 25.44
C ASP D 29 11.02 -11.00 25.66
N PRO D 30 10.13 -10.32 24.98
CA PRO D 30 8.70 -10.53 25.21
C PRO D 30 8.24 -11.80 24.59
N LEU D 31 7.18 -12.35 25.19
CA LEU D 31 6.70 -13.66 24.93
C LEU D 31 5.24 -13.53 24.70
N ALA D 32 4.75 -14.08 23.58
CA ALA D 32 3.35 -14.20 23.38
C ALA D 32 2.76 -15.10 24.48
N SER D 33 1.66 -14.68 25.09
CA SER D 33 0.96 -15.44 26.08
C SER D 33 0.37 -16.74 25.48
N PRO D 34 0.20 -17.79 26.31
CA PRO D 34 -0.49 -19.02 25.84
C PRO D 34 -1.83 -18.75 25.23
N ALA D 35 -2.64 -17.95 25.89
CA ALA D 35 -3.93 -17.51 25.32
C ALA D 35 -3.83 -16.87 23.94
N LEU D 36 -2.92 -15.92 23.82
CA LEU D 36 -2.67 -15.31 22.50
C LEU D 36 -2.35 -16.35 21.41
N LEU D 37 -1.39 -17.25 21.65
CA LEU D 37 -1.07 -18.24 20.61
C LEU D 37 -2.20 -19.15 20.31
N GLN D 38 -2.98 -19.52 21.34
CA GLN D 38 -4.10 -20.44 21.13
C GLN D 38 -5.28 -19.86 20.31
N VAL D 39 -5.38 -18.53 20.27
CA VAL D 39 -6.28 -17.80 19.37
C VAL D 39 -5.64 -17.60 18.01
N GLN D 40 -4.36 -17.23 17.94
CA GLN D 40 -3.74 -17.09 16.63
C GLN D 40 -3.65 -18.41 15.81
N ILE D 41 -3.51 -19.54 16.53
CA ILE D 41 -3.33 -20.86 15.94
C ILE D 41 -4.39 -21.76 16.58
N PRO D 42 -5.64 -21.63 16.16
CA PRO D 42 -6.72 -22.26 16.88
C PRO D 42 -6.73 -23.74 16.58
N ALA D 43 -7.16 -24.58 17.52
CA ALA D 43 -7.30 -26.01 17.27
C ALA D 43 -8.63 -26.18 16.55
N THR D 44 -8.69 -27.12 15.57
CA THR D 44 -9.91 -27.38 14.84
C THR D 44 -10.74 -28.27 15.74
N PRO D 45 -12.02 -28.47 15.45
CA PRO D 45 -12.75 -29.56 16.14
C PRO D 45 -12.16 -30.94 15.95
N THR D 46 -11.51 -31.19 14.86
CA THR D 46 -10.93 -32.50 14.73
C THR D 46 -9.70 -32.70 15.61
N SER D 47 -8.77 -31.76 15.59
CA SER D 47 -7.65 -31.72 16.55
C SER D 47 -8.06 -32.00 17.97
N LEU D 48 -9.03 -31.27 18.47
CA LEU D 48 -9.42 -31.41 19.89
C LEU D 48 -10.07 -32.74 20.18
N GLU D 49 -10.89 -33.25 19.27
CA GLU D 49 -11.43 -34.58 19.40
C GLU D 49 -10.29 -35.61 19.35
N THR D 50 -9.35 -35.42 18.47
CA THR D 50 -8.32 -36.39 18.29
C THR D 50 -7.51 -36.47 19.63
N ALA D 51 -7.29 -35.34 20.30
CA ALA D 51 -6.40 -35.34 21.49
C ALA D 51 -7.06 -36.12 22.63
N LYS D 52 -8.35 -35.84 22.77
CA LYS D 52 -9.17 -36.47 23.76
C LYS D 52 -9.23 -37.96 23.53
N ARG D 53 -9.51 -38.35 22.31
CA ARG D 53 -9.54 -39.77 21.96
C ARG D 53 -8.21 -40.43 22.28
N GLY D 54 -7.08 -39.79 21.94
CA GLY D 54 -5.78 -40.39 22.22
C GLY D 54 -5.65 -40.68 23.72
N ARG D 55 -6.13 -39.77 24.53
CA ARG D 55 -6.04 -39.87 26.00
C ARG D 55 -6.80 -41.04 26.54
N ARG D 56 -8.09 -41.10 26.18
CA ARG D 56 -8.97 -42.22 26.59
C ARG D 56 -8.37 -43.59 26.23
N GLU D 57 -7.85 -43.72 25.02
CA GLU D 57 -7.30 -44.99 24.57
C GLU D 57 -6.07 -45.34 25.33
N ALA D 58 -5.18 -44.37 25.50
CA ALA D 58 -3.99 -44.58 26.29
C ALA D 58 -4.32 -44.96 27.75
N ILE D 59 -5.24 -44.23 28.38
CA ILE D 59 -5.72 -44.52 29.74
C ILE D 59 -6.18 -45.99 29.80
N ASP D 60 -7.04 -46.44 28.89
CA ASP D 60 -7.58 -47.82 28.95
C ASP D 60 -6.47 -48.85 28.75
N ILE D 61 -5.41 -48.56 27.96
CA ILE D 61 -4.34 -49.51 27.81
C ILE D 61 -3.50 -49.64 29.08
N ILE D 62 -3.01 -48.53 29.60
CA ILE D 62 -2.05 -48.58 30.69
C ILE D 62 -2.72 -49.06 32.00
N THR D 63 -4.03 -48.89 32.13
CA THR D 63 -4.80 -49.48 33.26
C THR D 63 -5.29 -50.96 33.11
N GLY D 64 -5.12 -51.55 31.92
CA GLY D 64 -5.38 -52.98 31.69
C GLY D 64 -6.81 -53.32 31.22
N LYS D 65 -7.58 -52.29 30.86
CA LYS D 65 -8.97 -52.41 30.37
C LYS D 65 -9.02 -52.61 28.86
N ASP D 66 -7.88 -52.46 28.21
CA ASP D 66 -7.80 -52.62 26.73
C ASP D 66 -6.59 -53.47 26.50
N ASP D 67 -6.74 -54.49 25.67
CA ASP D 67 -5.63 -55.46 25.45
C ASP D 67 -4.66 -55.11 24.27
N ARG D 68 -4.93 -53.98 23.63
CA ARG D 68 -4.02 -53.38 22.64
C ARG D 68 -2.75 -52.79 23.28
N VAL D 69 -1.71 -52.67 22.47
CA VAL D 69 -0.49 -52.00 22.88
C VAL D 69 -0.51 -50.52 22.43
N LEU D 70 -0.08 -49.65 23.37
CA LEU D 70 0.14 -48.22 23.12
C LEU D 70 1.54 -48.03 22.47
N VAL D 71 1.57 -47.42 21.31
CA VAL D 71 2.79 -47.20 20.55
C VAL D 71 3.01 -45.67 20.42
N ILE D 72 4.13 -45.17 20.91
CA ILE D 72 4.51 -43.78 20.68
C ILE D 72 5.58 -43.85 19.63
N VAL D 73 5.25 -43.49 18.37
CA VAL D 73 6.13 -43.71 17.25
C VAL D 73 6.26 -42.46 16.37
N GLY D 74 7.46 -42.14 15.95
CA GLY D 74 7.69 -41.02 15.08
C GLY D 74 9.11 -40.54 15.25
N PRO D 75 9.43 -39.43 14.57
CA PRO D 75 10.80 -38.91 14.61
C PRO D 75 11.41 -38.68 16.02
N CYS D 76 12.72 -38.74 16.13
CA CYS D 76 13.38 -38.23 17.32
C CYS D 76 12.93 -36.81 17.71
N SER D 77 12.92 -35.95 16.68
CA SER D 77 12.57 -34.52 16.81
C SER D 77 12.08 -34.01 15.45
N ILE D 78 11.23 -32.99 15.46
CA ILE D 78 10.60 -32.48 14.25
C ILE D 78 11.30 -31.16 13.97
N HIS D 79 12.04 -31.10 12.86
CA HIS D 79 12.60 -29.83 12.42
C HIS D 79 11.96 -29.36 11.12
N ASP D 80 11.09 -30.18 10.54
CA ASP D 80 10.59 -29.87 9.21
C ASP D 80 9.15 -30.29 9.25
N LEU D 81 8.28 -29.28 9.23
CA LEU D 81 6.85 -29.52 9.40
C LEU D 81 6.22 -30.19 8.19
N GLU D 82 6.75 -29.91 7.01
CA GLU D 82 6.21 -30.56 5.78
C GLU D 82 6.53 -32.05 5.72
N ALA D 83 7.78 -32.43 5.94
CA ALA D 83 8.18 -33.82 6.23
C ALA D 83 7.42 -34.56 7.30
N ALA D 84 7.17 -33.87 8.43
CA ALA D 84 6.38 -34.44 9.50
C ALA D 84 4.98 -34.72 9.01
N GLN D 85 4.46 -33.82 8.19
CA GLN D 85 3.11 -34.00 7.68
C GLN D 85 3.01 -35.22 6.78
N GLU D 86 3.97 -35.39 5.89
CA GLU D 86 3.97 -36.52 4.97
C GLU D 86 4.08 -37.83 5.81
N TYR D 87 4.97 -37.80 6.80
CA TYR D 87 5.20 -38.96 7.71
C TYR D 87 3.90 -39.22 8.40
N ALA D 88 3.24 -38.18 8.85
CA ALA D 88 2.04 -38.40 9.63
C ALA D 88 0.87 -39.04 8.88
N LEU D 89 0.68 -38.63 7.65
CA LEU D 89 -0.32 -39.22 6.74
C LEU D 89 -0.05 -40.74 6.52
N ARG D 90 1.21 -41.11 6.39
CA ARG D 90 1.54 -42.52 6.36
C ARG D 90 1.15 -43.26 7.67
N LEU D 91 1.29 -42.62 8.83
CA LEU D 91 1.14 -43.29 10.10
C LEU D 91 -0.32 -43.38 10.40
N LYS D 92 -1.05 -42.40 9.95
CA LYS D 92 -2.45 -42.40 10.16
C LYS D 92 -3.10 -43.54 9.35
N LYS D 93 -2.62 -43.73 8.14
CA LYS D 93 -3.17 -44.78 7.28
C LYS D 93 -2.86 -46.16 7.83
N LEU D 94 -1.60 -46.38 8.20
CA LEU D 94 -1.26 -47.63 8.90
C LEU D 94 -1.99 -47.85 10.23
N SER D 95 -2.16 -46.79 11.02
CA SER D 95 -2.90 -46.79 12.28
C SER D 95 -4.33 -47.30 12.06
N ASP D 96 -5.00 -46.75 11.05
CA ASP D 96 -6.34 -47.22 10.66
C ASP D 96 -6.41 -48.73 10.39
N GLU D 97 -5.34 -49.25 9.84
CA GLU D 97 -5.29 -50.65 9.55
C GLU D 97 -5.13 -51.51 10.81
N LEU D 98 -4.32 -51.03 11.77
CA LEU D 98 -3.91 -51.86 12.86
C LEU D 98 -4.64 -51.44 14.10
N LYS D 99 -5.69 -50.66 13.96
CA LYS D 99 -6.36 -50.11 15.11
C LYS D 99 -7.01 -51.14 16.04
N GLY D 100 -7.31 -52.35 15.54
CA GLY D 100 -7.79 -53.45 16.37
C GLY D 100 -6.71 -54.00 17.31
N ASP D 101 -5.44 -53.73 17.02
CA ASP D 101 -4.30 -54.22 17.87
C ASP D 101 -3.34 -53.18 18.53
N LEU D 102 -3.30 -51.98 17.97
CA LEU D 102 -2.33 -50.96 18.33
C LEU D 102 -3.06 -49.66 18.47
N SER D 103 -2.75 -48.91 19.53
CA SER D 103 -3.24 -47.53 19.58
C SER D 103 -2.06 -46.62 19.40
N ILE D 104 -2.03 -45.90 18.28
CA ILE D 104 -0.85 -45.26 17.79
C ILE D 104 -0.96 -43.79 18.06
N ILE D 105 0.14 -43.25 18.59
CA ILE D 105 0.31 -41.84 18.93
C ILE D 105 1.62 -41.45 18.26
N MET D 106 1.66 -40.33 17.56
CA MET D 106 2.88 -39.95 16.90
C MET D 106 3.78 -39.18 17.83
N ARG D 107 5.09 -39.50 17.86
CA ARG D 107 6.08 -38.64 18.47
C ARG D 107 6.15 -37.28 17.76
N ALA D 108 5.86 -36.24 18.54
CA ALA D 108 5.97 -34.84 18.12
C ALA D 108 6.81 -34.13 19.14
N TYR D 109 8.08 -34.56 19.19
CA TYR D 109 9.04 -33.99 20.09
C TYR D 109 9.77 -32.82 19.39
N LEU D 110 10.20 -31.90 20.21
CA LEU D 110 10.62 -30.60 19.77
C LEU D 110 12.16 -30.41 19.94
N GLU D 111 12.79 -31.36 20.61
CA GLU D 111 14.07 -31.15 21.22
C GLU D 111 14.59 -32.56 21.58
N LYS D 112 15.90 -32.73 21.50
CA LYS D 112 16.61 -33.91 22.02
C LYS D 112 17.43 -33.51 23.25
N PRO D 113 17.52 -34.36 24.27
CA PRO D 113 18.44 -34.03 25.39
C PRO D 113 19.83 -33.42 24.85
N ARG D 114 20.23 -32.22 25.27
CA ARG D 114 21.41 -31.53 24.70
C ARG D 114 22.72 -32.01 25.31
N VAL D 117 25.48 -30.72 22.03
CA VAL D 117 25.63 -29.65 21.03
C VAL D 117 25.19 -30.13 19.64
N GLY D 118 24.80 -29.20 18.79
CA GLY D 118 23.90 -29.52 17.68
C GLY D 118 22.62 -28.71 17.80
N TRP D 119 21.66 -29.05 16.97
CA TRP D 119 20.45 -28.25 16.87
C TRP D 119 19.75 -28.17 18.18
N LYS D 120 19.38 -26.96 18.55
CA LYS D 120 18.78 -26.69 19.83
C LYS D 120 17.29 -26.91 19.90
N GLY D 121 16.68 -27.49 18.86
CA GLY D 121 15.25 -27.75 18.81
C GLY D 121 14.38 -26.68 18.18
N LEU D 122 13.09 -27.02 18.12
CA LEU D 122 12.12 -26.29 17.36
C LEU D 122 11.62 -25.05 18.08
N ILE D 123 11.60 -25.10 19.40
CA ILE D 123 11.23 -23.92 20.19
C ILE D 123 12.32 -22.83 20.08
N ASN D 124 13.56 -23.15 20.40
CA ASN D 124 14.68 -22.24 20.27
C ASN D 124 15.06 -21.79 18.86
N ASP D 125 15.19 -22.77 18.00
CA ASP D 125 15.79 -22.57 16.70
C ASP D 125 14.95 -23.11 15.59
N PRO D 126 13.79 -22.53 15.43
CA PRO D 126 12.89 -23.03 14.43
C PRO D 126 13.35 -22.82 13.00
N ASP D 127 14.30 -21.92 12.72
CA ASP D 127 14.78 -21.75 11.34
C ASP D 127 15.97 -22.70 11.05
N VAL D 128 16.34 -23.53 12.04
CA VAL D 128 17.42 -24.52 11.89
C VAL D 128 18.68 -23.78 11.35
N ASN D 129 19.08 -22.70 12.02
CA ASN D 129 20.15 -21.83 11.52
C ASN D 129 21.06 -21.33 12.62
N ASN D 130 20.97 -22.02 13.76
CA ASN D 130 21.65 -21.61 15.00
C ASN D 130 21.43 -20.14 15.39
N THR D 131 20.22 -19.61 15.18
CA THR D 131 19.77 -18.39 15.87
C THR D 131 18.71 -18.77 16.94
N PHE D 132 18.11 -17.78 17.59
CA PHE D 132 17.10 -17.99 18.64
C PHE D 132 15.87 -17.15 18.31
N ASN D 133 14.71 -17.73 18.49
CA ASN D 133 13.43 -17.13 18.11
C ASN D 133 12.35 -17.99 18.75
N ILE D 134 12.25 -17.90 20.07
CA ILE D 134 11.34 -18.70 20.88
C ILE D 134 9.88 -18.43 20.52
N ASN D 135 9.51 -17.17 20.23
CA ASN D 135 8.13 -16.85 19.84
C ASN D 135 7.72 -17.54 18.60
N LYS D 136 8.60 -17.46 17.61
CA LYS D 136 8.40 -18.18 16.34
C LYS D 136 8.48 -19.69 16.54
N GLY D 137 9.24 -20.12 17.52
CA GLY D 137 9.39 -21.54 17.81
C GLY D 137 8.14 -22.13 18.43
N LEU D 138 7.55 -21.39 19.34
CA LEU D 138 6.27 -21.80 19.94
C LEU D 138 5.21 -21.79 18.96
N GLN D 139 5.25 -20.86 18.04
CA GLN D 139 4.36 -20.86 16.92
C GLN D 139 4.48 -22.06 16.03
N SER D 140 5.69 -22.38 15.60
CA SER D 140 5.89 -23.56 14.71
C SER D 140 5.47 -24.81 15.48
N ALA D 141 5.77 -24.88 16.79
CA ALA D 141 5.41 -26.05 17.58
C ALA D 141 3.90 -26.20 17.64
N ARG D 142 3.19 -25.09 17.82
CA ARG D 142 1.74 -25.17 17.99
C ARG D 142 1.13 -25.47 16.62
N GLN D 143 1.61 -24.90 15.53
CA GLN D 143 1.04 -25.21 14.21
C GLN D 143 1.28 -26.69 13.79
N LEU D 144 2.45 -27.22 14.15
CA LEU D 144 2.78 -28.64 13.93
C LEU D 144 1.77 -29.49 14.64
N PHE D 145 1.56 -29.19 15.89
CA PHE D 145 0.60 -30.01 16.66
C PHE D 145 -0.84 -29.94 16.11
N VAL D 146 -1.20 -28.80 15.57
CA VAL D 146 -2.52 -28.66 14.99
C VAL D 146 -2.51 -29.43 13.70
N ASN D 147 -1.48 -29.27 12.91
CA ASN D 147 -1.44 -29.93 11.62
C ASN D 147 -1.59 -31.44 11.77
N LEU D 148 -0.91 -32.00 12.77
CA LEU D 148 -0.83 -33.45 12.98
C LEU D 148 -2.12 -33.97 13.50
N THR D 149 -2.69 -33.30 14.49
CA THR D 149 -3.95 -33.82 15.10
C THR D 149 -5.19 -33.53 14.27
N ASN D 150 -5.11 -32.49 13.45
CA ASN D 150 -6.17 -32.16 12.50
C ASN D 150 -6.52 -33.29 11.47
N ILE D 151 -5.55 -34.14 11.15
CA ILE D 151 -5.81 -35.29 10.32
C ILE D 151 -6.21 -36.60 11.08
N GLY D 152 -6.31 -36.52 12.40
CA GLY D 152 -6.82 -37.59 13.19
C GLY D 152 -5.75 -38.40 13.86
N LEU D 153 -4.53 -37.87 14.00
CA LEU D 153 -3.45 -38.64 14.61
C LEU D 153 -3.07 -38.04 15.94
N PRO D 154 -3.31 -38.75 17.02
CA PRO D 154 -2.89 -38.16 18.28
C PRO D 154 -1.38 -38.04 18.39
N ILE D 155 -0.94 -37.16 19.27
CA ILE D 155 0.49 -36.87 19.43
C ILE D 155 0.95 -36.87 20.87
N GLY D 156 2.27 -37.00 21.02
CA GLY D 156 2.89 -37.06 22.32
C GLY D 156 4.17 -36.22 22.28
N SER D 157 4.56 -35.65 23.42
CA SER D 157 5.71 -34.78 23.42
C SER D 157 6.29 -34.73 24.83
N GLU D 158 7.57 -34.37 24.96
CA GLU D 158 8.19 -34.20 26.24
C GLU D 158 7.69 -32.94 26.85
N MET D 159 7.51 -33.01 28.20
CA MET D 159 7.08 -31.91 29.00
C MET D 159 8.36 -31.30 29.61
N LEU D 160 8.75 -30.18 29.06
CA LEU D 160 10.11 -29.66 29.22
C LEU D 160 10.29 -28.70 30.40
N ASP D 161 9.23 -27.97 30.73
CA ASP D 161 9.23 -27.00 31.78
C ASP D 161 7.77 -26.70 32.14
N THR D 162 7.55 -25.79 33.07
CA THR D 162 6.17 -25.45 33.48
C THR D 162 5.45 -24.45 32.60
N ILE D 163 6.15 -23.94 31.58
CA ILE D 163 5.62 -22.87 30.75
C ILE D 163 5.13 -23.34 29.37
N SER D 164 6.01 -23.99 28.63
CA SER D 164 5.73 -24.41 27.27
C SER D 164 4.48 -25.27 27.13
N PRO D 165 4.22 -26.19 28.05
CA PRO D 165 3.04 -27.05 27.93
C PRO D 165 1.73 -26.25 27.98
N GLN D 166 1.75 -25.08 28.62
CA GLN D 166 0.60 -24.17 28.58
C GLN D 166 0.24 -23.70 27.15
N TYR D 167 1.18 -23.77 26.23
CA TYR D 167 0.92 -23.36 24.89
C TYR D 167 0.33 -24.41 24.00
N LEU D 168 0.33 -25.66 24.47
CA LEU D 168 0.25 -26.84 23.65
C LEU D 168 -0.63 -27.94 24.22
N ALA D 169 -0.97 -27.86 25.50
CA ALA D 169 -1.57 -28.98 26.22
C ALA D 169 -2.95 -29.41 25.66
N ASP D 170 -3.76 -28.50 25.12
CA ASP D 170 -5.04 -28.88 24.47
C ASP D 170 -4.91 -29.93 23.37
N LEU D 171 -3.71 -30.09 22.82
CA LEU D 171 -3.45 -30.86 21.58
C LEU D 171 -2.73 -32.20 21.85
N VAL D 172 -2.26 -32.35 23.08
CA VAL D 172 -1.43 -33.47 23.49
C VAL D 172 -2.19 -34.60 24.14
N SER D 173 -1.90 -35.84 23.73
CA SER D 173 -2.47 -37.06 24.36
C SER D 173 -1.50 -37.88 25.15
N PHE D 174 -0.18 -37.61 25.02
CA PHE D 174 0.79 -38.25 25.88
C PHE D 174 1.92 -37.32 26.18
N GLY D 175 2.29 -37.22 27.45
CA GLY D 175 3.46 -36.45 27.83
C GLY D 175 4.59 -37.28 28.42
N ALA D 176 5.82 -36.97 28.08
CA ALA D 176 6.97 -37.74 28.57
C ALA D 176 7.82 -36.86 29.44
N ILE D 177 8.39 -37.48 30.48
CA ILE D 177 9.40 -36.86 31.30
C ILE D 177 10.62 -37.75 31.02
N GLY D 178 11.65 -37.15 30.43
CA GLY D 178 12.82 -37.90 30.10
C GLY D 178 13.73 -38.22 31.26
N ALA D 179 14.73 -39.01 30.94
CA ALA D 179 15.52 -39.69 31.92
C ALA D 179 16.24 -38.65 32.80
N ARG D 180 16.60 -37.54 32.15
CA ARG D 180 17.30 -36.46 32.87
C ARG D 180 16.49 -35.62 33.81
N THR D 181 15.17 -35.74 33.71
CA THR D 181 14.28 -35.02 34.62
C THR D 181 13.34 -35.87 35.45
N THR D 182 13.37 -37.19 35.28
CA THR D 182 12.52 -38.05 36.12
C THR D 182 12.73 -37.79 37.59
N GLU D 183 13.94 -37.42 37.97
CA GLU D 183 14.23 -37.11 39.35
C GLU D 183 13.85 -35.70 39.83
N SER D 184 13.60 -34.79 38.88
CA SER D 184 13.34 -33.38 39.18
C SER D 184 11.95 -33.21 39.82
N GLN D 185 11.94 -32.65 41.02
CA GLN D 185 10.70 -32.35 41.75
C GLN D 185 9.71 -31.52 40.91
N LEU D 186 10.23 -30.50 40.24
CA LEU D 186 9.45 -29.56 39.50
C LEU D 186 8.67 -30.28 38.42
N HIS D 187 9.32 -31.31 37.84
CA HIS D 187 8.72 -32.06 36.75
C HIS D 187 7.70 -33.04 37.26
N ARG D 188 7.95 -33.55 38.45
CA ARG D 188 6.97 -34.41 39.07
C ARG D 188 5.67 -33.63 39.42
N GLU D 189 5.82 -32.46 40.01
CA GLU D 189 4.74 -31.58 40.33
C GLU D 189 3.96 -31.19 39.06
N LEU D 190 4.70 -30.89 38.01
CA LEU D 190 4.11 -30.57 36.72
C LEU D 190 3.20 -31.70 36.22
N ALA D 191 3.71 -32.93 36.22
CA ALA D 191 3.02 -34.12 35.79
C ALA D 191 1.69 -34.36 36.56
N SER D 192 1.72 -34.03 37.84
CA SER D 192 0.54 -34.16 38.71
C SER D 192 -0.60 -33.25 38.26
N GLY D 193 -0.30 -32.19 37.47
CA GLY D 193 -1.28 -31.26 36.94
C GLY D 193 -1.61 -31.34 35.47
N LEU D 194 -1.17 -32.41 34.77
CA LEU D 194 -1.32 -32.45 33.32
C LEU D 194 -2.61 -33.21 32.92
N SER D 195 -3.22 -32.84 31.82
CA SER D 195 -4.53 -33.38 31.44
C SER D 195 -4.45 -34.75 30.75
N PHE D 196 -3.31 -35.41 30.79
CA PHE D 196 -3.10 -36.59 29.96
C PHE D 196 -2.17 -37.48 30.71
N PRO D 197 -2.08 -38.74 30.29
CA PRO D 197 -1.06 -39.67 30.81
C PRO D 197 0.42 -39.26 30.61
N VAL D 198 1.27 -39.58 31.57
CA VAL D 198 2.65 -39.12 31.56
C VAL D 198 3.52 -40.29 31.91
N GLY D 199 4.45 -40.56 31.04
CA GLY D 199 5.45 -41.57 31.25
C GLY D 199 6.76 -40.98 31.69
N PHE D 200 7.23 -41.48 32.81
CA PHE D 200 8.53 -41.16 33.32
C PHE D 200 9.55 -42.20 32.90
N LYS D 201 10.61 -41.76 32.21
CA LYS D 201 11.77 -42.61 31.94
C LYS D 201 12.65 -42.97 33.12
N ASN D 202 13.23 -44.18 33.04
CA ASN D 202 14.17 -44.65 34.03
C ASN D 202 15.43 -43.77 33.91
N GLY D 203 16.17 -43.68 34.98
CA GLY D 203 17.31 -42.81 35.06
C GLY D 203 18.40 -43.24 34.12
N THR D 204 19.35 -42.34 33.95
CA THR D 204 20.41 -42.54 32.99
C THR D 204 21.40 -43.66 33.44
N ASP D 205 21.45 -43.94 34.72
CA ASP D 205 22.18 -45.12 35.26
C ASP D 205 21.43 -46.45 35.07
N GLY D 206 20.21 -46.41 34.57
CA GLY D 206 19.56 -47.60 34.06
C GLY D 206 18.60 -48.26 35.02
N THR D 207 18.52 -47.69 36.20
CA THR D 207 17.64 -48.22 37.22
C THR D 207 16.33 -47.44 37.28
N LEU D 208 15.40 -48.07 37.92
CA LEU D 208 14.02 -47.85 37.71
C LEU D 208 13.35 -47.13 38.83
N ASN D 209 13.89 -47.18 40.04
CA ASN D 209 13.20 -46.59 41.19
C ASN D 209 12.96 -45.11 41.17
N VAL D 210 13.80 -44.33 40.45
CA VAL D 210 13.53 -42.88 40.29
C VAL D 210 12.22 -42.66 39.53
N ALA D 211 11.93 -43.51 38.57
CA ALA D 211 10.66 -43.49 37.83
C ALA D 211 9.47 -44.01 38.60
N VAL D 212 9.66 -45.05 39.38
CA VAL D 212 8.61 -45.47 40.30
C VAL D 212 8.33 -44.42 41.32
N ASP D 213 9.37 -43.81 41.90
CA ASP D 213 9.14 -42.70 42.82
C ASP D 213 8.43 -41.51 42.15
N ALA D 214 8.75 -41.25 40.90
CA ALA D 214 8.13 -40.16 40.14
C ALA D 214 6.63 -40.41 40.00
N CYS D 215 6.27 -41.64 39.62
CA CYS D 215 4.89 -41.97 39.42
C CYS D 215 4.15 -41.81 40.75
N GLN D 216 4.74 -42.20 41.89
CA GLN D 216 4.03 -42.05 43.19
C GLN D 216 3.82 -40.58 43.58
N ALA D 217 4.85 -39.76 43.42
CA ALA D 217 4.72 -38.35 43.68
C ALA D 217 3.70 -37.67 42.78
N ALA D 218 3.68 -37.98 41.49
CA ALA D 218 2.79 -37.30 40.55
C ALA D 218 1.32 -37.63 40.80
N ALA D 219 1.05 -38.67 41.57
CA ALA D 219 -0.31 -39.07 41.88
C ALA D 219 -0.92 -38.13 42.87
N HIS D 220 -0.11 -37.33 43.56
CA HIS D 220 -0.59 -36.46 44.60
C HIS D 220 -0.75 -35.02 44.16
N SER D 221 -1.44 -34.26 45.00
CA SER D 221 -1.67 -32.85 44.81
C SER D 221 -0.38 -32.08 45.11
N HIS D 222 -0.06 -31.10 44.26
CA HIS D 222 1.10 -30.23 44.51
C HIS D 222 0.76 -28.83 44.15
N HIS D 223 1.64 -27.92 44.54
CA HIS D 223 1.59 -26.52 44.17
C HIS D 223 2.91 -26.27 43.47
N PHE D 224 2.89 -25.92 42.18
CA PHE D 224 4.06 -25.39 41.50
C PHE D 224 3.80 -23.98 40.91
N MET D 225 4.89 -23.37 40.47
CA MET D 225 4.93 -22.04 39.92
C MET D 225 4.88 -22.16 38.44
N GLY D 226 3.65 -21.98 37.92
CA GLY D 226 3.35 -21.98 36.49
C GLY D 226 2.94 -20.61 35.97
N VAL D 227 2.28 -20.62 34.82
CA VAL D 227 1.75 -19.41 34.24
C VAL D 227 0.31 -19.56 33.90
N THR D 228 -0.37 -18.43 33.94
CA THR D 228 -1.77 -18.37 33.52
C THR D 228 -1.75 -18.34 32.03
N LYS D 229 -2.94 -18.49 31.47
CA LYS D 229 -3.11 -18.34 30.07
C LYS D 229 -2.76 -16.93 29.60
N HIS D 230 -2.80 -15.93 30.49
CA HIS D 230 -2.34 -14.59 30.11
C HIS D 230 -0.86 -14.32 30.36
N GLY D 231 -0.05 -15.36 30.62
CA GLY D 231 1.40 -15.24 30.66
C GLY D 231 2.02 -14.75 31.96
N VAL D 232 1.24 -14.78 33.03
CA VAL D 232 1.63 -14.20 34.30
C VAL D 232 1.91 -15.33 35.31
N ALA D 233 2.98 -15.23 36.12
CA ALA D 233 3.31 -16.29 37.11
C ALA D 233 2.20 -16.44 38.13
N ALA D 234 1.96 -17.68 38.53
CA ALA D 234 0.98 -17.96 39.52
C ALA D 234 1.21 -19.30 40.18
N ILE D 235 0.60 -19.46 41.33
CA ILE D 235 0.62 -20.72 42.06
C ILE D 235 -0.44 -21.63 41.55
N THR D 236 0.00 -22.73 40.97
CA THR D 236 -0.87 -23.69 40.30
C THR D 236 -1.02 -24.89 41.19
N THR D 237 -2.25 -25.15 41.68
CA THR D 237 -2.57 -26.29 42.52
C THR D 237 -3.08 -27.41 41.67
N THR D 238 -2.58 -28.60 41.90
CA THR D 238 -2.93 -29.73 41.04
C THR D 238 -3.76 -30.77 41.76
N LYS D 239 -4.36 -31.66 40.97
CA LYS D 239 -5.26 -32.68 41.45
C LYS D 239 -4.50 -33.96 41.78
N GLY D 240 -3.29 -34.16 41.25
CA GLY D 240 -2.64 -35.44 41.20
C GLY D 240 -3.01 -36.24 39.97
N ASN D 241 -2.12 -37.13 39.49
CA ASN D 241 -2.26 -37.77 38.15
C ASN D 241 -2.19 -39.25 38.33
N GLU D 242 -3.32 -39.95 38.25
CA GLU D 242 -3.35 -41.39 38.48
C GLU D 242 -2.86 -42.20 37.21
N HIS D 243 -2.52 -41.50 36.11
CA HIS D 243 -2.19 -42.09 34.82
C HIS D 243 -0.69 -41.90 34.43
N CYS D 244 0.20 -42.07 35.40
CA CYS D 244 1.62 -41.96 35.15
C CYS D 244 2.09 -43.38 35.07
N PHE D 245 3.08 -43.62 34.21
CA PHE D 245 3.67 -44.94 34.10
C PHE D 245 5.14 -44.85 33.83
N VAL D 246 5.80 -45.97 33.98
CA VAL D 246 7.23 -46.07 33.87
C VAL D 246 7.59 -46.51 32.46
N ILE D 247 8.68 -45.92 31.92
CA ILE D 247 9.23 -46.26 30.60
C ILE D 247 10.63 -46.74 30.76
N LEU D 248 10.92 -47.90 30.16
CA LEU D 248 12.24 -48.53 30.24
C LEU D 248 13.00 -48.20 29.01
N ARG D 249 14.18 -47.62 29.21
CA ARG D 249 14.94 -47.03 28.16
C ARG D 249 16.41 -47.28 28.24
N GLY D 250 16.82 -48.26 29.05
CA GLY D 250 18.21 -48.63 29.20
C GLY D 250 19.06 -47.62 29.91
N GLY D 251 20.36 -47.65 29.67
CA GLY D 251 21.25 -46.89 30.57
C GLY D 251 22.56 -47.57 30.93
N LYS D 252 23.24 -47.07 31.97
CA LYS D 252 24.61 -47.50 32.24
C LYS D 252 24.64 -48.97 32.80
N LYS D 253 23.59 -49.43 33.49
CA LYS D 253 23.46 -50.84 33.91
C LYS D 253 23.19 -51.80 32.74
N GLY D 254 22.93 -51.27 31.53
CA GLY D 254 22.66 -52.04 30.32
C GLY D 254 21.25 -51.86 29.81
N THR D 255 20.93 -52.53 28.71
CA THR D 255 19.59 -52.55 28.15
C THR D 255 18.65 -53.22 29.13
N ASN D 256 17.33 -52.93 29.05
CA ASN D 256 16.38 -53.44 30.05
C ASN D 256 15.06 -53.75 29.40
N TYR D 257 15.04 -54.30 28.18
CA TYR D 257 13.79 -54.70 27.53
C TYR D 257 13.53 -56.21 27.45
N ASP D 258 14.43 -57.00 28.00
CA ASP D 258 14.45 -58.44 27.89
C ASP D 258 13.67 -59.06 29.05
N ALA D 259 13.41 -60.36 28.99
CA ALA D 259 12.40 -60.91 29.92
C ALA D 259 12.84 -60.77 31.36
N LYS D 260 14.14 -60.84 31.62
CA LYS D 260 14.66 -60.70 32.97
C LYS D 260 14.48 -59.25 33.52
N SER D 261 14.92 -58.26 32.72
CA SER D 261 14.71 -56.82 33.04
C SER D 261 13.22 -56.52 33.23
N VAL D 262 12.36 -57.07 32.40
CA VAL D 262 10.95 -56.82 32.62
C VAL D 262 10.38 -57.40 33.96
N ALA D 263 10.70 -58.67 34.33
CA ALA D 263 10.22 -59.25 35.63
C ALA D 263 10.78 -58.43 36.80
N GLU D 264 12.03 -58.08 36.70
CA GLU D 264 12.67 -57.22 37.68
C GLU D 264 11.99 -55.86 37.86
N ALA D 265 11.47 -55.35 36.76
CA ALA D 265 10.74 -54.12 36.73
C ALA D 265 9.36 -54.30 37.37
N LYS D 266 8.65 -55.35 36.94
CA LYS D 266 7.34 -55.68 37.47
C LYS D 266 7.37 -55.85 38.96
N ALA D 267 8.51 -56.29 39.50
CA ALA D 267 8.66 -56.59 40.92
C ALA D 267 8.90 -55.33 41.74
N GLN D 268 9.39 -54.24 41.12
CA GLN D 268 9.58 -52.98 41.88
C GLN D 268 8.32 -52.14 41.92
N LEU D 269 7.32 -52.56 41.17
CA LEU D 269 6.12 -51.79 41.01
C LEU D 269 5.17 -52.12 42.16
N PRO D 270 4.65 -51.11 42.80
CA PRO D 270 3.60 -51.28 43.80
C PRO D 270 2.22 -51.66 43.19
N ALA D 271 1.35 -52.27 44.00
CA ALA D 271 0.05 -52.70 43.54
C ALA D 271 -0.82 -51.53 42.98
N GLY D 272 -1.73 -51.86 42.06
CA GLY D 272 -2.48 -50.82 41.35
C GLY D 272 -1.63 -49.96 40.37
N SER D 273 -0.34 -50.28 40.22
CA SER D 273 0.51 -49.68 39.19
C SER D 273 -0.10 -49.80 37.82
N ASN D 274 0.25 -48.85 36.94
CA ASN D 274 -0.07 -48.92 35.50
C ASN D 274 0.95 -49.80 34.79
N GLY D 275 0.65 -50.22 33.57
CA GLY D 275 1.56 -51.01 32.74
C GLY D 275 2.86 -50.30 32.34
N LEU D 276 3.87 -51.08 31.99
CA LEU D 276 5.14 -50.59 31.58
C LEU D 276 5.22 -50.25 30.07
N MET D 277 6.09 -49.32 29.71
CA MET D 277 6.33 -49.01 28.31
C MET D 277 7.80 -49.21 28.07
N ILE D 278 8.08 -49.79 26.93
CA ILE D 278 9.47 -50.05 26.59
C ILE D 278 9.85 -49.23 25.38
N ASP D 279 10.84 -48.38 25.60
CA ASP D 279 11.53 -47.63 24.52
C ASP D 279 12.57 -48.49 23.80
N TYR D 280 12.30 -48.78 22.53
CA TYR D 280 13.27 -49.46 21.65
C TYR D 280 14.54 -48.64 21.33
N SER D 281 14.55 -47.29 21.48
CA SER D 281 15.76 -46.50 21.18
C SER D 281 16.55 -46.10 22.40
N HIS D 282 17.30 -45.01 22.22
CA HIS D 282 18.12 -44.44 23.24
C HIS D 282 18.96 -45.55 23.89
N GLY D 283 18.97 -45.75 25.21
CA GLY D 283 19.88 -46.75 25.76
C GLY D 283 19.68 -48.22 25.26
N ASN D 284 18.45 -48.56 24.92
CA ASN D 284 18.03 -49.90 24.57
C ASN D 284 18.38 -50.34 23.14
N SER D 285 18.80 -49.43 22.28
CA SER D 285 19.33 -49.83 20.99
C SER D 285 20.86 -49.66 20.95
N ASN D 286 21.42 -49.19 22.05
CA ASN D 286 22.85 -49.24 22.25
C ASN D 286 23.56 -48.55 21.09
N LYS D 287 23.36 -47.24 20.94
CA LYS D 287 24.12 -46.46 19.93
C LYS D 287 23.93 -46.86 18.44
N ASP D 288 22.91 -47.65 18.09
CA ASP D 288 22.70 -48.06 16.71
C ASP D 288 21.22 -48.27 16.37
N PHE D 289 20.66 -47.38 15.54
CA PHE D 289 19.23 -47.47 15.22
C PHE D 289 18.75 -48.81 14.68
N ARG D 290 19.63 -49.53 13.98
CA ARG D 290 19.26 -50.81 13.38
C ARG D 290 18.95 -51.89 14.45
N ASN D 291 19.31 -51.64 15.70
CA ASN D 291 18.91 -52.49 16.82
C ASN D 291 17.46 -52.35 17.23
N GLN D 292 16.73 -51.32 16.75
CA GLN D 292 15.34 -51.16 17.22
C GLN D 292 14.47 -52.33 16.82
N PRO D 293 14.62 -52.89 15.65
CA PRO D 293 13.72 -54.02 15.31
C PRO D 293 14.05 -55.37 16.00
N LYS D 294 15.29 -55.53 16.43
CA LYS D 294 15.76 -56.57 17.34
C LYS D 294 15.10 -56.45 18.73
N VAL D 295 15.01 -55.22 19.28
CA VAL D 295 14.34 -55.01 20.54
C VAL D 295 12.87 -55.36 20.32
N ASN D 296 12.33 -55.01 19.15
CA ASN D 296 10.96 -55.32 18.85
C ASN D 296 10.72 -56.86 18.94
N ASP D 297 11.67 -57.62 18.39
CA ASP D 297 11.56 -59.09 18.27
C ASP D 297 11.45 -59.66 19.67
N VAL D 298 12.34 -59.19 20.53
CA VAL D 298 12.45 -59.60 21.93
C VAL D 298 11.25 -59.23 22.74
N VAL D 299 10.64 -58.11 22.41
CA VAL D 299 9.57 -57.63 23.23
C VAL D 299 8.36 -58.32 22.69
N CYS D 300 8.33 -58.51 21.39
CA CYS D 300 7.20 -59.20 20.76
C CYS D 300 7.04 -60.67 21.25
N GLU D 301 8.14 -61.39 21.36
CA GLU D 301 8.19 -62.78 21.83
C GLU D 301 7.50 -62.77 23.22
N GLN D 302 7.81 -61.79 24.08
CA GLN D 302 7.26 -61.71 25.45
C GLN D 302 5.77 -61.48 25.49
N ILE D 303 5.36 -60.57 24.62
CA ILE D 303 3.96 -60.20 24.53
C ILE D 303 3.19 -61.40 23.99
N ALA D 304 3.81 -62.11 23.01
CA ALA D 304 3.17 -63.25 22.36
C ALA D 304 2.92 -64.37 23.44
N ASN D 305 3.78 -64.44 24.43
CA ASN D 305 3.74 -65.46 25.45
C ASN D 305 2.84 -65.12 26.62
N GLY D 306 2.08 -64.05 26.52
CA GLY D 306 1.22 -63.68 27.63
C GLY D 306 1.61 -62.57 28.59
N GLU D 307 2.70 -61.84 28.30
CA GLU D 307 3.18 -60.80 29.19
C GLU D 307 2.24 -59.62 29.11
N ASN D 308 1.35 -59.49 30.12
CA ASN D 308 0.33 -58.43 30.16
C ASN D 308 0.79 -57.06 30.74
N ALA D 309 1.88 -57.07 31.46
CA ALA D 309 2.41 -55.85 32.03
C ALA D 309 3.13 -54.94 30.96
N ILE D 310 3.33 -55.40 29.72
CA ILE D 310 3.91 -54.54 28.65
C ILE D 310 2.75 -53.97 27.91
N THR D 311 2.36 -52.74 28.24
CA THR D 311 1.26 -52.12 27.59
C THR D 311 1.69 -51.07 26.54
N GLY D 312 2.99 -50.78 26.43
CA GLY D 312 3.41 -49.72 25.54
C GLY D 312 4.80 -49.88 24.99
N VAL D 313 5.02 -49.22 23.86
CA VAL D 313 6.33 -49.19 23.27
C VAL D 313 6.60 -47.78 22.67
N MET D 314 7.86 -47.50 22.49
CA MET D 314 8.24 -46.25 21.91
C MET D 314 9.30 -46.57 20.89
N ILE D 315 9.11 -45.93 19.75
CA ILE D 315 9.92 -46.12 18.58
C ILE D 315 10.32 -44.79 17.89
N GLU D 316 11.61 -44.64 17.59
CA GLU D 316 12.17 -43.50 16.81
C GLU D 316 12.29 -43.90 15.34
N SER D 317 11.32 -43.38 14.58
CA SER D 317 10.97 -43.68 13.19
C SER D 317 10.88 -42.38 12.42
N ASN D 318 11.22 -42.44 11.13
CA ASN D 318 11.11 -41.33 10.22
C ASN D 318 10.86 -41.89 8.79
N ILE D 319 10.62 -41.00 7.85
CA ILE D 319 10.46 -41.37 6.46
C ILE D 319 11.61 -42.25 5.97
N ASN D 320 12.82 -41.77 6.19
CA ASN D 320 14.04 -42.41 5.80
C ASN D 320 14.89 -42.54 7.05
N GLU D 321 15.81 -43.50 6.96
CA GLU D 321 16.56 -43.99 8.10
C GLU D 321 17.81 -43.21 8.29
N GLY D 322 18.35 -43.34 9.50
CA GLY D 322 19.53 -42.65 9.92
C GLY D 322 19.36 -41.28 10.57
N ASN D 323 20.46 -40.51 10.53
CA ASN D 323 20.50 -39.12 10.90
C ASN D 323 21.58 -38.42 10.07
N GLN D 324 21.69 -37.12 10.26
CA GLN D 324 22.69 -36.26 9.59
C GLN D 324 23.04 -35.11 10.48
N GLY D 325 24.20 -34.55 10.25
CA GLY D 325 24.55 -33.25 10.79
C GLY D 325 23.97 -32.14 9.91
N ILE D 326 24.02 -30.93 10.44
CA ILE D 326 23.60 -29.75 9.71
C ILE D 326 24.86 -29.30 8.97
N PRO D 327 24.82 -29.25 7.64
CA PRO D 327 26.04 -29.03 6.83
C PRO D 327 26.56 -27.57 6.93
N ALA D 328 27.79 -27.30 6.46
CA ALA D 328 28.28 -25.90 6.36
C ALA D 328 27.16 -25.03 5.73
N GLU D 329 26.84 -25.33 4.49
CA GLU D 329 25.63 -24.87 3.80
C GLU D 329 24.37 -24.49 4.63
N GLY D 330 24.13 -25.15 5.78
CA GLY D 330 22.87 -25.02 6.55
C GLY D 330 21.69 -25.84 6.01
N LYS D 331 20.47 -25.54 6.49
CA LYS D 331 19.17 -26.19 6.20
C LYS D 331 18.93 -26.78 4.79
N ALA D 332 19.27 -25.97 3.80
CA ALA D 332 18.74 -26.20 2.45
C ALA D 332 19.44 -27.42 1.88
N GLY D 333 20.64 -27.70 2.46
CA GLY D 333 21.48 -28.86 2.17
C GLY D 333 21.17 -30.22 2.84
N LEU D 334 20.12 -30.25 3.67
CA LEU D 334 19.81 -31.42 4.51
C LEU D 334 19.08 -32.40 3.61
N LYS D 335 19.30 -33.70 3.82
CA LYS D 335 18.53 -34.72 3.09
C LYS D 335 17.06 -34.67 3.61
N TYR D 336 16.09 -34.92 2.75
CA TYR D 336 14.68 -34.81 3.14
C TYR D 336 14.21 -36.05 4.00
N GLY D 337 13.32 -35.81 4.97
CA GLY D 337 12.85 -36.92 5.86
C GLY D 337 13.91 -37.71 6.64
N VAL D 338 15.02 -37.09 6.93
CA VAL D 338 16.07 -37.66 7.77
C VAL D 338 16.34 -36.78 8.99
N SER D 339 16.52 -37.43 10.12
CA SER D 339 16.62 -36.76 11.44
C SER D 339 17.91 -36.02 11.56
N ILE D 340 17.85 -34.86 12.22
CA ILE D 340 19.03 -34.13 12.57
C ILE D 340 19.39 -34.27 14.02
N THR D 341 18.70 -35.20 14.69
CA THR D 341 19.08 -35.52 16.07
C THR D 341 19.39 -37.03 16.13
N ASP D 342 18.73 -37.83 16.98
CA ASP D 342 19.05 -39.27 17.03
C ASP D 342 18.61 -39.96 15.77
N ALA D 343 19.31 -41.02 15.40
CA ALA D 343 19.02 -41.78 14.20
C ALA D 343 17.75 -42.65 14.35
N CYS D 344 16.96 -42.79 13.29
CA CYS D 344 15.65 -43.42 13.32
C CYS D 344 15.64 -44.57 12.31
N ILE D 345 14.79 -45.56 12.52
CA ILE D 345 14.49 -46.44 11.43
C ILE D 345 13.61 -45.74 10.41
N GLY D 346 13.71 -46.20 9.17
CA GLY D 346 12.93 -45.73 8.07
C GLY D 346 11.54 -46.25 8.05
N TRP D 347 10.80 -45.75 7.08
CA TRP D 347 9.37 -45.98 7.13
C TRP D 347 9.06 -47.44 6.91
N GLU D 348 9.77 -48.05 5.96
CA GLU D 348 9.44 -49.40 5.52
C GLU D 348 9.76 -50.33 6.77
N THR D 349 10.88 -50.09 7.39
CA THR D 349 11.25 -50.81 8.60
C THR D 349 10.18 -50.67 9.70
N THR D 350 9.61 -49.48 9.82
CA THR D 350 8.62 -49.16 10.86
C THR D 350 7.33 -49.93 10.57
N GLU D 351 6.89 -49.91 9.31
CA GLU D 351 5.72 -50.65 8.91
C GLU D 351 5.92 -52.17 9.28
N ASP D 352 7.07 -52.74 9.01
CA ASP D 352 7.31 -54.14 9.37
C ASP D 352 7.32 -54.37 10.89
N VAL D 353 7.95 -53.47 11.61
CA VAL D 353 7.98 -53.54 13.05
C VAL D 353 6.57 -53.52 13.65
N LEU D 354 5.77 -52.58 13.18
CA LEU D 354 4.43 -52.42 13.70
C LEU D 354 3.40 -53.53 13.37
N ARG D 355 3.50 -54.08 12.18
CA ARG D 355 2.63 -55.17 11.74
C ARG D 355 2.98 -56.40 12.60
N LYS D 356 4.25 -56.59 12.83
CA LYS D 356 4.68 -57.64 13.71
C LYS D 356 4.23 -57.52 15.16
N LEU D 357 4.38 -56.32 15.71
CA LEU D 357 3.93 -56.05 17.05
C LEU D 357 2.44 -56.26 17.11
N ALA D 358 1.71 -55.90 16.05
CA ALA D 358 0.27 -56.09 16.14
C ALA D 358 -0.07 -57.58 16.16
N ALA D 359 0.75 -58.39 15.53
CA ALA D 359 0.56 -59.84 15.53
C ALA D 359 0.84 -60.43 16.93
N ALA D 360 1.88 -59.94 17.61
CA ALA D 360 2.22 -60.32 18.98
C ALA D 360 1.01 -60.08 19.89
N VAL D 361 0.31 -58.95 19.67
CA VAL D 361 -0.86 -58.54 20.43
C VAL D 361 -2.05 -59.48 20.20
N ARG D 362 -2.22 -59.91 18.95
CA ARG D 362 -3.26 -60.91 18.57
C ARG D 362 -2.96 -62.23 19.22
N GLN D 363 -1.72 -62.64 19.19
CA GLN D 363 -1.32 -63.92 19.81
C GLN D 363 -1.41 -63.85 21.34
N ARG D 364 -1.26 -62.68 21.97
CA ARG D 364 -1.35 -62.62 23.45
C ARG D 364 -2.86 -62.69 23.79
N ARG D 365 -3.69 -62.20 22.91
CA ARG D 365 -5.15 -62.32 23.09
C ARG D 365 -5.59 -63.85 23.15
N GLU D 366 -4.96 -64.68 22.32
CA GLU D 366 -5.25 -66.12 22.19
C GLU D 366 -4.75 -66.77 23.50
N VAL D 367 -3.64 -66.33 24.03
CA VAL D 367 -3.18 -66.80 25.33
C VAL D 367 -4.05 -66.42 26.58
N ASN D 368 -4.75 -65.29 26.56
CA ASN D 368 -5.58 -64.87 27.69
C ASN D 368 -7.04 -65.40 27.52
N GLY E 18 -25.61 6.37 -20.67
CA GLY E 18 -24.44 6.51 -21.62
C GLY E 18 -24.29 7.93 -22.23
N ALA E 19 -23.05 8.37 -22.48
CA ALA E 19 -22.74 9.73 -22.99
C ALA E 19 -23.36 10.00 -24.38
N GLU E 20 -24.02 11.14 -24.67
CA GLU E 20 -24.27 11.43 -26.10
C GLU E 20 -23.29 12.46 -26.72
N GLU E 21 -22.40 11.94 -27.56
CA GLU E 21 -21.55 12.74 -28.39
C GLU E 21 -21.71 12.27 -29.83
N ASP E 22 -21.30 13.12 -30.77
CA ASP E 22 -21.24 12.83 -32.19
C ASP E 22 -22.64 12.51 -32.74
N VAL E 23 -23.64 13.02 -32.08
CA VAL E 23 -24.98 13.00 -32.65
C VAL E 23 -25.12 13.79 -33.97
N ARG E 24 -24.18 14.71 -34.25
CA ARG E 24 -24.19 15.46 -35.53
C ARG E 24 -22.92 15.26 -36.29
N ILE E 25 -22.23 14.17 -36.01
CA ILE E 25 -21.02 13.84 -36.73
C ILE E 25 -21.40 12.60 -37.55
N LEU E 26 -21.25 12.68 -38.89
CA LEU E 26 -21.52 11.54 -39.81
C LEU E 26 -20.39 10.50 -39.88
N GLY E 27 -19.17 10.98 -39.85
CA GLY E 27 -18.05 10.06 -39.80
C GLY E 27 -16.80 10.89 -39.74
N TYR E 28 -15.69 10.23 -39.52
CA TYR E 28 -14.39 10.84 -39.45
C TYR E 28 -13.57 10.12 -40.52
N ASP E 29 -13.13 10.79 -41.56
CA ASP E 29 -12.33 10.14 -42.61
C ASP E 29 -10.82 10.42 -42.44
N PRO E 30 -9.97 9.48 -42.85
CA PRO E 30 -8.54 9.68 -42.63
C PRO E 30 -7.95 10.69 -43.53
N LEU E 31 -6.87 11.25 -43.05
CA LEU E 31 -6.24 12.35 -43.68
C LEU E 31 -4.82 11.98 -43.88
N ALA E 32 -4.25 12.22 -45.03
CA ALA E 32 -2.83 11.98 -45.15
C ALA E 32 -2.19 13.07 -44.32
N SER E 33 -1.07 12.78 -43.70
CA SER E 33 -0.46 13.72 -42.79
C SER E 33 0.29 14.69 -43.60
N PRO E 34 0.61 15.84 -43.00
CA PRO E 34 1.39 16.84 -43.72
C PRO E 34 2.67 16.29 -44.35
N ALA E 35 3.42 15.57 -43.56
CA ALA E 35 4.70 15.00 -43.99
C ALA E 35 4.51 13.97 -45.08
N LEU E 36 3.45 13.20 -45.01
CA LEU E 36 3.14 12.26 -46.08
C LEU E 36 2.89 13.02 -47.36
N LEU E 37 2.14 14.08 -47.29
CA LEU E 37 1.84 14.88 -48.47
C LEU E 37 3.13 15.56 -48.99
N GLN E 38 3.99 16.04 -48.09
CA GLN E 38 5.21 16.76 -48.48
C GLN E 38 6.28 15.84 -49.11
N VAL E 39 6.15 14.55 -48.89
CA VAL E 39 7.02 13.55 -49.52
C VAL E 39 6.45 13.09 -50.88
N GLN E 40 5.12 12.97 -50.93
CA GLN E 40 4.42 12.41 -52.10
C GLN E 40 4.42 13.44 -53.22
N ILE E 41 4.32 14.70 -52.83
CA ILE E 41 4.37 15.83 -53.74
C ILE E 41 5.53 16.71 -53.34
N PRO E 42 6.76 16.31 -53.66
CA PRO E 42 7.90 17.05 -53.13
C PRO E 42 7.93 18.44 -53.70
N ALA E 43 8.41 19.39 -52.91
CA ALA E 43 8.73 20.69 -53.47
C ALA E 43 10.04 20.53 -54.24
N THR E 44 10.24 21.33 -55.29
CA THR E 44 11.51 21.35 -56.01
C THR E 44 12.40 22.43 -55.43
N PRO E 45 13.72 22.28 -55.65
CA PRO E 45 14.65 23.30 -55.23
C PRO E 45 14.17 24.65 -55.65
N THR E 46 13.62 24.81 -56.86
CA THR E 46 13.15 26.09 -57.34
C THR E 46 11.86 26.53 -56.60
N SER E 47 10.97 25.58 -56.32
CA SER E 47 9.76 25.94 -55.51
C SER E 47 10.18 26.48 -54.13
N LEU E 48 11.17 25.86 -53.53
CA LEU E 48 11.56 26.28 -52.20
C LEU E 48 12.33 27.58 -52.25
N GLU E 49 13.21 27.76 -53.23
CA GLU E 49 13.96 29.04 -53.28
C GLU E 49 13.00 30.20 -53.57
N THR E 50 11.98 29.96 -54.39
CA THR E 50 11.01 31.03 -54.75
C THR E 50 10.16 31.46 -53.55
N ALA E 51 9.55 30.48 -52.89
CA ALA E 51 8.83 30.82 -51.66
C ALA E 51 9.69 31.68 -50.75
N LYS E 52 10.96 31.32 -50.57
CA LYS E 52 11.92 32.08 -49.74
C LYS E 52 12.15 33.49 -50.20
N ARG E 53 12.26 33.61 -51.51
CA ARG E 53 12.57 34.87 -52.13
C ARG E 53 11.33 35.79 -52.09
N GLY E 54 10.15 35.29 -52.46
CA GLY E 54 8.93 36.05 -52.18
C GLY E 54 8.83 36.55 -50.75
N ARG E 55 9.19 35.70 -49.78
CA ARG E 55 9.09 36.17 -48.37
C ARG E 55 10.06 37.26 -48.13
N ARG E 56 11.29 37.10 -48.65
CA ARG E 56 12.33 38.11 -48.37
C ARG E 56 11.96 39.45 -49.00
N GLU E 57 11.46 39.37 -50.24
CA GLU E 57 11.07 40.58 -50.98
C GLU E 57 9.89 41.30 -50.31
N ALA E 58 8.89 40.54 -49.88
CA ALA E 58 7.72 41.17 -49.20
C ALA E 58 8.13 41.77 -47.86
N ILE E 59 8.95 41.05 -47.10
CA ILE E 59 9.47 41.61 -45.84
C ILE E 59 10.10 43.00 -46.11
N ASP E 60 11.02 43.07 -47.09
CA ASP E 60 11.77 44.29 -47.37
C ASP E 60 10.81 45.42 -47.73
N ILE E 61 9.74 45.11 -48.45
CA ILE E 61 8.77 46.16 -48.83
C ILE E 61 7.96 46.61 -47.69
N ILE E 62 7.36 45.66 -46.96
CA ILE E 62 6.45 46.15 -45.91
C ILE E 62 7.21 46.81 -44.82
N THR E 63 8.48 46.50 -44.64
CA THR E 63 9.19 47.16 -43.53
C THR E 63 9.96 48.41 -44.00
N GLY E 64 9.75 48.84 -45.23
CA GLY E 64 10.38 50.06 -45.71
C GLY E 64 11.84 49.96 -46.14
N LYS E 65 12.40 48.77 -46.24
CA LYS E 65 13.74 48.55 -46.80
C LYS E 65 13.87 48.62 -48.35
N ASP E 66 12.77 48.40 -49.04
CA ASP E 66 12.68 48.48 -50.48
C ASP E 66 11.49 49.39 -50.85
N ASP E 67 11.63 50.06 -52.01
CA ASP E 67 10.61 51.03 -52.45
C ASP E 67 9.74 50.50 -53.60
N ARG E 68 9.85 49.24 -53.89
CA ARG E 68 8.87 48.63 -54.76
C ARG E 68 7.54 48.50 -54.00
N VAL E 69 6.54 48.09 -54.77
CA VAL E 69 5.19 47.85 -54.24
C VAL E 69 4.97 46.39 -54.36
N LEU E 70 4.52 45.81 -53.24
CA LEU E 70 4.15 44.41 -53.23
C LEU E 70 2.78 44.29 -53.84
N VAL E 71 2.62 43.33 -54.71
CA VAL E 71 1.40 43.17 -55.46
C VAL E 71 0.96 41.78 -55.27
N ILE E 72 -0.14 41.59 -54.54
CA ILE E 72 -0.75 40.26 -54.51
C ILE E 72 -1.87 40.25 -55.54
N VAL E 73 -1.75 39.45 -56.58
CA VAL E 73 -2.62 39.60 -57.73
C VAL E 73 -2.94 38.30 -58.37
N GLY E 74 -4.18 38.08 -58.70
CA GLY E 74 -4.55 36.84 -59.35
C GLY E 74 -6.00 36.47 -59.10
N PRO E 75 -6.39 35.27 -59.44
CA PRO E 75 -7.82 34.88 -59.40
C PRO E 75 -8.44 34.93 -57.98
N CYS E 76 -9.74 35.15 -57.88
CA CYS E 76 -10.44 35.09 -56.57
C CYS E 76 -10.11 33.76 -55.94
N SER E 77 -10.21 32.70 -56.73
CA SER E 77 -9.90 31.35 -56.29
C SER E 77 -9.48 30.54 -57.49
N ILE E 78 -8.84 29.42 -57.24
CA ILE E 78 -8.33 28.59 -58.30
C ILE E 78 -9.12 27.27 -58.22
N HIS E 79 -9.84 26.99 -59.31
CA HIS E 79 -10.65 25.74 -59.47
C HIS E 79 -10.15 24.86 -60.64
N ASP E 80 -9.27 25.48 -61.44
CA ASP E 80 -8.64 24.91 -62.60
C ASP E 80 -7.08 25.06 -62.58
N LEU E 81 -6.38 23.94 -62.36
CA LEU E 81 -4.91 23.90 -62.35
C LEU E 81 -4.15 24.24 -63.68
N GLU E 82 -4.75 23.95 -64.85
CA GLU E 82 -4.10 24.19 -66.16
C GLU E 82 -4.25 25.67 -66.48
N ALA E 83 -5.45 26.18 -66.21
CA ALA E 83 -5.79 27.56 -66.40
C ALA E 83 -5.00 28.44 -65.48
N ALA E 84 -4.80 27.99 -64.23
CA ALA E 84 -4.06 28.81 -63.27
C ALA E 84 -2.65 28.89 -63.76
N GLN E 85 -2.16 27.78 -64.29
CA GLN E 85 -0.76 27.66 -64.74
C GLN E 85 -0.41 28.54 -65.95
N GLU E 86 -1.40 28.73 -66.84
CA GLU E 86 -1.27 29.64 -67.99
C GLU E 86 -1.31 31.05 -67.51
N TYR E 87 -2.18 31.33 -66.55
CA TYR E 87 -2.17 32.64 -65.90
C TYR E 87 -0.79 32.89 -65.23
N ALA E 88 -0.29 31.90 -64.50
CA ALA E 88 1.03 31.99 -63.89
C ALA E 88 2.10 32.44 -64.91
N LEU E 89 2.15 31.78 -66.05
CA LEU E 89 3.17 32.05 -67.09
C LEU E 89 3.09 33.46 -67.56
N ARG E 90 1.90 33.96 -67.80
CA ARG E 90 1.79 35.35 -68.21
C ARG E 90 2.22 36.32 -67.14
N LEU E 91 1.71 36.13 -65.91
CA LEU E 91 2.05 37.02 -64.78
C LEU E 91 3.54 36.97 -64.44
N LYS E 92 4.15 35.81 -64.61
CA LYS E 92 5.59 35.65 -64.46
C LYS E 92 6.40 36.50 -65.51
N LYS E 93 5.97 36.46 -66.78
CA LYS E 93 6.63 37.18 -67.89
C LYS E 93 6.46 38.69 -67.67
N LEU E 94 5.32 39.10 -67.11
CA LEU E 94 5.10 40.50 -66.75
C LEU E 94 5.86 40.91 -65.50
N SER E 95 6.14 39.96 -64.63
CA SER E 95 6.76 40.33 -63.35
C SER E 95 8.24 40.53 -63.58
N ASP E 96 8.86 39.61 -64.34
CA ASP E 96 10.26 39.73 -64.80
C ASP E 96 10.45 41.10 -65.40
N GLU E 97 9.59 41.48 -66.36
CA GLU E 97 9.51 42.85 -66.92
C GLU E 97 9.36 44.05 -65.94
N LEU E 98 8.34 44.08 -65.08
CA LEU E 98 8.21 45.21 -64.15
C LEU E 98 8.92 44.99 -62.83
N LYS E 99 9.81 43.99 -62.75
CA LYS E 99 10.52 43.64 -61.49
C LYS E 99 11.33 44.71 -60.81
N GLY E 100 11.80 45.73 -61.55
CA GLY E 100 12.43 46.89 -60.96
C GLY E 100 11.57 47.77 -60.05
N ASP E 101 10.22 47.75 -60.23
CA ASP E 101 9.23 48.57 -59.46
C ASP E 101 8.23 47.77 -58.57
N LEU E 102 7.97 46.54 -58.97
CA LEU E 102 6.95 45.71 -58.36
C LEU E 102 7.47 44.33 -57.97
N SER E 103 7.11 43.95 -56.73
CA SER E 103 7.21 42.56 -56.30
C SER E 103 5.89 41.82 -56.44
N ILE E 104 5.83 40.85 -57.31
CA ILE E 104 4.56 40.20 -57.55
C ILE E 104 4.43 38.82 -56.90
N ILE E 105 3.41 38.66 -56.11
CA ILE E 105 3.02 37.32 -55.65
C ILE E 105 1.64 36.97 -56.22
N MET E 106 1.50 35.79 -56.80
CA MET E 106 0.22 35.37 -57.33
C MET E 106 -0.76 34.86 -56.22
N ARG E 107 -1.99 35.38 -56.26
CA ARG E 107 -3.11 34.80 -55.51
C ARG E 107 -3.41 33.38 -55.85
N ALA E 108 -3.12 32.48 -54.92
CA ALA E 108 -3.35 31.09 -55.06
C ALA E 108 -4.36 30.73 -53.98
N TYR E 109 -5.50 31.38 -54.06
CA TYR E 109 -6.55 31.16 -53.08
C TYR E 109 -7.41 30.01 -53.49
N LEU E 110 -7.89 29.36 -52.46
CA LEU E 110 -8.37 28.00 -52.54
C LEU E 110 -9.89 27.96 -52.38
N GLU E 111 -10.45 28.93 -51.66
CA GLU E 111 -11.86 28.99 -51.31
C GLU E 111 -12.33 30.44 -51.37
N LYS E 112 -13.65 30.60 -51.38
CA LYS E 112 -14.35 31.86 -51.03
C LYS E 112 -15.65 31.54 -50.22
N PRO E 113 -15.85 32.18 -49.06
CA PRO E 113 -16.98 31.92 -48.14
C PRO E 113 -18.06 30.88 -48.52
N TRP E 119 -19.74 26.76 -54.73
CA TRP E 119 -18.56 25.88 -54.76
C TRP E 119 -17.74 25.97 -53.48
N LYS E 120 -17.57 24.83 -52.80
CA LYS E 120 -16.90 24.77 -51.50
C LYS E 120 -15.32 24.95 -51.49
N GLY E 121 -14.73 25.15 -52.68
CA GLY E 121 -13.29 25.42 -52.85
C GLY E 121 -12.56 24.17 -53.28
N LEU E 122 -11.28 24.33 -53.64
CA LEU E 122 -10.45 23.22 -54.10
C LEU E 122 -10.18 22.11 -53.05
N ILE E 123 -10.19 22.50 -51.78
CA ILE E 123 -9.93 21.55 -50.70
C ILE E 123 -11.14 20.68 -50.54
N ASN E 124 -12.30 21.28 -50.38
CA ASN E 124 -13.52 20.46 -50.23
C ASN E 124 -13.88 19.64 -51.50
N ASP E 125 -13.79 20.32 -52.62
CA ASP E 125 -14.41 19.84 -53.84
C ASP E 125 -13.49 20.01 -55.06
N PRO E 126 -12.38 19.29 -55.08
CA PRO E 126 -11.39 19.40 -56.16
C PRO E 126 -11.96 19.05 -57.57
N ASP E 127 -12.90 18.10 -57.61
CA ASP E 127 -13.47 17.62 -58.89
C ASP E 127 -14.47 18.63 -59.48
N VAL E 128 -14.94 19.56 -58.64
CA VAL E 128 -15.78 20.71 -59.04
C VAL E 128 -17.21 20.25 -59.45
N ASN E 129 -17.77 19.37 -58.61
CA ASN E 129 -19.03 18.64 -58.87
C ASN E 129 -19.89 18.35 -57.60
N ASN E 130 -19.82 19.25 -56.62
CA ASN E 130 -20.53 19.12 -55.33
C ASN E 130 -20.29 17.74 -54.64
N THR E 131 -19.08 17.25 -54.85
CA THR E 131 -18.54 16.09 -54.17
C THR E 131 -17.63 16.64 -53.04
N PHE E 132 -17.45 15.86 -51.97
CA PHE E 132 -16.43 16.14 -50.93
C PHE E 132 -15.32 15.07 -50.99
N ASN E 133 -14.08 15.51 -51.22
CA ASN E 133 -12.90 14.64 -51.14
C ASN E 133 -11.67 15.42 -50.61
N ILE E 134 -11.67 15.77 -49.32
CA ILE E 134 -10.63 16.64 -48.78
C ILE E 134 -9.19 16.16 -49.12
N ASN E 135 -8.94 14.86 -49.09
CA ASN E 135 -7.62 14.32 -49.41
C ASN E 135 -7.09 14.75 -50.76
N LYS E 136 -7.76 14.34 -51.84
CA LYS E 136 -7.52 14.82 -53.20
C LYS E 136 -7.43 16.35 -53.29
N GLY E 137 -8.34 17.03 -52.59
CA GLY E 137 -8.27 18.47 -52.34
C GLY E 137 -6.93 19.05 -51.83
N LEU E 138 -6.36 18.45 -50.79
CA LEU E 138 -5.07 18.90 -50.29
C LEU E 138 -4.02 18.55 -51.29
N GLN E 139 -4.20 17.41 -51.95
CA GLN E 139 -3.27 16.99 -52.99
C GLN E 139 -3.22 18.01 -54.11
N SER E 140 -4.39 18.52 -54.48
CA SER E 140 -4.53 19.43 -55.61
C SER E 140 -3.99 20.79 -55.25
N ALA E 141 -4.39 21.26 -54.08
CA ALA E 141 -3.91 22.52 -53.54
C ALA E 141 -2.39 22.51 -53.49
N ARG E 142 -1.82 21.46 -52.95
CA ARG E 142 -0.40 21.33 -52.85
C ARG E 142 0.29 21.15 -54.25
N GLN E 143 -0.31 20.37 -55.16
CA GLN E 143 0.27 20.24 -56.55
C GLN E 143 0.20 21.61 -57.22
N LEU E 144 -0.92 22.28 -57.08
CA LEU E 144 -1.04 23.63 -57.52
C LEU E 144 0.13 24.51 -57.08
N PHE E 145 0.30 24.64 -55.77
CA PHE E 145 1.38 25.44 -55.19
C PHE E 145 2.80 25.11 -55.72
N VAL E 146 3.07 23.83 -55.89
CA VAL E 146 4.35 23.38 -56.44
C VAL E 146 4.50 23.77 -57.91
N ASN E 147 3.43 23.56 -58.72
CA ASN E 147 3.45 23.89 -60.16
C ASN E 147 3.74 25.37 -60.36
N LEU E 148 3.14 26.19 -59.53
CA LEU E 148 3.32 27.64 -59.60
C LEU E 148 4.68 28.16 -59.16
N THR E 149 5.15 27.67 -58.01
CA THR E 149 6.45 28.14 -57.49
C THR E 149 7.62 27.58 -58.32
N ASN E 150 7.49 26.38 -58.88
CA ASN E 150 8.55 25.75 -59.67
C ASN E 150 8.98 26.62 -60.89
N ILE E 151 8.15 27.58 -61.31
CA ILE E 151 8.53 28.49 -62.41
C ILE E 151 9.09 29.85 -61.92
N GLY E 152 9.31 29.93 -60.62
CA GLY E 152 9.87 31.13 -59.98
C GLY E 152 8.87 32.23 -59.73
N LEU E 153 7.57 31.87 -59.69
CA LEU E 153 6.54 32.81 -59.27
C LEU E 153 6.07 32.49 -57.83
N PRO E 154 6.26 33.41 -56.88
CA PRO E 154 5.79 33.18 -55.52
C PRO E 154 4.27 33.31 -55.43
N ILE E 155 3.73 32.70 -54.37
CA ILE E 155 2.29 32.60 -54.16
C ILE E 155 1.89 33.00 -52.78
N GLY E 156 0.66 33.46 -52.70
CA GLY E 156 0.02 33.90 -51.47
C GLY E 156 -1.37 33.28 -51.33
N SER E 157 -1.84 33.07 -50.09
CA SER E 157 -3.07 32.32 -49.88
C SER E 157 -3.72 32.67 -48.58
N GLU E 158 -5.00 32.35 -48.48
CA GLU E 158 -5.68 32.55 -47.23
C GLU E 158 -5.36 31.47 -46.24
N MET E 159 -5.17 31.89 -44.98
CA MET E 159 -4.93 31.02 -43.82
C MET E 159 -6.25 30.72 -43.13
N LEU E 160 -6.69 29.50 -43.39
CA LEU E 160 -8.07 29.09 -43.23
C LEU E 160 -8.35 28.58 -41.86
N ASP E 161 -7.40 27.83 -41.30
CA ASP E 161 -7.55 27.08 -40.05
C ASP E 161 -6.18 26.67 -39.63
N THR E 162 -6.05 26.04 -38.46
CA THR E 162 -4.71 25.72 -37.99
C THR E 162 -4.11 24.52 -38.60
N ILE E 163 -4.87 23.74 -39.38
CA ILE E 163 -4.45 22.47 -39.88
C ILE E 163 -3.94 22.53 -41.32
N SER E 164 -4.75 23.04 -42.24
CA SER E 164 -4.35 23.16 -43.64
C SER E 164 -2.97 23.85 -43.96
N PRO E 165 -2.55 24.94 -43.31
CA PRO E 165 -1.20 25.48 -43.53
C PRO E 165 -0.04 24.47 -43.36
N GLN E 166 -0.20 23.49 -42.46
CA GLN E 166 0.89 22.54 -42.21
C GLN E 166 1.18 21.66 -43.44
N TYR E 167 0.20 21.58 -44.35
CA TYR E 167 0.34 20.89 -45.65
C TYR E 167 1.05 21.71 -46.75
N LEU E 168 1.10 23.01 -46.56
CA LEU E 168 1.41 23.98 -47.61
C LEU E 168 2.44 25.01 -47.27
N ALA E 169 2.87 25.12 -46.01
CA ALA E 169 3.55 26.36 -45.55
C ALA E 169 4.90 26.52 -46.21
N ASP E 170 5.50 25.41 -46.67
CA ASP E 170 6.85 25.48 -47.28
C ASP E 170 6.82 26.19 -48.61
N LEU E 171 5.62 26.38 -49.14
CA LEU E 171 5.45 26.90 -50.50
C LEU E 171 4.92 28.33 -50.56
N VAL E 172 4.53 28.86 -49.40
CA VAL E 172 3.83 30.13 -49.30
C VAL E 172 4.74 31.28 -48.87
N SER E 173 4.55 32.41 -49.56
CA SER E 173 5.33 33.65 -49.35
C SER E 173 4.55 34.73 -48.64
N PHE E 174 3.24 34.59 -48.67
CA PHE E 174 2.30 35.54 -48.11
C PHE E 174 1.01 34.82 -47.71
N GLY E 175 0.49 35.20 -46.56
CA GLY E 175 -0.66 34.53 -45.98
C GLY E 175 -1.69 35.59 -45.62
N ALA E 176 -2.97 35.33 -45.86
CA ALA E 176 -3.97 36.34 -45.55
C ALA E 176 -5.00 35.87 -44.54
N ILE E 177 -5.49 36.78 -43.72
CA ILE E 177 -6.61 36.51 -42.83
C ILE E 177 -7.74 37.40 -43.32
N GLY E 178 -8.82 36.76 -43.75
CA GLY E 178 -9.89 37.49 -44.41
C GLY E 178 -10.65 38.34 -43.44
N ALA E 179 -11.49 39.23 -43.95
CA ALA E 179 -12.22 40.13 -43.11
C ALA E 179 -13.04 39.39 -42.01
N ARG E 180 -13.56 38.23 -42.37
CA ARG E 180 -14.43 37.43 -41.52
C ARG E 180 -13.70 36.71 -40.36
N THR E 181 -12.35 36.71 -40.39
CA THR E 181 -11.56 36.02 -39.36
C THR E 181 -10.49 36.90 -38.67
N THR E 182 -10.39 38.14 -39.05
CA THR E 182 -9.48 39.09 -38.43
C THR E 182 -9.76 39.20 -36.92
N GLU E 183 -11.03 39.08 -36.46
CA GLU E 183 -11.30 39.12 -35.03
C GLU E 183 -11.08 37.84 -34.25
N SER E 184 -10.78 36.77 -34.94
CA SER E 184 -10.79 35.42 -34.40
C SER E 184 -9.44 35.17 -33.76
N GLN E 185 -9.48 34.88 -32.47
CA GLN E 185 -8.29 34.66 -31.65
C GLN E 185 -7.40 33.59 -32.26
N LEU E 186 -8.02 32.51 -32.68
CA LEU E 186 -7.33 31.38 -33.19
C LEU E 186 -6.51 31.65 -34.46
N HIS E 187 -7.05 32.49 -35.31
CA HIS E 187 -6.34 32.95 -36.50
C HIS E 187 -5.32 33.97 -36.18
N ARG E 188 -5.51 34.78 -35.11
CA ARG E 188 -4.38 35.66 -34.71
C ARG E 188 -3.16 34.88 -34.10
N GLU E 189 -3.47 33.80 -33.38
CA GLU E 189 -2.46 32.87 -32.83
C GLU E 189 -1.79 32.09 -33.90
N LEU E 190 -2.52 31.65 -34.90
CA LEU E 190 -1.86 30.96 -35.98
C LEU E 190 -0.87 31.82 -36.69
N ALA E 191 -1.27 33.06 -36.95
CA ALA E 191 -0.45 34.03 -37.64
C ALA E 191 0.89 34.31 -36.94
N SER E 192 0.87 34.33 -35.61
CA SER E 192 2.10 34.52 -34.79
C SER E 192 3.15 33.40 -34.96
N GLY E 193 2.75 32.29 -35.57
CA GLY E 193 3.55 31.12 -35.80
C GLY E 193 3.84 30.79 -37.28
N LEU E 194 3.42 31.65 -38.22
CA LEU E 194 3.60 31.34 -39.64
C LEU E 194 4.94 31.83 -40.16
N SER E 195 5.56 31.09 -41.03
CA SER E 195 6.89 31.49 -41.44
C SER E 195 6.91 32.60 -42.52
N PHE E 196 5.84 33.43 -42.63
CA PHE E 196 5.80 34.45 -43.71
C PHE E 196 4.99 35.65 -43.26
N PRO E 197 5.05 36.74 -44.00
CA PRO E 197 4.19 37.88 -43.69
C PRO E 197 2.70 37.52 -43.79
N VAL E 198 1.91 38.12 -42.88
CA VAL E 198 0.48 37.95 -42.79
C VAL E 198 -0.24 39.30 -42.89
N GLY E 199 -1.15 39.41 -43.87
CA GLY E 199 -2.08 40.53 -43.94
C GLY E 199 -3.44 40.21 -43.36
N PHE E 200 -3.85 41.06 -42.44
CA PHE E 200 -5.15 41.07 -41.86
C PHE E 200 -6.08 42.15 -42.49
N LYS E 201 -7.21 41.74 -43.02
CA LYS E 201 -8.11 42.70 -43.64
C LYS E 201 -8.86 43.41 -42.54
N ASN E 202 -9.21 44.69 -42.78
CA ASN E 202 -10.13 45.40 -41.91
C ASN E 202 -11.49 44.65 -41.86
N GLY E 203 -12.31 45.01 -40.87
CA GLY E 203 -13.62 44.42 -40.61
C GLY E 203 -14.55 44.61 -41.80
N THR E 204 -15.59 43.75 -41.90
CA THR E 204 -16.66 43.85 -42.90
C THR E 204 -17.44 45.15 -42.65
N ASP E 205 -17.40 45.66 -41.42
CA ASP E 205 -17.98 46.95 -41.11
C ASP E 205 -17.13 48.15 -41.55
N GLY E 206 -16.00 47.89 -42.23
CA GLY E 206 -15.13 48.95 -42.74
C GLY E 206 -14.20 49.59 -41.74
N THR E 207 -14.21 49.08 -40.51
CA THR E 207 -13.29 49.56 -39.46
C THR E 207 -11.98 48.81 -39.39
N LEU E 208 -10.99 49.58 -39.00
CA LEU E 208 -9.63 49.24 -39.07
C LEU E 208 -9.11 48.74 -37.75
N ASN E 209 -9.83 49.05 -36.67
CA ASN E 209 -9.39 48.74 -35.30
C ASN E 209 -9.15 47.25 -35.14
N VAL E 210 -9.99 46.40 -35.71
CA VAL E 210 -9.88 44.95 -35.50
C VAL E 210 -8.59 44.39 -36.14
N ALA E 211 -8.16 44.97 -37.27
CA ALA E 211 -6.93 44.57 -37.99
C ALA E 211 -5.63 45.04 -37.33
N VAL E 212 -5.64 46.23 -36.75
CA VAL E 212 -4.52 46.75 -35.97
C VAL E 212 -4.36 45.87 -34.71
N ASP E 213 -5.47 45.57 -34.01
CA ASP E 213 -5.45 44.61 -32.86
C ASP E 213 -4.93 43.28 -33.23
N ALA E 214 -5.31 42.78 -34.41
CA ALA E 214 -4.85 41.49 -34.85
C ALA E 214 -3.33 41.43 -34.99
N CYS E 215 -2.79 42.46 -35.64
CA CYS E 215 -1.39 42.61 -35.92
C CYS E 215 -0.62 42.71 -34.59
N GLN E 216 -1.15 43.47 -33.64
CA GLN E 216 -0.63 43.57 -32.29
C GLN E 216 -0.56 42.19 -31.61
N ALA E 217 -1.63 41.41 -31.64
CA ALA E 217 -1.65 40.16 -30.89
C ALA E 217 -0.81 39.05 -31.56
N ALA E 218 -0.76 39.09 -32.87
CA ALA E 218 0.04 38.18 -33.70
C ALA E 218 1.55 38.41 -33.53
N ALA E 219 1.91 39.57 -33.06
CA ALA E 219 3.29 39.95 -32.73
C ALA E 219 3.84 39.24 -31.50
N HIS E 220 2.96 38.69 -30.68
CA HIS E 220 3.32 37.99 -29.46
C HIS E 220 3.25 36.49 -29.60
N SER E 221 3.94 35.83 -28.69
CA SER E 221 4.02 34.42 -28.64
C SER E 221 2.71 33.92 -28.08
N HIS E 222 2.19 32.84 -28.65
CA HIS E 222 0.94 32.22 -28.21
C HIS E 222 1.16 30.75 -28.24
N HIS E 223 0.24 30.02 -27.61
CA HIS E 223 0.22 28.58 -27.61
C HIS E 223 -1.09 28.20 -28.33
N PHE E 224 -1.11 27.60 -29.53
CA PHE E 224 -2.41 27.12 -30.04
C PHE E 224 -2.48 25.56 -30.27
N MET E 225 -3.69 25.06 -30.54
CA MET E 225 -3.90 23.68 -30.85
C MET E 225 -3.72 23.39 -32.35
N GLY E 226 -2.53 22.90 -32.69
CA GLY E 226 -2.05 22.69 -34.08
C GLY E 226 -1.93 21.20 -34.44
N VAL E 227 -1.26 20.83 -35.55
CA VAL E 227 -0.89 19.41 -35.79
C VAL E 227 0.59 19.29 -35.99
N THR E 228 1.14 18.14 -35.58
CA THR E 228 2.55 17.84 -35.94
C THR E 228 2.62 17.48 -37.43
N LYS E 229 3.84 17.40 -37.97
CA LYS E 229 4.05 16.99 -39.34
C LYS E 229 3.49 15.54 -39.61
N HIS E 230 3.37 14.69 -38.57
CA HIS E 230 2.72 13.38 -38.70
C HIS E 230 1.25 13.35 -38.31
N GLY E 231 0.62 14.50 -38.12
CA GLY E 231 -0.85 14.57 -38.14
C GLY E 231 -1.57 14.34 -36.81
N VAL E 232 -0.81 14.46 -35.73
CA VAL E 232 -1.39 14.44 -34.40
C VAL E 232 -1.47 15.88 -33.81
N ALA E 233 -2.60 16.16 -33.14
CA ALA E 233 -2.76 17.45 -32.49
C ALA E 233 -1.66 17.61 -31.42
N ALA E 234 -1.11 18.81 -31.39
CA ALA E 234 -0.18 19.23 -30.40
C ALA E 234 -0.34 20.68 -30.02
N ILE E 235 0.11 20.97 -28.81
CA ILE E 235 0.31 22.33 -28.30
C ILE E 235 1.46 22.99 -29.03
N THR E 236 1.14 23.94 -29.89
CA THR E 236 2.17 24.59 -30.73
C THR E 236 2.47 25.94 -30.14
N THR E 237 3.72 26.15 -29.76
CA THR E 237 4.19 27.40 -29.12
C THR E 237 4.79 28.31 -30.15
N THR E 238 4.46 29.61 -30.18
CA THR E 238 4.92 30.45 -31.30
C THR E 238 5.92 31.49 -30.81
N LYS E 239 6.64 32.05 -31.76
CA LYS E 239 7.56 33.18 -31.47
C LYS E 239 6.93 34.56 -31.50
N GLY E 240 5.89 34.71 -32.30
CA GLY E 240 5.44 36.04 -32.64
C GLY E 240 5.96 36.47 -34.01
N ASN E 241 5.15 37.26 -34.70
CA ASN E 241 5.33 37.59 -36.10
C ASN E 241 5.31 39.08 -36.24
N GLU E 242 6.47 39.62 -36.55
CA GLU E 242 6.66 41.02 -36.67
C GLU E 242 6.34 41.48 -38.08
N HIS E 243 6.00 40.59 -38.96
CA HIS E 243 5.75 40.94 -40.35
C HIS E 243 4.25 40.86 -40.72
N CYS E 244 3.42 41.34 -39.80
CA CYS E 244 1.95 41.49 -39.92
C CYS E 244 1.58 42.91 -40.33
N PHE E 245 0.60 43.05 -41.23
CA PHE E 245 0.13 44.31 -41.71
C PHE E 245 -1.39 44.29 -42.05
N VAL E 246 -1.90 45.52 -42.14
CA VAL E 246 -3.28 45.84 -42.39
C VAL E 246 -3.53 45.91 -43.90
N ILE E 247 -4.62 45.24 -44.34
CA ILE E 247 -5.17 45.33 -45.71
C ILE E 247 -6.50 46.11 -45.67
N LEU E 248 -6.53 47.24 -46.38
CA LEU E 248 -7.71 48.09 -46.49
C LEU E 248 -8.59 47.55 -47.61
N ARG E 249 -9.81 47.16 -47.28
CA ARG E 249 -10.70 46.44 -48.26
C ARG E 249 -12.16 46.90 -48.27
N GLY E 250 -12.42 48.04 -47.65
CA GLY E 250 -13.72 48.65 -47.62
C GLY E 250 -14.59 47.91 -46.63
N GLY E 251 -15.91 47.98 -46.88
CA GLY E 251 -16.95 47.60 -45.94
C GLY E 251 -18.08 48.62 -45.78
N LYS E 252 -18.93 48.40 -44.78
CA LYS E 252 -20.08 49.24 -44.45
C LYS E 252 -19.82 50.72 -44.19
N LYS E 253 -18.75 51.07 -43.49
CA LYS E 253 -18.37 52.47 -43.29
C LYS E 253 -18.09 53.11 -44.70
N GLY E 254 -17.82 52.28 -45.69
CA GLY E 254 -17.63 52.72 -47.06
C GLY E 254 -16.28 52.28 -47.51
N THR E 255 -15.99 52.48 -48.78
CA THR E 255 -14.64 52.28 -49.28
C THR E 255 -13.62 53.13 -48.53
N ASN E 256 -12.35 52.72 -48.63
CA ASN E 256 -11.19 53.26 -47.90
C ASN E 256 -9.82 53.24 -48.63
N TYR E 257 -9.80 53.55 -49.93
CA TYR E 257 -8.56 53.55 -50.69
C TYR E 257 -8.10 54.96 -51.05
N ASP E 258 -8.79 55.96 -50.52
CA ASP E 258 -8.61 57.38 -50.92
C ASP E 258 -7.70 58.02 -49.92
N ALA E 259 -7.04 59.09 -50.33
CA ALA E 259 -6.03 59.76 -49.52
C ALA E 259 -6.54 60.09 -48.14
N LYS E 260 -7.81 60.42 -48.00
CA LYS E 260 -8.30 60.80 -46.67
C LYS E 260 -8.52 59.61 -45.72
N SER E 261 -9.05 58.52 -46.26
CA SER E 261 -9.19 57.23 -45.57
C SER E 261 -7.81 56.71 -45.14
N VAL E 262 -6.87 56.67 -46.10
CA VAL E 262 -5.44 56.38 -45.86
C VAL E 262 -4.87 57.20 -44.71
N ALA E 263 -5.12 58.51 -44.64
CA ALA E 263 -4.62 59.22 -43.47
C ALA E 263 -5.38 58.91 -42.16
N GLU E 264 -6.70 58.67 -42.20
CA GLU E 264 -7.49 58.19 -41.03
C GLU E 264 -6.75 56.91 -40.56
N ALA E 265 -6.35 56.11 -41.55
CA ALA E 265 -5.72 54.83 -41.36
C ALA E 265 -4.36 54.98 -40.67
N LYS E 266 -3.54 55.87 -41.22
CA LYS E 266 -2.19 56.07 -40.75
C LYS E 266 -2.13 56.55 -39.34
N ALA E 267 -3.15 57.29 -38.91
CA ALA E 267 -3.18 57.90 -37.58
C ALA E 267 -3.60 56.90 -36.54
N GLN E 268 -4.07 55.76 -37.02
CA GLN E 268 -4.41 54.65 -36.13
C GLN E 268 -3.28 53.64 -35.94
N LEU E 269 -2.26 53.64 -36.81
CA LEU E 269 -1.13 52.69 -36.70
C LEU E 269 -0.20 52.97 -35.47
N PRO E 270 0.17 51.95 -34.67
CA PRO E 270 1.12 52.14 -33.55
C PRO E 270 2.56 52.37 -34.00
N ALA E 271 3.40 52.69 -33.01
CA ALA E 271 4.88 52.64 -33.18
C ALA E 271 5.18 51.34 -33.86
N GLY E 272 5.97 51.35 -34.89
CA GLY E 272 6.49 50.10 -35.46
C GLY E 272 5.69 49.32 -36.51
N SER E 273 4.56 49.86 -36.92
CA SER E 273 3.75 49.24 -37.95
C SER E 273 4.48 49.12 -39.27
N ASN E 274 4.04 48.12 -39.99
CA ASN E 274 4.47 47.87 -41.31
C ASN E 274 3.56 48.63 -42.22
N GLY E 275 3.93 48.62 -43.47
CA GLY E 275 3.21 49.32 -44.51
C GLY E 275 1.79 48.83 -44.79
N LEU E 276 0.92 49.73 -45.26
CA LEU E 276 -0.46 49.41 -45.59
C LEU E 276 -0.52 48.73 -46.91
N MET E 277 -1.45 47.79 -47.04
CA MET E 277 -1.76 47.22 -48.32
C MET E 277 -3.23 47.63 -48.64
N ILE E 278 -3.47 47.92 -49.95
CA ILE E 278 -4.85 48.30 -50.43
C ILE E 278 -5.41 47.29 -51.38
N ASP E 279 -6.52 46.68 -50.93
CA ASP E 279 -7.29 45.76 -51.76
C ASP E 279 -8.14 46.61 -52.71
N TYR E 280 -7.89 46.43 -53.98
CA TYR E 280 -8.69 47.00 -55.06
C TYR E 280 -10.12 46.40 -55.20
N SER E 281 -10.23 45.12 -54.90
CA SER E 281 -11.49 44.37 -55.08
C SER E 281 -12.33 44.36 -53.82
N HIS E 282 -13.18 43.33 -53.73
CA HIS E 282 -14.07 43.13 -52.58
C HIS E 282 -14.87 44.41 -52.27
N GLY E 283 -14.83 44.90 -51.04
CA GLY E 283 -15.62 46.04 -50.66
C GLY E 283 -15.22 47.41 -51.23
N ASN E 284 -14.00 47.50 -51.77
CA ASN E 284 -13.48 48.73 -52.36
C ASN E 284 -13.84 48.83 -53.90
N SER E 285 -14.31 47.72 -54.46
CA SER E 285 -14.87 47.66 -55.80
C SER E 285 -16.40 47.83 -55.78
N ASN E 286 -16.97 47.99 -54.58
CA ASN E 286 -18.40 48.31 -54.40
C ASN E 286 -19.31 47.42 -55.25
N LYS E 287 -19.02 46.11 -55.31
CA LYS E 287 -19.86 45.13 -56.03
C LYS E 287 -19.77 45.23 -57.57
N ASP E 288 -18.56 45.46 -58.08
CA ASP E 288 -18.36 45.66 -59.52
C ASP E 288 -16.87 45.59 -59.86
N PHE E 289 -16.45 44.53 -60.53
CA PHE E 289 -15.03 44.36 -60.76
C PHE E 289 -14.41 45.55 -61.54
N ARG E 290 -15.23 46.27 -62.31
CA ARG E 290 -14.73 47.31 -63.21
C ARG E 290 -14.20 48.53 -62.48
N ASN E 291 -14.63 48.69 -61.22
CA ASN E 291 -14.00 49.65 -60.32
C ASN E 291 -12.53 49.35 -59.92
N GLN E 292 -12.01 48.16 -60.18
CA GLN E 292 -10.62 47.91 -59.77
C GLN E 292 -9.71 49.00 -60.43
N PRO E 293 -9.69 49.15 -61.76
CA PRO E 293 -8.84 50.20 -62.40
C PRO E 293 -9.04 51.64 -61.93
N LYS E 294 -10.23 51.97 -61.40
CA LYS E 294 -10.48 53.32 -60.82
C LYS E 294 -9.92 53.44 -59.42
N VAL E 295 -9.87 52.31 -58.73
CA VAL E 295 -9.19 52.30 -57.44
C VAL E 295 -7.67 52.52 -57.72
N ASN E 296 -7.14 51.81 -58.72
CA ASN E 296 -5.74 51.88 -59.12
C ASN E 296 -5.31 53.31 -59.42
N ASP E 297 -6.20 54.10 -60.05
CA ASP E 297 -5.83 55.48 -60.44
C ASP E 297 -5.70 56.29 -59.19
N VAL E 298 -6.61 56.11 -58.25
CA VAL E 298 -6.55 56.92 -57.03
C VAL E 298 -5.31 56.55 -56.20
N VAL E 299 -4.94 55.29 -56.21
CA VAL E 299 -3.85 54.83 -55.36
C VAL E 299 -2.51 55.12 -56.07
N CYS E 300 -2.46 54.88 -57.38
CA CYS E 300 -1.36 55.38 -58.21
C CYS E 300 -1.16 56.86 -57.95
N GLU E 301 -2.22 57.66 -58.04
CA GLU E 301 -2.06 59.07 -57.82
C GLU E 301 -1.38 59.34 -56.46
N GLN E 302 -1.81 58.66 -55.40
CA GLN E 302 -1.24 58.91 -54.05
C GLN E 302 0.24 58.56 -53.96
N ILE E 303 0.61 57.39 -54.49
CA ILE E 303 2.00 56.92 -54.56
C ILE E 303 2.86 57.86 -55.39
N ALA E 304 2.49 58.07 -56.66
CA ALA E 304 3.21 59.01 -57.56
C ALA E 304 3.50 60.35 -56.90
N ASN E 305 2.56 60.89 -56.14
CA ASN E 305 2.79 62.10 -55.34
C ASN E 305 3.50 61.92 -53.99
N GLY E 306 3.95 60.71 -53.67
CA GLY E 306 4.88 60.50 -52.55
C GLY E 306 4.40 59.76 -51.30
N GLU E 307 3.23 59.14 -51.38
CA GLU E 307 2.70 58.33 -50.25
C GLU E 307 3.60 57.13 -50.02
N ASN E 308 4.44 57.18 -49.02
CA ASN E 308 5.30 56.03 -48.75
C ASN E 308 4.58 54.92 -47.95
N ALA E 309 3.49 55.26 -47.25
CA ALA E 309 2.76 54.32 -46.38
C ALA E 309 2.03 53.21 -47.12
N ILE E 310 1.73 53.39 -48.41
CA ILE E 310 1.14 52.31 -49.18
C ILE E 310 2.24 51.49 -49.78
N THR E 311 2.41 50.25 -49.34
CA THR E 311 3.50 49.41 -49.75
C THR E 311 3.02 48.20 -50.54
N GLY E 312 1.69 48.00 -50.58
CA GLY E 312 1.19 46.84 -51.25
C GLY E 312 -0.17 47.10 -51.79
N VAL E 313 -0.47 46.35 -52.81
CA VAL E 313 -1.86 46.24 -53.29
C VAL E 313 -2.28 44.84 -53.54
N MET E 314 -3.59 44.68 -53.56
CA MET E 314 -4.18 43.43 -53.91
C MET E 314 -5.24 43.57 -55.07
N ILE E 315 -5.17 42.67 -55.99
CA ILE E 315 -5.95 42.73 -57.27
C ILE E 315 -6.51 41.36 -57.56
N GLU E 316 -7.80 41.30 -57.93
CA GLU E 316 -8.44 40.07 -58.40
C GLU E 316 -8.56 40.05 -59.95
N SER E 317 -7.87 39.08 -60.53
CA SER E 317 -7.49 39.07 -61.92
C SER E 317 -7.47 37.63 -62.40
N ASN E 318 -7.95 37.40 -63.63
CA ASN E 318 -7.88 36.10 -64.30
C ASN E 318 -7.49 36.25 -65.83
N ILE E 319 -7.24 35.15 -66.54
CA ILE E 319 -7.06 35.22 -68.01
C ILE E 319 -8.18 36.13 -68.63
N ASN E 320 -9.42 35.65 -68.55
CA ASN E 320 -10.57 36.45 -68.99
C ASN E 320 -11.35 36.99 -67.80
N GLU E 321 -11.99 38.13 -68.01
CA GLU E 321 -12.68 38.84 -66.95
C GLU E 321 -14.03 38.26 -66.54
N GLY E 322 -14.67 38.97 -65.60
CA GLY E 322 -15.89 38.55 -64.91
C GLY E 322 -15.86 37.24 -64.10
N ASN E 323 -17.06 36.71 -63.90
CA ASN E 323 -17.25 35.41 -63.28
C ASN E 323 -18.36 34.57 -63.96
N GLN E 324 -18.49 33.30 -63.60
CA GLN E 324 -19.54 32.39 -64.14
C GLN E 324 -20.16 31.48 -63.03
N GLY E 325 -21.46 31.17 -63.20
CA GLY E 325 -22.09 30.04 -62.53
C GLY E 325 -21.61 28.68 -63.06
N ILE E 326 -21.86 27.64 -62.29
CA ILE E 326 -21.51 26.28 -62.64
C ILE E 326 -22.76 25.61 -63.25
N PRO E 327 -22.65 24.94 -64.42
CA PRO E 327 -23.71 24.05 -64.91
C PRO E 327 -23.29 22.56 -64.87
N LYS E 335 -16.39 27.03 -69.07
CA LYS E 335 -15.90 28.30 -69.64
C LYS E 335 -14.48 28.77 -69.17
N TYR E 336 -13.46 28.21 -69.80
CA TYR E 336 -12.03 28.48 -69.52
C TYR E 336 -11.62 29.90 -69.16
N GLY E 337 -10.95 30.02 -67.98
CA GLY E 337 -10.23 31.24 -67.61
C GLY E 337 -11.08 32.29 -66.95
N VAL E 338 -12.26 31.87 -66.50
CA VAL E 338 -13.23 32.76 -65.88
C VAL E 338 -13.51 32.25 -64.48
N SER E 339 -13.49 33.17 -63.53
CA SER E 339 -13.72 32.86 -62.11
C SER E 339 -15.15 32.32 -61.84
N ILE E 340 -15.24 31.15 -61.21
CA ILE E 340 -16.51 30.65 -60.59
C ILE E 340 -16.83 31.14 -59.17
N THR E 341 -16.08 32.12 -58.67
CA THR E 341 -16.33 32.81 -57.38
C THR E 341 -16.45 34.29 -57.70
N ASP E 342 -15.66 35.18 -57.09
CA ASP E 342 -15.81 36.64 -57.31
C ASP E 342 -15.32 37.05 -58.73
N ALA E 343 -15.94 38.10 -59.26
CA ALA E 343 -15.64 38.63 -60.58
C ALA E 343 -14.28 39.31 -60.51
N CYS E 344 -13.42 38.90 -61.46
CA CYS E 344 -12.05 39.42 -61.62
C CYS E 344 -11.95 40.29 -62.90
N ILE E 345 -11.08 41.29 -62.92
CA ILE E 345 -10.69 41.90 -64.19
C ILE E 345 -9.98 40.87 -64.99
N GLY E 346 -9.89 41.11 -66.31
CA GLY E 346 -9.23 40.22 -67.23
C GLY E 346 -7.76 40.54 -67.43
N TRP E 347 -7.07 39.72 -68.20
CA TRP E 347 -5.61 39.79 -68.29
C TRP E 347 -5.10 41.10 -68.91
N GLU E 348 -5.72 41.55 -70.00
CA GLU E 348 -5.28 42.78 -70.64
C GLU E 348 -5.49 43.97 -69.69
N THR E 349 -6.61 43.99 -68.99
CA THR E 349 -6.83 45.10 -68.04
C THR E 349 -5.77 45.18 -66.89
N THR E 350 -5.27 44.01 -66.49
CA THR E 350 -4.34 43.86 -65.36
C THR E 350 -2.96 44.35 -65.79
N GLU E 351 -2.53 43.80 -66.92
CA GLU E 351 -1.30 44.18 -67.54
C GLU E 351 -1.20 45.67 -67.60
N ASP E 352 -2.30 46.35 -67.93
CA ASP E 352 -2.27 47.80 -67.93
C ASP E 352 -2.49 48.45 -66.57
N VAL E 353 -3.28 47.84 -65.70
CA VAL E 353 -3.38 48.37 -64.33
C VAL E 353 -1.96 48.34 -63.63
N LEU E 354 -1.21 47.27 -63.90
CA LEU E 354 0.11 47.05 -63.29
C LEU E 354 1.28 47.97 -63.83
N ARG E 355 1.35 48.19 -65.14
CA ARG E 355 2.26 49.23 -65.68
C ARG E 355 1.87 50.62 -65.23
N LYS E 356 0.57 50.93 -65.11
CA LYS E 356 0.25 52.21 -64.49
C LYS E 356 0.86 52.21 -63.10
N LEU E 357 0.68 51.12 -62.34
CA LEU E 357 1.19 51.06 -60.96
C LEU E 357 2.71 51.15 -60.92
N ALA E 358 3.40 50.38 -61.75
CA ALA E 358 4.88 50.46 -61.80
C ALA E 358 5.33 51.88 -62.12
N ALA E 359 4.71 52.49 -63.12
CA ALA E 359 5.03 53.86 -63.45
C ALA E 359 4.90 54.80 -62.24
N ALA E 360 3.84 54.63 -61.45
CA ALA E 360 3.62 55.42 -60.26
C ALA E 360 4.68 55.14 -59.18
N VAL E 361 5.22 53.93 -59.19
CA VAL E 361 6.35 53.60 -58.33
C VAL E 361 7.63 54.34 -58.82
N ARG E 362 7.97 54.25 -60.10
CA ARG E 362 9.14 55.02 -60.62
C ARG E 362 9.01 56.50 -60.25
N GLN E 363 7.78 57.00 -60.23
CA GLN E 363 7.50 58.43 -60.01
C GLN E 363 7.67 58.86 -58.53
N ARG E 364 7.22 58.01 -57.60
CA ARG E 364 7.46 58.21 -56.16
C ARG E 364 8.95 58.23 -55.76
N ARG E 365 9.76 57.46 -56.47
CA ARG E 365 11.21 57.46 -56.33
C ARG E 365 11.86 58.84 -56.52
N GLU E 366 11.61 59.55 -57.62
CA GLU E 366 12.33 60.84 -57.67
C GLU E 366 11.64 61.96 -56.91
N VAL E 367 10.60 61.69 -56.14
CA VAL E 367 10.01 62.67 -55.19
C VAL E 367 10.69 62.55 -53.83
N ASN E 368 11.30 61.38 -53.58
CA ASN E 368 11.85 61.04 -52.25
C ASN E 368 13.28 61.60 -52.07
N GLY F 18 16.94 23.60 -49.10
CA GLY F 18 16.08 22.97 -48.01
C GLY F 18 14.83 23.84 -47.73
N ALA F 19 13.77 23.22 -47.23
CA ALA F 19 12.54 23.96 -46.97
C ALA F 19 12.72 24.95 -45.80
N GLU F 20 12.06 26.09 -45.90
CA GLU F 20 11.96 26.98 -44.73
C GLU F 20 10.57 26.93 -44.06
N GLU F 21 10.48 26.20 -42.97
CA GLU F 21 9.27 26.04 -42.19
C GLU F 21 9.65 26.14 -40.70
N ASP F 22 8.64 26.40 -39.87
CA ASP F 22 8.71 26.38 -38.40
C ASP F 22 9.69 27.42 -37.85
N VAL F 23 9.86 28.50 -38.61
CA VAL F 23 10.78 29.53 -38.16
C VAL F 23 10.15 30.36 -37.05
N ARG F 24 8.83 30.24 -36.84
CA ARG F 24 8.18 30.94 -35.71
C ARG F 24 7.50 29.94 -34.81
N ILE F 25 7.89 28.70 -34.89
CA ILE F 25 7.41 27.70 -34.00
C ILE F 25 8.53 27.41 -32.96
N LEU F 26 8.28 27.66 -31.66
CA LEU F 26 9.28 27.30 -30.65
C LEU F 26 9.28 25.80 -30.40
N GLY F 27 8.12 25.16 -30.52
CA GLY F 27 8.05 23.73 -30.35
C GLY F 27 6.66 23.15 -30.35
N TYR F 28 6.60 21.83 -30.38
CA TYR F 28 5.37 21.09 -30.35
C TYR F 28 5.40 20.37 -29.03
N ASP F 29 4.50 20.74 -28.13
CA ASP F 29 4.37 20.08 -26.84
C ASP F 29 3.26 19.01 -26.93
N PRO F 30 3.46 17.92 -26.19
CA PRO F 30 2.58 16.79 -26.26
C PRO F 30 1.25 17.13 -25.68
N LEU F 31 0.22 16.58 -26.26
CA LEU F 31 -1.10 16.89 -25.83
C LEU F 31 -1.75 15.55 -25.49
N ALA F 32 -2.31 15.41 -24.29
CA ALA F 32 -3.07 14.21 -23.97
C ALA F 32 -4.29 14.21 -24.88
N SER F 33 -4.69 13.05 -25.37
CA SER F 33 -5.71 12.96 -26.41
C SER F 33 -7.05 13.10 -25.66
N PRO F 34 -8.15 13.43 -26.33
CA PRO F 34 -9.42 13.54 -25.64
C PRO F 34 -9.77 12.22 -25.01
N ALA F 35 -9.49 11.13 -25.70
CA ALA F 35 -9.93 9.84 -25.22
C ALA F 35 -9.26 9.54 -23.89
N LEU F 36 -7.99 9.93 -23.76
CA LEU F 36 -7.22 9.67 -22.55
C LEU F 36 -7.74 10.47 -21.39
N LEU F 37 -8.12 11.71 -21.63
CA LEU F 37 -8.68 12.53 -20.58
C LEU F 37 -10.09 12.10 -20.20
N GLN F 38 -10.88 11.63 -21.15
CA GLN F 38 -12.18 11.13 -20.83
C GLN F 38 -12.17 9.84 -19.96
N VAL F 39 -11.08 9.07 -20.05
CA VAL F 39 -10.85 7.92 -19.18
C VAL F 39 -10.32 8.37 -17.82
N GLN F 40 -9.29 9.21 -17.82
CA GLN F 40 -8.67 9.72 -16.56
C GLN F 40 -9.62 10.53 -15.69
N ILE F 41 -10.64 11.13 -16.31
CA ILE F 41 -11.57 11.98 -15.57
C ILE F 41 -12.98 11.67 -16.06
N PRO F 42 -13.54 10.57 -15.60
CA PRO F 42 -14.77 10.05 -16.22
C PRO F 42 -16.00 10.85 -15.84
N ALA F 43 -16.99 10.91 -16.74
CA ALA F 43 -18.26 11.51 -16.42
C ALA F 43 -19.04 10.52 -15.58
N THR F 44 -19.69 11.00 -14.52
CA THR F 44 -20.61 10.19 -13.76
C THR F 44 -21.91 10.04 -14.52
N PRO F 45 -22.65 8.98 -14.23
CA PRO F 45 -23.98 8.80 -14.83
C PRO F 45 -24.90 10.03 -14.73
N THR F 46 -24.92 10.66 -13.57
CA THR F 46 -25.57 11.92 -13.31
C THR F 46 -25.10 13.06 -14.26
N SER F 47 -23.78 13.21 -14.42
CA SER F 47 -23.19 14.22 -15.33
C SER F 47 -23.78 14.09 -16.74
N LEU F 48 -23.74 12.87 -17.25
CA LEU F 48 -24.31 12.52 -18.57
C LEU F 48 -25.81 12.80 -18.71
N GLU F 49 -26.59 12.49 -17.68
CA GLU F 49 -28.04 12.62 -17.74
C GLU F 49 -28.38 14.10 -17.57
N THR F 50 -27.62 14.81 -16.76
CA THR F 50 -27.77 16.27 -16.59
C THR F 50 -27.48 17.03 -17.92
N ALA F 51 -26.40 16.68 -18.58
CA ALA F 51 -26.08 17.24 -19.91
C ALA F 51 -27.22 16.93 -20.91
N LYS F 52 -27.66 15.67 -20.94
CA LYS F 52 -28.73 15.29 -21.87
C LYS F 52 -29.99 16.06 -21.57
N ARG F 53 -30.30 16.20 -20.29
CA ARG F 53 -31.48 16.94 -19.88
C ARG F 53 -31.44 18.47 -20.25
N GLY F 54 -30.31 19.12 -19.99
CA GLY F 54 -30.21 20.53 -20.36
C GLY F 54 -30.43 20.79 -21.82
N ARG F 55 -29.97 19.86 -22.65
CA ARG F 55 -30.14 19.97 -24.08
C ARG F 55 -31.59 19.87 -24.44
N ARG F 56 -32.28 18.83 -23.98
CA ARG F 56 -33.73 18.67 -24.28
C ARG F 56 -34.52 19.88 -23.90
N GLU F 57 -34.29 20.38 -22.69
CA GLU F 57 -34.97 21.52 -22.13
C GLU F 57 -34.70 22.81 -22.89
N ALA F 58 -33.44 22.95 -23.36
CA ALA F 58 -33.07 24.13 -24.20
C ALA F 58 -33.74 24.06 -25.57
N ILE F 59 -33.72 22.88 -26.12
CA ILE F 59 -34.34 22.60 -27.40
C ILE F 59 -35.85 23.02 -27.38
N ASP F 60 -36.58 22.60 -26.34
CA ASP F 60 -38.01 22.87 -26.24
C ASP F 60 -38.28 24.37 -26.10
N ILE F 61 -37.35 25.07 -25.42
CA ILE F 61 -37.57 26.49 -25.15
C ILE F 61 -37.32 27.26 -26.39
N ILE F 62 -36.17 27.07 -27.04
CA ILE F 62 -35.82 27.90 -28.22
C ILE F 62 -36.71 27.62 -29.45
N THR F 63 -37.24 26.40 -29.56
CA THR F 63 -38.23 26.06 -30.61
C THR F 63 -39.72 26.35 -30.25
N GLY F 64 -40.00 26.96 -29.11
CA GLY F 64 -41.32 27.38 -28.72
C GLY F 64 -42.25 26.33 -28.12
N LYS F 65 -41.82 25.08 -28.06
CA LYS F 65 -42.60 23.96 -27.45
C LYS F 65 -42.64 23.99 -25.92
N ASP F 66 -41.98 25.00 -25.30
CA ASP F 66 -41.93 25.16 -23.85
C ASP F 66 -41.87 26.68 -23.60
N ASP F 67 -42.76 27.15 -22.75
CA ASP F 67 -42.91 28.59 -22.54
C ASP F 67 -42.09 29.12 -21.37
N ARG F 68 -41.20 28.27 -20.84
CA ARG F 68 -40.13 28.73 -19.95
C ARG F 68 -39.04 29.53 -20.71
N VAL F 69 -38.28 30.26 -19.95
CA VAL F 69 -37.16 31.04 -20.43
C VAL F 69 -35.85 30.28 -20.10
N LEU F 70 -34.96 30.17 -21.08
CA LEU F 70 -33.66 29.49 -20.91
C LEU F 70 -32.67 30.55 -20.49
N VAL F 71 -32.00 30.27 -19.35
CA VAL F 71 -31.13 31.22 -18.70
C VAL F 71 -29.73 30.65 -18.63
N ILE F 72 -28.78 31.33 -19.29
CA ILE F 72 -27.37 31.01 -19.12
C ILE F 72 -26.81 32.00 -18.11
N VAL F 73 -26.46 31.49 -16.96
CA VAL F 73 -26.03 32.36 -15.90
C VAL F 73 -24.88 31.85 -15.05
N GLY F 74 -23.97 32.75 -14.75
CA GLY F 74 -22.82 32.36 -13.99
C GLY F 74 -21.65 33.26 -14.30
N PRO F 75 -20.50 32.94 -13.73
CA PRO F 75 -19.36 33.81 -13.93
C PRO F 75 -19.04 34.11 -15.36
N CYS F 76 -18.26 35.17 -15.58
CA CYS F 76 -17.73 35.50 -16.90
C CYS F 76 -16.85 34.37 -17.31
N SER F 77 -15.93 34.03 -16.40
CA SER F 77 -15.01 32.91 -16.58
C SER F 77 -14.78 32.24 -15.20
N ILE F 78 -14.37 30.97 -15.25
CA ILE F 78 -14.13 30.16 -14.04
C ILE F 78 -12.60 30.04 -13.93
N HIS F 79 -11.99 30.70 -12.97
CA HIS F 79 -10.54 30.52 -12.67
C HIS F 79 -10.36 29.69 -11.34
N ASP F 80 -11.47 29.35 -10.67
CA ASP F 80 -11.45 28.74 -9.33
C ASP F 80 -12.57 27.68 -9.22
N LEU F 81 -12.10 26.44 -9.16
CA LEU F 81 -12.99 25.30 -9.10
C LEU F 81 -13.74 25.37 -7.82
N GLU F 82 -13.10 25.91 -6.79
CA GLU F 82 -13.70 25.95 -5.44
C GLU F 82 -14.97 26.82 -5.42
N ALA F 83 -14.80 28.12 -5.66
CA ALA F 83 -15.90 29.10 -5.87
C ALA F 83 -16.92 28.68 -6.89
N ALA F 84 -16.47 28.04 -7.95
CA ALA F 84 -17.41 27.56 -8.96
C ALA F 84 -18.38 26.60 -8.31
N GLN F 85 -17.85 25.62 -7.56
CA GLN F 85 -18.69 24.62 -6.94
C GLN F 85 -19.73 25.19 -5.94
N GLU F 86 -19.35 26.18 -5.15
CA GLU F 86 -20.30 26.81 -4.21
C GLU F 86 -21.41 27.56 -4.93
N TYR F 87 -20.97 28.30 -5.95
CA TYR F 87 -21.85 29.07 -6.82
C TYR F 87 -22.83 28.11 -7.38
N ALA F 88 -22.33 27.03 -7.93
CA ALA F 88 -23.20 26.02 -8.58
C ALA F 88 -24.25 25.42 -7.63
N LEU F 89 -23.88 25.22 -6.36
CA LEU F 89 -24.77 24.61 -5.32
C LEU F 89 -25.88 25.57 -5.06
N ARG F 90 -25.55 26.84 -4.83
CA ARG F 90 -26.61 27.85 -4.77
C ARG F 90 -27.49 27.93 -6.08
N LEU F 91 -26.89 27.70 -7.26
CA LEU F 91 -27.62 27.95 -8.48
C LEU F 91 -28.61 26.83 -8.70
N LYS F 92 -28.18 25.61 -8.37
CA LYS F 92 -29.01 24.42 -8.51
C LYS F 92 -30.17 24.49 -7.52
N LYS F 93 -29.89 24.97 -6.31
CA LYS F 93 -30.92 25.20 -5.30
C LYS F 93 -31.95 26.16 -5.84
N LEU F 94 -31.55 27.40 -6.16
CA LEU F 94 -32.48 28.36 -6.75
C LEU F 94 -33.25 27.78 -7.96
N SER F 95 -32.52 27.00 -8.75
CA SER F 95 -33.07 26.43 -9.95
C SER F 95 -34.29 25.52 -9.67
N ASP F 96 -34.12 24.63 -8.70
CA ASP F 96 -35.18 23.70 -8.28
C ASP F 96 -36.45 24.47 -7.87
N GLU F 97 -36.26 25.57 -7.15
CA GLU F 97 -37.31 26.52 -6.79
C GLU F 97 -37.98 27.23 -7.97
N LEU F 98 -37.23 27.64 -8.98
CA LEU F 98 -37.84 28.40 -10.10
C LEU F 98 -38.13 27.57 -11.33
N LYS F 99 -38.03 26.26 -11.22
CA LYS F 99 -38.06 25.40 -12.42
C LYS F 99 -39.38 25.32 -13.16
N GLY F 100 -40.46 25.87 -12.60
CA GLY F 100 -41.73 25.86 -13.31
C GLY F 100 -41.65 26.89 -14.40
N ASP F 101 -40.74 27.86 -14.22
CA ASP F 101 -40.59 29.08 -15.05
C ASP F 101 -39.26 29.30 -15.84
N LEU F 102 -38.13 28.86 -15.26
CA LEU F 102 -36.81 28.88 -15.90
C LEU F 102 -36.17 27.48 -16.02
N SER F 103 -35.52 27.24 -17.17
CA SER F 103 -34.49 26.22 -17.35
C SER F 103 -33.12 26.95 -17.32
N ILE F 104 -32.37 26.61 -16.29
CA ILE F 104 -31.15 27.30 -15.93
C ILE F 104 -29.96 26.38 -16.32
N ILE F 105 -28.99 27.02 -16.95
CA ILE F 105 -27.75 26.40 -17.28
C ILE F 105 -26.69 27.35 -16.77
N MET F 106 -25.72 26.84 -16.04
CA MET F 106 -24.65 27.67 -15.52
C MET F 106 -23.60 27.98 -16.61
N ARG F 107 -23.13 29.22 -16.64
CA ARG F 107 -21.99 29.60 -17.44
C ARG F 107 -20.73 28.93 -16.90
N ALA F 108 -20.18 28.05 -17.71
CA ALA F 108 -18.92 27.41 -17.38
C ALA F 108 -17.93 27.74 -18.46
N TYR F 109 -17.62 29.03 -18.52
CA TYR F 109 -16.73 29.53 -19.53
C TYR F 109 -15.26 29.59 -19.00
N LEU F 110 -14.34 29.44 -19.93
CA LEU F 110 -12.97 29.08 -19.68
C LEU F 110 -12.00 30.23 -19.99
N GLU F 111 -12.46 31.18 -20.83
CA GLU F 111 -11.67 32.33 -21.26
C GLU F 111 -12.59 33.55 -21.51
N LYS F 112 -11.95 34.74 -21.55
CA LYS F 112 -12.58 35.97 -21.97
C LYS F 112 -11.85 36.43 -23.22
N PRO F 113 -12.60 36.89 -24.23
CA PRO F 113 -11.97 37.42 -25.46
C PRO F 113 -10.69 38.24 -25.09
N ARG F 114 -9.49 37.79 -25.53
CA ARG F 114 -8.19 38.42 -25.10
C ARG F 114 -7.97 39.78 -25.72
N VAL F 117 -3.32 41.87 -23.19
CA VAL F 117 -3.29 41.89 -21.72
C VAL F 117 -4.56 41.24 -21.07
N GLY F 118 -4.33 40.59 -19.91
CA GLY F 118 -5.35 39.91 -19.09
C GLY F 118 -5.02 38.42 -18.84
N TRP F 119 -5.67 37.75 -17.87
CA TRP F 119 -5.58 36.27 -17.75
C TRP F 119 -5.94 35.53 -19.06
N LYS F 120 -5.11 34.55 -19.40
CA LYS F 120 -5.26 33.78 -20.62
C LYS F 120 -6.31 32.66 -20.54
N GLY F 121 -6.96 32.52 -19.39
CA GLY F 121 -7.98 31.52 -19.15
C GLY F 121 -7.57 30.17 -18.57
N LEU F 122 -8.58 29.37 -18.24
CA LEU F 122 -8.37 28.09 -17.55
C LEU F 122 -7.57 27.04 -18.32
N ILE F 123 -7.69 27.00 -19.66
CA ILE F 123 -6.97 26.04 -20.49
C ILE F 123 -5.53 26.46 -20.50
N ASN F 124 -5.25 27.73 -20.72
CA ASN F 124 -3.87 28.12 -20.93
C ASN F 124 -3.12 28.28 -19.66
N ASP F 125 -3.79 28.75 -18.63
CA ASP F 125 -3.07 29.16 -17.42
C ASP F 125 -3.90 28.80 -16.23
N PRO F 126 -4.11 27.53 -15.98
CA PRO F 126 -4.96 27.10 -14.88
C PRO F 126 -4.46 27.46 -13.49
N ASP F 127 -3.16 27.72 -13.36
CA ASP F 127 -2.57 28.10 -12.08
C ASP F 127 -2.64 29.63 -11.90
N VAL F 128 -3.13 30.39 -12.88
CA VAL F 128 -3.35 31.83 -12.76
C VAL F 128 -2.07 32.57 -12.37
N ASN F 129 -0.95 32.19 -12.97
CA ASN F 129 0.38 32.70 -12.62
C ASN F 129 1.13 33.18 -13.84
N ASN F 130 0.39 33.46 -14.91
CA ASN F 130 0.99 33.84 -16.21
C ASN F 130 2.01 32.84 -16.82
N THR F 131 1.75 31.55 -16.63
CA THR F 131 2.43 30.50 -17.39
C THR F 131 1.44 29.68 -18.24
N PHE F 132 2.01 28.81 -19.05
CA PHE F 132 1.28 27.98 -19.97
C PHE F 132 1.41 26.49 -19.57
N ASN F 133 0.26 25.85 -19.44
CA ASN F 133 0.15 24.44 -19.06
C ASN F 133 -1.20 23.92 -19.57
N ILE F 134 -1.25 23.71 -20.86
CA ILE F 134 -2.49 23.33 -21.52
C ILE F 134 -3.04 22.00 -21.07
N ASN F 135 -2.15 21.05 -20.87
CA ASN F 135 -2.60 19.74 -20.36
C ASN F 135 -3.26 19.79 -18.98
N LYS F 136 -2.67 20.52 -18.03
CA LYS F 136 -3.31 20.73 -16.72
C LYS F 136 -4.66 21.45 -16.84
N GLY F 137 -4.71 22.38 -17.81
CA GLY F 137 -5.85 23.23 -18.06
C GLY F 137 -7.03 22.49 -18.63
N LEU F 138 -6.75 21.57 -19.52
CA LEU F 138 -7.80 20.74 -20.10
C LEU F 138 -8.30 19.81 -19.00
N GLN F 139 -7.41 19.29 -18.21
CA GLN F 139 -7.78 18.58 -16.98
C GLN F 139 -8.70 19.38 -16.04
N SER F 140 -8.26 20.57 -15.60
CA SER F 140 -9.09 21.42 -14.74
C SER F 140 -10.47 21.69 -15.34
N ALA F 141 -10.47 21.98 -16.63
CA ALA F 141 -11.74 22.22 -17.33
C ALA F 141 -12.64 21.01 -17.33
N ARG F 142 -12.10 19.84 -17.69
CA ARG F 142 -12.94 18.64 -17.66
C ARG F 142 -13.42 18.35 -16.21
N GLN F 143 -12.53 18.44 -15.24
CA GLN F 143 -12.90 18.21 -13.84
C GLN F 143 -13.96 19.16 -13.42
N LEU F 144 -13.75 20.44 -13.63
CA LEU F 144 -14.85 21.43 -13.42
C LEU F 144 -16.18 20.99 -14.08
N PHE F 145 -16.12 20.60 -15.33
CA PHE F 145 -17.35 20.31 -16.02
C PHE F 145 -18.07 19.08 -15.40
N VAL F 146 -17.28 18.09 -15.03
CA VAL F 146 -17.77 16.94 -14.30
C VAL F 146 -18.38 17.35 -12.97
N ASN F 147 -17.67 18.15 -12.16
CA ASN F 147 -18.14 18.53 -10.83
C ASN F 147 -19.48 19.22 -10.87
N LEU F 148 -19.64 20.07 -11.91
CA LEU F 148 -20.81 20.90 -12.00
C LEU F 148 -21.96 20.06 -12.45
N THR F 149 -21.79 19.31 -13.52
CA THR F 149 -22.94 18.53 -14.02
C THR F 149 -23.27 17.41 -12.99
N ASN F 150 -22.26 17.00 -12.23
CA ASN F 150 -22.49 15.95 -11.22
C ASN F 150 -23.51 16.25 -10.07
N ILE F 151 -23.82 17.52 -9.78
CA ILE F 151 -24.86 17.86 -8.81
C ILE F 151 -26.22 18.13 -9.50
N GLY F 152 -26.28 17.88 -10.79
CA GLY F 152 -27.52 18.03 -11.55
C GLY F 152 -27.69 19.37 -12.25
N LEU F 153 -26.62 20.16 -12.41
CA LEU F 153 -26.72 21.51 -13.00
C LEU F 153 -26.09 21.50 -14.39
N PRO F 154 -26.89 21.70 -15.44
CA PRO F 154 -26.34 21.73 -16.80
C PRO F 154 -25.50 22.96 -17.03
N ILE F 155 -24.63 22.89 -18.04
CA ILE F 155 -23.64 23.93 -18.30
C ILE F 155 -23.53 24.31 -19.80
N GLY F 156 -22.95 25.49 -20.03
CA GLY F 156 -22.71 26.09 -21.33
C GLY F 156 -21.34 26.72 -21.33
N SER F 157 -20.62 26.57 -22.39
CA SER F 157 -19.33 27.18 -22.57
C SER F 157 -19.24 27.71 -24.00
N GLU F 158 -18.25 28.56 -24.23
CA GLU F 158 -17.91 28.99 -25.57
C GLU F 158 -17.13 27.87 -26.25
N MET F 159 -17.43 27.64 -27.52
CA MET F 159 -16.71 26.72 -28.39
C MET F 159 -15.61 27.46 -29.09
N LEU F 160 -14.39 27.13 -28.74
CA LEU F 160 -13.26 28.05 -28.94
C LEU F 160 -12.55 27.72 -30.27
N ASP F 161 -12.53 26.46 -30.65
CA ASP F 161 -11.76 25.98 -31.78
C ASP F 161 -12.27 24.56 -32.08
N THR F 162 -11.61 23.87 -32.98
CA THR F 162 -12.12 22.55 -33.32
C THR F 162 -11.58 21.42 -32.53
N ILE F 163 -10.67 21.68 -31.59
CA ILE F 163 -9.95 20.62 -30.90
C ILE F 163 -10.47 20.50 -29.45
N SER F 164 -10.48 21.64 -28.75
CA SER F 164 -10.95 21.67 -27.34
C SER F 164 -12.33 21.08 -27.01
N PRO F 165 -13.36 21.29 -27.85
CA PRO F 165 -14.67 20.71 -27.56
C PRO F 165 -14.66 19.18 -27.56
N GLN F 166 -13.75 18.53 -28.25
CA GLN F 166 -13.64 17.04 -28.19
C GLN F 166 -13.30 16.47 -26.79
N TYR F 167 -12.78 17.29 -25.89
CA TYR F 167 -12.37 16.91 -24.52
C TYR F 167 -13.51 17.07 -23.53
N LEU F 168 -14.58 17.71 -23.96
CA LEU F 168 -15.59 18.26 -23.09
C LEU F 168 -17.03 18.04 -23.52
N ALA F 169 -17.25 17.58 -24.74
CA ALA F 169 -18.61 17.74 -25.36
C ALA F 169 -19.72 16.82 -24.72
N ASP F 170 -19.30 15.74 -24.06
CA ASP F 170 -20.22 14.86 -23.32
C ASP F 170 -20.94 15.52 -22.16
N LEU F 171 -20.42 16.66 -21.71
CA LEU F 171 -20.84 17.34 -20.53
C LEU F 171 -21.59 18.62 -20.79
N VAL F 172 -21.65 19.02 -22.04
CA VAL F 172 -22.14 20.36 -22.35
C VAL F 172 -23.56 20.38 -22.80
N SER F 173 -24.36 21.31 -22.27
CA SER F 173 -25.75 21.48 -22.70
C SER F 173 -26.06 22.64 -23.66
N PHE F 174 -25.12 23.60 -23.74
CA PHE F 174 -25.23 24.76 -24.63
C PHE F 174 -23.83 25.27 -25.01
N GLY F 175 -23.61 25.52 -26.29
CA GLY F 175 -22.35 26.09 -26.76
C GLY F 175 -22.59 27.47 -27.34
N ALA F 176 -21.61 28.36 -27.20
CA ALA F 176 -21.70 29.69 -27.73
C ALA F 176 -20.55 29.94 -28.64
N ILE F 177 -20.87 30.73 -29.70
CA ILE F 177 -19.89 31.30 -30.56
C ILE F 177 -19.92 32.77 -30.25
N GLY F 178 -18.80 33.29 -29.83
CA GLY F 178 -18.73 34.67 -29.42
C GLY F 178 -18.75 35.64 -30.55
N ALA F 179 -18.92 36.90 -30.22
CA ALA F 179 -19.04 37.99 -31.18
C ALA F 179 -17.94 38.05 -32.21
N ARG F 180 -16.75 37.63 -31.80
CA ARG F 180 -15.59 37.72 -32.61
C ARG F 180 -15.45 36.56 -33.51
N THR F 181 -16.23 35.52 -33.27
CA THR F 181 -16.13 34.42 -34.16
C THR F 181 -17.40 34.05 -34.89
N THR F 182 -18.49 34.75 -34.67
CA THR F 182 -19.71 34.51 -35.44
C THR F 182 -19.55 34.52 -36.98
N GLU F 183 -18.64 35.34 -37.50
CA GLU F 183 -18.37 35.40 -38.93
C GLU F 183 -17.45 34.30 -39.40
N SER F 184 -16.83 33.57 -38.49
CA SER F 184 -15.78 32.64 -38.90
C SER F 184 -16.38 31.38 -39.50
N GLN F 185 -15.91 31.02 -40.68
CA GLN F 185 -16.44 29.85 -41.36
C GLN F 185 -16.21 28.60 -40.55
N LEU F 186 -14.96 28.40 -40.15
CA LEU F 186 -14.52 27.30 -39.26
C LEU F 186 -15.43 27.08 -38.09
N HIS F 187 -15.87 28.17 -37.44
CA HIS F 187 -16.70 28.11 -36.23
C HIS F 187 -18.18 27.79 -36.54
N ARG F 188 -18.64 28.20 -37.72
CA ARG F 188 -19.96 27.84 -38.23
C ARG F 188 -20.01 26.40 -38.62
N GLU F 189 -18.95 25.92 -39.24
CA GLU F 189 -18.84 24.53 -39.60
C GLU F 189 -18.82 23.67 -38.33
N LEU F 190 -18.05 24.11 -37.34
CA LEU F 190 -17.92 23.32 -36.13
C LEU F 190 -19.31 23.22 -35.51
N ALA F 191 -20.02 24.33 -35.45
CA ALA F 191 -21.30 24.36 -34.77
C ALA F 191 -22.32 23.45 -35.46
N SER F 192 -22.07 23.20 -36.73
CA SER F 192 -22.91 22.34 -37.55
C SER F 192 -22.79 20.89 -37.11
N GLY F 193 -21.71 20.57 -36.37
CA GLY F 193 -21.37 19.22 -35.98
C GLY F 193 -21.47 18.95 -34.52
N LEU F 194 -22.04 19.86 -33.77
CA LEU F 194 -22.09 19.77 -32.28
C LEU F 194 -23.36 19.17 -31.71
N SER F 195 -23.22 18.38 -30.66
CA SER F 195 -24.35 17.64 -30.08
C SER F 195 -25.37 18.46 -29.25
N PHE F 196 -25.32 19.77 -29.32
CA PHE F 196 -26.20 20.60 -28.46
C PHE F 196 -26.46 21.93 -29.17
N PRO F 197 -27.43 22.67 -28.70
CA PRO F 197 -27.76 23.97 -29.21
C PRO F 197 -26.63 25.00 -29.13
N VAL F 198 -26.50 25.83 -30.19
CA VAL F 198 -25.43 26.78 -30.32
C VAL F 198 -25.96 28.20 -30.43
N GLY F 199 -25.56 29.09 -29.53
CA GLY F 199 -25.90 30.47 -29.66
C GLY F 199 -24.81 31.27 -30.41
N PHE F 200 -25.19 32.08 -31.39
CA PHE F 200 -24.27 32.89 -32.19
C PHE F 200 -24.54 34.24 -31.80
N LYS F 201 -23.53 34.90 -31.26
CA LYS F 201 -23.63 36.29 -30.91
C LYS F 201 -23.54 37.19 -32.12
N ASN F 202 -24.19 38.35 -31.96
CA ASN F 202 -24.16 39.42 -32.98
C ASN F 202 -22.79 40.07 -32.98
N GLY F 203 -22.49 40.70 -34.13
CA GLY F 203 -21.20 41.31 -34.38
C GLY F 203 -20.78 42.35 -33.36
N THR F 204 -19.46 42.43 -33.15
CA THR F 204 -18.77 43.57 -32.53
C THR F 204 -19.41 44.96 -32.95
N ASP F 205 -19.87 45.08 -34.19
CA ASP F 205 -20.48 46.31 -34.71
C ASP F 205 -21.97 46.49 -34.33
N GLY F 206 -22.53 45.52 -33.60
CA GLY F 206 -23.95 45.55 -33.29
C GLY F 206 -24.83 45.08 -34.42
N THR F 207 -24.30 44.62 -35.55
CA THR F 207 -25.20 44.11 -36.54
C THR F 207 -25.48 42.68 -36.19
N LEU F 208 -26.61 42.24 -36.72
CA LEU F 208 -27.26 41.02 -36.43
C LEU F 208 -27.17 40.06 -37.61
N ASN F 209 -27.11 40.68 -38.78
CA ASN F 209 -27.00 40.03 -40.08
C ASN F 209 -26.06 38.79 -39.96
N VAL F 210 -24.90 39.00 -39.34
CA VAL F 210 -23.88 37.94 -39.21
C VAL F 210 -24.27 36.72 -38.38
N ALA F 211 -25.01 36.93 -37.32
CA ALA F 211 -25.54 35.80 -36.51
C ALA F 211 -26.63 35.00 -37.24
N VAL F 212 -27.47 35.71 -38.02
CA VAL F 212 -28.48 35.05 -38.88
C VAL F 212 -27.80 34.22 -39.95
N ASP F 213 -26.81 34.79 -40.65
CA ASP F 213 -26.09 34.02 -41.65
C ASP F 213 -25.46 32.82 -41.03
N ALA F 214 -25.03 32.93 -39.78
CA ALA F 214 -24.32 31.84 -39.12
C ALA F 214 -25.22 30.66 -38.77
N CYS F 215 -26.38 30.96 -38.21
CA CYS F 215 -27.43 29.99 -37.93
C CYS F 215 -27.85 29.30 -39.19
N GLN F 216 -27.90 30.03 -40.29
CA GLN F 216 -28.32 29.47 -41.56
C GLN F 216 -27.28 28.51 -42.02
N ALA F 217 -26.02 28.92 -42.01
CA ALA F 217 -24.89 28.02 -42.41
C ALA F 217 -24.75 26.83 -41.49
N ALA F 218 -24.97 27.04 -40.21
CA ALA F 218 -24.75 25.95 -39.25
C ALA F 218 -25.78 24.79 -39.41
N ALA F 219 -26.92 25.09 -40.00
CA ALA F 219 -27.98 24.07 -40.32
C ALA F 219 -27.63 23.07 -41.44
N HIS F 220 -26.62 23.39 -42.26
CA HIS F 220 -26.17 22.49 -43.33
C HIS F 220 -25.03 21.56 -42.94
N SER F 221 -24.91 20.49 -43.70
CA SER F 221 -23.81 19.57 -43.54
C SER F 221 -22.50 20.23 -44.01
N HIS F 222 -21.41 20.03 -43.28
CA HIS F 222 -20.09 20.58 -43.65
C HIS F 222 -19.00 19.58 -43.48
N HIS F 223 -17.84 19.92 -43.99
CA HIS F 223 -16.59 19.17 -43.82
C HIS F 223 -15.60 20.10 -43.10
N PHE F 224 -14.94 19.61 -42.05
CA PHE F 224 -13.89 20.40 -41.34
C PHE F 224 -12.82 19.49 -40.76
N MET F 225 -11.66 20.08 -40.55
CA MET F 225 -10.48 19.41 -40.00
C MET F 225 -10.56 19.47 -38.49
N GLY F 226 -11.01 18.38 -37.90
CA GLY F 226 -11.05 18.16 -36.49
C GLY F 226 -10.08 17.10 -36.04
N VAL F 227 -10.35 16.56 -34.85
CA VAL F 227 -9.59 15.48 -34.30
C VAL F 227 -10.46 14.35 -33.85
N THR F 228 -9.89 13.18 -33.96
CA THR F 228 -10.54 12.02 -33.41
C THR F 228 -10.25 11.98 -31.91
N LYS F 229 -10.89 11.01 -31.26
CA LYS F 229 -10.79 10.82 -29.86
C LYS F 229 -9.36 10.45 -29.52
N HIS F 230 -8.66 9.76 -30.40
CA HIS F 230 -7.23 9.47 -30.11
C HIS F 230 -6.29 10.58 -30.51
N GLY F 231 -6.83 11.78 -30.79
CA GLY F 231 -5.97 12.92 -31.03
C GLY F 231 -5.36 13.07 -32.40
N VAL F 232 -5.98 12.50 -33.44
CA VAL F 232 -5.42 12.53 -34.81
C VAL F 232 -6.28 13.42 -35.66
N ALA F 233 -5.67 14.29 -36.46
CA ALA F 233 -6.44 15.12 -37.33
C ALA F 233 -7.16 14.25 -38.36
N ALA F 234 -8.38 14.66 -38.67
CA ALA F 234 -9.26 13.90 -39.53
C ALA F 234 -10.34 14.82 -40.16
N ILE F 235 -10.87 14.35 -41.28
CA ILE F 235 -11.91 15.05 -42.00
C ILE F 235 -13.18 14.64 -41.33
N THR F 236 -13.89 15.63 -40.83
CA THR F 236 -15.07 15.42 -40.03
C THR F 236 -16.21 15.85 -40.90
N THR F 237 -17.16 14.96 -41.14
CA THR F 237 -18.36 15.37 -41.85
C THR F 237 -19.48 15.63 -40.86
N THR F 238 -20.20 16.75 -41.00
CA THR F 238 -21.29 17.08 -40.09
C THR F 238 -22.73 16.86 -40.65
N LYS F 239 -23.71 16.80 -39.73
CA LYS F 239 -25.14 16.57 -40.08
C LYS F 239 -25.94 17.85 -40.20
N GLY F 240 -25.42 18.96 -39.66
CA GLY F 240 -26.14 20.20 -39.63
C GLY F 240 -26.85 20.29 -38.30
N ASN F 241 -27.04 21.52 -37.80
CA ASN F 241 -27.56 21.83 -36.45
C ASN F 241 -28.76 22.79 -36.54
N GLU F 242 -29.96 22.30 -36.22
CA GLU F 242 -31.22 23.07 -36.34
C GLU F 242 -31.52 23.75 -35.02
N HIS F 243 -30.66 23.54 -34.02
CA HIS F 243 -30.85 24.24 -32.77
C HIS F 243 -29.88 25.40 -32.59
N CYS F 244 -29.65 26.17 -33.66
CA CYS F 244 -28.84 27.38 -33.55
C CYS F 244 -29.70 28.60 -33.41
N PHE F 245 -29.29 29.47 -32.51
CA PHE F 245 -30.02 30.70 -32.33
C PHE F 245 -29.15 31.91 -32.13
N VAL F 246 -29.82 33.07 -32.14
CA VAL F 246 -29.17 34.37 -32.13
C VAL F 246 -29.15 34.96 -30.71
N ILE F 247 -27.99 35.49 -30.30
CA ILE F 247 -27.86 36.23 -29.04
C ILE F 247 -27.58 37.71 -29.30
N LEU F 248 -28.36 38.54 -28.61
CA LEU F 248 -28.33 39.95 -28.71
C LEU F 248 -27.53 40.49 -27.52
N ARG F 249 -26.40 41.13 -27.83
CA ARG F 249 -25.37 41.49 -26.88
C ARG F 249 -24.80 42.89 -27.13
N GLY F 250 -25.53 43.74 -27.85
CA GLY F 250 -25.10 45.10 -28.04
C GLY F 250 -23.87 45.22 -28.92
N GLY F 251 -23.20 46.37 -28.80
CA GLY F 251 -22.06 46.75 -29.61
C GLY F 251 -22.18 48.18 -30.10
N LYS F 252 -21.49 48.45 -31.20
CA LYS F 252 -21.30 49.82 -31.72
C LYS F 252 -22.58 50.58 -32.13
N LYS F 253 -23.64 49.88 -32.51
CA LYS F 253 -24.93 50.51 -32.83
C LYS F 253 -25.80 50.64 -31.55
N GLY F 254 -25.17 50.49 -30.38
CA GLY F 254 -25.83 50.61 -29.09
C GLY F 254 -26.25 49.27 -28.52
N THR F 255 -26.79 49.37 -27.32
CA THR F 255 -27.47 48.29 -26.66
C THR F 255 -28.60 47.88 -27.55
N ASN F 256 -29.02 46.60 -27.50
CA ASN F 256 -30.08 46.05 -28.36
C ASN F 256 -31.03 45.16 -27.64
N TYR F 257 -31.33 45.50 -26.40
CA TYR F 257 -32.28 44.77 -25.60
C TYR F 257 -33.72 45.35 -25.45
N ASP F 258 -33.93 46.55 -25.96
CA ASP F 258 -35.22 47.21 -25.88
C ASP F 258 -36.20 46.73 -26.96
N ALA F 259 -37.48 47.09 -26.77
CA ALA F 259 -38.56 46.69 -27.70
C ALA F 259 -38.33 46.87 -29.22
N LYS F 260 -37.78 48.02 -29.59
CA LYS F 260 -37.53 48.41 -30.98
C LYS F 260 -36.37 47.60 -31.58
N SER F 261 -35.29 47.45 -30.81
CA SER F 261 -34.18 46.59 -31.23
C SER F 261 -34.70 45.17 -31.31
N VAL F 262 -35.50 44.75 -30.33
CA VAL F 262 -36.09 43.37 -30.45
C VAL F 262 -36.95 43.13 -31.74
N ALA F 263 -37.68 44.16 -32.17
CA ALA F 263 -38.55 44.13 -33.34
C ALA F 263 -37.74 44.17 -34.61
N GLU F 264 -36.60 44.88 -34.61
CA GLU F 264 -35.73 44.92 -35.81
C GLU F 264 -35.04 43.57 -35.96
N ALA F 265 -34.82 42.92 -34.83
CA ALA F 265 -34.21 41.59 -34.83
C ALA F 265 -35.17 40.56 -35.35
N LYS F 266 -36.41 40.56 -34.85
CA LYS F 266 -37.44 39.60 -35.34
C LYS F 266 -37.72 39.79 -36.82
N ALA F 267 -37.70 41.01 -37.32
CA ALA F 267 -37.91 41.22 -38.76
C ALA F 267 -36.72 40.82 -39.58
N GLN F 268 -35.59 40.52 -38.95
CA GLN F 268 -34.48 39.95 -39.72
C GLN F 268 -34.48 38.44 -39.79
N LEU F 269 -35.31 37.87 -38.95
CA LEU F 269 -35.22 36.45 -38.74
C LEU F 269 -36.14 35.74 -39.73
N PRO F 270 -35.56 34.82 -40.52
CA PRO F 270 -36.35 33.99 -41.42
C PRO F 270 -37.43 33.19 -40.73
N ALA F 271 -38.44 32.81 -41.51
CA ALA F 271 -39.52 31.91 -41.09
C ALA F 271 -39.05 30.67 -40.33
N GLY F 272 -39.67 30.43 -39.17
CA GLY F 272 -39.38 29.22 -38.41
C GLY F 272 -37.94 29.23 -37.95
N SER F 273 -37.53 30.42 -37.50
CA SER F 273 -36.25 30.60 -36.83
C SER F 273 -36.47 30.19 -35.37
N ASN F 274 -35.39 29.81 -34.71
CA ASN F 274 -35.42 29.73 -33.25
C ASN F 274 -35.66 31.07 -32.50
N GLY F 275 -36.00 30.99 -31.20
CA GLY F 275 -36.13 32.17 -30.38
C GLY F 275 -34.80 32.88 -30.18
N LEU F 276 -34.88 34.13 -29.82
CA LEU F 276 -33.74 34.98 -29.51
C LEU F 276 -33.34 34.82 -28.07
N MET F 277 -32.05 35.01 -27.81
CA MET F 277 -31.52 35.18 -26.44
C MET F 277 -31.00 36.56 -26.29
N ILE F 278 -31.13 37.08 -25.10
CA ILE F 278 -30.59 38.39 -24.80
C ILE F 278 -29.57 38.31 -23.68
N ASP F 279 -28.34 38.75 -24.03
CA ASP F 279 -27.24 38.96 -23.09
C ASP F 279 -27.33 40.32 -22.39
N TYR F 280 -27.50 40.28 -21.08
CA TYR F 280 -27.63 41.48 -20.26
C TYR F 280 -26.34 42.15 -20.07
N SER F 281 -25.27 41.42 -20.35
CA SER F 281 -23.91 41.84 -20.00
C SER F 281 -23.16 42.28 -21.27
N HIS F 282 -21.84 42.30 -21.24
CA HIS F 282 -21.08 42.69 -22.41
C HIS F 282 -21.65 43.98 -23.07
N GLY F 283 -21.80 44.09 -24.40
CA GLY F 283 -22.30 45.37 -24.97
C GLY F 283 -23.58 45.97 -24.33
N ASN F 284 -24.50 45.13 -23.86
CA ASN F 284 -25.76 45.58 -23.32
C ASN F 284 -25.72 46.23 -21.97
N SER F 285 -24.57 46.20 -21.33
CA SER F 285 -24.34 46.79 -20.01
C SER F 285 -23.53 48.07 -20.06
N ASN F 286 -23.25 48.56 -21.27
CA ASN F 286 -22.08 49.40 -21.62
C ASN F 286 -21.21 49.88 -20.47
N LYS F 287 -20.32 48.98 -20.07
CA LYS F 287 -19.13 49.29 -19.30
C LYS F 287 -19.49 49.37 -17.78
N ASP F 288 -20.75 49.15 -17.41
CA ASP F 288 -21.14 49.05 -16.01
C ASP F 288 -21.89 47.73 -15.71
N PHE F 289 -21.29 46.79 -14.98
CA PHE F 289 -22.05 45.55 -14.63
C PHE F 289 -23.35 45.74 -13.84
N ARG F 290 -23.43 46.86 -13.13
CA ARG F 290 -24.65 47.21 -12.42
C ARG F 290 -25.83 47.52 -13.34
N ASN F 291 -25.60 47.84 -14.61
CA ASN F 291 -26.70 47.89 -15.55
C ASN F 291 -27.45 46.59 -15.84
N GLN F 292 -26.89 45.42 -15.47
CA GLN F 292 -27.59 44.18 -15.82
C GLN F 292 -29.00 44.08 -15.19
N PRO F 293 -29.24 44.42 -13.91
CA PRO F 293 -30.62 44.44 -13.41
C PRO F 293 -31.56 45.42 -14.17
N LYS F 294 -31.03 46.50 -14.76
CA LYS F 294 -31.87 47.42 -15.56
C LYS F 294 -32.21 46.84 -16.89
N VAL F 295 -31.27 46.13 -17.49
CA VAL F 295 -31.58 45.42 -18.68
C VAL F 295 -32.68 44.38 -18.40
N ASN F 296 -32.53 43.63 -17.30
CA ASN F 296 -33.53 42.69 -16.89
C ASN F 296 -34.95 43.28 -16.80
N ASP F 297 -35.11 44.39 -16.09
CA ASP F 297 -36.44 45.06 -15.99
C ASP F 297 -36.99 45.37 -17.40
N VAL F 298 -36.15 45.87 -18.29
CA VAL F 298 -36.62 46.25 -19.63
C VAL F 298 -37.05 45.01 -20.41
N VAL F 299 -36.35 43.89 -20.21
CA VAL F 299 -36.66 42.62 -20.86
C VAL F 299 -37.85 41.92 -20.19
N CYS F 300 -37.91 41.94 -18.87
CA CYS F 300 -39.09 41.42 -18.13
C CYS F 300 -40.41 42.06 -18.59
N GLU F 301 -40.42 43.37 -18.75
CA GLU F 301 -41.57 44.11 -19.28
C GLU F 301 -42.05 43.61 -20.66
N GLN F 302 -41.14 43.38 -21.61
CA GLN F 302 -41.54 42.79 -22.91
C GLN F 302 -42.06 41.38 -22.75
N ILE F 303 -41.43 40.58 -21.91
CA ILE F 303 -41.88 39.20 -21.69
C ILE F 303 -43.30 39.23 -21.06
N ALA F 304 -43.42 39.94 -19.94
CA ALA F 304 -44.67 40.19 -19.21
C ALA F 304 -45.86 40.56 -20.10
N ASN F 305 -45.58 41.39 -21.11
CA ASN F 305 -46.57 41.94 -22.00
C ASN F 305 -46.79 41.07 -23.26
N GLY F 306 -46.26 39.86 -23.27
CA GLY F 306 -46.61 38.87 -24.29
C GLY F 306 -45.57 38.59 -25.37
N GLU F 307 -44.32 39.05 -25.18
CA GLU F 307 -43.26 38.82 -26.15
C GLU F 307 -42.77 37.38 -26.07
N ASN F 308 -43.13 36.59 -27.09
CA ASN F 308 -42.83 35.15 -27.12
C ASN F 308 -41.52 34.82 -27.84
N ALA F 309 -40.90 35.80 -28.49
CA ALA F 309 -39.70 35.47 -29.23
C ALA F 309 -38.42 35.67 -28.39
N ILE F 310 -38.53 36.29 -27.24
CA ILE F 310 -37.45 36.25 -26.25
C ILE F 310 -37.59 34.95 -25.47
N THR F 311 -36.89 33.91 -25.92
CA THR F 311 -36.84 32.62 -25.25
C THR F 311 -35.63 32.45 -24.28
N GLY F 312 -34.65 33.35 -24.33
CA GLY F 312 -33.42 33.16 -23.57
C GLY F 312 -32.78 34.43 -23.02
N VAL F 313 -32.04 34.33 -21.94
CA VAL F 313 -31.27 35.45 -21.44
C VAL F 313 -29.89 34.94 -20.99
N MET F 314 -28.90 35.82 -20.96
CA MET F 314 -27.57 35.50 -20.45
C MET F 314 -27.16 36.53 -19.43
N ILE F 315 -26.47 36.09 -18.38
CA ILE F 315 -26.13 36.89 -17.19
C ILE F 315 -24.81 36.50 -16.63
N GLU F 316 -23.96 37.50 -16.45
CA GLU F 316 -22.69 37.41 -15.83
C GLU F 316 -22.84 37.72 -14.32
N SER F 317 -22.54 36.68 -13.57
CA SER F 317 -22.90 36.53 -12.17
C SER F 317 -21.91 35.60 -11.46
N ASN F 318 -21.49 36.05 -10.28
CA ASN F 318 -20.61 35.34 -9.39
C ASN F 318 -21.16 35.41 -7.90
N ILE F 319 -20.47 34.74 -6.99
CA ILE F 319 -20.75 34.78 -5.54
C ILE F 319 -20.77 36.23 -5.08
N ASN F 320 -19.68 36.93 -5.35
CA ASN F 320 -19.52 38.35 -5.02
C ASN F 320 -19.43 39.17 -6.28
N GLU F 321 -19.65 40.48 -6.12
CA GLU F 321 -19.74 41.41 -7.23
C GLU F 321 -18.44 42.01 -7.70
N GLY F 322 -18.47 42.65 -8.87
CA GLY F 322 -17.27 43.25 -9.39
C GLY F 322 -16.36 42.29 -10.12
N ASN F 323 -15.13 42.74 -10.21
CA ASN F 323 -14.00 41.95 -10.67
C ASN F 323 -12.75 42.43 -9.91
N GLN F 324 -11.59 41.87 -10.23
CA GLN F 324 -10.33 42.21 -9.60
C GLN F 324 -9.18 41.91 -10.53
N GLY F 325 -8.07 42.59 -10.33
CA GLY F 325 -6.87 42.34 -11.11
C GLY F 325 -6.14 41.15 -10.51
N ILE F 326 -5.06 40.71 -11.14
CA ILE F 326 -4.24 39.58 -10.63
C ILE F 326 -2.92 40.12 -10.05
N PRO F 327 -2.66 39.86 -8.76
CA PRO F 327 -1.37 40.21 -8.14
C PRO F 327 -0.28 39.18 -8.41
N GLY F 330 -0.10 36.03 -6.34
CA GLY F 330 -0.79 35.42 -7.46
C GLY F 330 -2.12 34.78 -7.05
N LYS F 331 -2.35 33.50 -7.44
CA LYS F 331 -3.61 32.76 -7.12
C LYS F 331 -4.08 32.86 -5.60
N ALA F 332 -3.12 32.78 -4.68
CA ALA F 332 -3.30 32.96 -3.24
C ALA F 332 -3.65 34.39 -2.74
N GLY F 333 -3.25 35.43 -3.47
CA GLY F 333 -3.70 36.81 -3.19
C GLY F 333 -5.07 37.27 -3.71
N LEU F 334 -5.75 36.41 -4.46
CA LEU F 334 -7.05 36.74 -4.98
C LEU F 334 -8.17 36.70 -3.94
N LYS F 335 -9.14 37.60 -4.11
CA LYS F 335 -10.43 37.59 -3.35
C LYS F 335 -11.35 36.48 -3.82
N TYR F 336 -11.94 35.83 -2.85
CA TYR F 336 -12.77 34.68 -3.11
C TYR F 336 -14.07 35.13 -3.81
N GLY F 337 -14.38 34.51 -4.93
CA GLY F 337 -15.72 34.60 -5.47
C GLY F 337 -15.98 35.84 -6.23
N VAL F 338 -14.89 36.38 -6.74
CA VAL F 338 -14.84 37.67 -7.45
C VAL F 338 -14.11 37.39 -8.82
N SER F 339 -14.73 37.81 -9.92
CA SER F 339 -14.20 37.59 -11.27
C SER F 339 -12.86 38.23 -11.46
N ILE F 340 -12.01 37.57 -12.26
CA ILE F 340 -10.75 38.17 -12.70
C ILE F 340 -10.87 38.53 -14.16
N THR F 341 -12.07 38.42 -14.73
CA THR F 341 -12.29 38.89 -16.11
C THR F 341 -13.33 40.01 -16.07
N ASP F 342 -14.39 39.96 -16.91
CA ASP F 342 -15.54 40.89 -16.75
C ASP F 342 -16.20 40.90 -15.37
N ALA F 343 -16.60 42.09 -14.98
CA ALA F 343 -17.24 42.33 -13.72
C ALA F 343 -18.65 41.74 -13.78
N CYS F 344 -19.10 41.22 -12.63
CA CYS F 344 -20.33 40.44 -12.51
C CYS F 344 -21.25 41.01 -11.42
N ILE F 345 -22.55 40.80 -11.56
CA ILE F 345 -23.45 40.96 -10.42
C ILE F 345 -23.21 39.84 -9.39
N GLY F 346 -23.40 40.18 -8.13
CA GLY F 346 -23.19 39.26 -7.05
C GLY F 346 -24.38 38.37 -6.81
N TRP F 347 -24.25 37.48 -5.83
CA TRP F 347 -25.25 36.40 -5.70
C TRP F 347 -26.65 36.91 -5.39
N GLU F 348 -26.75 37.74 -4.38
CA GLU F 348 -28.06 38.27 -3.92
C GLU F 348 -28.73 39.13 -5.04
N THR F 349 -27.97 39.98 -5.71
CA THR F 349 -28.47 40.72 -6.88
C THR F 349 -29.00 39.74 -7.93
N THR F 350 -28.40 38.56 -8.04
CA THR F 350 -28.73 37.57 -9.08
C THR F 350 -30.03 36.86 -8.78
N GLU F 351 -30.20 36.51 -7.51
CA GLU F 351 -31.45 35.89 -7.00
C GLU F 351 -32.66 36.77 -7.40
N ASP F 352 -32.49 38.05 -7.15
CA ASP F 352 -33.48 39.09 -7.30
C ASP F 352 -33.84 39.24 -8.81
N VAL F 353 -32.79 39.36 -9.64
CA VAL F 353 -32.95 39.30 -11.10
C VAL F 353 -33.68 38.06 -11.52
N LEU F 354 -33.26 36.90 -11.06
CA LEU F 354 -33.83 35.65 -11.58
C LEU F 354 -35.30 35.41 -11.20
N ARG F 355 -35.61 35.67 -9.93
CA ARG F 355 -36.99 35.70 -9.44
C ARG F 355 -37.89 36.70 -10.16
N LYS F 356 -37.36 37.91 -10.48
CA LYS F 356 -38.13 38.92 -11.26
C LYS F 356 -38.44 38.36 -12.64
N LEU F 357 -37.50 37.62 -13.22
CA LEU F 357 -37.66 37.01 -14.57
C LEU F 357 -38.70 35.93 -14.56
N ALA F 358 -38.75 35.22 -13.46
CA ALA F 358 -39.67 34.12 -13.32
C ALA F 358 -41.09 34.66 -13.26
N ALA F 359 -41.28 35.76 -12.53
CA ALA F 359 -42.58 36.47 -12.47
C ALA F 359 -43.09 36.82 -13.88
N ALA F 360 -42.21 37.49 -14.64
CA ALA F 360 -42.50 37.94 -16.01
C ALA F 360 -42.93 36.77 -16.89
N VAL F 361 -42.36 35.61 -16.61
CA VAL F 361 -42.63 34.40 -17.37
C VAL F 361 -44.03 33.89 -17.06
N ARG F 362 -44.41 33.92 -15.77
CA ARG F 362 -45.78 33.60 -15.34
C ARG F 362 -46.77 34.54 -15.99
N GLN F 363 -46.62 35.83 -15.71
CA GLN F 363 -47.37 36.90 -16.38
C GLN F 363 -47.56 36.72 -17.92
N ARG F 364 -46.54 36.29 -18.66
CA ARG F 364 -46.68 36.02 -20.14
C ARG F 364 -47.62 34.85 -20.49
N ARG F 365 -47.58 33.83 -19.64
CA ARG F 365 -48.52 32.68 -19.69
C ARG F 365 -49.98 33.15 -19.78
N GLU F 366 -50.31 34.03 -18.85
CA GLU F 366 -51.62 34.62 -18.73
C GLU F 366 -52.02 35.26 -20.06
N VAL F 367 -51.27 36.29 -20.48
CA VAL F 367 -51.46 36.99 -21.76
C VAL F 367 -51.66 36.08 -23.00
N ASN F 368 -50.99 34.95 -23.02
CA ASN F 368 -51.20 33.96 -24.06
C ASN F 368 -52.53 33.19 -23.90
N ALA G 19 20.28 14.91 -22.64
CA ALA G 19 19.52 13.61 -23.00
C ALA G 19 20.04 13.01 -24.29
N GLU G 20 20.65 11.82 -24.19
CA GLU G 20 21.16 11.07 -25.33
C GLU G 20 20.17 9.97 -25.85
N GLU G 21 19.42 10.32 -26.87
CA GLU G 21 18.41 9.49 -27.48
C GLU G 21 18.54 9.61 -29.02
N ASP G 22 18.04 8.61 -29.73
CA ASP G 22 18.01 8.60 -31.19
C ASP G 22 19.38 8.70 -31.88
N VAL G 23 20.43 8.30 -31.21
CA VAL G 23 21.74 8.44 -31.82
C VAL G 23 21.88 7.37 -32.92
N ARG G 24 21.10 6.28 -32.86
CA ARG G 24 21.09 5.33 -33.98
C ARG G 24 19.83 5.39 -34.78
N ILE G 25 19.17 6.52 -34.74
CA ILE G 25 17.96 6.68 -35.52
C ILE G 25 18.24 7.79 -36.51
N LEU G 26 18.28 7.40 -37.78
CA LEU G 26 18.54 8.33 -38.91
C LEU G 26 17.35 9.23 -39.27
N GLY G 27 16.13 8.68 -39.13
CA GLY G 27 14.91 9.42 -39.26
C GLY G 27 13.65 8.59 -39.06
N TYR G 28 12.56 9.31 -38.88
CA TYR G 28 11.23 8.79 -38.87
C TYR G 28 10.53 9.28 -40.17
N ASP G 29 10.10 8.35 -41.02
CA ASP G 29 9.48 8.66 -42.30
C ASP G 29 7.99 8.46 -42.17
N PRO G 30 7.16 9.23 -42.85
CA PRO G 30 5.72 9.15 -42.61
C PRO G 30 5.12 7.88 -43.20
N LEU G 31 4.05 7.44 -42.57
CA LEU G 31 3.41 6.17 -42.93
C LEU G 31 1.95 6.44 -43.12
N ALA G 32 1.41 6.10 -44.28
CA ALA G 32 -0.02 6.14 -44.43
C ALA G 32 -0.59 5.28 -43.36
N SER G 33 -1.71 5.72 -42.81
CA SER G 33 -2.42 4.92 -41.85
C SER G 33 -3.15 3.80 -42.55
N PRO G 34 -3.54 2.82 -41.78
CA PRO G 34 -4.29 1.70 -42.32
C PRO G 34 -5.59 2.12 -43.02
N ALA G 35 -6.33 3.02 -42.37
CA ALA G 35 -7.63 3.49 -42.84
C ALA G 35 -7.46 4.20 -44.14
N LEU G 36 -6.38 4.98 -44.28
CA LEU G 36 -6.10 5.64 -45.55
C LEU G 36 -5.79 4.65 -46.69
N LEU G 37 -4.85 3.72 -46.46
CA LEU G 37 -4.57 2.66 -47.47
C LEU G 37 -5.83 1.87 -47.82
N GLN G 38 -6.66 1.53 -46.82
CA GLN G 38 -7.88 0.75 -46.99
C GLN G 38 -8.92 1.46 -47.85
N VAL G 39 -8.92 2.79 -47.79
CA VAL G 39 -9.76 3.60 -48.66
C VAL G 39 -9.15 3.81 -50.07
N GLN G 40 -7.84 4.12 -50.15
CA GLN G 40 -7.12 4.28 -51.44
C GLN G 40 -7.13 2.96 -52.28
N ILE G 41 -6.95 1.82 -51.60
CA ILE G 41 -6.94 0.49 -52.19
C ILE G 41 -8.03 -0.38 -51.57
N PRO G 42 -9.29 -0.18 -51.97
CA PRO G 42 -10.41 -0.85 -51.32
C PRO G 42 -10.56 -2.30 -51.74
N ALA G 43 -11.10 -3.06 -50.80
CA ALA G 43 -11.44 -4.43 -51.04
C ALA G 43 -12.76 -4.41 -51.79
N THR G 44 -12.88 -5.25 -52.80
CA THR G 44 -14.14 -5.37 -53.54
C THR G 44 -15.04 -6.28 -52.76
N PRO G 45 -16.34 -6.25 -53.04
CA PRO G 45 -17.23 -7.19 -52.34
C PRO G 45 -16.76 -8.67 -52.43
N THR G 46 -16.12 -9.06 -53.52
CA THR G 46 -15.71 -10.44 -53.77
C THR G 46 -14.51 -10.81 -52.89
N SER G 47 -13.59 -9.85 -52.74
CA SER G 47 -12.41 -10.02 -51.89
C SER G 47 -12.85 -10.31 -50.44
N LEU G 48 -13.76 -9.47 -49.97
CA LEU G 48 -14.31 -9.59 -48.62
C LEU G 48 -15.10 -10.89 -48.40
N GLU G 49 -16.00 -11.29 -49.31
CA GLU G 49 -16.68 -12.60 -49.20
C GLU G 49 -15.66 -13.80 -49.28
N THR G 50 -14.70 -13.70 -50.20
CA THR G 50 -13.61 -14.70 -50.32
C THR G 50 -12.80 -14.82 -49.02
N ALA G 51 -12.48 -13.70 -48.36
CA ALA G 51 -11.65 -13.79 -47.13
C ALA G 51 -12.39 -14.51 -46.01
N LYS G 52 -13.68 -14.17 -45.84
CA LYS G 52 -14.54 -14.76 -44.80
C LYS G 52 -14.79 -16.24 -45.00
N ARG G 53 -15.05 -16.61 -46.25
CA ARG G 53 -15.21 -18.02 -46.60
C ARG G 53 -13.92 -18.84 -46.36
N GLY G 54 -12.79 -18.33 -46.81
CA GLY G 54 -11.53 -18.97 -46.50
C GLY G 54 -11.42 -19.18 -45.00
N ARG G 55 -11.83 -18.21 -44.17
CA ARG G 55 -11.75 -18.43 -42.70
C ARG G 55 -12.73 -19.50 -42.21
N ARG G 56 -13.96 -19.45 -42.71
CA ARG G 56 -15.00 -20.39 -42.25
C ARG G 56 -14.54 -21.80 -42.54
N GLU G 57 -14.03 -22.04 -43.77
CA GLU G 57 -13.60 -23.37 -44.20
C GLU G 57 -12.41 -23.84 -43.46
N ALA G 58 -11.49 -22.96 -43.10
CA ALA G 58 -10.30 -23.38 -42.37
C ALA G 58 -10.63 -23.70 -40.92
N ILE G 59 -11.43 -22.83 -40.29
CA ILE G 59 -11.99 -23.14 -38.98
C ILE G 59 -12.60 -24.55 -39.01
N ASP G 60 -13.46 -24.80 -40.00
CA ASP G 60 -14.21 -26.08 -40.05
C ASP G 60 -13.26 -27.30 -40.11
N ILE G 61 -12.12 -27.16 -40.79
CA ILE G 61 -11.18 -28.31 -40.89
C ILE G 61 -10.34 -28.44 -39.65
N ILE G 62 -9.76 -27.36 -39.14
CA ILE G 62 -8.89 -27.59 -38.01
C ILE G 62 -9.68 -27.95 -36.80
N THR G 63 -11.00 -27.72 -36.80
CA THR G 63 -11.80 -28.13 -35.60
C THR G 63 -12.56 -29.48 -35.72
N GLY G 64 -12.43 -30.17 -36.83
CA GLY G 64 -13.12 -31.46 -36.91
C GLY G 64 -14.50 -31.40 -37.56
N LYS G 65 -15.02 -30.21 -37.79
CA LYS G 65 -16.36 -30.11 -38.36
C LYS G 65 -16.38 -30.67 -39.77
N ASP G 66 -15.25 -30.52 -40.47
CA ASP G 66 -15.11 -30.92 -41.85
C ASP G 66 -13.87 -31.83 -42.04
N ASP G 67 -13.99 -32.75 -43.02
CA ASP G 67 -12.93 -33.74 -43.28
C ASP G 67 -12.18 -33.52 -44.61
N ARG G 68 -12.29 -32.35 -45.18
CA ARG G 68 -11.29 -31.97 -46.13
C ARG G 68 -9.96 -31.66 -45.40
N VAL G 69 -8.94 -31.41 -46.23
CA VAL G 69 -7.61 -31.06 -45.69
C VAL G 69 -7.36 -29.64 -46.09
N LEU G 70 -6.92 -28.84 -45.11
CA LEU G 70 -6.62 -27.45 -45.43
C LEU G 70 -5.19 -27.41 -45.98
N VAL G 71 -5.04 -26.71 -47.06
CA VAL G 71 -3.80 -26.64 -47.83
C VAL G 71 -3.46 -25.20 -48.08
N ILE G 72 -2.31 -24.77 -47.53
CA ILE G 72 -1.70 -23.48 -47.82
C ILE G 72 -0.53 -23.75 -48.77
N VAL G 73 -0.67 -23.23 -49.96
CA VAL G 73 0.22 -23.54 -51.07
C VAL G 73 0.37 -22.29 -51.94
N GLY G 74 1.60 -21.98 -52.32
CA GLY G 74 1.92 -20.96 -53.28
C GLY G 74 3.40 -20.62 -53.09
N PRO G 75 3.87 -19.55 -53.67
CA PRO G 75 5.32 -19.23 -53.55
C PRO G 75 5.85 -19.00 -52.16
N CYS G 76 7.15 -19.28 -51.94
CA CYS G 76 7.85 -18.88 -50.71
C CYS G 76 7.54 -17.44 -50.41
N SER G 77 7.58 -16.65 -51.47
CA SER G 77 7.43 -15.22 -51.35
C SER G 77 7.01 -14.62 -52.68
N ILE G 78 6.24 -13.53 -52.63
CA ILE G 78 5.81 -12.83 -53.82
C ILE G 78 6.60 -11.56 -54.10
N HIS G 79 7.33 -11.55 -55.21
CA HIS G 79 8.09 -10.35 -55.70
C HIS G 79 7.58 -9.80 -57.02
N ASP G 80 6.76 -10.58 -57.71
CA ASP G 80 6.22 -10.20 -59.01
C ASP G 80 4.71 -10.37 -58.91
N LEU G 81 4.02 -9.26 -59.17
CA LEU G 81 2.59 -9.14 -58.93
C LEU G 81 1.82 -9.80 -60.08
N GLU G 82 2.22 -9.47 -61.32
CA GLU G 82 1.66 -10.05 -62.54
C GLU G 82 1.91 -11.60 -62.55
N ALA G 83 3.07 -12.05 -62.10
CA ALA G 83 3.31 -13.48 -62.03
C ALA G 83 2.46 -14.14 -60.97
N ALA G 84 2.16 -13.39 -59.91
CA ALA G 84 1.38 -13.97 -58.82
C ALA G 84 -0.10 -14.17 -59.28
N GLN G 85 -0.63 -13.23 -60.06
CA GLN G 85 -2.02 -13.25 -60.57
C GLN G 85 -2.19 -14.43 -61.51
N GLU G 86 -1.13 -14.74 -62.25
CA GLU G 86 -1.21 -15.79 -63.27
C GLU G 86 -1.27 -17.11 -62.53
N TYR G 87 -0.39 -17.23 -61.56
CA TYR G 87 -0.34 -18.42 -60.74
C TYR G 87 -1.64 -18.65 -59.95
N ALA G 88 -2.20 -17.56 -59.45
CA ALA G 88 -3.43 -17.53 -58.73
C ALA G 88 -4.55 -18.10 -59.60
N LEU G 89 -4.58 -17.69 -60.85
CA LEU G 89 -5.65 -18.10 -61.79
C LEU G 89 -5.74 -19.55 -61.99
N ARG G 90 -4.59 -20.23 -61.90
CA ARG G 90 -4.42 -21.67 -62.06
C ARG G 90 -4.70 -22.47 -60.76
N LEU G 91 -4.16 -21.98 -59.64
CA LEU G 91 -4.43 -22.60 -58.35
C LEU G 91 -5.93 -22.48 -58.10
N LYS G 92 -6.57 -21.43 -58.64
CA LYS G 92 -8.02 -21.24 -58.49
C LYS G 92 -8.85 -22.38 -59.17
N LYS G 93 -8.80 -22.46 -60.50
CA LYS G 93 -9.31 -23.59 -61.28
C LYS G 93 -9.01 -24.99 -60.69
N LEU G 94 -7.79 -25.24 -60.22
CA LEU G 94 -7.51 -26.51 -59.55
C LEU G 94 -8.31 -26.67 -58.24
N SER G 95 -8.52 -25.55 -57.55
CA SER G 95 -9.26 -25.51 -56.30
C SER G 95 -10.73 -25.92 -56.52
N ASP G 96 -11.29 -25.35 -57.59
CA ASP G 96 -12.63 -25.69 -58.12
C ASP G 96 -12.81 -27.19 -58.42
N GLU G 97 -11.83 -27.80 -59.08
CA GLU G 97 -11.81 -29.26 -59.30
C GLU G 97 -11.67 -30.06 -58.00
N LEU G 98 -10.82 -29.60 -57.08
CA LEU G 98 -10.56 -30.37 -55.88
C LEU G 98 -11.44 -29.95 -54.71
N LYS G 99 -12.35 -28.99 -54.91
CA LYS G 99 -13.12 -28.38 -53.79
C LYS G 99 -13.76 -29.41 -52.87
N GLY G 100 -14.15 -30.57 -53.40
CA GLY G 100 -14.73 -31.63 -52.60
C GLY G 100 -13.85 -32.22 -51.54
N ASP G 101 -12.51 -32.15 -51.71
CA ASP G 101 -11.57 -32.82 -50.79
C ASP G 101 -10.54 -31.92 -50.05
N LEU G 102 -10.22 -30.80 -50.67
CA LEU G 102 -9.20 -29.86 -50.14
C LEU G 102 -9.75 -28.46 -50.07
N SER G 103 -9.36 -27.70 -49.05
CA SER G 103 -9.69 -26.27 -49.03
C SER G 103 -8.40 -25.52 -49.24
N ILE G 104 -8.37 -24.67 -50.23
CA ILE G 104 -7.10 -24.09 -50.70
C ILE G 104 -7.00 -22.61 -50.45
N ILE G 105 -5.90 -22.23 -49.82
CA ILE G 105 -5.56 -20.87 -49.50
C ILE G 105 -4.18 -20.68 -50.11
N MET G 106 -4.04 -19.63 -50.88
CA MET G 106 -2.79 -19.38 -51.53
C MET G 106 -1.81 -18.69 -50.63
N ARG G 107 -0.62 -19.25 -50.48
CA ARG G 107 0.49 -18.52 -49.81
C ARG G 107 0.76 -17.21 -50.52
N ALA G 108 0.43 -16.08 -49.87
CA ALA G 108 0.82 -14.76 -50.30
C ALA G 108 1.72 -14.07 -49.21
N TYR G 109 2.91 -14.64 -49.09
CA TYR G 109 3.91 -14.17 -48.19
C TYR G 109 4.78 -13.09 -48.81
N LEU G 110 5.38 -12.33 -47.91
CA LEU G 110 5.84 -11.03 -48.33
C LEU G 110 7.35 -10.99 -48.14
N GLU G 111 7.86 -11.75 -47.18
CA GLU G 111 9.32 -11.84 -46.98
C GLU G 111 9.72 -13.23 -46.68
N LYS G 112 11.03 -13.43 -46.79
CA LYS G 112 11.79 -14.54 -46.21
C LYS G 112 12.84 -13.96 -45.21
N PRO G 113 13.07 -14.61 -44.07
CA PRO G 113 14.24 -14.29 -43.21
C PRO G 113 15.59 -13.77 -43.84
N GLY G 118 20.50 -10.04 -50.73
CA GLY G 118 19.48 -11.01 -50.41
C GLY G 118 18.18 -10.26 -50.14
N TRP G 119 17.20 -10.43 -51.04
CA TRP G 119 15.96 -9.58 -51.12
C TRP G 119 15.23 -9.31 -49.77
N LYS G 120 14.86 -8.06 -49.53
CA LYS G 120 14.30 -7.70 -48.22
C LYS G 120 12.76 -7.74 -48.18
N GLY G 121 12.13 -8.17 -49.27
CA GLY G 121 10.73 -8.53 -49.32
C GLY G 121 9.89 -7.41 -49.88
N LEU G 122 8.59 -7.66 -50.03
CA LEU G 122 7.73 -6.71 -50.74
C LEU G 122 7.44 -5.40 -49.96
N ILE G 123 7.43 -5.46 -48.63
CA ILE G 123 7.13 -4.24 -47.89
C ILE G 123 8.33 -3.30 -47.87
N ASN G 124 9.53 -3.79 -47.57
CA ASN G 124 10.77 -2.97 -47.64
C ASN G 124 11.18 -2.54 -49.04
N ASP G 125 11.19 -3.49 -49.94
CA ASP G 125 11.77 -3.33 -51.26
C ASP G 125 10.80 -3.79 -52.35
N PRO G 126 9.70 -3.06 -52.54
CA PRO G 126 8.76 -3.34 -53.62
C PRO G 126 9.31 -3.34 -55.06
N ASP G 127 10.47 -2.71 -55.30
CA ASP G 127 10.98 -2.58 -56.69
C ASP G 127 12.00 -3.67 -56.98
N VAL G 128 12.26 -4.53 -55.99
CA VAL G 128 13.21 -5.65 -56.12
C VAL G 128 14.60 -5.19 -56.65
N ASN G 129 14.96 -3.97 -56.21
CA ASN G 129 16.14 -3.20 -56.65
C ASN G 129 16.99 -2.69 -55.47
N ASN G 130 16.48 -2.84 -54.25
CA ASN G 130 17.19 -2.48 -53.02
C ASN G 130 17.12 -0.91 -52.75
N THR G 131 15.90 -0.41 -52.62
CA THR G 131 15.58 1.01 -52.44
C THR G 131 15.13 1.35 -51.01
N PHE G 132 14.48 0.42 -50.30
CA PHE G 132 13.62 0.82 -49.17
C PHE G 132 12.46 1.86 -49.57
N ASN G 133 11.20 1.46 -49.47
CA ASN G 133 10.07 2.37 -49.64
C ASN G 133 8.81 1.78 -49.05
N ILE G 134 8.80 1.65 -47.72
CA ILE G 134 7.75 0.88 -47.01
C ILE G 134 6.33 1.28 -47.40
N ASN G 135 6.12 2.55 -47.69
CA ASN G 135 4.77 3.02 -48.00
C ASN G 135 4.25 2.42 -49.29
N LYS G 136 5.13 2.35 -50.29
CA LYS G 136 4.83 1.74 -51.58
C LYS G 136 4.69 0.23 -51.43
N GLY G 137 5.57 -0.35 -50.62
CA GLY G 137 5.53 -1.76 -50.24
C GLY G 137 4.28 -2.28 -49.54
N LEU G 138 3.69 -1.45 -48.69
CA LEU G 138 2.40 -1.74 -48.07
C LEU G 138 1.30 -1.60 -49.14
N GLN G 139 1.40 -0.60 -50.02
CA GLN G 139 0.47 -0.48 -51.17
C GLN G 139 0.46 -1.70 -52.08
N SER G 140 1.64 -2.20 -52.41
CA SER G 140 1.77 -3.36 -53.25
C SER G 140 1.22 -4.60 -52.53
N ALA G 141 1.49 -4.71 -51.24
CA ALA G 141 1.02 -5.86 -50.51
C ALA G 141 -0.50 -5.86 -50.50
N ARG G 142 -1.08 -4.71 -50.26
CA ARG G 142 -2.52 -4.61 -50.25
C ARG G 142 -3.14 -4.69 -51.69
N GLN G 143 -2.57 -3.96 -52.66
CA GLN G 143 -2.97 -4.21 -54.06
C GLN G 143 -2.91 -5.72 -54.42
N LEU G 144 -1.80 -6.39 -54.11
CA LEU G 144 -1.63 -7.82 -54.30
C LEU G 144 -2.73 -8.62 -53.66
N PHE G 145 -3.06 -8.29 -52.40
CA PHE G 145 -3.97 -9.13 -51.64
C PHE G 145 -5.35 -8.98 -52.24
N VAL G 146 -5.68 -7.77 -52.70
CA VAL G 146 -6.97 -7.53 -53.33
C VAL G 146 -7.08 -8.32 -54.64
N ASN G 147 -6.05 -8.21 -55.48
CA ASN G 147 -5.99 -8.93 -56.80
C ASN G 147 -6.34 -10.43 -56.74
N LEU G 148 -5.67 -11.10 -55.83
CA LEU G 148 -5.85 -12.49 -55.54
C LEU G 148 -7.25 -12.87 -55.01
N THR G 149 -7.76 -12.14 -54.01
CA THR G 149 -8.98 -12.53 -53.33
C THR G 149 -10.14 -12.18 -54.21
N ASN G 150 -9.92 -11.17 -55.03
CA ASN G 150 -10.93 -10.68 -55.96
C ASN G 150 -11.30 -11.68 -57.06
N ILE G 151 -10.55 -12.76 -57.23
CA ILE G 151 -10.92 -13.81 -58.20
C ILE G 151 -11.40 -15.10 -57.50
N GLY G 152 -11.61 -15.06 -56.18
CA GLY G 152 -12.24 -16.15 -55.45
C GLY G 152 -11.27 -17.04 -54.67
N LEU G 153 -10.00 -16.63 -54.59
CA LEU G 153 -8.97 -17.39 -53.90
C LEU G 153 -8.61 -16.82 -52.50
N PRO G 154 -8.91 -17.51 -51.41
CA PRO G 154 -8.39 -17.08 -50.10
C PRO G 154 -6.86 -17.14 -50.02
N ILE G 155 -6.26 -16.26 -49.21
CA ILE G 155 -4.81 -16.15 -49.06
C ILE G 155 -4.42 -16.22 -47.58
N GLY G 156 -3.19 -16.67 -47.37
CA GLY G 156 -2.57 -16.69 -46.09
C GLY G 156 -1.28 -15.90 -46.18
N SER G 157 -0.73 -15.51 -45.01
CA SER G 157 0.53 -14.75 -44.91
C SER G 157 1.08 -14.82 -43.50
N GLU G 158 2.33 -14.40 -43.42
CA GLU G 158 2.96 -14.32 -42.14
C GLU G 158 2.60 -13.00 -41.43
N MET G 159 2.36 -13.11 -40.12
CA MET G 159 2.05 -12.00 -39.25
C MET G 159 3.38 -11.55 -38.67
N LEU G 160 3.92 -10.47 -39.26
CA LEU G 160 5.31 -10.08 -39.07
C LEU G 160 5.51 -9.27 -37.80
N ASP G 161 4.58 -8.38 -37.56
CA ASP G 161 4.61 -7.45 -36.42
C ASP G 161 3.20 -6.99 -36.06
N THR G 162 3.08 -6.08 -35.10
CA THR G 162 1.78 -5.57 -34.64
C THR G 162 1.15 -4.55 -35.53
N ILE G 163 1.88 -4.05 -36.51
CA ILE G 163 1.40 -2.92 -37.26
C ILE G 163 0.92 -3.35 -38.68
N SER G 164 1.73 -4.12 -39.38
CA SER G 164 1.44 -4.31 -40.79
C SER G 164 0.16 -5.14 -40.99
N PRO G 165 -0.20 -6.03 -40.07
CA PRO G 165 -1.50 -6.72 -40.21
C PRO G 165 -2.70 -5.79 -40.18
N GLN G 166 -2.61 -4.61 -39.57
CA GLN G 166 -3.76 -3.69 -39.58
C GLN G 166 -4.03 -3.18 -40.96
N TYR G 167 -3.06 -3.27 -41.87
CA TYR G 167 -3.26 -2.76 -43.23
C TYR G 167 -3.86 -3.76 -44.18
N LEU G 168 -4.01 -5.01 -43.76
CA LEU G 168 -4.25 -6.12 -44.61
C LEU G 168 -5.28 -7.13 -44.06
N ALA G 169 -5.64 -7.04 -42.78
CA ALA G 169 -6.36 -8.07 -42.10
C ALA G 169 -7.77 -8.37 -42.64
N ASP G 170 -8.47 -7.36 -43.17
CA ASP G 170 -9.74 -7.62 -43.87
C ASP G 170 -9.64 -8.67 -44.99
N LEU G 171 -8.44 -8.99 -45.47
CA LEU G 171 -8.25 -9.77 -46.73
C LEU G 171 -7.73 -11.18 -46.53
N VAL G 172 -7.34 -11.49 -45.29
CA VAL G 172 -6.48 -12.61 -44.97
C VAL G 172 -7.33 -13.68 -44.33
N SER G 173 -7.20 -14.92 -44.82
CA SER G 173 -7.95 -16.04 -44.25
C SER G 173 -7.16 -16.88 -43.32
N PHE G 174 -5.84 -16.70 -43.38
CA PHE G 174 -4.94 -17.50 -42.59
C PHE G 174 -3.66 -16.70 -42.23
N GLY G 175 -3.21 -16.86 -40.98
CA GLY G 175 -2.03 -16.17 -40.49
C GLY G 175 -0.98 -17.12 -40.01
N ALA G 176 0.29 -16.92 -40.38
CA ALA G 176 1.33 -17.79 -39.87
C ALA G 176 2.26 -16.99 -38.98
N ILE G 177 2.73 -17.65 -37.93
CA ILE G 177 3.84 -17.20 -37.17
C ILE G 177 5.03 -18.18 -37.34
N GLY G 178 6.06 -17.68 -38.00
CA GLY G 178 7.24 -18.46 -38.35
C GLY G 178 7.99 -19.07 -37.18
N ALA G 179 8.88 -19.98 -37.53
CA ALA G 179 9.64 -20.67 -36.52
C ALA G 179 10.46 -19.71 -35.67
N ARG G 180 10.88 -18.59 -36.24
CA ARG G 180 11.79 -17.66 -35.52
C ARG G 180 11.04 -16.74 -34.52
N THR G 181 9.71 -16.64 -34.63
CA THR G 181 8.89 -15.79 -33.74
C THR G 181 7.82 -16.56 -32.94
N THR G 182 7.79 -17.88 -33.00
CA THR G 182 6.85 -18.65 -32.18
C THR G 182 7.03 -18.49 -30.66
N GLU G 183 8.30 -18.31 -30.26
CA GLU G 183 8.62 -18.04 -28.87
C GLU G 183 8.34 -16.58 -28.39
N SER G 184 8.22 -15.65 -29.32
CA SER G 184 8.02 -14.22 -29.08
C SER G 184 6.66 -13.87 -28.48
N GLN G 185 6.71 -13.32 -27.26
CA GLN G 185 5.49 -12.92 -26.48
C GLN G 185 4.60 -12.03 -27.32
N LEU G 186 5.22 -11.09 -28.02
CA LEU G 186 4.51 -10.06 -28.71
C LEU G 186 3.71 -10.67 -29.87
N HIS G 187 4.28 -11.72 -30.49
CA HIS G 187 3.57 -12.39 -31.60
C HIS G 187 2.49 -13.30 -31.06
N ARG G 188 2.67 -13.90 -29.89
CA ARG G 188 1.61 -14.70 -29.26
C ARG G 188 0.36 -13.83 -28.89
N GLU G 189 0.63 -12.61 -28.43
CA GLU G 189 -0.40 -11.64 -28.00
C GLU G 189 -1.11 -11.13 -29.22
N LEU G 190 -0.36 -10.77 -30.25
CA LEU G 190 -0.97 -10.48 -31.54
C LEU G 190 -1.94 -11.56 -32.01
N ALA G 191 -1.50 -12.80 -32.03
CA ALA G 191 -2.32 -13.84 -32.57
C ALA G 191 -3.69 -13.87 -31.84
N SER G 192 -3.64 -13.45 -30.58
CA SER G 192 -4.76 -13.52 -29.69
C SER G 192 -5.83 -12.57 -30.14
N GLY G 193 -5.51 -11.64 -31.07
CA GLY G 193 -6.36 -10.60 -31.55
C GLY G 193 -6.72 -10.57 -33.02
N LEU G 194 -6.25 -11.55 -33.78
CA LEU G 194 -6.44 -11.58 -35.18
C LEU G 194 -7.77 -12.22 -35.60
N SER G 195 -8.36 -11.76 -36.66
CA SER G 195 -9.67 -12.25 -37.06
C SER G 195 -9.68 -13.60 -37.78
N PHE G 196 -8.63 -14.40 -37.63
CA PHE G 196 -8.51 -15.59 -38.46
C PHE G 196 -7.66 -16.64 -37.76
N PRO G 197 -7.66 -17.86 -38.29
CA PRO G 197 -6.87 -18.95 -37.72
C PRO G 197 -5.35 -18.66 -37.84
N VAL G 198 -4.56 -19.00 -36.83
CA VAL G 198 -3.14 -18.77 -36.77
C VAL G 198 -2.40 -20.12 -36.53
N GLY G 199 -1.48 -20.38 -37.46
CA GLY G 199 -0.50 -21.45 -37.35
C GLY G 199 0.86 -20.99 -36.78
N PHE G 200 1.27 -21.65 -35.71
CA PHE G 200 2.53 -21.47 -35.10
C PHE G 200 3.51 -22.63 -35.56
N LYS G 201 4.64 -22.28 -36.22
CA LYS G 201 5.63 -23.29 -36.66
C LYS G 201 6.39 -23.83 -35.40
N ASN G 202 6.84 -25.08 -35.36
CA ASN G 202 7.72 -25.55 -34.27
C ASN G 202 9.03 -24.79 -34.32
N GLY G 203 9.85 -24.81 -33.27
CA GLY G 203 11.10 -24.05 -33.27
C GLY G 203 12.17 -24.56 -34.26
N THR G 204 13.12 -23.68 -34.57
CA THR G 204 14.17 -24.00 -35.53
C THR G 204 15.00 -25.23 -35.06
N ASP G 205 14.97 -25.48 -33.77
CA ASP G 205 15.57 -26.67 -33.17
C ASP G 205 14.72 -27.97 -33.30
N GLY G 206 13.60 -27.91 -33.98
CA GLY G 206 12.76 -29.10 -34.30
C GLY G 206 11.80 -29.52 -33.19
N THR G 207 11.83 -28.84 -32.05
CA THR G 207 10.84 -29.18 -31.04
C THR G 207 9.48 -28.37 -31.12
N LEU G 208 8.46 -29.06 -30.60
CA LEU G 208 7.06 -28.79 -30.83
C LEU G 208 6.50 -28.00 -29.62
N ASN G 209 7.13 -28.16 -28.46
CA ASN G 209 6.71 -27.65 -27.16
C ASN G 209 6.45 -26.13 -27.18
N VAL G 210 7.23 -25.39 -27.98
CA VAL G 210 7.14 -23.94 -28.07
C VAL G 210 5.94 -23.52 -28.94
N ALA G 211 5.60 -24.30 -29.94
CA ALA G 211 4.39 -24.06 -30.69
C ALA G 211 3.06 -24.37 -29.88
N VAL G 212 3.11 -25.36 -29.00
CA VAL G 212 1.97 -25.74 -28.19
C VAL G 212 1.80 -24.62 -27.16
N ASP G 213 2.90 -24.18 -26.55
CA ASP G 213 2.85 -23.05 -25.61
C ASP G 213 2.27 -21.86 -26.28
N ALA G 214 2.55 -21.69 -27.57
CA ALA G 214 2.15 -20.50 -28.23
C ALA G 214 0.64 -20.50 -28.41
N CYS G 215 0.14 -21.60 -28.97
CA CYS G 215 -1.30 -21.90 -29.11
C CYS G 215 -2.10 -21.65 -27.84
N GLN G 216 -1.68 -22.22 -26.73
CA GLN G 216 -2.27 -21.99 -25.40
C GLN G 216 -2.25 -20.52 -24.89
N ALA G 217 -1.11 -19.86 -25.09
CA ALA G 217 -0.98 -18.46 -24.88
C ALA G 217 -1.90 -17.61 -25.75
N ALA G 218 -1.89 -17.85 -27.04
CA ALA G 218 -2.77 -17.10 -27.91
C ALA G 218 -4.29 -17.30 -27.68
N ALA G 219 -4.68 -18.34 -26.94
CA ALA G 219 -6.07 -18.60 -26.67
C ALA G 219 -6.57 -17.62 -25.59
N HIS G 220 -5.66 -16.91 -24.92
CA HIS G 220 -6.01 -16.05 -23.82
C HIS G 220 -6.10 -14.62 -24.28
N SER G 221 -6.77 -13.82 -23.46
CA SER G 221 -6.89 -12.38 -23.69
C SER G 221 -5.61 -11.64 -23.34
N HIS G 222 -5.11 -10.71 -24.15
CA HIS G 222 -3.91 -9.96 -23.81
C HIS G 222 -4.07 -8.48 -24.04
N HIS G 223 -3.18 -7.67 -23.50
CA HIS G 223 -3.11 -6.24 -23.83
C HIS G 223 -1.78 -6.12 -24.47
N PHE G 224 -1.78 -5.62 -25.68
CA PHE G 224 -0.57 -5.35 -26.41
C PHE G 224 -0.61 -3.95 -27.07
N MET G 225 0.58 -3.50 -27.36
CA MET G 225 0.82 -2.24 -28.03
C MET G 225 0.67 -2.34 -29.53
N GLY G 226 -0.50 -1.97 -30.04
CA GLY G 226 -0.78 -1.95 -31.48
C GLY G 226 -1.08 -0.58 -32.05
N VAL G 227 -1.74 -0.54 -33.19
CA VAL G 227 -1.96 0.70 -33.90
C VAL G 227 -3.42 0.70 -34.26
N THR G 228 -4.06 1.84 -34.13
CA THR G 228 -5.46 1.95 -34.58
C THR G 228 -5.50 2.12 -36.09
N LYS G 229 -6.72 2.07 -36.60
CA LYS G 229 -6.97 2.31 -38.00
C LYS G 229 -6.46 3.72 -38.44
N HIS G 230 -6.37 4.70 -37.53
CA HIS G 230 -5.87 6.05 -37.89
C HIS G 230 -4.38 6.26 -37.63
N GLY G 231 -3.66 5.22 -37.22
CA GLY G 231 -2.21 5.28 -37.24
C GLY G 231 -1.49 5.64 -35.95
N VAL G 232 -2.22 5.65 -34.85
CA VAL G 232 -1.61 5.99 -33.57
C VAL G 232 -1.49 4.74 -32.64
N ALA G 233 -0.43 4.70 -31.87
CA ALA G 233 -0.25 3.62 -30.93
C ALA G 233 -1.40 3.59 -29.88
N ALA G 234 -1.91 2.42 -29.59
CA ALA G 234 -2.89 2.23 -28.55
C ALA G 234 -2.79 0.90 -27.89
N ILE G 235 -3.40 0.81 -26.75
CA ILE G 235 -3.47 -0.42 -26.00
C ILE G 235 -4.61 -1.22 -26.56
N THR G 236 -4.24 -2.38 -27.11
CA THR G 236 -5.14 -3.17 -27.86
C THR G 236 -5.48 -4.39 -26.98
N THR G 237 -6.74 -4.49 -26.54
CA THR G 237 -7.22 -5.60 -25.78
C THR G 237 -7.80 -6.66 -26.73
N THR G 238 -7.46 -7.91 -26.51
CA THR G 238 -7.90 -9.02 -27.33
C THR G 238 -8.80 -9.95 -26.58
N LYS G 239 -9.49 -10.73 -27.38
CA LYS G 239 -10.43 -11.73 -26.93
C LYS G 239 -9.78 -13.07 -26.67
N GLY G 240 -8.70 -13.33 -27.40
CA GLY G 240 -8.11 -14.68 -27.34
C GLY G 240 -8.55 -15.48 -28.56
N ASN G 241 -7.65 -16.33 -29.09
CA ASN G 241 -7.86 -16.95 -30.40
C ASN G 241 -7.97 -18.43 -30.20
N GLU G 242 -9.15 -18.95 -30.48
CA GLU G 242 -9.35 -20.39 -30.21
C GLU G 242 -8.98 -21.29 -31.40
N HIS G 243 -8.62 -20.66 -32.52
CA HIS G 243 -8.37 -21.30 -33.81
C HIS G 243 -6.82 -21.25 -34.13
N CYS G 244 -5.99 -21.46 -33.10
CA CYS G 244 -4.53 -21.55 -33.27
C CYS G 244 -4.14 -23.01 -33.42
N PHE G 245 -3.24 -23.29 -34.35
CA PHE G 245 -2.75 -24.67 -34.49
C PHE G 245 -1.23 -24.75 -34.70
N VAL G 246 -0.72 -25.97 -34.55
CA VAL G 246 0.71 -26.26 -34.62
C VAL G 246 1.06 -26.71 -36.05
N ILE G 247 2.13 -26.16 -36.60
CA ILE G 247 2.64 -26.49 -37.91
C ILE G 247 3.99 -27.13 -37.67
N LEU G 248 4.16 -28.34 -38.22
CA LEU G 248 5.40 -29.14 -38.14
C LEU G 248 6.23 -28.93 -39.38
N ARG G 249 7.43 -28.40 -39.21
CA ARG G 249 8.28 -28.02 -40.34
C ARG G 249 9.75 -28.53 -40.15
N GLY G 250 9.95 -29.55 -39.33
CA GLY G 250 11.28 -30.00 -38.97
C GLY G 250 12.23 -28.93 -38.39
N GLY G 251 13.55 -29.20 -38.54
CA GLY G 251 14.64 -28.41 -38.01
C GLY G 251 15.78 -29.28 -37.51
N LYS G 252 16.55 -28.72 -36.57
CA LYS G 252 17.83 -29.27 -36.08
C LYS G 252 17.75 -30.74 -35.59
N LYS G 253 16.72 -31.11 -34.82
CA LYS G 253 16.51 -32.49 -34.30
C LYS G 253 16.29 -33.57 -35.41
N GLY G 254 15.47 -33.21 -36.40
CA GLY G 254 15.28 -34.00 -37.60
C GLY G 254 14.01 -33.56 -38.31
N THR G 255 13.79 -34.07 -39.52
CA THR G 255 12.45 -33.94 -40.11
C THR G 255 11.38 -34.54 -39.17
N ASN G 256 10.14 -34.10 -39.34
CA ASN G 256 9.02 -34.53 -38.45
C ASN G 256 7.60 -34.66 -39.08
N TYR G 257 7.56 -35.14 -40.34
CA TYR G 257 6.34 -35.39 -41.10
C TYR G 257 5.93 -36.89 -41.20
N ASP G 258 6.54 -37.74 -40.39
CA ASP G 258 6.33 -39.18 -40.46
C ASP G 258 5.46 -39.58 -39.28
N ALA G 259 4.98 -40.81 -39.29
CA ALA G 259 3.95 -41.25 -38.35
C ALA G 259 4.49 -41.33 -36.94
N LYS G 260 5.77 -41.66 -36.80
CA LYS G 260 6.36 -41.70 -35.47
C LYS G 260 6.38 -40.23 -34.91
N SER G 261 6.72 -39.28 -35.79
CA SER G 261 6.92 -37.88 -35.37
C SER G 261 5.53 -37.22 -35.17
N VAL G 262 4.54 -37.72 -35.90
CA VAL G 262 3.14 -37.33 -35.73
C VAL G 262 2.51 -37.86 -34.44
N ALA G 263 2.72 -39.13 -34.07
CA ALA G 263 2.19 -39.65 -32.81
C ALA G 263 2.83 -38.96 -31.65
N GLU G 264 4.14 -38.71 -31.78
CA GLU G 264 4.87 -37.88 -30.80
C GLU G 264 4.19 -36.49 -30.58
N ALA G 265 3.90 -35.83 -31.68
CA ALA G 265 3.19 -34.55 -31.66
C ALA G 265 1.84 -34.70 -30.95
N LYS G 266 1.06 -35.72 -31.32
CA LYS G 266 -0.24 -35.93 -30.69
C LYS G 266 -0.16 -36.13 -29.19
N ALA G 267 0.92 -36.74 -28.69
CA ALA G 267 1.01 -37.05 -27.28
C ALA G 267 1.22 -35.77 -26.47
N GLN G 268 1.82 -34.75 -27.09
CA GLN G 268 1.95 -33.43 -26.45
C GLN G 268 0.71 -32.48 -26.51
N LEU G 269 -0.35 -32.85 -27.25
CA LEU G 269 -1.48 -31.90 -27.49
C LEU G 269 -2.52 -31.95 -26.40
N PRO G 270 -2.89 -30.79 -25.84
CA PRO G 270 -3.71 -30.75 -24.61
C PRO G 270 -5.21 -30.75 -24.99
N ALA G 271 -6.14 -30.84 -24.03
CA ALA G 271 -7.57 -30.63 -24.34
C ALA G 271 -7.81 -29.26 -25.02
N GLY G 272 -8.70 -29.21 -26.02
CA GLY G 272 -8.93 -27.97 -26.79
C GLY G 272 -8.16 -27.86 -28.12
N SER G 273 -7.17 -28.73 -28.34
CA SER G 273 -6.25 -28.67 -29.51
C SER G 273 -6.96 -28.77 -30.83
N ASN G 274 -6.43 -28.11 -31.83
CA ASN G 274 -6.93 -28.24 -33.16
C ASN G 274 -6.09 -29.24 -33.90
N GLY G 275 -6.46 -29.48 -35.14
CA GLY G 275 -5.65 -30.32 -36.00
C GLY G 275 -4.25 -29.81 -36.35
N LEU G 276 -3.30 -30.72 -36.49
CA LEU G 276 -1.94 -30.46 -37.07
C LEU G 276 -1.85 -30.12 -38.55
N MET G 277 -0.94 -29.19 -38.85
CA MET G 277 -0.61 -28.88 -40.20
C MET G 277 0.83 -29.40 -40.38
N ILE G 278 1.14 -29.89 -41.58
CA ILE G 278 2.52 -30.36 -41.90
C ILE G 278 3.08 -29.58 -43.06
N ASP G 279 4.11 -28.79 -42.79
CA ASP G 279 4.88 -28.11 -43.83
C ASP G 279 5.83 -29.19 -44.37
N TYR G 280 5.70 -29.36 -45.69
CA TYR G 280 6.48 -30.23 -46.61
C TYR G 280 7.85 -29.57 -46.93
N SER G 281 7.88 -28.25 -46.83
CA SER G 281 9.04 -27.47 -47.23
C SER G 281 9.88 -27.07 -46.03
N HIS G 282 10.79 -26.12 -46.20
CA HIS G 282 11.62 -25.63 -45.05
C HIS G 282 12.43 -26.75 -44.42
N GLY G 283 12.44 -26.96 -43.11
CA GLY G 283 13.23 -28.02 -42.50
C GLY G 283 12.92 -29.48 -42.85
N ASN G 284 11.72 -29.69 -43.41
CA ASN G 284 11.16 -31.04 -43.73
C ASN G 284 11.53 -31.52 -45.15
N SER G 285 11.95 -30.59 -45.99
CA SER G 285 12.52 -30.84 -47.30
C SER G 285 14.05 -31.10 -47.27
N ASN G 286 14.62 -31.14 -46.06
CA ASN G 286 16.06 -31.31 -45.80
C ASN G 286 16.95 -30.64 -46.85
N LYS G 287 16.86 -29.33 -47.02
CA LYS G 287 17.74 -28.59 -47.96
C LYS G 287 17.40 -28.74 -49.46
N ASP G 288 16.45 -29.64 -49.81
CA ASP G 288 16.10 -29.91 -51.22
C ASP G 288 14.60 -29.92 -51.53
N PHE G 289 14.21 -29.07 -52.46
CA PHE G 289 12.79 -28.83 -52.70
C PHE G 289 12.12 -30.01 -53.35
N ARG G 290 12.94 -30.88 -53.94
CA ARG G 290 12.48 -32.06 -54.68
C ARG G 290 11.90 -33.01 -53.67
N ASN G 291 12.31 -32.89 -52.41
CA ASN G 291 11.67 -33.69 -51.37
C ASN G 291 10.21 -33.41 -50.99
N GLN G 292 9.58 -32.35 -51.50
CA GLN G 292 8.18 -32.02 -51.14
C GLN G 292 7.18 -33.19 -51.45
N PRO G 293 7.05 -33.63 -52.72
CA PRO G 293 6.31 -34.88 -53.06
C PRO G 293 6.61 -36.10 -52.16
N LYS G 294 7.87 -36.27 -51.78
CA LYS G 294 8.24 -37.42 -50.94
C LYS G 294 7.64 -37.33 -49.55
N VAL G 295 7.71 -36.12 -48.98
CA VAL G 295 6.93 -35.78 -47.80
C VAL G 295 5.41 -35.99 -48.09
N ASN G 296 4.93 -35.51 -49.25
CA ASN G 296 3.54 -35.75 -49.61
C ASN G 296 3.16 -37.25 -49.44
N ASP G 297 4.00 -38.15 -50.00
CA ASP G 297 3.61 -39.56 -50.11
C ASP G 297 3.55 -40.11 -48.72
N VAL G 298 4.50 -39.78 -47.86
CA VAL G 298 4.40 -40.19 -46.44
C VAL G 298 3.16 -39.60 -45.64
N VAL G 299 2.80 -38.37 -45.92
CA VAL G 299 1.68 -37.72 -45.27
C VAL G 299 0.38 -38.39 -45.76
N CYS G 300 0.14 -38.32 -47.06
CA CYS G 300 -0.91 -39.13 -47.72
C CYS G 300 -1.06 -40.57 -47.24
N GLU G 301 0.04 -41.27 -47.07
CA GLU G 301 -0.06 -42.64 -46.60
C GLU G 301 -0.73 -42.61 -45.20
N GLN G 302 -0.42 -41.60 -44.39
CA GLN G 302 -0.98 -41.51 -43.04
C GLN G 302 -2.46 -41.17 -43.06
N ILE G 303 -2.85 -40.30 -43.98
CA ILE G 303 -4.22 -39.83 -44.12
C ILE G 303 -5.11 -40.99 -44.63
N ALA G 304 -4.77 -41.55 -45.78
CA ALA G 304 -5.36 -42.80 -46.36
C ALA G 304 -5.70 -43.88 -45.36
N ASN G 305 -4.86 -44.03 -44.38
CA ASN G 305 -4.93 -45.12 -43.43
C ASN G 305 -5.62 -44.70 -42.12
N GLY G 306 -6.42 -43.63 -42.20
CA GLY G 306 -7.19 -43.10 -41.08
C GLY G 306 -6.59 -42.10 -40.09
N GLU G 307 -5.50 -41.40 -40.42
CA GLU G 307 -4.98 -40.37 -39.46
C GLU G 307 -5.82 -39.10 -39.61
N ASN G 308 -6.65 -38.82 -38.60
CA ASN G 308 -7.55 -37.66 -38.62
C ASN G 308 -6.95 -36.41 -37.92
N ALA G 309 -5.81 -36.55 -37.24
CA ALA G 309 -5.15 -35.43 -36.55
C ALA G 309 -4.40 -34.50 -37.51
N ILE G 310 -4.22 -34.94 -38.76
CA ILE G 310 -3.50 -34.16 -39.74
C ILE G 310 -4.59 -33.56 -40.48
N THR G 311 -4.80 -32.28 -40.24
CA THR G 311 -5.82 -31.57 -40.97
C THR G 311 -5.32 -30.59 -41.96
N GLY G 312 -4.01 -30.34 -42.01
CA GLY G 312 -3.55 -29.35 -42.97
C GLY G 312 -2.15 -29.64 -43.49
N VAL G 313 -1.84 -29.10 -44.65
CA VAL G 313 -0.45 -29.12 -45.18
C VAL G 313 -0.01 -27.81 -45.74
N MET G 314 1.28 -27.56 -45.71
CA MET G 314 1.82 -26.39 -46.44
C MET G 314 2.90 -26.84 -47.43
N ILE G 315 2.94 -26.14 -48.53
CA ILE G 315 3.69 -26.57 -49.69
C ILE G 315 4.22 -25.29 -50.34
N GLU G 316 5.52 -25.22 -50.66
CA GLU G 316 6.03 -24.08 -51.49
C GLU G 316 6.13 -24.45 -52.95
N SER G 317 5.49 -23.64 -53.76
CA SER G 317 5.07 -24.00 -55.10
C SER G 317 5.02 -22.75 -55.89
N ASN G 318 5.56 -22.71 -57.11
CA ASN G 318 5.42 -21.53 -58.00
C ASN G 318 4.97 -21.97 -59.38
N ILE G 319 5.01 -21.08 -60.37
CA ILE G 319 4.79 -21.46 -61.76
C ILE G 319 5.89 -22.42 -62.27
N ASN G 320 7.14 -22.16 -61.88
CA ASN G 320 8.28 -23.00 -62.26
C ASN G 320 9.13 -23.30 -61.07
N GLU G 321 9.86 -24.40 -61.19
CA GLU G 321 10.63 -24.91 -60.08
C GLU G 321 11.96 -24.14 -59.75
N GLY G 322 12.56 -24.49 -58.63
CA GLY G 322 13.85 -23.95 -58.20
C GLY G 322 13.76 -22.56 -57.60
N ASN G 323 14.92 -21.93 -57.46
CA ASN G 323 15.03 -20.52 -57.11
C ASN G 323 16.12 -19.85 -57.89
N GLN G 324 16.54 -18.67 -57.43
CA GLN G 324 17.63 -17.91 -58.02
C GLN G 324 17.97 -16.72 -57.11
N ILE G 326 18.74 -12.99 -57.92
CA ILE G 326 18.79 -11.60 -58.39
C ILE G 326 20.13 -11.31 -59.11
N PRO G 327 20.09 -10.77 -60.32
CA PRO G 327 21.36 -10.35 -60.97
C PRO G 327 21.61 -8.84 -60.79
N ALA G 328 22.86 -8.42 -61.05
CA ALA G 328 23.15 -7.02 -61.35
C ALA G 328 22.18 -6.60 -62.47
N GLU G 329 21.15 -5.86 -62.06
CA GLU G 329 19.92 -5.47 -62.81
C GLU G 329 18.66 -5.93 -62.06
N ALA G 332 14.20 -7.43 -63.48
CA ALA G 332 14.38 -7.09 -64.91
C ALA G 332 15.14 -8.17 -65.74
N GLY G 333 16.14 -8.80 -65.11
CA GLY G 333 16.89 -9.92 -65.69
C GLY G 333 16.53 -11.28 -65.07
N LEU G 334 15.55 -11.27 -64.17
CA LEU G 334 15.13 -12.51 -63.50
C LEU G 334 14.33 -13.38 -64.47
N LYS G 335 14.39 -14.70 -64.30
CA LYS G 335 13.63 -15.58 -65.20
C LYS G 335 12.14 -15.16 -65.10
N TYR G 336 11.20 -16.08 -65.02
CA TYR G 336 9.84 -15.65 -64.74
C TYR G 336 9.22 -16.80 -64.00
N GLY G 337 8.41 -16.49 -62.98
CA GLY G 337 7.76 -17.50 -62.18
C GLY G 337 8.72 -18.31 -61.38
N VAL G 338 9.92 -17.76 -61.16
CA VAL G 338 10.91 -18.40 -60.33
C VAL G 338 11.14 -17.57 -59.07
N SER G 339 10.89 -18.21 -57.93
CA SER G 339 11.13 -17.69 -56.58
C SER G 339 12.55 -17.10 -56.43
N ILE G 340 12.64 -15.83 -55.98
CA ILE G 340 13.92 -15.26 -55.52
C ILE G 340 14.23 -15.43 -54.05
N THR G 341 13.47 -16.33 -53.40
CA THR G 341 13.71 -16.73 -52.02
C THR G 341 13.92 -18.25 -51.89
N ASP G 342 12.96 -18.97 -51.33
CA ASP G 342 13.19 -20.38 -51.10
C ASP G 342 12.78 -21.04 -52.43
N ALA G 343 13.30 -22.24 -52.61
CA ALA G 343 13.09 -22.98 -53.85
C ALA G 343 11.79 -23.71 -53.74
N CYS G 344 10.96 -23.56 -54.78
CA CYS G 344 9.62 -24.09 -54.87
C CYS G 344 9.50 -25.23 -55.89
N ILE G 345 8.71 -26.26 -55.58
CA ILE G 345 8.27 -27.16 -56.66
C ILE G 345 7.45 -26.38 -57.68
N GLY G 346 7.45 -26.87 -58.91
CA GLY G 346 6.85 -26.18 -60.02
C GLY G 346 5.39 -26.57 -60.15
N TRP G 347 4.70 -25.99 -61.11
CA TRP G 347 3.29 -26.14 -61.20
C TRP G 347 2.81 -27.61 -61.38
N GLU G 348 3.47 -28.28 -62.32
CA GLU G 348 3.13 -29.63 -62.71
C GLU G 348 3.38 -30.54 -61.51
N THR G 349 4.51 -30.44 -60.85
CA THR G 349 4.66 -31.17 -59.56
C THR G 349 3.53 -30.86 -58.52
N THR G 350 2.96 -29.66 -58.57
CA THR G 350 1.95 -29.28 -57.56
C THR G 350 0.57 -29.92 -57.84
N GLU G 351 0.05 -29.71 -59.05
CA GLU G 351 -1.02 -30.57 -59.62
C GLU G 351 -0.95 -32.03 -59.14
N ASP G 352 0.16 -32.72 -59.44
CA ASP G 352 0.29 -34.11 -59.02
C ASP G 352 0.28 -34.27 -57.52
N VAL G 353 0.91 -33.35 -56.80
CA VAL G 353 0.97 -33.49 -55.33
C VAL G 353 -0.47 -33.36 -54.74
N LEU G 354 -1.21 -32.41 -55.27
CA LEU G 354 -2.51 -32.02 -54.71
C LEU G 354 -3.60 -33.04 -55.04
N ARG G 355 -3.70 -33.40 -56.31
CA ARG G 355 -4.55 -34.54 -56.76
C ARG G 355 -4.31 -35.79 -55.94
N LYS G 356 -3.06 -36.10 -55.67
CA LYS G 356 -2.75 -37.25 -54.86
C LYS G 356 -3.17 -37.04 -53.40
N LEU G 357 -3.14 -35.77 -52.93
CA LEU G 357 -3.67 -35.44 -51.57
C LEU G 357 -5.17 -35.60 -51.51
N ALA G 358 -5.85 -35.11 -52.52
CA ALA G 358 -7.29 -35.26 -52.65
C ALA G 358 -7.70 -36.73 -52.51
N ALA G 359 -7.02 -37.61 -53.25
CA ALA G 359 -7.31 -39.04 -53.25
C ALA G 359 -7.16 -39.63 -51.87
N ALA G 360 -6.12 -39.16 -51.18
CA ALA G 360 -5.77 -39.62 -49.84
C ALA G 360 -6.83 -39.20 -48.83
N VAL G 361 -7.44 -38.04 -49.07
CA VAL G 361 -8.53 -37.55 -48.23
C VAL G 361 -9.82 -38.45 -48.42
N ARG G 362 -10.23 -38.63 -49.68
CA ARG G 362 -11.26 -39.63 -50.10
C ARG G 362 -11.14 -41.00 -49.48
N GLN G 363 -9.94 -41.55 -49.59
CA GLN G 363 -9.66 -42.81 -48.97
C GLN G 363 -9.90 -42.72 -47.46
N ARG G 364 -9.52 -41.59 -46.84
CA ARG G 364 -9.73 -41.41 -45.38
C ARG G 364 -11.20 -41.45 -44.95
N ARG G 365 -12.04 -40.84 -45.78
CA ARG G 365 -13.49 -40.91 -45.56
C ARG G 365 -13.93 -42.40 -45.55
N GLU G 366 -13.41 -43.19 -46.49
CA GLU G 366 -13.73 -44.62 -46.52
C GLU G 366 -13.40 -45.28 -45.18
N VAL G 367 -12.18 -45.10 -44.70
CA VAL G 367 -11.77 -45.70 -43.44
C VAL G 367 -12.66 -45.26 -42.28
N GLY H 18 -19.61 -6.19 -46.43
CA GLY H 18 -18.97 -5.62 -45.22
C GLY H 18 -17.75 -6.46 -44.81
N ALA H 19 -16.66 -5.76 -44.49
CA ALA H 19 -15.36 -6.36 -44.12
C ALA H 19 -15.46 -6.95 -42.72
N GLU H 20 -14.78 -8.09 -42.48
CA GLU H 20 -14.75 -8.70 -41.15
C GLU H 20 -13.37 -8.47 -40.51
N GLU H 21 -13.31 -7.47 -39.65
CA GLU H 21 -12.12 -7.13 -38.87
C GLU H 21 -12.50 -6.91 -37.39
N ASP H 22 -11.47 -6.87 -36.54
CA ASP H 22 -11.55 -6.74 -35.07
C ASP H 22 -12.58 -7.56 -34.39
N VAL H 23 -12.87 -8.71 -34.95
CA VAL H 23 -13.73 -9.65 -34.25
C VAL H 23 -13.08 -10.24 -33.01
N ARG H 24 -11.77 -10.11 -32.83
CA ARG H 24 -11.13 -10.52 -31.56
C ARG H 24 -10.45 -9.37 -30.88
N ILE H 25 -10.86 -8.19 -31.23
CA ILE H 25 -10.38 -6.99 -30.59
C ILE H 25 -11.53 -6.42 -29.79
N LEU H 26 -11.41 -6.55 -28.48
CA LEU H 26 -12.34 -5.92 -27.55
C LEU H 26 -12.30 -4.40 -27.45
N GLY H 27 -11.22 -3.75 -27.85
CA GLY H 27 -11.14 -2.32 -27.69
C GLY H 27 -9.76 -1.81 -27.93
N TYR H 28 -9.69 -0.52 -28.22
CA TYR H 28 -8.43 0.20 -28.36
C TYR H 28 -8.49 1.22 -27.20
N ASP H 29 -7.65 1.09 -26.16
CA ASP H 29 -7.62 2.00 -25.03
C ASP H 29 -6.54 3.06 -25.31
N PRO H 30 -6.79 4.30 -24.93
CA PRO H 30 -5.79 5.35 -25.18
C PRO H 30 -4.49 5.25 -24.44
N LEU H 31 -3.44 5.67 -25.15
CA LEU H 31 -2.09 5.55 -24.63
C LEU H 31 -1.44 6.92 -24.61
N ALA H 32 -0.88 7.30 -23.45
CA ALA H 32 -0.15 8.53 -23.32
C ALA H 32 1.08 8.37 -24.17
N SER H 33 1.46 9.40 -24.93
CA SER H 33 2.58 9.31 -25.86
C SER H 33 3.89 9.30 -25.13
N PRO H 34 4.95 8.82 -25.74
CA PRO H 34 6.23 8.92 -25.07
C PRO H 34 6.59 10.34 -24.68
N ALA H 35 6.50 11.31 -25.57
CA ALA H 35 6.67 12.74 -25.16
C ALA H 35 5.87 13.24 -23.92
N LEU H 36 4.59 12.91 -23.86
CA LEU H 36 3.77 13.24 -22.71
C LEU H 36 4.37 12.68 -21.41
N LEU H 37 4.68 11.39 -21.45
CA LEU H 37 5.28 10.75 -20.32
C LEU H 37 6.67 11.28 -19.97
N GLN H 38 7.50 11.59 -20.96
CA GLN H 38 8.81 12.20 -20.71
C GLN H 38 8.78 13.65 -20.14
N VAL H 39 7.75 14.38 -20.49
CA VAL H 39 7.44 15.65 -19.84
C VAL H 39 6.86 15.47 -18.43
N GLN H 40 5.93 14.55 -18.24
CA GLN H 40 5.32 14.34 -16.91
C GLN H 40 6.30 13.77 -15.90
N ILE H 41 7.26 12.99 -16.38
CA ILE H 41 8.24 12.40 -15.52
C ILE H 41 9.62 12.74 -16.04
N PRO H 42 10.08 13.95 -15.75
CA PRO H 42 11.30 14.41 -16.37
C PRO H 42 12.45 13.67 -15.78
N ALA H 43 13.46 13.43 -16.60
CA ALA H 43 14.73 12.95 -16.15
C ALA H 43 15.46 14.14 -15.54
N THR H 44 16.10 13.98 -14.36
CA THR H 44 16.99 15.01 -13.80
C THR H 44 18.28 14.98 -14.58
N PRO H 45 19.14 16.00 -14.52
CA PRO H 45 20.48 15.87 -15.13
C PRO H 45 21.38 14.74 -14.58
N THR H 46 21.23 14.35 -13.32
CA THR H 46 22.07 13.29 -12.87
C THR H 46 21.62 11.99 -13.59
N SER H 47 20.33 11.72 -13.57
CA SER H 47 19.77 10.60 -14.32
C SER H 47 20.34 10.47 -15.71
N LEU H 48 20.30 11.56 -16.47
CA LEU H 48 20.83 11.57 -17.85
C LEU H 48 22.35 11.32 -17.88
N GLU H 49 23.10 11.99 -17.01
CA GLU H 49 24.55 11.83 -16.98
C GLU H 49 24.90 10.38 -16.68
N THR H 50 24.17 9.82 -15.70
CA THR H 50 24.37 8.47 -15.22
C THR H 50 24.22 7.51 -16.39
N ALA H 51 23.14 7.71 -17.13
CA ALA H 51 22.81 6.84 -18.28
C ALA H 51 23.93 6.82 -19.35
N LYS H 52 24.38 7.99 -19.79
CA LYS H 52 25.51 8.14 -20.71
C LYS H 52 26.77 7.50 -20.16
N ARG H 53 27.02 7.66 -18.86
CA ARG H 53 28.22 7.13 -18.27
C ARG H 53 28.19 5.59 -18.28
N GLY H 54 27.05 4.99 -17.87
CA GLY H 54 26.87 3.53 -17.99
C GLY H 54 27.15 3.00 -19.41
N ARG H 55 26.61 3.67 -20.44
CA ARG H 55 26.85 3.27 -21.84
C ARG H 55 28.34 3.34 -22.16
N ARG H 56 29.03 4.47 -21.85
CA ARG H 56 30.45 4.64 -22.16
C ARG H 56 31.25 3.53 -21.53
N GLU H 57 31.00 3.19 -20.24
CA GLU H 57 31.83 2.19 -19.53
C GLU H 57 31.61 0.81 -20.13
N ALA H 58 30.35 0.50 -20.34
CA ALA H 58 29.97 -0.75 -20.99
C ALA H 58 30.62 -0.94 -22.39
N ILE H 59 30.53 0.10 -23.22
CA ILE H 59 31.27 0.22 -24.49
C ILE H 59 32.76 -0.12 -24.30
N ASP H 60 33.45 0.54 -23.37
CA ASP H 60 34.87 0.29 -23.13
C ASP H 60 35.20 -1.14 -22.72
N ILE H 61 34.31 -1.75 -21.99
CA ILE H 61 34.54 -3.08 -21.50
C ILE H 61 34.33 -4.12 -22.61
N ILE H 62 33.25 -3.97 -23.35
CA ILE H 62 32.88 -5.07 -24.25
C ILE H 62 33.81 -5.13 -25.47
N THR H 63 34.34 -3.95 -25.88
CA THR H 63 35.30 -3.79 -26.97
C THR H 63 36.78 -4.06 -26.61
N GLY H 64 37.09 -4.26 -25.33
CA GLY H 64 38.43 -4.63 -24.88
C GLY H 64 39.40 -3.56 -24.34
N LYS H 65 38.97 -2.30 -24.30
CA LYS H 65 39.76 -1.13 -23.89
C LYS H 65 39.74 -0.81 -22.39
N ASP H 66 39.09 -1.70 -21.62
CA ASP H 66 38.93 -1.56 -20.17
C ASP H 66 38.93 -3.01 -19.68
N ASP H 67 39.75 -3.27 -18.68
CA ASP H 67 39.92 -4.63 -18.17
C ASP H 67 39.02 -5.01 -16.94
N ARG H 68 38.19 -4.08 -16.50
CA ARG H 68 37.09 -4.41 -15.61
C ARG H 68 36.05 -5.37 -16.21
N VAL H 69 35.26 -5.95 -15.30
CA VAL H 69 34.06 -6.68 -15.73
C VAL H 69 32.76 -5.81 -15.62
N LEU H 70 31.96 -5.85 -16.70
CA LEU H 70 30.58 -5.38 -16.72
C LEU H 70 29.67 -6.31 -15.92
N VAL H 71 28.94 -5.78 -14.96
CA VAL H 71 28.03 -6.56 -14.13
C VAL H 71 26.61 -6.02 -14.22
N ILE H 72 25.70 -6.83 -14.77
CA ILE H 72 24.28 -6.48 -14.78
C ILE H 72 23.67 -7.25 -13.63
N VAL H 73 23.25 -6.56 -12.57
CA VAL H 73 22.84 -7.22 -11.32
C VAL H 73 21.68 -6.56 -10.65
N GLY H 74 20.78 -7.38 -10.14
CA GLY H 74 19.68 -6.95 -9.28
C GLY H 74 18.52 -7.90 -9.53
N PRO H 75 17.30 -7.48 -9.16
CA PRO H 75 16.14 -8.33 -9.18
C PRO H 75 15.75 -8.89 -10.52
N CYS H 76 15.10 -10.02 -10.49
CA CYS H 76 14.54 -10.62 -11.70
C CYS H 76 13.64 -9.58 -12.34
N SER H 77 12.73 -9.05 -11.53
CA SER H 77 11.79 -8.03 -11.94
C SER H 77 11.45 -7.12 -10.71
N ILE H 78 11.08 -5.89 -11.03
CA ILE H 78 10.80 -4.87 -10.03
C ILE H 78 9.28 -4.76 -9.98
N HIS H 79 8.70 -5.18 -8.85
CA HIS H 79 7.29 -4.99 -8.55
C HIS H 79 7.07 -3.91 -7.47
N ASP H 80 8.13 -3.52 -6.77
CA ASP H 80 8.06 -2.65 -5.60
C ASP H 80 9.15 -1.58 -5.71
N LEU H 81 8.73 -0.33 -6.01
CA LEU H 81 9.65 0.78 -6.23
C LEU H 81 10.44 1.16 -4.97
N GLU H 82 9.85 0.96 -3.80
CA GLU H 82 10.51 1.27 -2.52
C GLU H 82 11.64 0.30 -2.21
N ALA H 83 11.41 -0.97 -2.42
CA ALA H 83 12.41 -1.97 -2.22
C ALA H 83 13.51 -1.78 -3.23
N ALA H 84 13.11 -1.43 -4.48
CA ALA H 84 14.07 -1.29 -5.55
C ALA H 84 14.98 -0.21 -5.16
N GLN H 85 14.46 0.80 -4.47
CA GLN H 85 15.26 1.97 -4.09
C GLN H 85 16.22 1.65 -2.94
N GLU H 86 15.72 0.97 -1.91
CA GLU H 86 16.60 0.49 -0.84
C GLU H 86 17.73 -0.36 -1.43
N TYR H 87 17.35 -1.36 -2.27
CA TYR H 87 18.32 -2.18 -2.97
C TYR H 87 19.32 -1.34 -3.70
N ALA H 88 18.86 -0.39 -4.48
CA ALA H 88 19.75 0.37 -5.34
C ALA H 88 20.74 1.16 -4.55
N LEU H 89 20.32 1.65 -3.40
CA LEU H 89 21.18 2.41 -2.50
C LEU H 89 22.36 1.59 -2.00
N ARG H 90 22.09 0.34 -1.63
CA ARG H 90 23.11 -0.64 -1.24
C ARG H 90 24.06 -0.94 -2.39
N LEU H 91 23.47 -1.18 -3.55
CA LEU H 91 24.25 -1.57 -4.71
C LEU H 91 25.11 -0.40 -5.17
N LYS H 92 24.62 0.82 -4.98
CA LYS H 92 25.39 1.96 -5.41
C LYS H 92 26.66 2.10 -4.55
N LYS H 93 26.55 1.73 -3.28
CA LYS H 93 27.61 1.99 -2.32
C LYS H 93 28.65 0.92 -2.52
N LEU H 94 28.17 -0.31 -2.75
CA LEU H 94 29.01 -1.42 -3.20
C LEU H 94 29.79 -1.15 -4.48
N SER H 95 29.17 -0.55 -5.48
CA SER H 95 29.89 -0.23 -6.71
C SER H 95 30.95 0.86 -6.51
N ASP H 96 30.66 1.91 -5.70
CA ASP H 96 31.68 2.95 -5.37
C ASP H 96 32.99 2.29 -4.79
N GLU H 97 32.82 1.33 -3.90
CA GLU H 97 33.92 0.55 -3.39
C GLU H 97 34.63 -0.32 -4.45
N LEU H 98 33.85 -1.00 -5.30
CA LEU H 98 34.42 -1.99 -6.22
C LEU H 98 34.68 -1.42 -7.59
N LYS H 99 34.55 -0.11 -7.76
CA LYS H 99 34.56 0.50 -9.09
C LYS H 99 35.90 0.39 -9.90
N GLY H 100 37.02 0.10 -9.25
CA GLY H 100 38.28 -0.08 -9.93
C GLY H 100 38.32 -1.44 -10.62
N ASP H 101 37.55 -2.41 -10.13
CA ASP H 101 37.45 -3.76 -10.72
C ASP H 101 36.18 -4.16 -11.49
N LEU H 102 35.06 -3.50 -11.17
CA LEU H 102 33.75 -3.83 -11.69
C LEU H 102 33.04 -2.56 -12.13
N SER H 103 32.25 -2.67 -13.21
CA SER H 103 31.35 -1.58 -13.66
C SER H 103 29.92 -2.06 -13.53
N ILE H 104 29.19 -1.52 -12.56
CA ILE H 104 27.91 -2.02 -12.14
C ILE H 104 26.72 -1.30 -12.78
N ILE H 105 25.83 -2.12 -13.33
CA ILE H 105 24.54 -1.68 -13.87
C ILE H 105 23.45 -2.51 -13.18
N MET H 106 22.44 -1.85 -12.63
CA MET H 106 21.32 -2.51 -11.96
C MET H 106 20.30 -3.03 -12.96
N ARG H 107 19.94 -4.29 -12.83
CA ARG H 107 18.80 -4.86 -13.51
C ARG H 107 17.59 -4.11 -13.05
N ALA H 108 16.92 -3.50 -14.02
CA ALA H 108 15.63 -2.89 -13.75
C ALA H 108 14.66 -3.42 -14.78
N TYR H 109 14.30 -4.70 -14.60
CA TYR H 109 13.54 -5.39 -15.56
C TYR H 109 12.10 -5.36 -15.07
N LEU H 110 11.19 -5.32 -16.03
CA LEU H 110 9.78 -5.04 -15.79
C LEU H 110 8.84 -6.27 -15.86
N GLU H 111 9.33 -7.36 -16.40
CA GLU H 111 8.56 -8.60 -16.52
C GLU H 111 9.58 -9.79 -16.59
N LYS H 112 9.10 -10.97 -16.22
CA LYS H 112 9.82 -12.26 -16.35
C LYS H 112 9.13 -12.88 -17.53
N PRO H 113 9.88 -13.50 -18.45
CA PRO H 113 9.27 -14.18 -19.63
C PRO H 113 7.97 -14.97 -19.25
N ARG H 114 6.87 -14.59 -19.90
CA ARG H 114 5.55 -15.05 -19.43
C ARG H 114 5.41 -16.57 -19.51
N THR H 115 5.36 -17.15 -18.32
CA THR H 115 5.10 -18.59 -18.12
C THR H 115 3.69 -18.61 -17.49
N THR H 116 2.71 -19.06 -18.29
CA THR H 116 1.28 -18.80 -18.04
C THR H 116 0.95 -18.91 -16.50
N VAL H 117 0.08 -18.06 -15.97
CA VAL H 117 -0.08 -17.94 -14.50
C VAL H 117 1.19 -17.35 -13.84
N GLY H 118 1.02 -16.22 -13.18
CA GLY H 118 2.15 -15.41 -12.83
C GLY H 118 1.83 -13.96 -13.15
N TRP H 119 2.34 -13.12 -12.27
CA TRP H 119 2.42 -11.66 -12.47
C TRP H 119 2.94 -11.30 -13.84
N LYS H 120 2.12 -10.51 -14.53
CA LYS H 120 2.36 -9.98 -15.85
C LYS H 120 3.34 -8.76 -15.99
N GLY H 121 3.90 -8.34 -14.85
CA GLY H 121 4.90 -7.29 -14.82
C GLY H 121 4.36 -5.89 -14.59
N LEU H 122 5.33 -4.96 -14.49
CA LEU H 122 5.15 -3.62 -14.06
C LEU H 122 4.36 -2.76 -15.01
N ILE H 123 4.46 -3.06 -16.30
CA ILE H 123 3.71 -2.34 -17.30
C ILE H 123 2.25 -2.76 -17.27
N ASN H 124 2.02 -4.06 -17.32
CA ASN H 124 0.68 -4.59 -17.49
C ASN H 124 -0.09 -4.43 -16.20
N ASP H 125 0.56 -4.68 -15.09
CA ASP H 125 -0.10 -4.90 -13.78
C ASP H 125 0.68 -4.26 -12.68
N PRO H 126 0.79 -2.94 -12.69
CA PRO H 126 1.54 -2.24 -11.69
C PRO H 126 0.90 -2.27 -10.31
N ASP H 127 -0.39 -2.60 -10.18
CA ASP H 127 -1.01 -2.68 -8.83
C ASP H 127 -0.83 -4.07 -8.20
N VAL H 128 -0.28 -5.00 -9.00
CA VAL H 128 0.06 -6.35 -8.62
C VAL H 128 -1.18 -7.00 -8.02
N ASN H 129 -2.26 -6.90 -8.79
CA ASN H 129 -3.57 -7.43 -8.43
C ASN H 129 -4.30 -7.95 -9.67
N ASN H 130 -3.54 -8.47 -10.63
CA ASN H 130 -4.08 -9.09 -11.85
C ASN H 130 -5.22 -8.28 -12.50
N THR H 131 -5.02 -6.98 -12.59
CA THR H 131 -5.72 -6.14 -13.58
C THR H 131 -4.68 -5.55 -14.56
N PHE H 132 -5.20 -4.98 -15.63
CA PHE H 132 -4.40 -4.28 -16.59
C PHE H 132 -4.58 -2.78 -16.43
N ASN H 133 -3.47 -2.08 -16.36
CA ASN H 133 -3.42 -0.64 -16.50
C ASN H 133 -2.08 -0.21 -17.10
N ILE H 134 -1.92 -0.32 -18.43
CA ILE H 134 -0.65 -0.05 -19.11
C ILE H 134 -0.19 1.40 -18.98
N ASN H 135 -1.10 2.39 -19.04
CA ASN H 135 -0.71 3.79 -18.75
C ASN H 135 -0.04 4.00 -17.37
N LYS H 136 -0.63 3.48 -16.28
CA LYS H 136 -0.02 3.56 -14.94
C LYS H 136 1.27 2.72 -14.91
N GLY H 137 1.31 1.66 -15.74
CA GLY H 137 2.47 0.78 -15.77
C GLY H 137 3.69 1.46 -16.36
N LEU H 138 3.46 2.20 -17.42
CA LEU H 138 4.57 2.88 -18.09
C LEU H 138 5.01 4.01 -17.21
N GLN H 139 4.03 4.63 -16.61
CA GLN H 139 4.32 5.70 -15.67
C GLN H 139 5.17 5.18 -14.48
N SER H 140 4.76 4.07 -13.86
CA SER H 140 5.59 3.48 -12.79
C SER H 140 6.95 3.01 -13.30
N ALA H 141 7.00 2.42 -14.48
CA ALA H 141 8.32 2.05 -15.03
C ALA H 141 9.28 3.25 -15.25
N ARG H 142 8.78 4.36 -15.80
CA ARG H 142 9.64 5.52 -16.00
C ARG H 142 9.99 6.17 -14.62
N GLN H 143 9.05 6.33 -13.70
CA GLN H 143 9.42 6.83 -12.33
C GLN H 143 10.57 6.02 -11.71
N LEU H 144 10.40 4.73 -11.77
CA LEU H 144 11.46 3.79 -11.31
C LEU H 144 12.79 4.06 -11.99
N PHE H 145 12.81 4.09 -13.31
CA PHE H 145 14.05 4.39 -14.01
C PHE H 145 14.66 5.71 -13.54
N VAL H 146 13.84 6.72 -13.35
CA VAL H 146 14.32 8.02 -12.89
C VAL H 146 14.90 7.94 -11.47
N ASN H 147 14.10 7.37 -10.56
CA ASN H 147 14.48 7.15 -9.14
C ASN H 147 15.89 6.53 -9.08
N LEU H 148 16.11 5.47 -9.86
CA LEU H 148 17.33 4.67 -9.78
C LEU H 148 18.52 5.39 -10.32
N THR H 149 18.38 5.93 -11.54
CA THR H 149 19.50 6.68 -12.21
C THR H 149 19.81 8.03 -11.52
N ASN H 150 18.77 8.62 -10.94
CA ASN H 150 18.94 9.82 -10.10
C ASN H 150 19.89 9.70 -8.89
N ILE H 151 20.11 8.51 -8.34
CA ILE H 151 21.13 8.29 -7.31
C ILE H 151 22.47 7.85 -7.91
N GLY H 152 22.59 7.83 -9.24
CA GLY H 152 23.90 7.68 -9.85
C GLY H 152 24.27 6.23 -10.22
N LEU H 153 23.24 5.35 -10.13
CA LEU H 153 23.28 3.92 -10.50
C LEU H 153 22.75 3.70 -11.95
N PRO H 154 23.60 3.34 -12.89
CA PRO H 154 23.10 3.06 -14.24
C PRO H 154 22.20 1.84 -14.25
N ILE H 155 21.27 1.77 -15.23
CA ILE H 155 20.35 0.63 -15.31
C ILE H 155 20.31 -0.09 -16.66
N GLY H 156 19.71 -1.27 -16.64
CA GLY H 156 19.60 -2.16 -17.78
C GLY H 156 18.22 -2.81 -17.79
N SER H 157 17.62 -2.98 -18.96
CA SER H 157 16.28 -3.57 -19.05
C SER H 157 16.11 -4.34 -20.33
N GLU H 158 15.07 -5.18 -20.39
CA GLU H 158 14.82 -6.00 -21.54
C GLU H 158 14.06 -5.14 -22.53
N MET H 159 14.43 -5.23 -23.80
CA MET H 159 13.73 -4.47 -24.83
C MET H 159 12.67 -5.41 -25.44
N LEU H 160 11.45 -5.20 -24.93
CA LEU H 160 10.29 -6.07 -25.08
C LEU H 160 9.60 -5.96 -26.45
N ASP H 161 9.51 -4.72 -26.95
CA ASP H 161 8.80 -4.41 -28.21
C ASP H 161 9.32 -3.08 -28.86
N THR H 162 8.75 -2.66 -29.97
CA THR H 162 9.20 -1.41 -30.61
C THR H 162 8.67 -0.14 -30.00
N ILE H 163 7.71 -0.28 -29.07
CA ILE H 163 6.97 0.88 -28.52
C ILE H 163 7.47 1.27 -27.17
N SER H 164 7.41 0.36 -26.21
CA SER H 164 7.77 0.75 -24.84
C SER H 164 9.22 1.35 -24.70
N PRO H 165 10.23 0.99 -25.52
CA PRO H 165 11.54 1.64 -25.40
C PRO H 165 11.51 3.13 -25.65
N GLN H 166 10.57 3.62 -26.47
CA GLN H 166 10.47 5.04 -26.70
C GLN H 166 10.10 5.81 -25.46
N TYR H 167 9.49 5.16 -24.48
CA TYR H 167 9.13 5.80 -23.25
C TYR H 167 10.23 5.92 -22.25
N LEU H 168 11.28 5.14 -22.40
CA LEU H 168 12.32 4.94 -21.36
C LEU H 168 13.77 5.08 -21.84
N ALA H 169 14.01 5.19 -23.13
CA ALA H 169 15.37 4.98 -23.60
C ALA H 169 16.40 6.02 -23.08
N ASP H 170 15.97 7.23 -22.73
CA ASP H 170 16.89 8.29 -22.28
C ASP H 170 17.62 7.89 -21.03
N LEU H 171 17.07 6.85 -20.37
CA LEU H 171 17.45 6.47 -19.01
C LEU H 171 18.21 5.17 -18.93
N VAL H 172 18.32 4.45 -20.06
CA VAL H 172 18.84 3.06 -20.07
C VAL H 172 20.25 2.98 -20.58
N SER H 173 21.11 2.17 -19.96
CA SER H 173 22.49 2.01 -20.39
C SER H 173 22.78 0.64 -20.99
N PHE H 174 21.88 -0.32 -20.78
CA PHE H 174 22.05 -1.63 -21.31
C PHE H 174 20.67 -2.16 -21.67
N GLY H 175 20.52 -2.65 -22.89
CA GLY H 175 19.30 -3.34 -23.32
C GLY H 175 19.55 -4.84 -23.44
N ALA H 176 18.58 -5.66 -23.12
CA ALA H 176 18.75 -7.11 -23.35
C ALA H 176 17.66 -7.57 -24.25
N ILE H 177 18.00 -8.52 -25.12
CA ILE H 177 17.05 -9.28 -25.87
C ILE H 177 17.09 -10.68 -25.33
N GLY H 178 15.98 -11.10 -24.73
CA GLY H 178 15.89 -12.39 -24.13
C GLY H 178 15.88 -13.58 -25.05
N ALA H 179 16.14 -14.74 -24.46
CA ALA H 179 16.32 -15.98 -25.22
C ALA H 179 15.19 -16.28 -26.25
N ARG H 180 13.98 -15.81 -25.90
CA ARG H 180 12.79 -16.07 -26.73
C ARG H 180 12.61 -15.14 -27.91
N THR H 181 13.39 -14.06 -27.95
CA THR H 181 13.26 -13.15 -29.06
C THR H 181 14.56 -12.86 -29.77
N THR H 182 15.62 -13.50 -29.33
CA THR H 182 16.89 -13.46 -30.05
C THR H 182 16.77 -13.72 -31.56
N GLU H 183 15.92 -14.67 -31.99
CA GLU H 183 15.71 -14.97 -33.39
C GLU H 183 14.72 -14.06 -34.07
N SER H 184 14.11 -13.12 -33.34
CA SER H 184 13.04 -12.37 -33.93
C SER H 184 13.61 -11.19 -34.73
N GLN H 185 13.22 -11.10 -36.00
CA GLN H 185 13.65 -10.06 -36.93
C GLN H 185 13.35 -8.67 -36.39
N LEU H 186 12.16 -8.50 -35.86
CA LEU H 186 11.73 -7.25 -35.32
C LEU H 186 12.66 -6.76 -34.16
N HIS H 187 13.06 -7.65 -33.27
CA HIS H 187 13.96 -7.36 -32.18
C HIS H 187 15.40 -7.00 -32.64
N ARG H 188 15.84 -7.67 -33.68
CA ARG H 188 17.17 -7.43 -34.21
C ARG H 188 17.19 -6.03 -34.85
N GLU H 189 16.15 -5.71 -35.59
CA GLU H 189 15.97 -4.40 -36.21
C GLU H 189 15.87 -3.29 -35.14
N LEU H 190 15.04 -3.53 -34.12
CA LEU H 190 14.97 -2.60 -32.98
C LEU H 190 16.39 -2.35 -32.40
N ALA H 191 17.14 -3.39 -32.14
CA ALA H 191 18.40 -3.26 -31.48
C ALA H 191 19.41 -2.43 -32.32
N SER H 192 19.21 -2.38 -33.64
CA SER H 192 20.11 -1.66 -34.54
C SER H 192 19.86 -0.20 -34.41
N GLY H 193 18.74 0.19 -33.78
CA GLY H 193 18.38 1.59 -33.57
C GLY H 193 18.43 2.15 -32.17
N LEU H 194 19.00 1.37 -31.22
CA LEU H 194 18.98 1.72 -29.81
C LEU H 194 20.28 2.41 -29.45
N SER H 195 20.19 3.38 -28.54
CA SER H 195 21.30 4.30 -28.22
C SER H 195 22.24 3.70 -27.25
N PHE H 196 22.18 2.41 -27.05
CA PHE H 196 23.03 1.80 -26.06
C PHE H 196 23.44 0.41 -26.48
N PRO H 197 24.36 -0.19 -25.78
CA PRO H 197 24.67 -1.62 -25.94
C PRO H 197 23.47 -2.57 -25.69
N VAL H 198 23.43 -3.60 -26.55
CA VAL H 198 22.40 -4.66 -26.51
C VAL H 198 23.09 -6.00 -26.44
N GLY H 199 22.64 -6.80 -25.48
CA GLY H 199 23.05 -8.17 -25.26
C GLY H 199 21.93 -9.06 -25.71
N PHE H 200 22.24 -9.97 -26.62
CA PHE H 200 21.35 -11.00 -27.16
C PHE H 200 21.67 -12.31 -26.45
N LYS H 201 20.71 -12.93 -25.75
CA LYS H 201 20.88 -14.23 -25.13
C LYS H 201 20.83 -15.37 -26.14
N ASN H 202 21.59 -16.43 -25.87
CA ASN H 202 21.52 -17.67 -26.64
C ASN H 202 20.12 -18.24 -26.60
N GLY H 203 19.84 -19.15 -27.52
CA GLY H 203 18.51 -19.67 -27.71
C GLY H 203 18.16 -20.62 -26.62
N THR H 204 16.86 -20.84 -26.45
CA THR H 204 16.39 -21.73 -25.38
C THR H 204 16.95 -23.14 -25.61
N ASP H 205 17.30 -23.52 -26.86
CA ASP H 205 18.00 -24.82 -27.06
C ASP H 205 19.46 -24.90 -26.54
N GLY H 206 20.01 -23.81 -26.03
CA GLY H 206 21.33 -23.76 -25.40
C GLY H 206 22.41 -23.47 -26.41
N THR H 207 22.01 -23.20 -27.63
CA THR H 207 22.95 -22.83 -28.68
C THR H 207 23.04 -21.31 -29.06
N LEU H 208 24.07 -20.99 -29.83
CA LEU H 208 24.70 -19.68 -29.78
C LEU H 208 24.61 -18.92 -31.05
N ASN H 209 24.42 -19.70 -32.09
CA ASN H 209 24.33 -19.31 -33.47
C ASN H 209 23.37 -18.21 -33.61
N VAL H 210 22.22 -18.36 -32.94
CA VAL H 210 21.12 -17.39 -33.10
C VAL H 210 21.50 -16.04 -32.50
N ALA H 211 22.34 -16.02 -31.48
CA ALA H 211 22.79 -14.76 -30.88
C ALA H 211 23.89 -14.13 -31.69
N VAL H 212 24.82 -14.96 -32.19
CA VAL H 212 25.87 -14.52 -33.14
C VAL H 212 25.16 -13.90 -34.31
N ASP H 213 24.13 -14.59 -34.86
CA ASP H 213 23.46 -14.03 -36.05
C ASP H 213 22.75 -12.70 -35.74
N ALA H 214 22.15 -12.62 -34.57
CA ALA H 214 21.48 -11.40 -34.11
C ALA H 214 22.44 -10.20 -34.04
N CYS H 215 23.63 -10.43 -33.46
CA CYS H 215 24.66 -9.39 -33.33
C CYS H 215 25.02 -8.89 -34.71
N GLN H 216 25.21 -9.80 -35.65
CA GLN H 216 25.54 -9.44 -37.08
C GLN H 216 24.47 -8.67 -37.83
N ALA H 217 23.20 -9.07 -37.67
CA ALA H 217 22.08 -8.37 -38.29
C ALA H 217 21.95 -6.96 -37.74
N ALA H 218 22.11 -6.82 -36.43
CA ALA H 218 21.80 -5.58 -35.72
C ALA H 218 22.96 -4.63 -35.88
N ALA H 219 24.07 -5.13 -36.42
CA ALA H 219 25.16 -4.22 -36.78
C ALA H 219 24.86 -3.45 -38.07
N HIS H 220 23.89 -3.89 -38.88
CA HIS H 220 23.38 -3.15 -40.08
C HIS H 220 22.24 -2.20 -39.82
N SER H 221 22.03 -1.38 -40.82
CA SER H 221 20.89 -0.53 -40.93
C SER H 221 19.56 -1.29 -41.23
N HIS H 222 18.45 -0.85 -40.66
CA HIS H 222 17.16 -1.43 -40.97
C HIS H 222 16.10 -0.36 -40.97
N HIS H 223 14.90 -0.76 -41.38
CA HIS H 223 13.67 0.05 -41.34
C HIS H 223 12.64 -0.78 -40.52
N PHE H 224 12.20 -0.33 -39.35
CA PHE H 224 11.12 -1.03 -38.68
C PHE H 224 9.94 -0.08 -38.45
N MET H 225 8.80 -0.62 -38.05
CA MET H 225 7.61 0.15 -37.76
C MET H 225 7.67 0.50 -36.31
N GLY H 226 8.07 1.74 -36.05
CA GLY H 226 8.17 2.28 -34.69
C GLY H 226 7.09 3.31 -34.43
N VAL H 227 7.29 4.07 -33.33
CA VAL H 227 6.44 5.23 -33.05
C VAL H 227 7.28 6.47 -32.83
N THR H 228 6.68 7.60 -33.19
CA THR H 228 7.23 8.92 -32.86
C THR H 228 6.96 9.21 -31.40
N LYS H 229 7.66 10.24 -30.94
CA LYS H 229 7.53 10.73 -29.62
C LYS H 229 6.04 11.16 -29.32
N HIS H 230 5.23 11.46 -30.36
CA HIS H 230 3.79 11.84 -30.22
C HIS H 230 2.75 10.73 -30.44
N GLY H 231 3.26 9.51 -30.62
CA GLY H 231 2.51 8.29 -30.56
C GLY H 231 2.04 7.77 -31.89
N VAL H 232 2.60 8.25 -33.00
CA VAL H 232 2.18 7.79 -34.33
C VAL H 232 3.15 6.86 -34.91
N ALA H 233 2.60 5.75 -35.40
CA ALA H 233 3.40 4.81 -36.18
C ALA H 233 4.13 5.52 -37.36
N ALA H 234 5.41 5.22 -37.48
CA ALA H 234 6.24 5.77 -38.54
C ALA H 234 7.25 4.74 -38.90
N ILE H 235 7.85 4.93 -40.03
CA ILE H 235 8.86 4.05 -40.47
C ILE H 235 10.19 4.52 -39.92
N THR H 236 10.84 3.71 -39.17
CA THR H 236 11.97 4.18 -38.38
C THR H 236 13.21 3.58 -38.99
N THR H 237 14.14 4.44 -39.38
CA THR H 237 15.27 4.12 -40.18
C THR H 237 16.48 4.11 -39.23
N THR H 238 17.25 3.02 -39.19
CA THR H 238 18.37 2.91 -38.21
C THR H 238 19.77 2.96 -38.83
N LYS H 239 20.77 3.11 -37.95
CA LYS H 239 22.17 3.32 -38.29
C LYS H 239 22.91 2.02 -38.16
N GLY H 240 22.32 1.06 -37.44
CA GLY H 240 23.04 -0.12 -37.04
C GLY H 240 23.84 0.02 -35.74
N ASN H 241 24.07 -1.08 -35.06
CA ASN H 241 24.58 -1.08 -33.67
C ASN H 241 25.80 -2.01 -33.50
N GLU H 242 26.96 -1.41 -33.21
CA GLU H 242 28.25 -2.10 -33.11
C GLU H 242 28.53 -2.60 -31.68
N HIS H 243 27.59 -2.24 -30.80
CA HIS H 243 27.74 -2.48 -29.39
C HIS H 243 26.81 -3.62 -28.92
N CYS H 244 26.73 -4.66 -29.76
CA CYS H 244 25.94 -5.83 -29.54
C CYS H 244 26.84 -6.96 -29.15
N PHE H 245 26.37 -7.77 -28.23
CA PHE H 245 27.17 -8.89 -27.73
C PHE H 245 26.30 -10.03 -27.31
N VAL H 246 26.92 -11.18 -27.12
CA VAL H 246 26.23 -12.39 -26.81
C VAL H 246 26.29 -12.67 -25.32
N ILE H 247 25.15 -13.09 -24.79
CA ILE H 247 25.04 -13.48 -23.38
C ILE H 247 24.81 -14.99 -23.33
N LEU H 248 25.64 -15.71 -22.55
CA LEU H 248 25.44 -17.13 -22.37
C LEU H 248 24.57 -17.42 -21.15
N ARG H 249 23.47 -18.15 -21.33
CA ARG H 249 22.46 -18.35 -20.26
C ARG H 249 21.92 -19.79 -20.15
N GLY H 250 22.65 -20.75 -20.67
CA GLY H 250 22.24 -22.14 -20.58
C GLY H 250 21.06 -22.42 -21.47
N GLY H 251 20.40 -23.54 -21.22
CA GLY H 251 19.41 -24.01 -22.19
C GLY H 251 19.36 -25.54 -22.20
N LYS H 252 18.72 -26.14 -23.21
CA LYS H 252 18.49 -27.61 -23.14
C LYS H 252 19.78 -28.39 -23.43
N LYS H 253 20.69 -27.86 -24.26
CA LYS H 253 22.04 -28.45 -24.42
C LYS H 253 22.97 -28.28 -23.21
N GLY H 254 22.45 -27.75 -22.09
CA GLY H 254 23.22 -27.62 -20.87
C GLY H 254 23.56 -26.22 -20.47
N THR H 255 24.06 -26.13 -19.27
CA THR H 255 24.65 -24.90 -18.74
C THR H 255 25.87 -24.63 -19.62
N ASN H 256 26.21 -23.36 -19.86
CA ASN H 256 27.30 -23.05 -20.80
C ASN H 256 28.23 -21.99 -20.24
N TYR H 257 28.49 -22.05 -18.93
CA TYR H 257 29.39 -21.08 -18.28
C TYR H 257 30.85 -21.57 -18.02
N ASP H 258 31.10 -22.87 -18.17
CA ASP H 258 32.41 -23.53 -17.92
C ASP H 258 33.33 -23.34 -19.09
N ALA H 259 34.60 -23.66 -18.81
CA ALA H 259 35.69 -23.30 -19.71
C ALA H 259 35.56 -23.92 -21.07
N LYS H 260 35.08 -25.15 -21.14
CA LYS H 260 34.89 -25.80 -22.46
C LYS H 260 33.74 -25.12 -23.30
N SER H 261 32.64 -24.76 -22.64
CA SER H 261 31.54 -23.98 -23.25
C SER H 261 32.02 -22.66 -23.73
N VAL H 262 32.82 -22.01 -22.88
CA VAL H 262 33.36 -20.72 -23.18
C VAL H 262 34.25 -20.78 -24.44
N ALA H 263 35.17 -21.77 -24.54
CA ALA H 263 36.01 -22.01 -25.77
C ALA H 263 35.13 -22.21 -27.01
N GLU H 264 34.14 -23.12 -26.86
CA GLU H 264 33.15 -23.37 -27.93
C GLU H 264 32.52 -22.10 -28.40
N ALA H 265 32.30 -21.17 -27.50
CA ALA H 265 31.60 -19.92 -27.87
C ALA H 265 32.54 -18.92 -28.57
N LYS H 266 33.76 -18.78 -28.05
CA LYS H 266 34.80 -17.90 -28.63
C LYS H 266 35.11 -18.32 -30.08
N ALA H 267 34.99 -19.60 -30.34
CA ALA H 267 35.30 -20.14 -31.64
C ALA H 267 34.19 -19.94 -32.66
N GLN H 268 32.96 -19.70 -32.18
CA GLN H 268 31.82 -19.29 -33.05
C GLN H 268 31.82 -17.81 -33.36
N LEU H 269 32.47 -17.03 -32.52
CA LEU H 269 32.49 -15.59 -32.70
C LEU H 269 33.38 -15.18 -33.86
N PRO H 270 32.82 -14.35 -34.73
CA PRO H 270 33.60 -13.73 -35.82
C PRO H 270 34.59 -12.66 -35.37
N ALA H 271 35.73 -12.57 -36.06
CA ALA H 271 36.69 -11.50 -35.86
C ALA H 271 35.94 -10.18 -35.71
N GLY H 272 36.46 -9.36 -34.82
CA GLY H 272 35.90 -8.05 -34.52
C GLY H 272 34.75 -8.10 -33.51
N SER H 273 34.48 -9.27 -32.92
CA SER H 273 33.34 -9.44 -31.98
C SER H 273 33.62 -8.73 -30.68
N ASN H 274 32.53 -8.32 -30.05
CA ASN H 274 32.55 -7.81 -28.69
C ASN H 274 32.64 -8.95 -27.73
N GLY H 275 32.92 -8.68 -26.46
CA GLY H 275 33.21 -9.75 -25.54
C GLY H 275 31.87 -10.41 -25.14
N LEU H 276 31.97 -11.54 -24.45
CA LEU H 276 30.89 -12.38 -23.98
C LEU H 276 30.43 -12.02 -22.57
N MET H 277 29.13 -12.14 -22.32
CA MET H 277 28.53 -11.99 -21.00
C MET H 277 27.96 -13.31 -20.55
N ILE H 278 28.18 -13.65 -19.30
CA ILE H 278 27.66 -14.90 -18.75
C ILE H 278 26.62 -14.57 -17.72
N ASP H 279 25.44 -15.14 -17.91
CA ASP H 279 24.32 -15.03 -16.99
C ASP H 279 24.47 -16.20 -16.02
N TYR H 280 24.58 -15.89 -14.72
CA TYR H 280 24.72 -16.89 -13.64
C TYR H 280 23.37 -17.57 -13.32
N SER H 281 22.31 -16.90 -13.76
CA SER H 281 20.96 -17.28 -13.39
C SER H 281 20.27 -18.01 -14.55
N HIS H 282 18.97 -18.25 -14.44
CA HIS H 282 18.19 -18.85 -15.53
C HIS H 282 18.74 -20.24 -15.91
N GLY H 283 18.93 -20.57 -17.20
CA GLY H 283 19.44 -21.89 -17.60
C GLY H 283 20.71 -22.40 -16.86
N ASN H 284 21.55 -21.45 -16.49
CA ASN H 284 22.83 -21.71 -15.94
C ASN H 284 22.82 -21.95 -14.43
N SER H 285 21.73 -21.67 -13.73
CA SER H 285 21.69 -21.99 -12.34
C SER H 285 20.74 -23.17 -12.14
N ASN H 286 20.17 -23.69 -13.21
CA ASN H 286 19.36 -24.93 -13.10
C ASN H 286 18.19 -24.91 -12.11
N LYS H 287 17.30 -23.91 -12.16
CA LYS H 287 16.16 -23.93 -11.24
C LYS H 287 16.57 -23.92 -9.73
N ASP H 288 17.76 -23.43 -9.42
CA ASP H 288 18.18 -23.22 -8.05
C ASP H 288 19.01 -21.95 -7.93
N PHE H 289 18.42 -20.90 -7.34
CA PHE H 289 19.17 -19.67 -7.19
C PHE H 289 20.51 -19.81 -6.49
N ARG H 290 20.65 -20.88 -5.66
CA ARG H 290 21.90 -21.17 -4.90
C ARG H 290 23.10 -21.59 -5.76
N ASN H 291 22.85 -21.98 -7.01
CA ASN H 291 23.91 -22.23 -7.96
C ASN H 291 24.56 -20.98 -8.51
N GLN H 292 24.07 -19.79 -8.13
CA GLN H 292 24.63 -18.59 -8.74
C GLN H 292 26.02 -18.33 -8.20
N PRO H 293 26.25 -18.50 -6.89
CA PRO H 293 27.62 -18.38 -6.38
C PRO H 293 28.58 -19.50 -6.87
N LYS H 294 28.04 -20.69 -7.15
CA LYS H 294 28.76 -21.82 -7.81
C LYS H 294 29.23 -21.48 -9.25
N VAL H 295 28.32 -20.90 -10.06
CA VAL H 295 28.66 -20.41 -11.37
C VAL H 295 29.70 -19.30 -11.22
N ASN H 296 29.56 -18.45 -10.19
CA ASN H 296 30.55 -17.39 -9.93
C ASN H 296 31.96 -18.02 -9.76
N ASP H 297 32.08 -19.10 -8.99
CA ASP H 297 33.39 -19.68 -8.63
C ASP H 297 34.06 -20.14 -9.90
N VAL H 298 33.28 -20.87 -10.69
CA VAL H 298 33.72 -21.40 -12.00
C VAL H 298 34.11 -20.27 -12.93
N VAL H 299 33.37 -19.14 -12.87
CA VAL H 299 33.60 -18.04 -13.81
C VAL H 299 34.84 -17.23 -13.41
N CYS H 300 34.89 -16.90 -12.14
CA CYS H 300 36.06 -16.30 -11.52
C CYS H 300 37.33 -17.10 -11.71
N GLU H 301 37.24 -18.42 -11.55
CA GLU H 301 38.37 -19.34 -11.77
C GLU H 301 38.98 -19.00 -13.16
N GLN H 302 38.12 -18.90 -14.18
CA GLN H 302 38.57 -18.62 -15.57
C GLN H 302 39.16 -17.30 -15.76
N ILE H 303 38.45 -16.32 -15.24
CA ILE H 303 38.88 -14.95 -15.37
C ILE H 303 40.26 -14.75 -14.65
N ALA H 304 40.48 -15.36 -13.46
CA ALA H 304 41.75 -15.19 -12.66
C ALA H 304 42.91 -15.98 -13.27
N ASN H 305 42.56 -17.01 -14.03
CA ASN H 305 43.55 -17.70 -14.86
C ASN H 305 43.82 -17.07 -16.24
N GLY H 306 43.47 -15.80 -16.46
CA GLY H 306 43.74 -15.13 -17.75
C GLY H 306 42.65 -14.96 -18.88
N GLU H 307 41.47 -15.51 -18.66
CA GLU H 307 40.43 -15.46 -19.68
C GLU H 307 39.89 -14.06 -19.92
N ASN H 308 40.22 -13.47 -21.08
CA ASN H 308 39.84 -12.10 -21.44
C ASN H 308 38.54 -11.97 -22.29
N ALA H 309 38.00 -13.06 -22.81
CA ALA H 309 36.80 -12.87 -23.65
C ALA H 309 35.52 -12.80 -22.77
N ILE H 310 35.62 -13.21 -21.51
CA ILE H 310 34.54 -12.98 -20.54
C ILE H 310 34.66 -11.58 -20.02
N THR H 311 33.80 -10.69 -20.51
CA THR H 311 33.78 -9.27 -20.16
C THR H 311 32.54 -8.87 -19.39
N GLY H 312 31.57 -9.77 -19.26
CA GLY H 312 30.33 -9.45 -18.55
C GLY H 312 29.73 -10.53 -17.74
N VAL H 313 28.90 -10.18 -16.76
CA VAL H 313 28.11 -11.18 -16.04
C VAL H 313 26.77 -10.58 -15.70
N MET H 314 25.80 -11.45 -15.50
CA MET H 314 24.48 -11.03 -15.10
C MET H 314 24.10 -11.83 -13.90
N ILE H 315 23.43 -11.20 -12.99
CA ILE H 315 23.13 -11.78 -11.72
C ILE H 315 21.73 -11.33 -11.24
N GLU H 316 20.93 -12.27 -10.76
CA GLU H 316 19.65 -12.02 -10.18
C GLU H 316 19.79 -11.98 -8.63
N SER H 317 19.70 -10.78 -8.11
CA SER H 317 20.00 -10.43 -6.72
C SER H 317 18.86 -9.57 -6.21
N ASN H 318 18.41 -9.84 -4.98
CA ASN H 318 17.42 -8.98 -4.30
C ASN H 318 17.93 -8.71 -2.87
N ILE H 319 17.13 -7.99 -2.10
CA ILE H 319 17.40 -7.72 -0.70
C ILE H 319 17.53 -9.01 0.10
N ASN H 320 16.52 -9.86 -0.07
CA ASN H 320 16.42 -11.14 0.53
C ASN H 320 16.33 -12.14 -0.58
N GLU H 321 16.71 -13.37 -0.26
CA GLU H 321 16.77 -14.48 -1.19
C GLU H 321 15.44 -15.12 -1.45
N GLY H 322 15.44 -15.95 -2.48
CA GLY H 322 14.37 -16.82 -2.85
C GLY H 322 13.34 -16.06 -3.64
N ASN H 323 12.15 -16.64 -3.70
CA ASN H 323 10.96 -15.97 -4.27
C ASN H 323 9.67 -16.41 -3.55
N GLN H 324 8.54 -15.85 -3.99
CA GLN H 324 7.22 -16.04 -3.40
C GLN H 324 6.12 -15.92 -4.46
N GLY H 325 5.01 -16.60 -4.21
CA GLY H 325 3.80 -16.42 -5.01
C GLY H 325 3.04 -15.20 -4.50
N ILE H 326 2.04 -14.79 -5.23
CA ILE H 326 1.17 -13.75 -4.74
C ILE H 326 0.10 -14.43 -3.84
N PRO H 327 -0.02 -14.01 -2.56
CA PRO H 327 -1.14 -14.44 -1.70
C PRO H 327 -2.53 -13.90 -2.11
N ALA H 328 -3.27 -13.38 -1.14
CA ALA H 328 -4.72 -13.24 -1.23
C ALA H 328 -5.11 -12.02 -0.43
N ALA H 332 -0.38 -7.99 -1.49
CA ALA H 332 0.24 -7.36 -0.27
C ALA H 332 0.30 -8.16 1.11
N GLY H 333 0.08 -9.46 1.06
CA GLY H 333 0.72 -10.33 2.06
C GLY H 333 2.18 -10.64 1.67
N LEU H 334 2.69 -9.97 0.62
CA LEU H 334 4.04 -10.16 0.10
C LEU H 334 5.07 -9.78 1.16
N LYS H 335 6.08 -10.64 1.34
CA LYS H 335 7.25 -10.33 2.11
C LYS H 335 8.09 -9.27 1.38
N TYR H 336 8.65 -8.35 2.16
CA TYR H 336 9.39 -7.25 1.58
C TYR H 336 10.69 -7.83 1.04
N GLY H 337 11.09 -7.33 -0.13
CA GLY H 337 12.41 -7.56 -0.67
C GLY H 337 12.62 -8.96 -1.19
N VAL H 338 11.54 -9.63 -1.58
CA VAL H 338 11.61 -10.95 -2.12
C VAL H 338 10.84 -11.01 -3.41
N SER H 339 11.49 -11.60 -4.40
CA SER H 339 11.05 -11.58 -5.78
C SER H 339 9.73 -12.25 -5.93
N ILE H 340 8.88 -11.71 -6.78
CA ILE H 340 7.67 -12.45 -7.14
C ILE H 340 7.79 -13.20 -8.45
N THR H 341 9.01 -13.23 -9.00
CA THR H 341 9.21 -13.90 -10.29
C THR H 341 10.33 -14.90 -10.03
N ASP H 342 11.44 -14.87 -10.78
CA ASP H 342 12.50 -15.82 -10.45
C ASP H 342 13.20 -15.54 -9.12
N ALA H 343 13.62 -16.64 -8.51
CA ALA H 343 14.33 -16.64 -7.25
C ALA H 343 15.71 -16.01 -7.44
N CYS H 344 16.07 -15.21 -6.45
CA CYS H 344 17.23 -14.38 -6.45
C CYS H 344 18.06 -14.83 -5.25
N ILE H 345 19.35 -14.54 -5.31
CA ILE H 345 20.19 -14.48 -4.13
C ILE H 345 19.96 -13.19 -3.40
N GLY H 346 20.06 -13.32 -2.08
CA GLY H 346 20.02 -12.23 -1.14
C GLY H 346 21.22 -11.33 -1.19
N TRP H 347 21.11 -10.18 -0.53
CA TRP H 347 22.13 -9.13 -0.58
C TRP H 347 23.52 -9.55 -0.12
N GLU H 348 23.58 -10.17 1.06
CA GLU H 348 24.82 -10.56 1.74
C GLU H 348 25.57 -11.56 0.81
N THR H 349 24.84 -12.50 0.19
CA THR H 349 25.43 -13.38 -0.84
C THR H 349 25.95 -12.56 -2.04
N THR H 350 25.20 -11.50 -2.40
CA THR H 350 25.55 -10.66 -3.52
C THR H 350 26.87 -9.95 -3.32
N GLU H 351 27.07 -9.44 -2.14
CA GLU H 351 28.26 -8.68 -1.77
C GLU H 351 29.51 -9.61 -1.79
N ASP H 352 29.28 -10.81 -1.28
CA ASP H 352 30.24 -11.89 -1.30
C ASP H 352 30.67 -12.18 -2.76
N VAL H 353 29.66 -12.50 -3.59
CA VAL H 353 29.86 -12.85 -4.96
C VAL H 353 30.63 -11.80 -5.74
N LEU H 354 30.30 -10.54 -5.50
CA LEU H 354 30.82 -9.45 -6.29
C LEU H 354 32.24 -9.10 -5.90
N ARG H 355 32.55 -9.26 -4.61
CA ARG H 355 33.94 -9.06 -4.12
C ARG H 355 34.89 -10.16 -4.60
N LYS H 356 34.41 -11.39 -4.52
CA LYS H 356 35.08 -12.49 -5.14
C LYS H 356 35.36 -12.20 -6.61
N LEU H 357 34.38 -11.70 -7.38
CA LEU H 357 34.58 -11.46 -8.80
C LEU H 357 35.52 -10.29 -9.06
N ALA H 358 35.48 -9.29 -8.20
CA ALA H 358 36.45 -8.19 -8.27
C ALA H 358 37.91 -8.63 -8.06
N ALA H 359 38.12 -9.55 -7.12
CA ALA H 359 39.46 -10.11 -6.83
C ALA H 359 39.92 -10.98 -7.97
N ALA H 360 39.00 -11.73 -8.59
CA ALA H 360 39.26 -12.47 -9.83
C ALA H 360 39.73 -11.50 -10.92
N VAL H 361 39.11 -10.34 -11.04
CA VAL H 361 39.50 -9.36 -12.06
C VAL H 361 40.85 -8.75 -11.79
N ARG H 362 41.21 -8.67 -10.50
CA ARG H 362 42.53 -8.14 -10.10
C ARG H 362 43.62 -9.17 -10.50
N GLN H 363 43.38 -10.42 -10.17
CA GLN H 363 44.26 -11.52 -10.47
C GLN H 363 44.44 -11.76 -11.97
N ARG H 364 43.43 -11.45 -12.80
CA ARG H 364 43.56 -11.58 -14.27
C ARG H 364 44.45 -10.49 -14.78
N ARG H 365 44.23 -9.30 -14.28
CA ARG H 365 45.00 -8.09 -14.60
C ARG H 365 46.54 -8.30 -14.46
N GLU H 366 46.91 -9.16 -13.52
CA GLU H 366 48.27 -9.63 -13.29
C GLU H 366 48.67 -10.65 -14.32
N VAL H 367 47.86 -11.69 -14.47
CA VAL H 367 48.12 -12.72 -15.45
C VAL H 367 48.33 -12.03 -16.79
MN MN I . -18.00 16.51 46.19
N DTY J . -14.93 -6.76 37.63
CA DTY J . -15.79 -5.63 37.29
C DTY J . -17.24 -5.88 37.68
O DTY J . -17.66 -7.01 38.05
CB DTY J . -15.69 -5.40 35.79
CG DTY J . -14.34 -4.90 35.29
CD1 DTY J . -13.61 -5.70 34.47
CD2 DTY J . -13.83 -3.67 35.68
CE1 DTY J . -12.39 -5.28 34.03
CE2 DTY J . -12.62 -3.21 35.22
CZ DTY J . -11.89 -4.03 34.37
OH DTY J . -10.75 -3.71 33.94
OXT DTY J . -17.96 -4.90 37.64
MN MN K . -12.79 14.42 12.36
N DTY L . 5.67 5.44 26.36
CA DTY L . 4.94 6.72 26.32
C DTY L . 5.77 7.86 25.72
O DTY L . 7.01 7.78 25.36
CB DTY L . 4.59 6.96 27.78
CG DTY L . 3.56 6.04 28.39
CD1 DTY L . 2.22 5.98 27.86
CD2 DTY L . 3.87 5.22 29.46
CE1 DTY L . 1.27 5.11 28.39
CE2 DTY L . 2.90 4.36 29.99
CZ DTY L . 1.61 4.33 29.51
OH DTY L . 0.82 3.52 30.00
OXT DTY L . 5.16 8.94 25.51
MN MN M . 20.02 -32.21 53.87
N DTY N . 17.78 -12.08 39.22
CA DTY N . 18.53 -13.32 39.14
C DTY N . 19.98 -13.10 39.55
O DTY N . 20.39 -11.95 39.69
CB DTY N . 18.49 -13.86 37.70
CG DTY N . 17.19 -14.50 37.32
CD1 DTY N . 16.42 -13.96 36.27
CD2 DTY N . 16.72 -15.63 37.96
CE1 DTY N . 15.23 -14.55 35.91
CE2 DTY N . 15.51 -16.20 37.64
CZ DTY N . 14.76 -15.69 36.57
OH DTY N . 13.61 -16.20 36.26
OXT DTY N . 20.74 -14.02 39.78
MN MN O . 15.90 -39.39 20.49
N DTY P . -2.94 -26.60 30.84
CA DTY P . -2.21 -27.81 31.17
C DTY P . -3.01 -29.06 30.88
O DTY P . -4.19 -28.93 30.61
CB DTY P . -1.94 -27.67 32.68
CG DTY P . -0.89 -26.64 33.05
CD1 DTY P . 0.45 -26.74 32.59
CD2 DTY P . -1.21 -25.50 33.78
CE1 DTY P . 1.44 -25.77 32.91
CE2 DTY P . -0.23 -24.50 34.06
CZ DTY P . 1.12 -24.59 33.63
OH DTY P . 2.01 -23.67 33.88
OXT DTY P . -2.53 -30.21 30.93
MN MN Q . -12.60 37.37 -53.81
N DTY R . 4.76 24.98 -40.68
CA DTY R . 4.01 26.26 -40.61
C DTY R . 4.95 27.28 -41.15
O DTY R . 6.14 27.02 -41.29
CB DTY R . 3.57 26.67 -39.20
CG DTY R . 2.50 25.81 -38.62
CD1 DTY R . 1.20 25.96 -39.08
CD2 DTY R . 2.75 24.84 -37.62
CE1 DTY R . 0.17 25.17 -38.61
CE2 DTY R . 1.69 24.09 -37.12
CZ DTY R . 0.40 24.22 -37.61
OH DTY R . -0.55 23.45 -37.20
OXT DTY R . 4.63 28.39 -41.40
MN MN S . -17.69 38.22 -20.01
N DTY T . -17.66 15.43 -30.06
CA DTY T . -18.46 16.66 -30.35
C DTY T . -19.90 16.61 -29.95
O DTY T . -20.62 17.55 -30.16
CB DTY T . -18.43 16.89 -31.87
CG DTY T . -17.03 17.23 -32.29
CD1 DTY T . -16.31 16.35 -33.07
CD2 DTY T . -16.44 18.43 -31.93
CE1 DTY T . -15.01 16.66 -33.48
CE2 DTY T . -15.15 18.74 -32.33
CZ DTY T . -14.41 17.86 -33.11
OH DTY T . -13.22 18.11 -33.46
OXT DTY T . -20.35 15.63 -29.36
MN MN U . 10.06 -20.41 -47.64
N DTY V . -7.48 -5.59 -37.34
CA DTY V . -6.88 -6.90 -37.12
C DTY V . -7.79 -8.05 -37.41
O DTY V . -9.00 -7.85 -37.68
CB DTY V . -6.52 -6.95 -35.67
CG DTY V . -5.37 -6.05 -35.29
CD1 DTY V . -4.09 -6.32 -35.70
CD2 DTY V . -5.58 -4.95 -34.47
CE1 DTY V . -3.03 -5.46 -35.36
CE2 DTY V . -4.54 -4.09 -34.13
CZ DTY V . -3.24 -4.34 -34.54
OH DTY V . -2.27 -3.56 -34.17
OXT DTY V . -7.34 -9.17 -37.34
MN MN W . 14.64 -13.90 -14.18
N DTY X . 14.57 6.52 -28.77
CA DTY X . 15.20 5.16 -28.75
C DTY X . 16.64 5.24 -28.44
O DTY X . 17.35 4.25 -28.23
CB DTY X . 15.09 4.54 -30.15
CG DTY X . 13.71 4.18 -30.61
CD1 DTY X . 13.06 4.93 -31.62
CD2 DTY X . 13.10 3.04 -30.04
CE1 DTY X . 11.77 4.56 -31.99
CE2 DTY X . 11.81 2.66 -30.45
CZ DTY X . 11.15 3.42 -31.41
OH DTY X . 10.00 3.06 -31.76
OXT DTY X . 17.07 6.38 -28.33
#